data_1JRO
#
_entry.id   1JRO
#
_cell.length_a   92.875
_cell.length_b   141.053
_cell.length_c   158.113
_cell.angle_alpha   109.53
_cell.angle_beta   105.83
_cell.angle_gamma   101.33
#
_symmetry.space_group_name_H-M   'P 1'
#
loop_
_entity.id
_entity.type
_entity.pdbx_description
1 polymer 'xanthine dehydrogenase, chain A'
2 polymer 'xanthine dehydrogenase, chain B'
3 non-polymer 'FE2/S2 (INORGANIC) CLUSTER'
4 non-polymer 'FLAVIN-ADENINE DINUCLEOTIDE'
5 non-polymer 'CALCIUM ION'
6 non-polymer 'PHOSPHONIC ACIDMONO-(2-AMINO-5,6-DIMERCAPTO-4-OXO-3,7,8A,9,10,10A-HEXAHYDRO-4H-8-OXA-1,3,9,10-TETRAAZA-ANTHRACEN-7-YLMETHYL)ESTER'
7 non-polymer 'DIOXOTHIOMOLYBDENUM(VI) ION'
8 water water
#
loop_
_entity_poly.entity_id
_entity_poly.type
_entity_poly.pdbx_seq_one_letter_code
_entity_poly.pdbx_strand_id
1 'polypeptide(L)'
;MEIAFLLNGETRRVRIEDPTQSLLELLRAEGLTGTKEGCNEGDCGACTVMIRDAAGSRAVNACLMMLPQIAGKALRTIEG
IAAPDGRLHPVQQAMIDHHGSQCGFCTPGFIVSMAAAHDRDRKDYDDLLAGNLCRCTGYAPILRAAEAAAGEPPADWLQA
DAAFTLAQLSSGVRGQTAPAFLPETSDALADWYLAHPEATLIAGGTDVSLWVTKALRDLPEVAFLSHCKDLAQIRETPDG
YGIGAGVTIAALRAFAEGPHPALAGLLRRFASEQVRQVATIGGNIANGSPIGDGPPALIAMGASLTLRRGQERRRMPLED
FFLEYRKQDRRPGEFVESVTLPKSAPGLRCYKLSKRFDQDISAVCGCLNLTLKGSKIETARIAFGGMAGVPKRAAAFEAA
LIGQDFREDTIAAALPLLAQDFTPLSDMRASAAYRMNAAQAMALRYVRELSGEAVAVLEVMP
;
A,C,E,G
2 'polypeptide(L)'
;MSVGKPLPHDSARAHVTGQARYLDDLPCPANTLHLAFGLSTEASAAITGLDLEPVRESPGVIAVFTAADLPHDNDASPAP
SPEPVLATGEVHFVGQPIFLVAATSHRAARIAARKARITYAPRPAILTLDQALAADSRFEGGPVIWARGDVETALAGAAH
LAEGCFEIGGQEHFYLEGQAALALPAEGGVVIHCSSQHPSEIQHKVAHALGLAFHDVRVEMRRMGGGFGGKESQGNHLAI
ACAVAARATGRPCKMRYDRDDDMVITGKRHDFRIRYRIGADASGKLLGADFVHLARCGWSADLSLPVCDRAMLHADGSYF
VPALRIESHRLRTNTQSNTAFRGFGGPQGALGMERAIEHLARGMGRDPAELRALNFYDPPERGGLSAPPSPPEPIATKKT
QTTHYGQEVADCVLGELVTRLQKSANFTTRRAEIAAWNSTNRTLARGIALSPVKFGISFTLTHLNQAGALVQIYTDGSVA
LNHGGTEMGQGLHAKMVQVAAAVLGIDPVQVRITATDTSKVPNTSATAASSGADMNGMAVKDACETLRGRLAGFVAAREG
CAARDVIFDAGQVQASGKSWRFAEIVAAAYMARISLSATGFYATPKLSWDRLRGQGRPFLYFAYGAAITEVVIDRLTGEN
RILRTDILHDAGASLNPALDIGQIEGAYVQGAGWLTTEELVWDHCGRLMTHAPSTYKIPAFSDRPRIFNVALWDQPNREE
TIFRSKAVGEPPFLLGISAFLALHDACAACGPHWPDLQAPATPEAVLAAVRRAEGRA
;
B,D,F,H
#
loop_
_chem_comp.id
_chem_comp.type
_chem_comp.name
_chem_comp.formula
CA non-polymer 'CALCIUM ION' 'Ca 2'
FAD non-polymer 'FLAVIN-ADENINE DINUCLEOTIDE' 'C27 H33 N9 O15 P2'
FES non-polymer 'FE2/S2 (INORGANIC) CLUSTER' 'Fe2 S2'
MOS non-polymer 'DIOXOTHIOMOLYBDENUM(VI) ION' 'H Mo O2 S'
MTE non-polymer 'PHOSPHONIC ACIDMONO-(2-AMINO-5,6-DIMERCAPTO-4-OXO-3,7,8A,9,10,10A-HEXAHYDRO-4H-8-OXA-1,3,9,10-TETRAAZA-ANTHRACEN-7-YLMETHYL)ESTER' 'C10 H14 N5 O6 P S2'
#
# COMPACT_ATOMS: atom_id res chain seq x y z
N MET A 1 -11.37 26.85 39.17
CA MET A 1 -10.63 25.89 40.07
C MET A 1 -9.17 26.26 40.22
N GLU A 2 -8.73 26.44 41.47
CA GLU A 2 -7.37 26.88 41.81
C GLU A 2 -6.52 25.74 42.41
N ILE A 3 -5.27 25.58 41.96
CA ILE A 3 -4.37 24.62 42.62
C ILE A 3 -3.11 25.29 43.08
N ALA A 4 -2.37 24.60 43.90
CA ALA A 4 -1.16 25.23 44.37
C ALA A 4 -0.01 24.26 44.36
N PHE A 5 1.17 24.76 44.13
CA PHE A 5 2.31 23.88 44.20
C PHE A 5 3.50 24.73 44.31
N LEU A 6 4.60 24.10 44.70
CA LEU A 6 5.85 24.77 44.83
C LEU A 6 6.52 24.67 43.44
N LEU A 7 7.04 25.76 42.86
CA LEU A 7 7.79 25.67 41.59
C LEU A 7 9.17 26.17 41.78
N ASN A 8 10.13 25.28 41.62
CA ASN A 8 11.52 25.65 41.83
C ASN A 8 11.73 26.50 43.06
N GLY A 9 11.22 26.03 44.21
CA GLY A 9 11.33 26.75 45.46
C GLY A 9 10.28 27.82 45.77
N GLU A 10 9.44 28.18 44.81
CA GLU A 10 8.55 29.32 44.97
C GLU A 10 7.11 28.85 45.00
N THR A 11 6.26 29.49 45.76
CA THR A 11 4.87 29.08 45.87
C THR A 11 4.10 29.59 44.69
N ARG A 12 3.23 28.77 44.15
CA ARG A 12 2.53 29.17 42.97
C ARG A 12 1.07 28.77 43.04
N ARG A 13 0.16 29.65 42.66
CA ARG A 13 -1.26 29.34 42.73
C ARG A 13 -1.81 29.61 41.34
N VAL A 14 -2.54 28.67 40.76
CA VAL A 14 -2.94 28.78 39.39
C VAL A 14 -4.40 28.50 39.12
N ARG A 15 -5.00 29.29 38.24
CA ARG A 15 -6.37 29.15 37.89
C ARG A 15 -6.49 28.16 36.73
N ILE A 16 -6.85 26.91 36.99
CA ILE A 16 -7.00 25.97 35.91
C ILE A 16 -8.30 26.22 35.19
N GLU A 17 -8.27 26.44 33.88
CA GLU A 17 -9.49 26.58 33.10
C GLU A 17 -9.54 25.45 32.11
N ASP A 18 -8.40 24.94 31.72
CA ASP A 18 -8.39 23.74 30.90
C ASP A 18 -7.57 22.69 31.60
N PRO A 19 -8.23 21.65 32.04
CA PRO A 19 -7.62 20.71 32.98
C PRO A 19 -6.80 19.71 32.22
N THR A 20 -6.86 19.86 30.93
CA THR A 20 -6.22 18.89 30.13
C THR A 20 -4.82 19.35 29.60
N GLN A 21 -4.55 20.63 29.79
CA GLN A 21 -3.29 21.15 29.35
C GLN A 21 -2.16 20.40 30.04
N SER A 22 -1.15 20.07 29.26
CA SER A 22 -0.05 19.39 29.85
C SER A 22 0.89 20.36 30.56
N LEU A 23 1.57 19.79 31.57
CA LEU A 23 2.56 20.51 32.37
C LEU A 23 3.63 21.09 31.45
N LEU A 24 4.02 20.34 30.43
CA LEU A 24 4.97 20.87 29.48
C LEU A 24 4.50 22.18 28.81
N GLU A 25 3.25 22.28 28.43
CA GLU A 25 2.87 23.53 27.79
C GLU A 25 2.78 24.65 28.78
N LEU A 26 2.30 24.39 30.03
CA LEU A 26 2.08 25.48 30.97
C LEU A 26 3.44 26.08 31.15
N LEU A 27 4.43 25.21 31.21
CA LEU A 27 5.73 25.68 31.59
C LEU A 27 6.37 26.60 30.51
N ARG A 28 6.34 26.13 29.28
CA ARG A 28 6.97 26.83 28.21
C ARG A 28 6.17 28.05 28.00
N ALA A 29 4.89 28.01 28.37
CA ALA A 29 4.18 29.23 28.17
C ALA A 29 4.53 30.24 29.25
N GLU A 30 5.00 29.80 30.41
CA GLU A 30 5.42 30.73 31.45
C GLU A 30 6.86 31.20 31.20
N GLY A 31 7.48 30.81 30.09
CA GLY A 31 8.83 31.22 29.82
C GLY A 31 9.92 30.30 30.31
N LEU A 32 9.56 29.19 30.97
CA LEU A 32 10.49 28.20 31.48
C LEU A 32 10.90 27.33 30.33
N THR A 33 11.45 27.98 29.38
CA THR A 33 11.94 27.39 28.18
C THR A 33 12.95 26.27 28.34
N GLY A 34 13.49 26.08 29.53
CA GLY A 34 14.48 25.00 29.63
C GLY A 34 13.97 23.55 29.43
N THR A 35 12.70 23.30 29.69
CA THR A 35 12.15 21.97 29.48
C THR A 35 11.84 21.93 28.03
N LYS A 36 12.38 20.91 27.34
CA LYS A 36 12.22 20.87 25.89
C LYS A 36 11.13 19.92 25.50
N GLU A 37 10.59 20.06 24.28
CA GLU A 37 9.67 19.08 23.74
C GLU A 37 10.29 18.29 22.58
N GLY A 38 10.63 17.04 22.80
CA GLY A 38 11.29 16.24 21.82
C GLY A 38 10.35 15.27 21.13
N CYS A 39 9.21 14.89 21.68
CA CYS A 39 8.36 14.00 20.88
C CYS A 39 6.96 14.23 21.19
N ASN A 40 6.76 14.70 22.43
CA ASN A 40 5.42 14.96 22.95
C ASN A 40 4.57 13.68 23.08
N GLU A 41 5.20 12.51 23.31
CA GLU A 41 4.55 11.20 23.33
C GLU A 41 5.05 10.27 24.45
N GLY A 42 5.93 10.76 25.31
CA GLY A 42 6.44 9.97 26.40
C GLY A 42 7.71 9.23 26.17
N ASP A 43 8.11 9.06 24.91
CA ASP A 43 9.38 8.38 24.63
C ASP A 43 10.70 9.08 24.81
N CYS A 44 10.80 10.41 24.76
CA CYS A 44 12.21 10.90 24.68
C CYS A 44 12.92 11.35 25.98
N GLY A 45 12.16 11.71 27.00
CA GLY A 45 12.75 12.16 28.25
C GLY A 45 13.13 13.61 28.17
N ALA A 46 12.96 14.21 27.02
CA ALA A 46 13.58 15.54 26.92
C ALA A 46 12.86 16.53 27.73
N CYS A 47 11.62 16.25 28.09
CA CYS A 47 10.80 17.12 28.92
C CYS A 47 10.81 16.66 30.40
N THR A 48 11.67 15.76 30.78
CA THR A 48 11.67 15.28 32.14
C THR A 48 11.68 16.39 33.18
N VAL A 49 10.84 16.27 34.19
CA VAL A 49 10.86 17.20 35.33
C VAL A 49 10.79 16.45 36.66
N MET A 50 11.15 17.09 37.75
CA MET A 50 11.20 16.33 39.02
C MET A 50 10.03 16.70 39.93
N ILE A 51 9.22 15.74 40.35
CA ILE A 51 8.17 16.09 41.36
C ILE A 51 8.50 15.51 42.72
N ARG A 52 7.88 16.08 43.73
CA ARG A 52 8.10 15.60 45.08
C ARG A 52 6.88 15.73 45.92
N ASP A 53 6.75 14.81 46.83
CA ASP A 53 5.66 14.87 47.79
C ASP A 53 5.95 13.88 48.91
N ALA A 54 4.92 13.44 49.61
CA ALA A 54 5.15 12.58 50.78
C ALA A 54 5.89 11.31 50.41
N ALA A 55 5.50 10.69 49.29
CA ALA A 55 6.20 9.47 48.88
C ALA A 55 7.65 9.77 48.50
N GLY A 56 7.95 11.03 48.29
CA GLY A 56 9.32 11.37 47.95
C GLY A 56 9.45 12.02 46.58
N SER A 57 10.61 11.86 45.97
CA SER A 57 10.79 12.55 44.74
C SER A 57 11.09 11.62 43.60
N ARG A 58 10.62 11.97 42.42
CA ARG A 58 10.87 11.14 41.26
C ARG A 58 10.88 12.01 40.01
N ALA A 59 11.44 11.47 38.96
CA ALA A 59 11.48 12.18 37.73
C ALA A 59 10.35 11.72 36.80
N VAL A 60 9.59 12.64 36.21
CA VAL A 60 8.55 12.25 35.30
C VAL A 60 8.47 13.11 34.05
N ASN A 61 7.78 12.64 33.01
CA ASN A 61 7.77 13.33 31.75
C ASN A 61 6.73 14.41 31.79
N ALA A 62 7.11 15.67 31.72
CA ALA A 62 6.11 16.72 31.77
C ALA A 62 5.08 16.71 30.68
N CYS A 63 5.36 16.01 29.57
CA CYS A 63 4.46 16.07 28.42
C CYS A 63 3.25 15.18 28.66
N LEU A 64 3.38 14.21 29.59
CA LEU A 64 2.30 13.25 29.88
C LEU A 64 1.47 13.67 31.07
N MET A 65 1.91 14.72 31.74
CA MET A 65 1.33 15.16 33.01
C MET A 65 0.48 16.39 32.88
N MET A 66 -0.80 16.26 33.16
CA MET A 66 -1.66 17.46 33.11
C MET A 66 -1.62 18.19 34.44
N LEU A 67 -2.04 19.43 34.45
CA LEU A 67 -1.84 20.31 35.62
C LEU A 67 -2.41 19.84 36.93
N PRO A 68 -3.69 19.59 36.93
CA PRO A 68 -4.38 19.05 38.10
C PRO A 68 -3.53 18.07 38.86
N GLN A 69 -2.80 17.20 38.18
CA GLN A 69 -1.98 16.25 38.88
C GLN A 69 -0.93 16.80 39.83
N ILE A 70 -0.52 18.05 39.69
CA ILE A 70 0.61 18.41 40.51
C ILE A 70 0.18 19.21 41.67
N ALA A 71 -1.13 19.26 41.92
CA ALA A 71 -1.63 20.00 43.09
C ALA A 71 -0.99 19.51 44.39
N GLY A 72 -0.57 20.43 45.22
CA GLY A 72 0.03 20.03 46.47
C GLY A 72 1.46 19.48 46.33
N LYS A 73 2.04 19.46 45.13
CA LYS A 73 3.40 18.90 45.08
C LYS A 73 4.47 19.92 44.92
N ALA A 74 5.72 19.51 45.07
CA ALA A 74 6.84 20.41 44.73
C ALA A 74 7.36 19.96 43.36
N LEU A 75 7.61 20.95 42.53
CA LEU A 75 8.05 20.76 41.17
C LEU A 75 9.40 21.41 40.93
N ARG A 76 10.31 20.65 40.35
CA ARG A 76 11.61 21.20 40.06
C ARG A 76 11.94 21.02 38.55
N THR A 77 12.24 22.08 37.81
CA THR A 77 12.64 21.91 36.42
C THR A 77 14.11 22.13 36.27
N ILE A 78 14.61 22.09 35.04
CA ILE A 78 16.03 22.23 34.86
C ILE A 78 16.49 23.59 35.34
N GLU A 79 15.61 24.60 35.29
CA GLU A 79 16.15 25.91 35.70
C GLU A 79 16.31 26.03 37.18
N GLY A 80 15.81 25.06 37.92
CA GLY A 80 15.92 25.13 39.34
C GLY A 80 16.79 24.01 39.86
N ILE A 81 17.56 23.42 38.98
CA ILE A 81 18.38 22.37 39.48
C ILE A 81 19.58 22.96 40.18
N ALA A 82 19.98 24.17 39.80
CA ALA A 82 21.19 24.75 40.42
C ALA A 82 20.81 25.39 41.72
N ALA A 83 21.77 25.69 42.57
CA ALA A 83 21.42 26.38 43.82
C ALA A 83 21.10 27.84 43.58
N PRO A 84 20.32 28.39 44.49
CA PRO A 84 19.88 29.80 44.42
C PRO A 84 21.08 30.72 44.24
N ASP A 85 22.22 30.46 44.90
CA ASP A 85 23.37 31.31 44.70
C ASP A 85 24.11 31.03 43.40
N GLY A 86 23.59 30.14 42.55
CA GLY A 86 24.27 29.81 41.30
C GLY A 86 25.29 28.64 41.27
N ARG A 87 25.64 28.09 42.43
CA ARG A 87 26.49 26.89 42.46
C ARG A 87 25.81 25.80 41.60
N LEU A 88 26.57 25.11 40.78
CA LEU A 88 26.06 24.01 40.00
C LEU A 88 25.91 22.77 40.83
N HIS A 89 24.88 22.00 40.57
CA HIS A 89 24.68 20.70 41.20
C HIS A 89 25.80 19.75 40.75
N PRO A 90 26.22 18.88 41.64
CA PRO A 90 27.26 17.90 41.27
C PRO A 90 26.97 17.19 39.94
N VAL A 91 25.73 16.99 39.63
CA VAL A 91 25.49 16.39 38.34
C VAL A 91 25.73 17.31 37.14
N GLN A 92 25.43 18.57 37.28
CA GLN A 92 25.74 19.52 36.23
C GLN A 92 27.25 19.63 36.02
N GLN A 93 28.04 19.75 37.08
CA GLN A 93 29.49 20.00 36.85
C GLN A 93 30.07 18.73 36.19
N ALA A 94 29.63 17.58 36.67
CA ALA A 94 30.13 16.32 36.15
C ALA A 94 29.85 16.19 34.62
N MET A 95 28.66 16.64 34.22
CA MET A 95 28.33 16.59 32.81
C MET A 95 29.24 17.48 32.05
N ILE A 96 29.66 18.58 32.67
CA ILE A 96 30.55 19.45 31.91
C ILE A 96 31.89 18.79 31.85
N ASP A 97 32.42 18.35 32.99
CA ASP A 97 33.76 17.76 33.00
C ASP A 97 33.92 16.51 32.14
N HIS A 98 32.86 15.71 32.01
CA HIS A 98 32.95 14.47 31.24
C HIS A 98 32.36 14.55 29.85
N HIS A 99 32.02 15.76 29.38
CA HIS A 99 31.48 15.90 28.00
C HIS A 99 30.16 15.20 27.77
N GLY A 100 29.33 15.16 28.77
CA GLY A 100 28.08 14.46 28.59
C GLY A 100 27.08 15.17 27.69
N SER A 101 27.47 16.28 27.09
CA SER A 101 26.58 16.84 26.13
C SER A 101 27.30 17.24 24.88
N GLN A 102 26.53 17.22 23.78
CA GLN A 102 27.05 17.64 22.49
C GLN A 102 26.13 18.69 21.92
N CYS A 103 24.99 18.33 21.32
CA CYS A 103 24.10 19.36 20.82
C CYS A 103 23.39 20.10 21.96
N GLY A 104 23.24 19.44 23.08
CA GLY A 104 22.69 20.06 24.27
C GLY A 104 21.22 19.79 24.50
N PHE A 105 20.48 19.48 23.43
CA PHE A 105 19.03 19.40 23.47
C PHE A 105 18.41 18.38 24.37
N CYS A 106 19.10 17.30 24.67
CA CYS A 106 18.55 16.32 25.61
C CYS A 106 19.23 16.54 26.95
N THR A 107 20.08 17.58 27.06
CA THR A 107 20.80 17.75 28.30
C THR A 107 19.94 18.03 29.50
N PRO A 108 18.96 18.93 29.43
CA PRO A 108 18.10 19.17 30.59
C PRO A 108 17.47 17.93 31.20
N GLY A 109 16.85 17.12 30.38
CA GLY A 109 16.12 15.96 30.77
C GLY A 109 17.07 15.02 31.39
N PHE A 110 18.22 14.86 30.77
CA PHE A 110 19.21 14.00 31.41
C PHE A 110 19.53 14.62 32.81
N ILE A 111 19.97 15.89 32.89
CA ILE A 111 20.24 16.45 34.18
C ILE A 111 19.06 16.24 35.19
N VAL A 112 17.83 16.40 34.78
CA VAL A 112 16.83 16.27 35.80
C VAL A 112 16.74 14.81 36.31
N SER A 113 16.66 13.82 35.41
CA SER A 113 16.68 12.46 35.80
C SER A 113 17.88 12.27 36.68
N MET A 114 19.02 12.79 36.27
CA MET A 114 20.21 12.45 37.00
C MET A 114 20.08 13.05 38.44
N ALA A 115 19.55 14.26 38.51
CA ALA A 115 19.45 14.92 39.77
C ALA A 115 18.46 14.12 40.62
N ALA A 116 17.32 13.75 40.08
CA ALA A 116 16.42 12.95 40.88
C ALA A 116 17.12 11.68 41.39
N ALA A 117 17.92 11.02 40.56
CA ALA A 117 18.47 9.78 41.02
C ALA A 117 19.41 10.10 42.16
N HIS A 118 20.16 11.16 41.99
CA HIS A 118 21.11 11.52 42.98
C HIS A 118 20.43 11.81 44.34
N ASP A 119 19.26 12.42 44.33
CA ASP A 119 18.53 12.80 45.54
C ASP A 119 18.12 11.60 46.42
N ARG A 120 17.91 10.45 45.81
CA ARG A 120 17.51 9.25 46.53
C ARG A 120 18.69 8.29 46.44
N ASP A 121 19.81 8.76 45.95
CA ASP A 121 20.95 7.86 45.89
C ASP A 121 20.67 6.58 45.10
N ARG A 122 19.95 6.64 43.99
CA ARG A 122 19.77 5.45 43.15
C ARG A 122 20.92 5.40 42.15
N LYS A 123 21.39 4.19 41.83
CA LYS A 123 22.54 4.00 40.95
C LYS A 123 22.27 3.06 39.78
N ASP A 124 21.05 2.57 39.63
CA ASP A 124 20.80 1.66 38.49
C ASP A 124 20.62 2.48 37.16
N TYR A 125 21.74 3.00 36.68
CA TYR A 125 21.69 3.95 35.59
C TYR A 125 21.00 3.52 34.33
N ASP A 126 21.40 2.38 33.78
CA ASP A 126 20.73 1.83 32.59
C ASP A 126 19.20 1.90 32.80
N ASP A 127 18.69 1.50 33.93
CA ASP A 127 17.24 1.62 34.04
C ASP A 127 16.73 3.03 34.28
N LEU A 128 17.46 3.84 35.02
CA LEU A 128 17.02 5.20 35.35
C LEU A 128 17.06 6.15 34.14
N LEU A 129 17.97 5.90 33.20
CA LEU A 129 18.05 6.82 32.08
C LEU A 129 17.51 6.20 30.77
N ALA A 130 17.00 4.99 30.83
CA ALA A 130 16.47 4.40 29.63
C ALA A 130 15.59 5.36 28.90
N GLY A 131 14.81 6.10 29.63
CA GLY A 131 13.83 6.93 29.00
C GLY A 131 14.33 8.28 28.59
N ASN A 132 15.65 8.46 28.44
CA ASN A 132 16.18 9.74 28.01
C ASN A 132 17.00 9.35 26.78
N LEU A 133 16.59 9.81 25.61
CA LEU A 133 17.32 9.41 24.44
C LEU A 133 18.29 10.49 24.14
N CYS A 134 19.48 10.11 23.68
CA CYS A 134 20.41 11.07 23.18
C CYS A 134 20.91 10.52 21.86
N ARG A 135 20.83 11.32 20.82
CA ARG A 135 21.24 10.82 19.54
C ARG A 135 22.67 11.15 19.29
N CYS A 136 23.28 12.00 20.09
CA CYS A 136 24.65 12.45 19.75
C CYS A 136 25.84 11.78 20.45
N THR A 137 25.72 11.37 21.70
CA THR A 137 26.93 11.10 22.44
C THR A 137 27.30 9.67 22.58
N GLY A 138 26.37 8.77 22.38
CA GLY A 138 26.78 7.42 22.62
C GLY A 138 26.62 7.00 24.08
N TYR A 139 26.25 7.94 24.91
CA TYR A 139 25.83 7.52 26.25
C TYR A 139 27.00 7.28 27.20
N ALA A 140 28.05 6.72 26.69
CA ALA A 140 29.23 6.49 27.49
C ALA A 140 29.59 7.64 28.45
N PRO A 141 29.83 8.83 27.93
CA PRO A 141 30.24 9.97 28.74
C PRO A 141 29.14 10.32 29.72
N ILE A 142 27.88 10.12 29.39
CA ILE A 142 26.88 10.42 30.38
C ILE A 142 27.00 9.44 31.59
N LEU A 143 27.42 8.18 31.34
CA LEU A 143 27.61 7.25 32.44
C LEU A 143 28.78 7.70 33.25
N ARG A 144 29.88 8.08 32.62
CA ARG A 144 30.99 8.53 33.40
C ARG A 144 30.48 9.66 34.28
N ALA A 145 29.71 10.56 33.74
CA ALA A 145 29.25 11.65 34.58
C ALA A 145 28.45 11.15 35.76
N ALA A 146 27.61 10.14 35.59
CA ALA A 146 26.75 9.78 36.71
C ALA A 146 27.65 9.20 37.79
N GLU A 147 28.60 8.42 37.36
CA GLU A 147 29.45 7.79 38.32
C GLU A 147 30.18 8.83 39.15
N ALA A 148 30.73 9.80 38.45
CA ALA A 148 31.55 10.82 39.07
C ALA A 148 30.77 11.67 40.03
N ALA A 149 29.47 11.85 39.83
CA ALA A 149 28.78 12.76 40.73
C ALA A 149 28.22 12.01 41.90
N ALA A 150 28.14 10.68 41.79
CA ALA A 150 27.55 9.86 42.88
C ALA A 150 28.32 10.00 44.20
N GLY A 151 29.62 10.23 44.14
CA GLY A 151 30.40 10.50 45.33
C GLY A 151 30.34 11.98 45.70
N GLU A 152 29.13 12.53 45.82
CA GLU A 152 29.02 13.92 46.20
C GLU A 152 27.79 14.06 47.01
N PRO A 153 27.94 14.79 48.11
CA PRO A 153 26.84 15.06 49.00
C PRO A 153 25.72 15.60 48.17
N PRO A 154 24.54 15.11 48.47
CA PRO A 154 23.33 15.58 47.81
C PRO A 154 23.15 17.09 47.99
N ALA A 155 22.47 17.70 47.03
CA ALA A 155 22.18 19.11 47.06
C ALA A 155 21.20 19.41 48.21
N ASP A 156 21.60 20.27 49.15
CA ASP A 156 20.72 20.61 50.27
C ASP A 156 19.46 21.35 49.78
N TRP A 157 19.65 22.28 48.83
CA TRP A 157 18.56 23.11 48.38
C TRP A 157 17.48 22.34 47.74
N LEU A 158 17.79 21.14 47.30
CA LEU A 158 16.78 20.34 46.68
C LEU A 158 15.91 19.62 47.69
N GLN A 159 16.48 19.25 48.84
CA GLN A 159 15.70 18.51 49.84
C GLN A 159 14.77 19.40 50.67
N ALA A 160 15.11 20.70 50.76
CA ALA A 160 14.27 21.63 51.53
C ALA A 160 12.87 21.72 50.97
N ASP A 161 12.64 21.27 49.76
CA ASP A 161 11.29 21.31 49.22
C ASP A 161 10.39 20.37 50.00
N ALA A 162 11.00 19.40 50.69
CA ALA A 162 10.26 18.39 51.46
C ALA A 162 9.19 19.04 52.31
N ALA A 163 9.55 20.13 52.99
CA ALA A 163 8.66 20.82 53.87
C ALA A 163 7.47 21.49 53.19
N PHE A 164 6.98 21.01 52.06
CA PHE A 164 5.89 21.76 51.44
C PHE A 164 4.47 21.25 51.60
N THR A 165 3.55 22.22 51.69
CA THR A 165 2.09 22.10 51.98
C THR A 165 1.83 21.48 53.38
N LEU A 166 2.78 21.76 54.27
CA LEU A 166 2.78 21.22 55.62
C LEU A 166 3.24 22.29 56.61
N PRO A 179 -15.27 22.16 35.89
CA PRO A 179 -13.86 22.14 35.46
C PRO A 179 -13.38 20.70 35.29
N ALA A 180 -13.13 20.05 36.42
CA ALA A 180 -12.65 18.68 36.43
C ALA A 180 -12.70 18.14 37.86
N PHE A 181 -13.17 16.91 38.00
CA PHE A 181 -13.35 16.32 39.31
C PHE A 181 -12.12 15.60 39.91
N LEU A 182 -11.82 15.90 41.17
CA LEU A 182 -10.67 15.34 41.89
C LEU A 182 -11.01 14.58 43.18
N PRO A 183 -11.52 13.37 43.09
CA PRO A 183 -11.97 12.60 44.25
C PRO A 183 -10.85 12.33 45.25
N GLU A 184 -11.19 12.29 46.54
CA GLU A 184 -10.21 12.00 47.57
C GLU A 184 -10.36 10.59 48.08
N THR A 185 -11.54 10.02 47.87
CA THR A 185 -11.83 8.67 48.34
C THR A 185 -12.48 7.84 47.25
N SER A 186 -12.36 6.52 47.37
CA SER A 186 -12.97 5.63 46.40
C SER A 186 -14.48 5.82 46.44
N ASP A 187 -15.01 6.23 47.60
CA ASP A 187 -16.46 6.35 47.74
C ASP A 187 -16.95 7.54 46.95
N ALA A 188 -16.24 8.64 47.11
CA ALA A 188 -16.58 9.85 46.41
C ALA A 188 -16.53 9.55 44.93
N LEU A 189 -15.51 8.81 44.54
CA LEU A 189 -15.35 8.49 43.14
C LEU A 189 -16.55 7.71 42.61
N ALA A 190 -16.75 6.53 43.21
CA ALA A 190 -17.86 5.64 42.87
C ALA A 190 -19.16 6.41 42.73
N ASP A 191 -19.46 7.23 43.73
CA ASP A 191 -20.68 8.00 43.68
C ASP A 191 -20.77 8.76 42.36
N TRP A 192 -19.85 9.70 42.19
CA TRP A 192 -19.81 10.57 41.01
C TRP A 192 -19.73 9.85 39.66
N TYR A 193 -18.91 8.81 39.56
CA TYR A 193 -18.80 8.13 38.29
C TYR A 193 -20.15 7.58 37.92
N LEU A 194 -20.80 7.00 38.91
CA LEU A 194 -22.12 6.44 38.74
C LEU A 194 -23.08 7.44 38.11
N ALA A 195 -22.91 8.72 38.44
CA ALA A 195 -23.76 9.77 37.89
C ALA A 195 -23.26 10.24 36.54
N HIS A 196 -21.96 10.15 36.32
CA HIS A 196 -21.46 10.52 35.01
C HIS A 196 -20.75 9.32 34.41
N PRO A 197 -21.55 8.39 33.92
CA PRO A 197 -21.02 7.18 33.32
C PRO A 197 -20.10 7.54 32.17
N GLU A 198 -20.39 8.64 31.50
CA GLU A 198 -19.67 8.90 30.27
C GLU A 198 -18.35 9.65 30.43
N ALA A 199 -18.07 10.04 31.66
CA ALA A 199 -16.86 10.75 31.99
C ALA A 199 -15.60 10.08 31.48
N THR A 200 -14.51 10.84 31.46
CA THR A 200 -13.22 10.31 31.10
C THR A 200 -12.34 10.24 32.34
N LEU A 201 -12.02 9.04 32.79
CA LEU A 201 -11.25 8.82 34.00
C LEU A 201 -9.78 8.82 33.73
N ILE A 202 -9.05 9.69 34.40
CA ILE A 202 -7.62 9.86 34.14
C ILE A 202 -6.81 9.48 35.35
N ALA A 203 -5.94 8.49 35.20
CA ALA A 203 -5.11 8.08 36.31
C ALA A 203 -3.74 8.60 36.03
N GLY A 204 -2.85 7.74 35.54
CA GLY A 204 -1.53 8.20 35.21
C GLY A 204 -1.66 9.16 34.04
N GLY A 205 -2.59 8.90 33.14
CA GLY A 205 -2.70 9.81 32.03
C GLY A 205 -1.77 9.44 30.89
N THR A 206 -0.96 8.40 31.08
CA THR A 206 -0.01 8.00 30.08
C THR A 206 -0.59 7.44 28.81
N ASP A 207 -1.81 6.89 28.79
CA ASP A 207 -2.42 6.53 27.50
C ASP A 207 -3.35 7.68 27.08
N VAL A 208 -3.95 8.39 28.01
CA VAL A 208 -4.93 9.39 27.60
C VAL A 208 -4.32 10.64 27.03
N SER A 209 -3.14 11.02 27.51
CA SER A 209 -2.64 12.27 26.98
C SER A 209 -2.33 12.19 25.48
N LEU A 210 -2.06 11.00 24.99
CA LEU A 210 -1.85 10.85 23.57
C LEU A 210 -3.14 11.10 22.77
N TRP A 211 -4.28 11.04 23.41
CA TRP A 211 -5.49 11.37 22.68
C TRP A 211 -5.55 12.86 22.44
N VAL A 212 -5.01 13.66 23.35
CA VAL A 212 -5.06 15.10 23.18
C VAL A 212 -3.88 15.68 22.42
N THR A 213 -2.68 15.17 22.68
CA THR A 213 -1.50 15.68 21.96
C THR A 213 -1.33 15.16 20.55
N LYS A 214 -1.73 13.92 20.27
CA LYS A 214 -1.54 13.42 18.91
C LYS A 214 -2.83 13.28 18.11
N ALA A 215 -3.86 12.72 18.72
CA ALA A 215 -5.14 12.54 18.04
C ALA A 215 -5.89 13.86 18.07
N LEU A 216 -5.35 14.81 18.81
CA LEU A 216 -5.88 16.16 18.84
C LEU A 216 -7.31 16.18 19.33
N ARG A 217 -7.59 15.33 20.28
CA ARG A 217 -8.93 15.25 20.82
C ARG A 217 -9.21 16.25 21.92
N ASP A 218 -10.44 16.30 22.35
CA ASP A 218 -10.81 17.21 23.41
C ASP A 218 -11.73 16.42 24.31
N LEU A 219 -11.45 16.40 25.60
CA LEU A 219 -12.19 15.57 26.51
C LEU A 219 -12.89 16.40 27.53
N PRO A 220 -14.20 16.43 27.48
CA PRO A 220 -14.94 17.15 28.54
C PRO A 220 -15.34 16.09 29.57
N GLU A 221 -15.83 16.52 30.73
CA GLU A 221 -16.24 15.55 31.74
C GLU A 221 -15.05 14.67 32.06
N VAL A 222 -14.22 15.16 32.99
CA VAL A 222 -12.95 14.51 33.35
C VAL A 222 -12.73 14.36 34.86
N ALA A 223 -12.11 13.26 35.26
CA ALA A 223 -11.82 13.04 36.66
C ALA A 223 -10.44 12.47 36.85
N PHE A 224 -9.72 12.94 37.88
CA PHE A 224 -8.37 12.46 38.12
C PHE A 224 -8.33 11.54 39.30
N LEU A 225 -7.88 10.32 39.12
CA LEU A 225 -7.84 9.41 40.23
C LEU A 225 -6.56 9.45 41.05
N SER A 226 -5.57 10.26 40.67
CA SER A 226 -4.29 10.16 41.34
C SER A 226 -4.27 10.68 42.75
N HIS A 227 -5.35 11.33 43.18
CA HIS A 227 -5.41 11.80 44.55
C HIS A 227 -6.27 10.95 45.48
N CYS A 228 -6.60 9.71 45.10
CA CYS A 228 -7.32 8.83 46.02
C CYS A 228 -6.37 7.89 46.68
N LYS A 229 -5.81 8.31 47.80
CA LYS A 229 -4.88 7.44 48.51
C LYS A 229 -5.41 6.00 48.65
N ASP A 230 -6.71 5.87 48.93
CA ASP A 230 -7.26 4.54 49.17
C ASP A 230 -7.37 3.65 47.93
N LEU A 231 -7.21 4.23 46.74
CA LEU A 231 -7.23 3.42 45.54
C LEU A 231 -5.84 2.94 45.18
N ALA A 232 -4.83 3.43 45.90
CA ALA A 232 -3.47 3.13 45.56
C ALA A 232 -2.72 2.38 46.66
N GLN A 233 -3.37 1.38 47.24
CA GLN A 233 -2.83 0.64 48.37
C GLN A 233 -2.38 -0.76 48.01
N ILE A 234 -1.39 -1.25 48.71
CA ILE A 234 -1.05 -2.65 48.60
C ILE A 234 -1.36 -3.28 49.97
N ARG A 235 -2.41 -4.10 50.01
CA ARG A 235 -2.87 -4.77 51.24
C ARG A 235 -2.56 -6.26 51.23
N GLU A 236 -1.91 -6.72 52.30
CA GLU A 236 -1.68 -8.17 52.47
C GLU A 236 -3.02 -8.81 52.84
N THR A 237 -3.41 -9.85 52.13
CA THR A 237 -4.69 -10.50 52.40
C THR A 237 -4.48 -11.96 52.82
N PRO A 238 -5.52 -12.58 53.36
CA PRO A 238 -5.38 -13.93 53.90
C PRO A 238 -4.92 -14.86 52.79
N ASP A 239 -5.47 -14.61 51.61
CA ASP A 239 -5.25 -15.44 50.43
C ASP A 239 -4.74 -14.56 49.28
N GLY A 240 -3.59 -13.94 49.50
CA GLY A 240 -2.97 -13.10 48.49
C GLY A 240 -2.73 -11.63 48.83
N TYR A 241 -2.47 -10.83 47.81
CA TYR A 241 -2.25 -9.41 47.99
C TYR A 241 -3.24 -8.66 47.15
N GLY A 242 -3.82 -7.61 47.75
CA GLY A 242 -4.80 -6.78 47.09
C GLY A 242 -4.09 -5.51 46.62
N ILE A 243 -4.06 -5.34 45.29
CA ILE A 243 -3.42 -4.23 44.65
C ILE A 243 -4.40 -3.23 44.05
N GLY A 244 -4.45 -2.06 44.67
CA GLY A 244 -5.33 -1.00 44.21
C GLY A 244 -5.07 -0.57 42.77
N ALA A 245 -6.12 -0.11 42.12
CA ALA A 245 -6.00 0.24 40.72
C ALA A 245 -4.99 1.37 40.48
N GLY A 246 -4.96 2.33 41.40
CA GLY A 246 -4.11 3.48 41.29
C GLY A 246 -2.68 3.18 41.71
N VAL A 247 -2.36 1.92 41.92
CA VAL A 247 -0.96 1.66 42.23
C VAL A 247 -0.10 1.87 40.97
N THR A 248 1.01 2.60 41.09
CA THR A 248 1.84 2.82 39.92
C THR A 248 2.69 1.60 39.56
N ILE A 249 2.98 1.46 38.25
CA ILE A 249 3.83 0.36 37.80
C ILE A 249 5.13 0.39 38.55
N ALA A 250 5.63 1.55 38.94
CA ALA A 250 6.91 1.53 39.60
C ALA A 250 6.70 0.86 40.93
N ALA A 251 5.60 1.21 41.58
CA ALA A 251 5.44 0.76 42.95
C ALA A 251 5.16 -0.69 42.95
N LEU A 252 4.44 -1.13 41.92
CA LEU A 252 4.08 -2.54 41.83
C LEU A 252 5.38 -3.28 41.57
N ARG A 253 6.29 -2.65 40.86
CA ARG A 253 7.54 -3.34 40.62
C ARG A 253 8.30 -3.53 41.92
N ALA A 254 8.22 -2.53 42.81
CA ALA A 254 9.05 -2.55 44.02
C ALA A 254 8.55 -3.65 44.94
N PHE A 255 7.24 -3.72 45.04
CA PHE A 255 6.60 -4.72 45.86
C PHE A 255 7.00 -6.10 45.33
N ALA A 256 6.84 -6.29 44.03
CA ALA A 256 7.08 -7.61 43.46
C ALA A 256 8.52 -8.10 43.55
N GLU A 257 9.45 -7.24 43.89
CA GLU A 257 10.82 -7.74 43.87
C GLU A 257 10.98 -8.98 44.73
N GLY A 258 10.23 -9.02 45.82
CA GLY A 258 10.32 -10.14 46.75
C GLY A 258 9.53 -11.38 46.32
N PRO A 259 8.21 -11.34 46.46
CA PRO A 259 7.35 -12.48 46.19
C PRO A 259 7.17 -12.80 44.70
N HIS A 260 7.42 -11.85 43.82
CA HIS A 260 7.20 -12.14 42.42
C HIS A 260 8.26 -11.57 41.53
N PRO A 261 9.47 -12.03 41.74
CA PRO A 261 10.61 -11.54 40.98
C PRO A 261 10.29 -11.63 39.49
N ALA A 262 9.74 -12.72 39.01
CA ALA A 262 9.48 -12.77 37.59
C ALA A 262 8.67 -11.55 37.15
N LEU A 263 7.59 -11.23 37.83
CA LEU A 263 6.81 -10.09 37.40
C LEU A 263 7.64 -8.85 37.59
N ALA A 264 8.54 -8.90 38.55
CA ALA A 264 9.33 -7.72 38.81
C ALA A 264 10.25 -7.51 37.59
N GLY A 265 10.93 -8.57 37.17
CA GLY A 265 11.82 -8.53 36.03
C GLY A 265 11.10 -8.05 34.78
N LEU A 266 9.85 -8.47 34.62
CA LEU A 266 9.08 -8.03 33.50
C LEU A 266 8.94 -6.51 33.61
N LEU A 267 8.35 -6.03 34.71
CA LEU A 267 8.05 -4.62 34.82
C LEU A 267 9.31 -3.76 34.63
N ARG A 268 10.48 -4.38 34.75
CA ARG A 268 11.69 -3.62 34.50
C ARG A 268 11.62 -3.01 33.10
N ARG A 269 11.17 -3.77 32.11
CA ARG A 269 11.09 -3.32 30.73
C ARG A 269 9.71 -2.87 30.40
N PHE A 270 9.02 -2.30 31.38
CA PHE A 270 7.69 -1.71 31.07
C PHE A 270 7.95 -0.22 30.91
N ALA A 271 7.82 0.26 29.67
CA ALA A 271 8.07 1.65 29.33
C ALA A 271 9.42 2.09 29.89
N SER A 272 9.44 3.28 30.49
CA SER A 272 10.64 3.82 31.20
C SER A 272 10.35 4.20 32.66
N GLU A 273 11.41 4.50 33.41
CA GLU A 273 11.23 4.84 34.81
C GLU A 273 10.31 6.06 34.89
N GLN A 274 10.53 7.03 34.03
CA GLN A 274 9.63 8.15 34.03
C GLN A 274 8.21 7.76 33.86
N VAL A 275 7.86 6.82 32.98
CA VAL A 275 6.44 6.51 32.85
C VAL A 275 5.96 5.61 33.98
N ARG A 276 6.81 4.69 34.39
CA ARG A 276 6.50 3.80 35.50
C ARG A 276 6.13 4.58 36.71
N GLN A 277 6.82 5.67 36.93
CA GLN A 277 6.51 6.48 38.09
C GLN A 277 5.08 7.01 38.15
N VAL A 278 4.31 6.98 37.07
CA VAL A 278 2.97 7.53 37.19
C VAL A 278 1.94 6.62 36.60
N ALA A 279 2.33 5.71 35.75
CA ALA A 279 1.32 4.83 35.10
C ALA A 279 0.76 3.85 36.10
N THR A 280 -0.50 3.47 35.92
CA THR A 280 -1.08 2.57 36.90
C THR A 280 -1.49 1.20 36.35
N ILE A 281 -1.44 0.21 37.22
CA ILE A 281 -1.94 -1.08 36.82
C ILE A 281 -3.41 -1.03 36.49
N GLY A 282 -4.17 -0.30 37.28
CA GLY A 282 -5.56 -0.18 36.93
C GLY A 282 -5.67 0.32 35.52
N GLY A 283 -4.85 1.34 35.20
CA GLY A 283 -4.89 1.92 33.86
C GLY A 283 -4.37 0.96 32.78
N ASN A 284 -3.35 0.23 33.10
CA ASN A 284 -2.91 -0.68 32.11
C ASN A 284 -4.02 -1.65 31.81
N ILE A 285 -4.83 -2.01 32.82
CA ILE A 285 -5.90 -2.96 32.55
C ILE A 285 -7.09 -2.29 31.92
N ALA A 286 -7.50 -1.15 32.44
CA ALA A 286 -8.66 -0.50 31.81
C ALA A 286 -8.44 -0.08 30.33
N ASN A 287 -7.18 0.09 29.92
CA ASN A 287 -6.93 0.52 28.58
C ASN A 287 -7.25 -0.63 27.64
N GLY A 288 -6.99 -1.85 28.09
CA GLY A 288 -7.42 -3.05 27.39
C GLY A 288 -6.69 -3.33 26.09
N SER A 289 -5.45 -2.92 26.05
CA SER A 289 -4.69 -3.07 24.84
C SER A 289 -4.14 -4.46 24.80
N PRO A 290 -4.26 -5.10 23.66
CA PRO A 290 -3.82 -6.49 23.54
C PRO A 290 -2.33 -6.57 23.66
N ILE A 291 -1.69 -5.42 23.80
CA ILE A 291 -0.24 -5.46 23.91
C ILE A 291 0.21 -4.96 25.24
N GLY A 292 -0.75 -4.76 26.13
CA GLY A 292 -0.43 -4.51 27.51
C GLY A 292 0.55 -5.60 28.00
N ASP A 293 1.45 -5.24 28.90
CA ASP A 293 2.34 -6.21 29.46
C ASP A 293 1.83 -6.71 30.81
N GLY A 294 1.04 -5.92 31.52
CA GLY A 294 0.47 -6.33 32.77
C GLY A 294 -0.39 -7.60 32.68
N PRO A 295 -1.44 -7.52 31.89
CA PRO A 295 -2.41 -8.60 31.77
C PRO A 295 -1.82 -9.98 31.59
N PRO A 296 -1.00 -10.20 30.58
CA PRO A 296 -0.54 -11.56 30.31
C PRO A 296 0.08 -12.11 31.54
N ALA A 297 0.96 -11.34 32.15
CA ALA A 297 1.61 -11.77 33.36
C ALA A 297 0.60 -12.15 34.41
N LEU A 298 -0.32 -11.26 34.69
CA LEU A 298 -1.24 -11.48 35.78
C LEU A 298 -2.04 -12.73 35.51
N ILE A 299 -2.48 -12.89 34.27
CA ILE A 299 -3.25 -14.08 33.93
C ILE A 299 -2.41 -15.31 34.13
N ALA A 300 -1.20 -15.34 33.60
CA ALA A 300 -0.38 -16.51 33.89
C ALA A 300 -0.32 -16.75 35.40
N MET A 301 -0.39 -15.72 36.22
CA MET A 301 -0.28 -16.05 37.60
C MET A 301 -1.67 -16.22 38.23
N GLY A 302 -2.69 -16.20 37.38
CA GLY A 302 -4.04 -16.42 37.82
C GLY A 302 -4.54 -15.44 38.87
N ALA A 303 -4.37 -14.16 38.61
CA ALA A 303 -4.85 -13.19 39.56
C ALA A 303 -6.28 -12.93 39.23
N SER A 304 -6.88 -12.05 40.01
CA SER A 304 -8.26 -11.72 39.81
C SER A 304 -8.37 -10.21 39.83
N LEU A 305 -9.47 -9.76 39.30
CA LEU A 305 -9.73 -8.39 39.11
C LEU A 305 -10.99 -8.06 39.86
N THR A 306 -11.13 -6.84 40.36
CA THR A 306 -12.32 -6.44 41.09
C THR A 306 -12.89 -5.17 40.48
N LEU A 307 -14.10 -5.19 39.93
CA LEU A 307 -14.73 -3.99 39.38
C LEU A 307 -15.57 -3.39 40.48
N ARG A 308 -16.22 -2.25 40.24
CA ARG A 308 -17.03 -1.60 41.25
C ARG A 308 -17.94 -0.53 40.66
N ARG A 309 -19.17 -0.45 41.16
CA ARG A 309 -20.17 0.48 40.62
C ARG A 309 -21.03 0.95 41.77
N GLY A 310 -20.71 2.11 42.33
CA GLY A 310 -21.44 2.58 43.49
C GLY A 310 -20.95 1.80 44.70
N GLN A 311 -21.77 0.86 45.15
CA GLN A 311 -21.41 0.03 46.29
C GLN A 311 -21.35 -1.43 45.87
N GLU A 312 -21.85 -1.71 44.66
CA GLU A 312 -21.76 -3.06 44.08
C GLU A 312 -20.32 -3.47 43.81
N ARG A 313 -20.06 -4.74 43.57
CA ARG A 313 -18.69 -5.16 43.44
C ARG A 313 -18.56 -6.56 42.84
N ARG A 314 -18.31 -6.66 41.53
CA ARG A 314 -18.12 -7.95 40.88
C ARG A 314 -16.73 -8.45 41.16
N ARG A 315 -16.35 -9.53 40.48
CA ARG A 315 -15.04 -10.10 40.75
C ARG A 315 -14.72 -11.33 39.90
N MET A 316 -14.28 -11.13 38.67
CA MET A 316 -13.91 -12.27 37.85
C MET A 316 -12.43 -12.47 37.79
N PRO A 317 -12.02 -13.58 37.19
CA PRO A 317 -10.60 -13.85 36.92
C PRO A 317 -10.15 -12.94 35.76
N LEU A 318 -8.96 -12.36 35.89
CA LEU A 318 -8.52 -11.35 34.95
C LEU A 318 -8.86 -11.64 33.47
N GLU A 319 -8.32 -12.72 32.92
CA GLU A 319 -8.57 -13.03 31.52
C GLU A 319 -10.03 -12.87 31.06
N ASP A 320 -10.97 -13.05 31.98
CA ASP A 320 -12.37 -12.95 31.61
C ASP A 320 -12.83 -11.51 31.35
N PHE A 321 -12.02 -10.53 31.75
CA PHE A 321 -12.38 -9.13 31.60
C PHE A 321 -12.32 -8.66 30.15
N PHE A 322 -11.51 -9.34 29.36
CA PHE A 322 -11.30 -9.00 27.97
C PHE A 322 -12.16 -9.82 26.99
N LEU A 323 -13.15 -9.19 26.38
CA LEU A 323 -14.01 -9.88 25.41
C LEU A 323 -13.45 -9.94 24.01
N GLU A 324 -13.37 -8.77 23.39
CA GLU A 324 -12.79 -8.63 22.06
C GLU A 324 -11.93 -7.38 21.98
N TYR A 325 -11.10 -7.39 20.96
CA TYR A 325 -10.24 -6.30 20.68
C TYR A 325 -11.05 -5.05 20.89
N ARG A 326 -10.63 -4.21 21.84
CA ARG A 326 -11.31 -2.94 22.00
C ARG A 326 -12.64 -3.02 22.72
N LYS A 327 -12.78 -3.99 23.61
CA LYS A 327 -14.07 -4.20 24.25
C LYS A 327 -13.91 -5.00 25.52
N GLN A 328 -14.42 -4.49 26.61
CA GLN A 328 -14.27 -5.17 27.88
C GLN A 328 -15.57 -5.35 28.67
N ASP A 329 -15.51 -6.26 29.65
CA ASP A 329 -16.67 -6.56 30.49
C ASP A 329 -16.88 -5.47 31.51
N ARG A 330 -17.16 -4.26 31.03
CA ARG A 330 -17.29 -3.10 31.89
C ARG A 330 -18.64 -2.42 31.76
N ARG A 331 -19.26 -2.12 32.88
CA ARG A 331 -20.60 -1.58 32.84
C ARG A 331 -20.60 -0.07 32.98
N PRO A 332 -21.55 0.55 32.32
CA PRO A 332 -21.80 1.97 32.49
C PRO A 332 -21.73 2.33 33.97
N GLY A 333 -20.80 3.17 34.37
CA GLY A 333 -20.73 3.59 35.75
C GLY A 333 -19.77 2.74 36.53
N GLU A 334 -19.30 1.68 35.88
CA GLU A 334 -18.41 0.74 36.54
C GLU A 334 -16.92 1.02 36.33
N PHE A 335 -16.12 0.89 37.38
CA PHE A 335 -14.69 1.10 37.25
C PHE A 335 -13.82 0.06 37.92
N VAL A 336 -12.57 -0.08 37.47
CA VAL A 336 -11.68 -1.07 38.05
C VAL A 336 -11.22 -0.56 39.39
N GLU A 337 -11.25 -1.39 40.46
CA GLU A 337 -10.86 -0.95 41.82
C GLU A 337 -9.67 -1.66 42.36
N SER A 338 -9.37 -2.83 41.82
CA SER A 338 -8.15 -3.51 42.24
C SER A 338 -7.95 -4.86 41.58
N VAL A 339 -6.80 -5.47 41.86
CA VAL A 339 -6.57 -6.81 41.40
C VAL A 339 -5.97 -7.60 42.52
N THR A 340 -6.20 -8.91 42.53
CA THR A 340 -5.63 -9.69 43.62
C THR A 340 -4.69 -10.76 43.18
N LEU A 341 -3.53 -10.84 43.83
CA LEU A 341 -2.50 -11.79 43.44
C LEU A 341 -2.26 -12.84 44.51
N PRO A 342 -1.90 -14.04 44.11
CA PRO A 342 -1.62 -15.08 45.09
C PRO A 342 -0.39 -14.70 45.84
N LYS A 343 -0.18 -15.30 47.00
CA LYS A 343 1.00 -15.00 47.80
C LYS A 343 2.24 -15.54 47.11
N SER A 344 2.07 -16.49 46.19
CA SER A 344 3.25 -17.02 45.51
C SER A 344 2.98 -17.78 44.21
N ALA A 345 4.02 -17.90 43.36
CA ALA A 345 3.91 -18.60 42.06
C ALA A 345 5.30 -18.81 41.46
N PRO A 346 6.07 -19.72 42.03
CA PRO A 346 7.47 -19.86 41.64
C PRO A 346 7.55 -20.37 40.22
N GLY A 347 6.42 -20.71 39.61
CA GLY A 347 6.46 -21.24 38.28
C GLY A 347 6.40 -20.14 37.22
N LEU A 348 5.99 -18.98 37.66
CA LEU A 348 5.86 -17.86 36.76
C LEU A 348 7.20 -17.53 36.15
N ARG A 349 7.14 -17.17 34.88
CA ARG A 349 8.33 -16.78 34.14
C ARG A 349 7.79 -15.85 33.05
N CYS A 350 8.29 -14.61 32.93
CA CYS A 350 7.75 -13.68 31.87
C CYS A 350 8.73 -13.23 30.75
N TYR A 351 8.28 -13.35 29.53
CA TYR A 351 9.10 -13.07 28.39
C TYR A 351 8.52 -11.93 27.53
N LYS A 352 9.39 -10.96 27.23
CA LYS A 352 8.96 -9.86 26.39
C LYS A 352 9.86 -9.85 25.20
N LEU A 353 9.30 -9.73 24.01
CA LEU A 353 10.12 -9.67 22.80
C LEU A 353 9.78 -8.41 21.97
N SER A 354 10.81 -7.55 21.75
CA SER A 354 10.61 -6.29 21.01
C SER A 354 11.81 -6.00 20.15
N LYS A 355 11.85 -4.88 19.39
CA LYS A 355 13.04 -4.65 18.54
C LYS A 355 14.16 -4.21 19.38
N ARG A 356 13.86 -3.44 20.41
CA ARG A 356 14.90 -2.93 21.30
C ARG A 356 14.56 -3.34 22.76
N PHE A 357 15.54 -3.52 23.61
CA PHE A 357 15.19 -4.04 24.93
C PHE A 357 14.50 -3.06 25.79
N ASP A 358 15.09 -1.90 25.93
CA ASP A 358 14.42 -0.91 26.78
C ASP A 358 13.39 -0.05 26.06
N GLN A 359 12.39 0.27 26.82
CA GLN A 359 11.38 1.19 26.39
C GLN A 359 10.88 0.91 24.94
N ASP A 360 10.27 -0.26 24.77
CA ASP A 360 9.72 -0.68 23.50
C ASP A 360 8.43 -1.40 23.71
N ILE A 361 7.61 -1.46 22.68
CA ILE A 361 6.37 -2.18 22.76
C ILE A 361 6.65 -3.62 22.35
N SER A 362 6.01 -4.56 23.02
CA SER A 362 6.18 -5.99 22.79
C SER A 362 5.70 -6.44 21.39
N ALA A 363 6.47 -7.28 20.72
CA ALA A 363 5.91 -7.92 19.52
C ALA A 363 5.02 -9.01 20.07
N VAL A 364 5.52 -9.60 21.14
CA VAL A 364 4.91 -10.71 21.78
C VAL A 364 5.33 -10.74 23.21
N CYS A 365 4.38 -11.01 24.07
CA CYS A 365 4.71 -11.15 25.47
C CYS A 365 4.30 -12.52 25.91
N GLY A 366 5.24 -13.31 26.43
CA GLY A 366 4.89 -14.66 26.83
C GLY A 366 4.96 -14.89 28.33
N CYS A 367 3.85 -15.24 28.96
CA CYS A 367 3.87 -15.56 30.38
C CYS A 367 3.53 -17.04 30.63
N LEU A 368 4.44 -17.72 31.30
CA LEU A 368 4.29 -19.14 31.56
C LEU A 368 4.37 -19.55 33.04
N ASN A 369 3.40 -20.35 33.43
CA ASN A 369 3.31 -20.87 34.77
C ASN A 369 2.94 -22.36 34.72
N LEU A 370 3.90 -23.22 35.03
CA LEU A 370 3.61 -24.65 35.06
C LEU A 370 3.86 -25.20 36.44
N THR A 371 2.86 -25.87 36.99
CA THR A 371 3.03 -26.56 38.25
C THR A 371 3.32 -28.04 37.99
N LEU A 372 4.21 -28.59 38.81
CA LEU A 372 4.61 -30.00 38.66
C LEU A 372 4.32 -30.93 39.82
N LYS A 373 4.08 -32.18 39.44
CA LYS A 373 3.91 -33.29 40.35
C LYS A 373 5.11 -34.15 40.02
N GLY A 374 6.29 -33.73 40.44
CA GLY A 374 7.51 -34.44 40.10
C GLY A 374 7.56 -35.01 38.69
N SER A 375 8.29 -34.35 37.79
CA SER A 375 8.39 -34.84 36.41
C SER A 375 7.08 -34.76 35.59
N LYS A 376 5.92 -34.79 36.26
CA LYS A 376 4.64 -34.68 35.56
C LYS A 376 4.06 -33.28 35.66
N ILE A 377 3.35 -32.86 34.62
CA ILE A 377 2.75 -31.54 34.56
C ILE A 377 1.34 -31.52 35.13
N GLU A 378 1.19 -30.90 36.29
CA GLU A 378 -0.11 -30.83 36.96
C GLU A 378 -1.04 -29.79 36.37
N THR A 379 -0.63 -28.52 36.44
CA THR A 379 -1.43 -27.40 35.93
C THR A 379 -0.59 -26.57 34.96
N ALA A 380 -1.25 -25.95 33.97
CA ALA A 380 -0.54 -25.14 32.99
C ALA A 380 -1.25 -23.82 32.70
N ARG A 381 -0.63 -22.74 33.14
CA ARG A 381 -1.15 -21.41 32.88
C ARG A 381 -0.26 -20.77 31.82
N ILE A 382 -0.78 -20.62 30.62
CA ILE A 382 0.01 -20.02 29.55
C ILE A 382 -0.69 -18.85 28.88
N ALA A 383 -0.09 -17.66 29.01
CA ALA A 383 -0.68 -16.43 28.46
C ALA A 383 0.15 -15.64 27.39
N PHE A 384 -0.56 -14.98 26.48
CA PHE A 384 0.15 -14.19 25.50
C PHE A 384 -0.51 -12.88 25.26
N GLY A 385 0.34 -11.87 25.05
CA GLY A 385 -0.14 -10.60 24.60
C GLY A 385 0.44 -10.46 23.19
N GLY A 386 -0.30 -9.71 22.38
CA GLY A 386 0.12 -9.35 21.04
C GLY A 386 0.01 -10.49 20.04
N MET A 387 -0.62 -11.61 20.43
CA MET A 387 -0.84 -12.76 19.52
C MET A 387 -2.27 -12.68 19.05
N ALA A 388 -3.07 -11.81 19.63
CA ALA A 388 -4.45 -11.75 19.23
C ALA A 388 -5.03 -10.40 19.56
N GLY A 389 -6.26 -10.19 19.14
CA GLY A 389 -6.96 -8.99 19.50
C GLY A 389 -7.15 -8.85 21.01
N VAL A 390 -6.66 -9.80 21.80
CA VAL A 390 -6.92 -9.73 23.24
C VAL A 390 -5.89 -10.54 23.97
N PRO A 391 -5.60 -10.31 25.25
CA PRO A 391 -4.60 -11.13 25.92
C PRO A 391 -5.36 -12.38 26.26
N LYS A 392 -4.81 -13.56 26.04
CA LYS A 392 -5.57 -14.77 26.33
C LYS A 392 -4.70 -15.99 26.54
N ARG A 393 -5.25 -16.97 27.27
CA ARG A 393 -4.52 -18.24 27.53
C ARG A 393 -4.55 -19.00 26.24
N ALA A 394 -3.52 -19.84 26.04
CA ALA A 394 -3.42 -20.72 24.88
C ALA A 394 -4.03 -22.11 25.15
N ALA A 395 -5.36 -22.14 25.34
CA ALA A 395 -6.16 -23.36 25.68
C ALA A 395 -5.67 -24.70 25.14
N ALA A 396 -5.80 -24.89 23.83
CA ALA A 396 -5.35 -26.15 23.19
C ALA A 396 -3.92 -26.49 23.55
N PHE A 397 -3.08 -25.49 23.67
CA PHE A 397 -1.73 -25.82 24.06
C PHE A 397 -1.75 -26.25 25.53
N GLU A 398 -2.40 -25.46 26.37
CA GLU A 398 -2.43 -25.74 27.81
C GLU A 398 -2.87 -27.16 27.93
N ALA A 399 -4.04 -27.44 27.33
CA ALA A 399 -4.68 -28.75 27.43
C ALA A 399 -3.68 -29.89 27.16
N ALA A 400 -3.29 -30.00 25.90
CA ALA A 400 -2.39 -31.06 25.50
C ALA A 400 -1.18 -31.21 26.39
N LEU A 401 -1.02 -30.30 27.33
CA LEU A 401 0.20 -30.34 28.12
C LEU A 401 0.04 -31.14 29.42
N ILE A 402 -1.16 -31.05 29.99
CA ILE A 402 -1.49 -31.74 31.22
C ILE A 402 -1.11 -33.23 31.22
N GLY A 403 -0.65 -33.72 32.37
CA GLY A 403 -0.31 -35.13 32.47
C GLY A 403 0.96 -35.54 31.74
N GLN A 404 1.35 -34.82 30.69
CA GLN A 404 2.56 -35.22 29.98
C GLN A 404 3.77 -34.96 30.83
N ASP A 405 4.88 -35.56 30.43
CA ASP A 405 6.13 -35.38 31.15
C ASP A 405 6.76 -34.02 30.83
N PHE A 406 7.46 -33.44 31.80
CA PHE A 406 8.11 -32.14 31.57
C PHE A 406 9.54 -32.26 31.03
N ARG A 407 9.62 -32.55 29.74
CA ARG A 407 10.89 -32.66 29.01
C ARG A 407 10.76 -31.76 27.77
N GLU A 408 11.89 -31.36 27.22
CA GLU A 408 11.87 -30.51 26.04
C GLU A 408 11.03 -31.11 24.90
N ASP A 409 11.28 -32.39 24.57
CA ASP A 409 10.59 -33.03 23.44
C ASP A 409 9.05 -33.06 23.54
N THR A 410 8.50 -33.22 24.74
CA THR A 410 7.04 -33.23 24.82
C THR A 410 6.55 -31.89 24.36
N ILE A 411 7.17 -30.85 24.89
CA ILE A 411 6.80 -29.50 24.51
C ILE A 411 7.01 -29.32 23.03
N ALA A 412 8.15 -29.79 22.54
CA ALA A 412 8.43 -29.68 21.11
C ALA A 412 7.29 -30.21 20.27
N ALA A 413 6.63 -31.27 20.75
CA ALA A 413 5.57 -31.91 19.98
C ALA A 413 4.25 -31.20 20.06
N ALA A 414 4.06 -30.39 21.09
CA ALA A 414 2.79 -29.69 21.22
C ALA A 414 2.79 -28.29 20.54
N LEU A 415 3.98 -27.78 20.21
CA LEU A 415 4.03 -26.44 19.63
C LEU A 415 2.91 -26.14 18.64
N PRO A 416 2.73 -27.01 17.65
CA PRO A 416 1.74 -26.73 16.61
C PRO A 416 0.40 -26.27 17.14
N LEU A 417 0.04 -26.69 18.36
CA LEU A 417 -1.28 -26.34 18.83
C LEU A 417 -1.40 -24.85 18.98
N LEU A 418 -0.24 -24.19 19.13
CA LEU A 418 -0.23 -22.73 19.26
C LEU A 418 -0.80 -22.07 18.01
N ALA A 419 -0.44 -22.61 16.83
CA ALA A 419 -1.03 -22.12 15.59
C ALA A 419 -2.53 -22.32 15.55
N GLN A 420 -3.10 -23.05 16.52
CA GLN A 420 -4.56 -23.20 16.54
C GLN A 420 -5.13 -22.24 17.57
N ASP A 421 -4.34 -21.98 18.62
CA ASP A 421 -4.78 -21.08 19.67
C ASP A 421 -4.76 -19.67 19.14
N PHE A 422 -3.74 -19.34 18.35
CA PHE A 422 -3.70 -17.99 17.76
C PHE A 422 -3.38 -17.84 16.26
N THR A 423 -3.79 -16.71 15.71
CA THR A 423 -3.43 -16.38 14.34
C THR A 423 -3.05 -14.91 14.24
N PRO A 424 -1.79 -14.71 14.56
CA PRO A 424 -1.22 -13.41 14.78
C PRO A 424 -1.23 -12.57 13.52
N LEU A 425 -1.06 -11.28 13.76
CA LEU A 425 -1.07 -10.22 12.80
C LEU A 425 0.33 -9.93 12.21
N SER A 426 0.39 -9.09 11.19
CA SER A 426 1.69 -8.61 10.73
C SER A 426 1.57 -7.14 10.80
N ASP A 427 2.65 -6.45 11.17
CA ASP A 427 2.65 -5.00 11.20
C ASP A 427 4.07 -4.56 11.34
N MET A 428 4.29 -3.26 11.56
CA MET A 428 5.61 -2.71 11.61
C MET A 428 6.51 -3.30 12.67
N ARG A 429 5.95 -3.79 13.77
CA ARG A 429 6.83 -4.42 14.78
C ARG A 429 7.35 -5.78 14.38
N ALA A 430 6.56 -6.54 13.64
CA ALA A 430 6.92 -7.94 13.38
C ALA A 430 5.99 -8.61 12.43
N SER A 431 6.50 -9.61 11.70
CA SER A 431 5.61 -10.37 10.81
C SER A 431 4.88 -11.44 11.59
N ALA A 432 3.71 -11.80 11.07
CA ALA A 432 2.94 -12.91 11.65
C ALA A 432 3.86 -14.13 11.79
N ALA A 433 4.65 -14.44 10.76
CA ALA A 433 5.37 -15.66 10.88
C ALA A 433 6.21 -15.54 12.11
N TYR A 434 6.91 -14.41 12.22
CA TYR A 434 7.83 -14.21 13.34
C TYR A 434 7.10 -14.24 14.68
N ARG A 435 5.97 -13.57 14.73
CA ARG A 435 5.27 -13.62 15.99
C ARG A 435 5.01 -15.05 16.33
N MET A 436 4.51 -15.80 15.37
CA MET A 436 4.08 -17.16 15.66
C MET A 436 5.27 -17.87 16.18
N ASN A 437 6.29 -17.94 15.35
CA ASN A 437 7.50 -18.65 15.68
C ASN A 437 8.06 -18.26 17.05
N ALA A 438 7.64 -17.10 17.54
CA ALA A 438 8.26 -16.59 18.75
C ALA A 438 7.50 -17.09 19.91
N ALA A 439 6.17 -17.05 19.80
CA ALA A 439 5.34 -17.70 20.81
C ALA A 439 5.84 -19.14 21.00
N GLN A 440 6.15 -19.81 19.90
CA GLN A 440 6.58 -21.18 20.05
C GLN A 440 7.92 -21.16 20.71
N ALA A 441 8.79 -20.23 20.34
CA ALA A 441 10.10 -20.21 20.97
C ALA A 441 10.06 -19.94 22.48
N MET A 442 9.05 -19.21 22.92
CA MET A 442 8.98 -18.92 24.36
C MET A 442 8.80 -20.20 25.15
N ALA A 443 8.01 -21.10 24.56
CA ALA A 443 7.76 -22.41 25.14
C ALA A 443 9.04 -23.19 25.23
N LEU A 444 9.85 -23.24 24.16
CA LEU A 444 11.10 -23.99 24.34
C LEU A 444 11.89 -23.32 25.41
N ARG A 445 11.80 -22.00 25.48
CA ARG A 445 12.63 -21.27 26.43
C ARG A 445 12.36 -21.78 27.83
N TYR A 446 11.10 -21.70 28.23
CA TYR A 446 10.65 -22.12 29.56
C TYR A 446 11.24 -23.46 30.04
N VAL A 447 11.11 -24.54 29.26
CA VAL A 447 11.74 -25.76 29.68
C VAL A 447 13.21 -25.52 29.81
N ARG A 448 13.85 -24.99 28.78
CA ARG A 448 15.28 -24.86 28.93
C ARG A 448 15.69 -24.08 30.20
N GLU A 449 14.98 -23.01 30.52
CA GLU A 449 15.35 -22.22 31.68
C GLU A 449 15.17 -23.04 32.96
N LEU A 450 13.95 -23.57 33.18
CA LEU A 450 13.67 -24.37 34.39
C LEU A 450 14.64 -25.52 34.57
N SER A 451 15.19 -26.00 33.46
CA SER A 451 16.12 -27.11 33.50
C SER A 451 17.51 -26.59 33.76
N GLY A 452 17.58 -25.35 34.21
CA GLY A 452 18.86 -24.72 34.51
C GLY A 452 19.81 -24.40 33.34
N GLU A 453 19.30 -24.08 32.17
CA GLU A 453 20.24 -23.86 31.08
C GLU A 453 20.47 -22.35 30.77
N ALA A 454 21.57 -21.97 30.16
CA ALA A 454 21.74 -20.52 29.90
C ALA A 454 20.89 -20.05 28.73
N VAL A 455 20.01 -19.12 29.01
CA VAL A 455 19.09 -18.75 27.98
C VAL A 455 18.94 -17.24 27.73
N ALA A 456 19.38 -16.42 28.67
CA ALA A 456 19.05 -15.00 28.55
C ALA A 456 20.23 -14.13 28.12
N VAL A 457 20.06 -13.48 26.97
CA VAL A 457 21.06 -12.62 26.40
C VAL A 457 21.42 -11.49 27.32
N LEU A 458 20.45 -10.99 28.07
CA LEU A 458 20.74 -9.95 29.04
C LEU A 458 21.54 -10.35 30.27
N GLU A 459 21.80 -11.63 30.49
CA GLU A 459 22.53 -12.01 31.67
C GLU A 459 23.96 -12.35 31.33
N VAL A 460 24.31 -12.20 30.07
CA VAL A 460 25.65 -12.47 29.61
C VAL A 460 26.59 -11.32 29.98
N MET A 461 27.65 -11.61 30.73
CA MET A 461 28.61 -10.55 31.06
C MET A 461 29.78 -10.62 30.08
N PRO A 462 30.32 -9.46 29.72
CA PRO A 462 31.52 -9.40 28.86
C PRO A 462 32.74 -10.02 29.53
N SER B 2 46.36 26.45 21.61
CA SER B 2 45.14 26.00 22.31
C SER B 2 44.62 24.76 21.61
N VAL B 3 44.98 24.70 20.37
CA VAL B 3 44.73 23.58 19.54
C VAL B 3 45.45 22.43 20.23
N GLY B 4 44.81 21.25 20.26
CA GLY B 4 45.38 20.09 20.89
C GLY B 4 44.87 19.83 22.31
N LYS B 5 44.31 20.85 22.97
CA LYS B 5 43.80 20.64 24.35
C LYS B 5 42.37 20.11 24.39
N PRO B 6 42.07 19.27 25.34
CA PRO B 6 40.73 18.70 25.48
C PRO B 6 39.72 19.60 26.23
N LEU B 7 39.32 20.66 25.54
CA LEU B 7 38.45 21.67 26.14
C LEU B 7 36.97 21.41 25.81
N PRO B 8 36.11 21.71 26.76
CA PRO B 8 34.65 21.54 26.62
C PRO B 8 34.02 22.34 25.51
N HIS B 9 32.84 21.87 25.13
CA HIS B 9 32.04 22.49 24.07
C HIS B 9 31.77 23.94 24.47
N ASP B 10 31.83 24.88 23.56
CA ASP B 10 31.57 26.29 23.90
C ASP B 10 30.32 26.51 24.71
N SER B 11 29.33 25.61 24.63
CA SER B 11 28.09 25.85 25.36
C SER B 11 27.73 24.84 26.44
N ALA B 12 28.74 24.14 26.93
CA ALA B 12 28.51 23.21 27.99
C ALA B 12 27.65 23.82 29.17
N ARG B 13 28.05 24.91 29.77
CA ARG B 13 27.35 25.29 30.96
C ARG B 13 25.90 25.64 30.59
N ALA B 14 25.72 26.42 29.55
CA ALA B 14 24.42 26.76 29.09
C ALA B 14 23.55 25.51 28.80
N HIS B 15 24.17 24.41 28.36
CA HIS B 15 23.42 23.23 28.03
C HIS B 15 22.93 22.64 29.33
N VAL B 16 23.80 22.64 30.30
CA VAL B 16 23.58 21.87 31.46
C VAL B 16 22.64 22.62 32.44
N THR B 17 22.48 23.91 32.25
CA THR B 17 21.56 24.66 33.12
C THR B 17 20.34 24.99 32.37
N GLY B 18 20.21 24.60 31.10
CA GLY B 18 18.95 24.87 30.44
C GLY B 18 18.86 26.33 30.06
N GLN B 19 20.00 26.97 29.95
CA GLN B 19 19.97 28.34 29.51
C GLN B 19 20.16 28.39 27.99
N ALA B 20 20.68 27.34 27.35
CA ALA B 20 20.99 27.45 25.94
C ALA B 20 19.72 27.60 25.13
N ARG B 21 19.57 28.61 24.29
CA ARG B 21 18.37 28.59 23.49
C ARG B 21 18.41 27.97 22.10
N TYR B 22 17.38 27.19 21.79
CA TYR B 22 17.13 26.66 20.47
C TYR B 22 15.96 27.43 19.85
N LEU B 23 15.78 27.30 18.55
CA LEU B 23 14.85 28.06 17.82
C LEU B 23 13.51 28.29 18.47
N ASP B 24 12.80 27.23 18.91
CA ASP B 24 11.49 27.41 19.58
C ASP B 24 11.55 28.08 20.93
N ASP B 25 12.74 28.32 21.49
CA ASP B 25 12.81 29.03 22.78
C ASP B 25 12.93 30.53 22.55
N LEU B 26 13.34 31.01 21.39
CA LEU B 26 13.46 32.47 21.22
C LEU B 26 12.20 33.23 21.61
N PRO B 27 12.40 34.36 22.27
CA PRO B 27 11.30 35.25 22.66
C PRO B 27 10.72 35.80 21.37
N CYS B 28 9.41 35.94 21.25
CA CYS B 28 8.90 36.61 20.08
C CYS B 28 7.68 37.46 20.38
N PRO B 29 7.38 38.39 19.50
CA PRO B 29 6.26 39.30 19.79
C PRO B 29 5.00 38.55 20.11
N ALA B 30 4.12 39.14 20.89
CA ALA B 30 2.79 38.59 21.14
C ALA B 30 2.01 38.31 19.87
N ASN B 31 2.13 39.10 18.82
CA ASN B 31 1.31 38.78 17.64
C ASN B 31 1.81 37.72 16.64
N THR B 32 2.77 36.90 17.03
CA THR B 32 3.37 35.94 16.17
C THR B 32 2.40 34.83 15.82
N LEU B 33 2.22 34.50 14.56
CA LEU B 33 1.43 33.34 14.19
C LEU B 33 2.22 32.07 14.21
N HIS B 34 1.43 30.97 14.15
CA HIS B 34 1.99 29.61 14.16
C HIS B 34 1.46 28.87 12.91
N LEU B 35 2.31 28.05 12.30
CA LEU B 35 1.91 27.45 11.04
C LEU B 35 1.90 25.97 11.07
N ALA B 36 1.09 25.34 10.23
CA ALA B 36 1.07 23.88 10.14
C ALA B 36 0.62 23.51 8.74
N PHE B 37 1.18 22.46 8.18
CA PHE B 37 0.82 22.05 6.80
C PHE B 37 -0.36 21.05 6.83
N GLY B 38 -1.21 21.00 5.78
CA GLY B 38 -2.24 19.99 5.60
C GLY B 38 -1.54 19.05 4.61
N LEU B 39 -1.54 17.74 4.92
CA LEU B 39 -0.81 16.76 4.14
C LEU B 39 -1.66 15.82 3.31
N SER B 40 -1.05 15.34 2.20
CA SER B 40 -1.76 14.49 1.29
C SER B 40 -1.95 13.17 1.98
N THR B 41 -3.12 12.56 1.84
CA THR B 41 -3.31 11.17 2.31
C THR B 41 -3.11 10.14 1.22
N GLU B 42 -2.65 10.53 0.02
CA GLU B 42 -2.47 9.58 -1.11
C GLU B 42 -1.05 9.51 -1.62
N ALA B 43 -0.55 8.33 -1.87
CA ALA B 43 0.80 8.22 -2.38
C ALA B 43 0.96 8.81 -3.79
N SER B 44 -0.11 8.78 -4.59
CA SER B 44 -0.02 9.27 -5.96
C SER B 44 -1.37 9.62 -6.56
N ALA B 45 -1.63 10.90 -6.81
CA ALA B 45 -2.94 11.19 -7.28
C ALA B 45 -3.05 12.57 -7.74
N ALA B 46 -4.06 12.85 -8.57
CA ALA B 46 -4.35 14.20 -8.98
C ALA B 46 -5.28 14.76 -7.93
N ILE B 47 -5.25 16.04 -7.64
CA ILE B 47 -6.15 16.57 -6.61
C ILE B 47 -7.31 17.15 -7.37
N THR B 48 -8.49 16.82 -6.91
CA THR B 48 -9.64 17.13 -7.75
C THR B 48 -10.53 18.19 -7.14
N GLY B 49 -10.59 18.15 -5.81
CA GLY B 49 -11.33 19.12 -5.05
C GLY B 49 -10.60 19.42 -3.76
N LEU B 50 -10.64 20.69 -3.39
CA LEU B 50 -9.97 21.15 -2.22
C LEU B 50 -10.85 22.15 -1.46
N ASP B 51 -11.68 21.66 -0.56
CA ASP B 51 -12.52 22.55 0.22
C ASP B 51 -11.81 22.95 1.52
N LEU B 52 -11.45 24.22 1.62
CA LEU B 52 -10.74 24.68 2.77
C LEU B 52 -11.62 25.46 3.73
N GLU B 53 -12.91 25.51 3.45
CA GLU B 53 -13.77 26.31 4.26
C GLU B 53 -13.76 25.95 5.74
N PRO B 54 -13.89 24.66 6.06
CA PRO B 54 -13.83 24.20 7.45
C PRO B 54 -12.49 24.58 8.08
N VAL B 55 -11.44 24.73 7.28
CA VAL B 55 -10.16 25.15 7.84
C VAL B 55 -10.28 26.62 8.24
N ARG B 56 -10.69 27.47 7.31
CA ARG B 56 -10.80 28.89 7.63
C ARG B 56 -11.72 29.08 8.81
N GLU B 57 -12.65 28.16 9.02
CA GLU B 57 -13.59 28.39 10.12
C GLU B 57 -13.10 27.82 11.43
N SER B 58 -11.99 27.11 11.42
CA SER B 58 -11.46 26.55 12.64
C SER B 58 -10.94 27.67 13.58
N PRO B 59 -11.14 27.48 14.86
CA PRO B 59 -10.80 28.51 15.85
C PRO B 59 -9.36 28.99 15.79
N GLY B 60 -9.16 30.29 15.90
CA GLY B 60 -7.82 30.81 15.97
C GLY B 60 -7.09 30.90 14.64
N VAL B 61 -7.76 30.61 13.55
CA VAL B 61 -7.05 30.57 12.31
C VAL B 61 -7.10 31.90 11.64
N ILE B 62 -5.96 32.39 11.15
CA ILE B 62 -5.93 33.69 10.53
C ILE B 62 -5.86 33.69 8.99
N ALA B 63 -5.07 32.80 8.43
CA ALA B 63 -4.93 32.75 6.96
C ALA B 63 -4.66 31.32 6.63
N VAL B 64 -5.02 30.92 5.40
CA VAL B 64 -4.82 29.57 4.89
C VAL B 64 -4.21 29.67 3.51
N PHE B 65 -3.23 28.85 3.14
CA PHE B 65 -2.60 29.09 1.84
C PHE B 65 -2.52 27.84 0.99
N THR B 66 -2.42 28.06 -0.30
CA THR B 66 -2.44 27.02 -1.31
C THR B 66 -1.41 27.47 -2.31
N ALA B 67 -0.90 26.53 -3.11
CA ALA B 67 0.03 26.86 -4.19
C ALA B 67 -0.37 28.10 -5.00
N ALA B 68 -1.65 28.32 -5.18
CA ALA B 68 -2.02 29.48 -5.98
C ALA B 68 -1.85 30.76 -5.17
N ASP B 69 -1.59 30.63 -3.87
CA ASP B 69 -1.38 31.87 -3.12
C ASP B 69 0.07 32.21 -3.14
N LEU B 70 0.91 31.28 -3.56
CA LEU B 70 2.32 31.59 -3.52
C LEU B 70 2.63 32.77 -4.42
N PRO B 71 3.16 33.84 -3.89
CA PRO B 71 3.40 35.01 -4.71
C PRO B 71 4.42 34.81 -5.84
N HIS B 72 5.40 33.94 -5.65
CA HIS B 72 6.48 33.79 -6.62
C HIS B 72 6.89 32.34 -6.81
N ASP B 73 8.15 31.99 -6.60
CA ASP B 73 8.53 30.59 -6.69
C ASP B 73 7.84 29.70 -5.69
N ASN B 74 7.63 28.46 -6.08
CA ASN B 74 7.08 27.42 -5.22
C ASN B 74 8.04 26.27 -5.40
N ASP B 75 9.19 26.28 -4.73
CA ASP B 75 10.25 25.29 -4.99
C ASP B 75 11.32 25.16 -3.90
N ALA B 76 11.26 24.11 -3.08
CA ALA B 76 12.26 23.95 -2.02
C ALA B 76 13.54 23.11 -2.29
N SER B 77 13.65 22.56 -3.49
CA SER B 77 14.76 21.68 -3.83
C SER B 77 16.14 22.31 -3.79
N PRO B 78 17.09 21.52 -3.33
CA PRO B 78 18.48 21.88 -3.33
C PRO B 78 19.10 21.52 -4.69
N ALA B 79 18.29 21.26 -5.68
CA ALA B 79 18.84 20.78 -6.91
C ALA B 79 18.13 21.43 -8.07
N PRO B 80 18.65 21.27 -9.28
CA PRO B 80 18.05 21.94 -10.43
C PRO B 80 16.61 21.55 -10.68
N SER B 81 16.15 20.33 -10.41
CA SER B 81 14.74 20.06 -10.63
C SER B 81 13.89 20.44 -9.41
N PRO B 82 12.76 21.04 -9.67
CA PRO B 82 11.92 21.60 -8.63
C PRO B 82 11.16 20.60 -7.78
N GLU B 83 10.93 20.99 -6.54
CA GLU B 83 10.18 20.26 -5.54
C GLU B 83 9.26 21.33 -4.98
N PRO B 84 7.97 21.28 -5.27
CA PRO B 84 7.06 22.33 -4.78
C PRO B 84 7.01 22.32 -3.25
N VAL B 85 6.66 23.45 -2.66
CA VAL B 85 6.52 23.53 -1.25
C VAL B 85 5.09 23.18 -1.02
N LEU B 86 4.15 23.82 -1.70
CA LEU B 86 2.76 23.34 -1.66
C LEU B 86 2.41 22.58 -2.94
N ALA B 87 1.77 21.44 -2.81
CA ALA B 87 1.31 20.63 -3.92
C ALA B 87 0.63 21.37 -5.09
N THR B 88 1.08 21.05 -6.30
CA THR B 88 0.52 21.71 -7.45
C THR B 88 -0.38 20.83 -8.22
N GLY B 89 -1.61 20.67 -7.78
CA GLY B 89 -2.57 19.91 -8.57
C GLY B 89 -2.42 18.41 -8.43
N GLU B 90 -1.28 17.93 -7.95
CA GLU B 90 -1.13 16.48 -7.76
C GLU B 90 -0.23 16.27 -6.55
N VAL B 91 -0.22 15.07 -6.01
CA VAL B 91 0.58 14.77 -4.87
C VAL B 91 1.47 13.61 -5.21
N HIS B 92 2.57 13.41 -4.47
CA HIS B 92 3.41 12.28 -4.87
C HIS B 92 3.80 11.39 -3.70
N PHE B 93 3.30 11.67 -2.53
CA PHE B 93 3.56 10.72 -1.53
C PHE B 93 2.66 10.97 -0.35
N VAL B 94 2.56 10.03 0.59
CA VAL B 94 1.66 10.26 1.71
C VAL B 94 2.44 11.08 2.66
N GLY B 95 2.02 12.31 2.81
CA GLY B 95 2.78 13.26 3.58
C GLY B 95 3.03 14.56 2.83
N GLN B 96 2.88 14.59 1.50
CA GLN B 96 3.20 15.85 0.84
C GLN B 96 2.32 17.02 1.30
N PRO B 97 2.95 18.12 1.66
CA PRO B 97 2.15 19.28 2.12
C PRO B 97 1.31 19.79 0.96
N ILE B 98 0.07 20.13 1.24
CA ILE B 98 -0.81 20.65 0.22
C ILE B 98 -1.31 21.99 0.59
N PHE B 99 -1.54 22.29 1.85
CA PHE B 99 -1.88 23.67 2.14
C PHE B 99 -1.25 24.12 3.44
N LEU B 100 -1.33 25.41 3.74
CA LEU B 100 -0.64 25.96 4.86
C LEU B 100 -1.59 26.82 5.70
N VAL B 101 -1.63 26.56 7.01
CA VAL B 101 -2.44 27.31 7.97
C VAL B 101 -1.62 28.12 8.96
N ALA B 102 -2.04 29.36 9.17
CA ALA B 102 -1.40 30.30 10.12
C ALA B 102 -2.46 30.58 11.11
N ALA B 103 -2.21 30.34 12.39
CA ALA B 103 -3.25 30.48 13.38
C ALA B 103 -2.59 31.13 14.57
N THR B 104 -3.30 31.36 15.66
CA THR B 104 -2.70 32.08 16.76
C THR B 104 -2.11 31.14 17.72
N SER B 105 -2.05 29.85 17.40
CA SER B 105 -1.28 28.94 18.21
C SER B 105 -0.92 27.69 17.42
N HIS B 106 0.18 27.04 17.81
CA HIS B 106 0.64 25.82 17.23
C HIS B 106 -0.50 24.82 17.29
N ARG B 107 -1.10 24.54 18.45
CA ARG B 107 -2.20 23.55 18.44
C ARG B 107 -3.29 24.00 17.47
N ALA B 108 -3.76 25.22 17.65
CA ALA B 108 -4.82 25.60 16.79
C ALA B 108 -4.36 25.39 15.33
N ALA B 109 -3.10 25.56 15.03
CA ALA B 109 -2.80 25.28 13.63
C ALA B 109 -2.96 23.83 13.28
N ARG B 110 -2.47 22.94 14.12
CA ARG B 110 -2.48 21.53 13.81
C ARG B 110 -3.92 21.08 13.61
N ILE B 111 -4.75 21.46 14.58
CA ILE B 111 -6.13 21.08 14.56
C ILE B 111 -6.74 21.52 13.25
N ALA B 112 -6.55 22.76 12.87
CA ALA B 112 -7.18 23.16 11.62
C ALA B 112 -6.63 22.40 10.47
N ALA B 113 -5.36 22.09 10.53
CA ALA B 113 -4.77 21.42 9.40
C ALA B 113 -5.44 20.07 9.23
N ARG B 114 -6.26 19.63 10.17
CA ARG B 114 -6.88 18.33 9.90
C ARG B 114 -8.33 18.37 9.33
N LYS B 115 -8.84 19.53 8.97
CA LYS B 115 -10.25 19.62 8.66
C LYS B 115 -10.52 19.86 7.20
N ALA B 116 -9.55 19.73 6.34
CA ALA B 116 -9.88 20.00 4.97
C ALA B 116 -10.60 18.82 4.35
N ARG B 117 -11.30 19.11 3.26
CA ARG B 117 -12.02 18.08 2.49
C ARG B 117 -11.39 18.09 1.12
N ILE B 118 -10.66 17.03 0.82
CA ILE B 118 -9.84 16.98 -0.36
C ILE B 118 -10.38 15.80 -1.12
N THR B 119 -10.53 15.94 -2.44
CA THR B 119 -10.90 14.79 -3.19
C THR B 119 -9.73 14.47 -4.09
N TYR B 120 -9.40 13.20 -4.23
CA TYR B 120 -8.35 12.81 -5.12
C TYR B 120 -8.77 11.87 -6.27
N ALA B 121 -7.98 11.86 -7.33
CA ALA B 121 -8.10 10.88 -8.41
C ALA B 121 -6.84 10.01 -8.36
N PRO B 122 -6.88 8.94 -7.59
CA PRO B 122 -5.70 8.08 -7.44
C PRO B 122 -5.15 7.54 -8.71
N ARG B 123 -3.85 7.22 -8.66
CA ARG B 123 -3.12 6.68 -9.79
C ARG B 123 -2.20 5.60 -9.25
N PRO B 124 -1.78 4.69 -10.09
CA PRO B 124 -0.86 3.60 -9.68
C PRO B 124 0.38 4.15 -9.01
N ALA B 125 0.78 3.60 -7.86
CA ALA B 125 1.87 4.21 -7.13
C ALA B 125 3.11 3.43 -7.24
N ILE B 126 4.27 4.05 -7.40
CA ILE B 126 5.48 3.26 -7.30
C ILE B 126 6.13 3.18 -5.89
N LEU B 127 5.95 2.07 -5.17
CA LEU B 127 6.60 1.96 -3.87
C LEU B 127 7.78 0.97 -3.71
N THR B 128 8.14 0.21 -4.71
CA THR B 128 9.25 -0.72 -4.45
C THR B 128 10.34 -0.54 -5.50
N LEU B 129 11.58 -0.78 -5.13
CA LEU B 129 12.61 -0.73 -6.12
C LEU B 129 12.09 -1.47 -7.36
N ASP B 130 11.60 -2.70 -7.17
CA ASP B 130 11.19 -3.54 -8.29
C ASP B 130 10.15 -2.80 -9.12
N GLN B 131 9.11 -2.34 -8.48
CA GLN B 131 8.18 -1.51 -9.25
C GLN B 131 8.94 -0.38 -10.02
N ALA B 132 9.90 0.24 -9.36
CA ALA B 132 10.57 1.34 -10.00
C ALA B 132 11.33 0.91 -11.25
N LEU B 133 11.98 -0.23 -11.14
CA LEU B 133 12.79 -0.73 -12.24
C LEU B 133 11.79 -1.10 -13.38
N ALA B 134 10.74 -1.81 -13.00
CA ALA B 134 9.80 -2.22 -14.01
C ALA B 134 9.35 -1.03 -14.79
N ALA B 135 9.02 0.03 -14.07
CA ALA B 135 8.39 1.21 -14.67
C ALA B 135 9.38 2.13 -15.25
N ASP B 136 10.66 1.89 -14.97
CA ASP B 136 11.76 2.82 -15.43
C ASP B 136 11.54 4.19 -14.79
N SER B 137 11.09 4.20 -13.54
CA SER B 137 10.95 5.42 -12.82
C SER B 137 12.34 5.79 -12.21
N ARG B 138 13.00 6.81 -12.72
CA ARG B 138 14.33 7.09 -12.20
C ARG B 138 14.76 8.51 -12.39
N PHE B 139 15.89 8.87 -11.76
CA PHE B 139 16.51 10.20 -11.94
C PHE B 139 17.77 10.06 -12.82
N GLU B 140 18.17 11.15 -13.49
CA GLU B 140 19.33 11.14 -14.39
C GLU B 140 19.13 10.30 -15.69
N GLY B 141 17.89 10.20 -16.17
CA GLY B 141 17.54 9.40 -17.34
C GLY B 141 18.44 8.23 -17.64
N GLY B 142 18.56 7.24 -16.74
CA GLY B 142 19.41 6.05 -16.94
C GLY B 142 20.47 5.84 -15.86
N PRO B 143 20.98 4.62 -15.69
CA PRO B 143 21.96 4.36 -14.59
C PRO B 143 23.26 5.07 -14.80
N VAL B 144 24.14 5.09 -13.80
CA VAL B 144 25.50 5.67 -13.93
C VAL B 144 26.40 4.46 -13.78
N ILE B 145 27.43 4.35 -14.60
CA ILE B 145 28.30 3.19 -14.60
C ILE B 145 29.71 3.64 -14.66
N TRP B 146 30.54 3.11 -13.78
CA TRP B 146 31.97 3.40 -13.79
C TRP B 146 32.66 2.09 -13.79
N ALA B 147 33.80 2.06 -14.47
CA ALA B 147 34.54 0.84 -14.63
C ALA B 147 36.02 1.07 -14.72
N ARG B 148 36.76 0.25 -13.99
CA ARG B 148 38.20 0.25 -14.08
C ARG B 148 38.58 -1.13 -14.55
N GLY B 149 39.37 -1.22 -15.62
CA GLY B 149 39.76 -2.52 -16.16
C GLY B 149 38.57 -3.34 -16.67
N ASP B 150 38.71 -4.69 -16.68
CA ASP B 150 37.64 -5.54 -17.21
C ASP B 150 37.17 -6.69 -16.30
N VAL B 151 36.16 -6.41 -15.50
CA VAL B 151 35.66 -7.35 -14.49
C VAL B 151 35.28 -8.72 -14.93
N GLU B 152 34.36 -8.79 -15.88
CA GLU B 152 33.91 -10.08 -16.36
C GLU B 152 35.13 -10.89 -16.76
N THR B 153 36.08 -10.31 -17.48
CA THR B 153 37.27 -11.09 -17.73
C THR B 153 37.88 -11.53 -16.41
N ALA B 154 38.10 -10.61 -15.48
CA ALA B 154 38.77 -11.02 -14.24
C ALA B 154 38.00 -12.05 -13.41
N LEU B 155 36.68 -11.93 -13.36
CA LEU B 155 35.88 -12.89 -12.63
C LEU B 155 35.69 -14.24 -13.30
N ALA B 156 35.85 -14.30 -14.61
CA ALA B 156 35.73 -15.58 -15.26
C ALA B 156 36.93 -16.47 -14.92
N GLY B 157 38.12 -15.88 -14.78
CA GLY B 157 39.32 -16.67 -14.48
C GLY B 157 39.71 -16.70 -13.00
N ALA B 158 38.74 -16.74 -12.11
CA ALA B 158 39.07 -16.59 -10.71
C ALA B 158 39.01 -17.83 -9.84
N ALA B 159 40.10 -18.10 -9.14
CA ALA B 159 40.14 -19.26 -8.28
C ALA B 159 38.92 -19.30 -7.32
N HIS B 160 38.57 -18.15 -6.75
CA HIS B 160 37.42 -18.14 -5.84
C HIS B 160 36.49 -17.05 -6.15
N LEU B 161 35.21 -17.29 -5.82
CA LEU B 161 34.20 -16.37 -6.23
C LEU B 161 32.96 -16.35 -5.32
N ALA B 162 32.37 -15.18 -5.15
CA ALA B 162 31.18 -15.10 -4.32
C ALA B 162 30.20 -14.12 -4.93
N GLU B 163 28.96 -14.56 -5.05
CA GLU B 163 27.88 -13.78 -5.62
C GLU B 163 26.83 -13.62 -4.51
N GLY B 164 26.19 -12.47 -4.44
CA GLY B 164 25.22 -12.31 -3.42
C GLY B 164 24.46 -11.06 -3.64
N CYS B 165 23.38 -10.95 -2.88
CA CYS B 165 22.47 -9.84 -2.97
C CYS B 165 21.93 -9.46 -1.60
N PHE B 166 21.91 -8.19 -1.25
CA PHE B 166 21.39 -7.90 0.08
C PHE B 166 20.82 -6.51 0.30
N GLU B 167 19.81 -6.41 1.16
CA GLU B 167 19.15 -5.14 1.39
C GLU B 167 19.82 -4.35 2.48
N ILE B 168 19.76 -3.02 2.38
CA ILE B 168 20.26 -2.17 3.43
C ILE B 168 19.20 -1.13 3.65
N GLY B 169 18.58 -1.12 4.82
CA GLY B 169 17.46 -0.22 5.05
C GLY B 169 17.85 1.20 5.32
N GLY B 170 16.87 2.09 5.31
CA GLY B 170 17.19 3.50 5.47
C GLY B 170 17.41 3.82 6.93
N GLN B 171 17.24 5.08 7.33
CA GLN B 171 17.48 5.50 8.72
C GLN B 171 16.87 6.86 8.87
N GLU B 172 16.22 7.10 9.98
CA GLU B 172 15.67 8.41 10.24
C GLU B 172 16.67 9.17 11.12
N HIS B 173 16.87 10.45 10.88
CA HIS B 173 17.84 11.22 11.63
C HIS B 173 17.57 11.25 13.13
N PHE B 174 16.33 11.55 13.47
CA PHE B 174 15.97 11.66 14.87
C PHE B 174 16.80 12.65 15.64
N TYR B 175 16.91 13.86 15.11
CA TYR B 175 17.55 14.94 15.79
C TYR B 175 16.57 15.27 16.93
N LEU B 176 17.05 15.36 18.17
CA LEU B 176 16.15 15.68 19.24
C LEU B 176 15.43 17.03 19.01
N GLU B 177 16.05 18.04 18.41
CA GLU B 177 15.26 19.27 18.19
C GLU B 177 14.62 19.15 16.77
N GLY B 178 13.33 19.39 16.62
CA GLY B 178 12.67 19.13 15.35
C GLY B 178 12.84 20.26 14.36
N GLN B 179 12.58 20.09 13.06
CA GLN B 179 12.71 21.19 12.15
C GLN B 179 11.95 22.40 12.66
N ALA B 180 12.42 23.62 12.42
CA ALA B 180 11.74 24.77 12.92
C ALA B 180 12.29 26.05 12.34
N ALA B 181 11.43 27.06 12.16
CA ALA B 181 11.93 28.33 11.68
C ALA B 181 11.01 29.51 12.10
N LEU B 182 11.48 30.72 11.93
CA LEU B 182 10.75 31.87 12.39
C LEU B 182 11.11 33.03 11.43
N ALA B 183 10.11 33.77 10.97
CA ALA B 183 10.36 34.82 10.02
C ALA B 183 9.76 36.09 10.59
N LEU B 184 10.54 37.15 10.55
CA LEU B 184 10.14 38.46 11.02
C LEU B 184 10.23 39.48 9.86
N PRO B 185 9.13 40.01 9.46
CA PRO B 185 9.13 41.14 8.50
C PRO B 185 10.11 42.19 8.97
N ALA B 186 10.91 42.75 8.08
CA ALA B 186 11.87 43.76 8.47
C ALA B 186 11.94 44.77 7.33
N GLU B 187 10.97 45.67 7.30
CA GLU B 187 10.86 46.76 6.35
C GLU B 187 11.50 46.51 5.00
N GLY B 188 10.72 45.88 4.14
CA GLY B 188 11.23 45.61 2.86
C GLY B 188 11.64 44.18 2.78
N GLY B 189 12.38 43.65 3.78
CA GLY B 189 12.93 42.33 3.67
C GLY B 189 12.49 41.52 4.85
N VAL B 190 13.20 40.42 5.12
CA VAL B 190 12.88 39.59 6.23
C VAL B 190 14.09 39.08 6.92
N VAL B 191 13.91 38.64 8.14
CA VAL B 191 14.98 38.06 8.86
C VAL B 191 14.44 36.69 9.17
N ILE B 192 15.18 35.64 8.86
CA ILE B 192 14.74 34.33 9.21
C ILE B 192 15.65 33.78 10.26
N HIS B 193 15.08 33.17 11.29
CA HIS B 193 15.87 32.43 12.23
C HIS B 193 15.48 30.99 11.94
N CYS B 194 16.43 30.06 11.85
CA CYS B 194 15.99 28.73 11.59
C CYS B 194 16.93 27.75 12.21
N SER B 195 16.65 26.49 12.06
CA SER B 195 17.45 25.50 12.64
C SER B 195 17.96 24.68 11.43
N SER B 196 19.06 25.07 10.87
CA SER B 196 19.46 24.49 9.63
C SER B 196 20.99 24.43 9.48
N GLN B 197 21.52 23.45 8.74
CA GLN B 197 22.94 23.34 8.44
C GLN B 197 23.29 24.21 7.26
N HIS B 198 22.36 24.91 6.67
CA HIS B 198 22.74 25.57 5.46
C HIS B 198 22.02 26.94 5.26
N PRO B 199 22.24 27.89 6.17
CA PRO B 199 21.59 29.19 6.09
C PRO B 199 21.68 29.84 4.74
N SER B 200 22.77 29.80 3.95
CA SER B 200 22.82 30.46 2.60
C SER B 200 21.79 29.87 1.62
N GLU B 201 21.54 28.59 1.73
CA GLU B 201 20.48 28.10 0.90
C GLU B 201 19.11 28.59 1.39
N ILE B 202 18.97 28.76 2.71
CA ILE B 202 17.68 29.15 3.21
C ILE B 202 17.54 30.53 2.64
N GLN B 203 18.61 31.32 2.71
CA GLN B 203 18.53 32.67 2.21
C GLN B 203 18.05 32.68 0.74
N HIS B 204 18.66 31.85 -0.08
CA HIS B 204 18.44 31.78 -1.47
C HIS B 204 16.99 31.39 -1.71
N LYS B 205 16.56 30.28 -1.11
CA LYS B 205 15.17 29.85 -1.34
C LYS B 205 14.11 30.80 -0.83
N VAL B 206 14.32 31.49 0.29
CA VAL B 206 13.31 32.41 0.77
C VAL B 206 13.25 33.58 -0.21
N ALA B 207 14.42 34.10 -0.59
CA ALA B 207 14.45 35.22 -1.51
C ALA B 207 13.64 34.88 -2.76
N HIS B 208 13.81 33.64 -3.25
CA HIS B 208 13.11 33.37 -4.49
C HIS B 208 11.67 33.26 -4.17
N ALA B 209 11.30 32.72 -3.02
CA ALA B 209 9.90 32.60 -2.77
C ALA B 209 9.27 33.96 -2.67
N LEU B 210 10.03 35.01 -2.35
CA LEU B 210 9.42 36.29 -2.04
C LEU B 210 9.61 37.31 -3.13
N GLY B 211 10.35 36.99 -4.19
CA GLY B 211 10.65 37.96 -5.26
C GLY B 211 11.65 39.05 -4.85
N LEU B 212 12.61 38.71 -3.96
CA LEU B 212 13.55 39.68 -3.40
C LEU B 212 14.99 39.40 -3.80
N ALA B 213 15.80 40.41 -3.99
CA ALA B 213 17.19 40.11 -4.16
C ALA B 213 17.75 39.53 -2.82
N PHE B 214 18.81 38.70 -2.90
CA PHE B 214 19.39 38.13 -1.72
C PHE B 214 19.71 39.13 -0.65
N HIS B 215 20.06 40.35 -1.01
CA HIS B 215 20.45 41.25 0.02
C HIS B 215 19.29 41.69 0.85
N ASP B 216 18.09 41.29 0.56
CA ASP B 216 17.01 41.67 1.45
C ASP B 216 16.50 40.57 2.39
N VAL B 217 17.28 39.52 2.62
CA VAL B 217 16.87 38.41 3.41
C VAL B 217 18.14 38.01 4.20
N ARG B 218 18.05 37.90 5.51
CA ARG B 218 19.17 37.66 6.31
C ARG B 218 18.81 36.42 7.09
N VAL B 219 19.74 35.45 7.26
CA VAL B 219 19.42 34.25 8.01
C VAL B 219 20.35 34.06 9.17
N GLU B 220 19.85 33.91 10.37
CA GLU B 220 20.73 33.73 11.48
C GLU B 220 20.45 32.43 12.05
N MET B 221 21.43 31.78 12.57
CA MET B 221 21.17 30.49 13.14
C MET B 221 22.26 30.26 14.24
N ARG B 222 21.91 30.07 15.50
CA ARG B 222 22.98 30.05 16.53
C ARG B 222 23.37 28.62 16.92
N ARG B 223 22.43 27.70 16.81
CA ARG B 223 22.74 26.33 17.18
C ARG B 223 21.51 25.45 16.76
N MET B 224 21.75 24.20 16.44
CA MET B 224 20.69 23.26 16.19
C MET B 224 20.82 22.16 17.26
N GLY B 225 19.73 21.61 17.74
CA GLY B 225 19.87 20.44 18.57
C GLY B 225 19.97 19.23 17.69
N GLY B 226 20.97 19.10 16.86
CA GLY B 226 21.13 17.89 16.11
C GLY B 226 20.80 18.12 14.67
N GLY B 227 21.62 17.57 13.80
CA GLY B 227 21.41 17.69 12.39
C GLY B 227 21.67 16.37 11.67
N PHE B 228 22.87 15.85 11.70
CA PHE B 228 23.15 14.61 11.04
C PHE B 228 22.78 14.62 9.57
N GLY B 229 22.70 15.79 8.96
CA GLY B 229 22.50 15.80 7.54
C GLY B 229 21.07 16.04 7.26
N GLY B 230 20.19 15.73 8.23
CA GLY B 230 18.78 16.00 8.01
C GLY B 230 18.40 17.46 7.91
N LYS B 231 19.36 18.37 8.11
CA LYS B 231 18.96 19.75 8.00
C LYS B 231 19.76 20.46 7.01
N GLU B 232 20.40 19.70 6.14
CA GLU B 232 21.15 20.27 5.02
C GLU B 232 20.16 20.95 4.12
N SER B 233 18.93 20.48 4.05
CA SER B 233 18.02 21.09 3.10
C SER B 233 16.53 21.10 3.46
N GLN B 234 16.08 20.08 4.19
CA GLN B 234 14.69 20.03 4.55
C GLN B 234 14.38 21.21 5.46
N GLY B 235 15.33 22.04 5.79
CA GLY B 235 14.91 23.27 6.42
C GLY B 235 14.18 24.21 5.43
N ASN B 236 14.48 24.11 4.13
CA ASN B 236 13.86 24.99 3.13
C ASN B 236 12.37 25.17 3.21
N HIS B 237 11.57 24.10 3.37
CA HIS B 237 10.09 24.24 3.47
C HIS B 237 9.61 25.09 4.61
N LEU B 238 10.09 24.84 5.81
CA LEU B 238 9.58 25.66 6.90
C LEU B 238 9.87 27.13 6.66
N ALA B 239 11.10 27.43 6.20
CA ALA B 239 11.49 28.83 6.10
C ALA B 239 10.64 29.46 5.03
N ILE B 240 10.52 28.76 3.89
CA ILE B 240 9.74 29.35 2.81
C ILE B 240 8.36 29.68 3.35
N ALA B 241 7.79 28.74 4.08
CA ALA B 241 6.42 28.93 4.54
C ALA B 241 6.32 30.06 5.48
N CYS B 242 7.24 30.17 6.44
CA CYS B 242 7.17 31.32 7.34
C CYS B 242 7.30 32.64 6.57
N ALA B 243 8.26 32.72 5.66
CA ALA B 243 8.42 33.96 4.92
C ALA B 243 7.14 34.30 4.17
N VAL B 244 6.54 33.33 3.48
CA VAL B 244 5.36 33.63 2.71
C VAL B 244 4.21 34.06 3.64
N ALA B 245 3.90 33.30 4.68
CA ALA B 245 2.89 33.75 5.66
C ALA B 245 3.20 35.10 6.18
N ALA B 246 4.46 35.38 6.48
CA ALA B 246 4.76 36.68 7.06
C ALA B 246 4.49 37.78 6.12
N ARG B 247 4.88 37.63 4.86
CA ARG B 247 4.67 38.65 3.89
C ARG B 247 3.16 38.91 3.78
N ALA B 248 2.36 37.87 3.84
CA ALA B 248 0.94 38.09 3.63
C ALA B 248 0.18 38.62 4.87
N THR B 249 0.53 38.16 6.07
CA THR B 249 -0.25 38.62 7.22
C THR B 249 0.38 39.82 7.85
N GLY B 250 1.52 40.27 7.39
CA GLY B 250 2.06 41.38 8.14
C GLY B 250 2.60 40.97 9.49
N ARG B 251 2.63 39.67 9.82
CA ARG B 251 3.19 39.40 11.10
C ARG B 251 4.29 38.34 11.17
N PRO B 252 5.06 38.37 12.26
CA PRO B 252 6.10 37.37 12.50
C PRO B 252 5.45 36.02 12.39
N CYS B 253 6.08 35.02 11.82
CA CYS B 253 5.48 33.70 11.70
C CYS B 253 6.45 32.55 12.04
N LYS B 254 6.08 31.67 12.95
CA LYS B 254 6.90 30.53 13.40
C LYS B 254 6.29 29.20 12.94
N MET B 255 7.12 28.26 12.52
CA MET B 255 6.65 26.93 12.25
C MET B 255 7.50 25.82 12.83
N ARG B 256 6.96 24.96 13.67
CA ARG B 256 7.78 23.83 14.05
C ARG B 256 7.05 22.52 13.70
N TYR B 257 7.72 21.47 13.25
CA TYR B 257 6.99 20.27 13.04
C TYR B 257 6.88 19.50 14.31
N ASP B 258 5.71 19.01 14.59
CA ASP B 258 5.52 18.13 15.67
C ASP B 258 6.13 16.85 15.23
N ARG B 259 6.67 16.05 16.12
CA ARG B 259 7.41 14.90 15.70
C ARG B 259 6.85 14.04 14.58
N ASP B 260 5.61 13.57 14.72
CA ASP B 260 4.99 12.75 13.70
C ASP B 260 5.03 13.40 12.34
N ASP B 261 4.60 14.65 12.24
CA ASP B 261 4.75 15.36 10.98
C ASP B 261 6.22 15.31 10.51
N ASP B 262 7.17 15.55 11.41
CA ASP B 262 8.55 15.57 10.97
C ASP B 262 8.91 14.27 10.24
N MET B 263 8.56 13.13 10.81
CA MET B 263 8.90 11.85 10.20
C MET B 263 8.09 11.53 8.94
N VAL B 264 6.94 12.11 8.82
CA VAL B 264 6.17 11.82 7.64
C VAL B 264 6.54 12.75 6.48
N ILE B 265 6.98 13.98 6.78
CA ILE B 265 7.32 14.91 5.72
C ILE B 265 8.76 14.83 5.24
N THR B 266 9.72 14.72 6.16
CA THR B 266 11.12 14.80 5.73
C THR B 266 11.73 13.57 5.14
N GLY B 267 12.92 13.70 4.58
CA GLY B 267 13.61 12.57 3.96
C GLY B 267 14.43 11.75 4.96
N LYS B 268 15.01 10.62 4.51
CA LYS B 268 15.78 9.74 5.38
C LYS B 268 16.98 9.33 4.59
N ARG B 269 17.89 8.56 5.19
CA ARG B 269 19.02 7.95 4.48
C ARG B 269 18.40 7.10 3.41
N HIS B 270 18.99 7.09 2.24
CA HIS B 270 18.51 6.29 1.12
C HIS B 270 18.64 4.82 1.45
N ASP B 271 17.56 4.00 1.37
CA ASP B 271 17.81 2.54 1.39
C ASP B 271 18.44 1.99 0.07
N PHE B 272 19.29 0.99 0.18
CA PHE B 272 19.92 0.39 -0.99
C PHE B 272 19.64 -1.08 -1.17
N ARG B 273 19.68 -1.50 -2.42
CA ARG B 273 19.79 -2.94 -2.66
C ARG B 273 21.16 -3.05 -3.32
N ILE B 274 21.96 -3.97 -2.82
CA ILE B 274 23.27 -4.17 -3.42
C ILE B 274 23.50 -5.58 -3.92
N ARG B 275 23.91 -5.68 -5.19
CA ARG B 275 24.16 -7.00 -5.86
C ARG B 275 25.63 -7.02 -6.09
N TYR B 276 26.31 -8.08 -5.69
CA TYR B 276 27.73 -8.13 -5.92
C TYR B 276 28.26 -9.47 -6.48
N ARG B 277 29.42 -9.41 -7.14
CA ARG B 277 30.18 -10.58 -7.56
C ARG B 277 31.58 -10.16 -7.24
N ILE B 278 32.28 -10.95 -6.47
CA ILE B 278 33.65 -10.58 -6.21
C ILE B 278 34.57 -11.83 -6.30
N GLY B 279 35.82 -11.64 -6.63
CA GLY B 279 36.68 -12.80 -6.74
C GLY B 279 38.14 -12.61 -6.42
N ALA B 280 38.77 -13.74 -6.12
CA ALA B 280 40.16 -13.65 -5.83
C ALA B 280 41.04 -14.75 -6.39
N ASP B 281 42.30 -14.40 -6.29
CA ASP B 281 43.52 -15.15 -6.52
C ASP B 281 43.51 -16.41 -5.63
N ALA B 282 44.50 -17.27 -5.80
CA ALA B 282 44.58 -18.41 -4.91
C ALA B 282 45.22 -17.93 -3.61
N SER B 283 46.09 -16.94 -3.71
CA SER B 283 46.74 -16.42 -2.50
C SER B 283 45.77 -15.56 -1.68
N GLY B 284 44.76 -15.04 -2.35
CA GLY B 284 43.76 -14.26 -1.65
C GLY B 284 43.68 -12.80 -2.10
N LYS B 285 44.57 -12.38 -2.99
CA LYS B 285 44.47 -11.06 -3.53
C LYS B 285 43.22 -10.96 -4.37
N LEU B 286 42.45 -9.90 -4.17
CA LEU B 286 41.30 -9.65 -5.02
C LEU B 286 41.67 -9.51 -6.46
N LEU B 287 40.76 -9.94 -7.34
CA LEU B 287 40.93 -9.79 -8.76
C LEU B 287 39.89 -8.82 -9.32
N GLY B 288 38.74 -8.75 -8.67
CA GLY B 288 37.74 -7.90 -9.25
C GLY B 288 36.48 -7.92 -8.46
N ALA B 289 35.65 -6.92 -8.70
CA ALA B 289 34.40 -6.79 -7.97
C ALA B 289 33.44 -6.10 -8.84
N ASP B 290 32.26 -6.64 -8.97
CA ASP B 290 31.24 -6.00 -9.84
C ASP B 290 30.04 -5.72 -8.96
N PHE B 291 29.60 -4.47 -8.89
CA PHE B 291 28.50 -4.17 -8.03
C PHE B 291 27.48 -3.46 -8.80
N VAL B 292 26.25 -3.72 -8.42
CA VAL B 292 25.12 -2.97 -8.90
C VAL B 292 24.40 -2.37 -7.66
N HIS B 293 24.08 -1.07 -7.73
CA HIS B 293 23.49 -0.40 -6.61
C HIS B 293 22.10 0.03 -7.01
N LEU B 294 21.06 -0.37 -6.28
CA LEU B 294 19.76 0.26 -6.48
C LEU B 294 19.44 1.06 -5.23
N ALA B 295 19.12 2.33 -5.45
CA ALA B 295 18.92 3.28 -4.35
C ALA B 295 17.57 3.84 -4.48
N ARG B 296 16.83 3.79 -3.37
CA ARG B 296 15.49 4.34 -3.28
C ARG B 296 15.63 5.82 -3.03
N CYS B 297 15.13 6.70 -3.86
CA CYS B 297 15.36 8.11 -3.58
C CYS B 297 14.13 8.87 -3.21
N GLY B 298 12.95 8.34 -3.42
CA GLY B 298 11.79 9.18 -3.14
C GLY B 298 11.30 9.96 -4.38
N TRP B 299 10.40 10.88 -4.11
CA TRP B 299 9.71 11.46 -5.19
C TRP B 299 10.38 12.59 -5.89
N SER B 300 11.50 13.06 -5.37
CA SER B 300 12.12 14.21 -5.97
C SER B 300 13.57 14.07 -5.76
N ALA B 301 14.40 14.69 -6.57
CA ALA B 301 15.80 14.34 -6.50
C ALA B 301 16.55 14.77 -5.23
N ASP B 302 16.22 15.91 -4.65
CA ASP B 302 16.89 16.35 -3.45
C ASP B 302 18.38 16.20 -3.54
N LEU B 303 18.99 15.45 -2.65
CA LEU B 303 20.46 15.26 -2.73
C LEU B 303 20.87 13.84 -3.19
N SER B 304 19.94 13.13 -3.78
CA SER B 304 20.24 11.81 -4.29
C SER B 304 21.50 11.74 -5.14
N LEU B 305 21.72 12.72 -5.99
CA LEU B 305 22.81 12.67 -6.91
C LEU B 305 24.20 12.54 -6.26
N PRO B 306 24.50 13.47 -5.39
CA PRO B 306 25.79 13.42 -4.77
C PRO B 306 25.79 12.24 -3.85
N VAL B 307 24.66 11.96 -3.18
CA VAL B 307 24.64 10.79 -2.32
C VAL B 307 25.06 9.51 -3.07
N CYS B 308 24.50 9.29 -4.26
CA CYS B 308 24.82 8.05 -4.97
C CYS B 308 26.18 8.07 -5.55
N ASP B 309 26.63 9.24 -5.91
CA ASP B 309 28.01 9.35 -6.29
C ASP B 309 28.89 8.96 -5.15
N ARG B 310 28.51 9.28 -3.92
CA ARG B 310 29.50 9.01 -2.89
C ARG B 310 29.56 7.52 -2.66
N ALA B 311 28.45 6.82 -2.85
CA ALA B 311 28.45 5.40 -2.62
C ALA B 311 29.33 4.75 -3.70
N MET B 312 29.26 5.23 -4.92
CA MET B 312 30.10 4.64 -5.91
C MET B 312 31.53 4.82 -5.52
N LEU B 313 31.86 6.02 -5.08
CA LEU B 313 33.22 6.37 -4.74
C LEU B 313 33.70 5.53 -3.58
N HIS B 314 32.83 4.92 -2.81
CA HIS B 314 33.35 4.09 -1.75
C HIS B 314 33.15 2.56 -1.94
N ALA B 315 32.72 2.15 -3.12
CA ALA B 315 32.43 0.77 -3.30
C ALA B 315 33.74 -0.10 -3.17
N ASP B 316 34.90 0.59 -3.10
CA ASP B 316 36.15 -0.10 -2.91
C ASP B 316 36.42 -0.34 -1.47
N GLY B 317 35.55 0.11 -0.57
CA GLY B 317 35.86 0.02 0.85
C GLY B 317 37.34 0.36 1.20
N SER B 318 37.99 -0.47 1.99
CA SER B 318 39.40 -0.23 2.28
C SER B 318 40.36 -0.99 1.36
N TYR B 319 39.92 -1.45 0.18
CA TYR B 319 40.81 -2.37 -0.54
C TYR B 319 41.21 -1.99 -1.92
N PHE B 320 42.45 -2.35 -2.30
CA PHE B 320 42.87 -2.17 -3.70
C PHE B 320 42.24 -3.25 -4.58
N VAL B 321 41.67 -2.87 -5.69
CA VAL B 321 40.97 -3.83 -6.51
C VAL B 321 41.31 -3.58 -7.93
N PRO B 322 41.99 -4.50 -8.61
CA PRO B 322 42.48 -4.24 -9.97
C PRO B 322 41.39 -4.01 -10.96
N ALA B 323 40.28 -4.70 -10.82
CA ALA B 323 39.17 -4.46 -11.73
C ALA B 323 37.87 -4.27 -10.93
N LEU B 324 37.12 -3.24 -11.29
CA LEU B 324 35.92 -2.95 -10.52
C LEU B 324 34.90 -2.20 -11.33
N ARG B 325 33.64 -2.57 -11.19
CA ARG B 325 32.56 -1.92 -11.93
C ARG B 325 31.39 -1.52 -11.02
N ILE B 326 30.77 -0.39 -11.25
CA ILE B 326 29.62 -0.08 -10.45
C ILE B 326 28.53 0.42 -11.34
N GLU B 327 27.31 -0.01 -11.14
CA GLU B 327 26.24 0.44 -11.98
C GLU B 327 25.19 0.89 -11.02
N SER B 328 24.92 2.18 -11.06
CA SER B 328 24.18 2.82 -9.99
C SER B 328 22.79 3.35 -10.39
N HIS B 329 21.74 2.77 -9.85
CA HIS B 329 20.45 3.22 -10.23
C HIS B 329 19.85 4.15 -9.17
N ARG B 330 19.36 5.31 -9.58
CA ARG B 330 18.72 6.16 -8.60
C ARG B 330 17.26 6.16 -8.97
N LEU B 331 16.49 5.39 -8.18
CA LEU B 331 15.11 5.05 -8.52
C LEU B 331 14.06 5.92 -7.88
N ARG B 332 13.18 6.48 -8.71
CA ARG B 332 12.24 7.41 -8.18
C ARG B 332 11.06 6.64 -7.74
N THR B 333 10.54 6.91 -6.54
CA THR B 333 9.37 6.23 -6.04
C THR B 333 8.50 7.19 -5.30
N ASN B 334 7.27 6.78 -4.95
CA ASN B 334 6.36 7.70 -4.26
C ASN B 334 6.51 7.63 -2.79
N THR B 335 7.64 8.06 -2.28
CA THR B 335 7.77 8.12 -0.85
C THR B 335 8.62 9.30 -0.51
N GLN B 336 8.91 9.45 0.77
CA GLN B 336 9.67 10.62 1.22
C GLN B 336 10.94 10.81 0.43
N SER B 337 11.18 12.01 -0.06
CA SER B 337 12.40 12.29 -0.81
C SER B 337 13.62 12.19 0.01
N ASN B 338 14.38 11.13 -0.17
CA ASN B 338 15.59 10.92 0.64
C ASN B 338 16.72 11.95 0.63
N THR B 339 17.65 11.90 1.61
CA THR B 339 18.53 13.03 1.70
C THR B 339 19.80 12.79 2.43
N ALA B 340 20.49 13.83 2.83
CA ALA B 340 21.77 13.50 3.51
C ALA B 340 21.60 12.96 4.92
N PHE B 341 22.55 12.16 5.29
CA PHE B 341 22.64 11.53 6.57
C PHE B 341 24.10 11.13 6.75
N ARG B 342 24.68 11.59 7.84
CA ARG B 342 26.02 11.18 8.26
C ARG B 342 26.61 10.07 7.42
N GLY B 343 27.59 10.42 6.62
CA GLY B 343 28.17 9.45 5.74
C GLY B 343 27.81 9.73 4.31
N PHE B 344 26.62 10.16 4.09
CA PHE B 344 26.33 10.66 2.74
C PHE B 344 26.72 9.64 1.63
N GLY B 345 26.09 8.46 1.59
CA GLY B 345 26.36 7.47 0.57
C GLY B 345 27.53 6.55 0.93
N GLY B 346 28.53 7.12 1.59
CA GLY B 346 29.70 6.38 1.98
C GLY B 346 29.38 5.04 2.58
N PRO B 347 28.57 5.03 3.63
CA PRO B 347 28.39 3.79 4.36
C PRO B 347 27.71 2.81 3.47
N GLN B 348 26.88 3.27 2.54
CA GLN B 348 26.13 2.26 1.74
C GLN B 348 27.11 1.63 0.84
N GLY B 349 27.92 2.40 0.17
CA GLY B 349 28.83 1.73 -0.73
C GLY B 349 29.84 0.95 0.09
N ALA B 350 30.25 1.47 1.24
CA ALA B 350 31.31 0.74 1.89
C ALA B 350 30.73 -0.58 2.37
N LEU B 351 29.55 -0.55 2.95
CA LEU B 351 28.99 -1.75 3.53
C LEU B 351 28.81 -2.81 2.42
N GLY B 352 28.57 -2.36 1.19
CA GLY B 352 28.47 -3.23 0.03
C GLY B 352 29.77 -4.04 -0.14
N MET B 353 30.91 -3.42 0.01
CA MET B 353 32.08 -4.17 -0.22
C MET B 353 32.39 -4.98 1.00
N GLU B 354 31.97 -4.56 2.18
CA GLU B 354 32.41 -5.36 3.33
C GLU B 354 31.64 -6.72 3.35
N ARG B 355 30.35 -6.63 3.07
CA ARG B 355 29.53 -7.81 2.97
C ARG B 355 30.19 -8.76 1.97
N ALA B 356 30.51 -8.28 0.76
CA ALA B 356 31.09 -9.10 -0.28
C ALA B 356 32.28 -9.85 0.21
N ILE B 357 33.29 -9.10 0.60
CA ILE B 357 34.51 -9.67 1.04
C ILE B 357 34.29 -10.67 2.18
N GLU B 358 33.27 -10.49 2.97
CA GLU B 358 33.09 -11.44 4.02
C GLU B 358 32.59 -12.72 3.39
N HIS B 359 31.72 -12.55 2.38
CA HIS B 359 31.07 -13.65 1.76
C HIS B 359 32.17 -14.44 1.11
N LEU B 360 33.08 -13.73 0.44
CA LEU B 360 34.21 -14.35 -0.21
C LEU B 360 34.99 -15.16 0.80
N ALA B 361 35.37 -14.55 1.89
CA ALA B 361 36.12 -15.24 2.93
C ALA B 361 35.44 -16.53 3.45
N ARG B 362 34.13 -16.52 3.70
CA ARG B 362 33.52 -17.71 4.23
C ARG B 362 33.70 -18.79 3.17
N GLY B 363 33.44 -18.39 1.92
CA GLY B 363 33.60 -19.27 0.79
C GLY B 363 34.94 -19.99 0.67
N MET B 364 36.04 -19.34 1.01
CA MET B 364 37.28 -20.06 0.89
C MET B 364 37.78 -20.53 2.25
N GLY B 365 36.88 -20.59 3.22
CA GLY B 365 37.26 -21.00 4.55
C GLY B 365 38.41 -20.20 5.09
N ARG B 366 38.51 -18.94 4.71
CA ARG B 366 39.57 -18.15 5.30
C ARG B 366 39.08 -17.20 6.39
N ASP B 367 39.99 -16.79 7.26
CA ASP B 367 39.64 -15.80 8.27
C ASP B 367 39.50 -14.40 7.63
N PRO B 368 38.32 -13.79 7.81
CA PRO B 368 37.99 -12.53 7.16
C PRO B 368 39.06 -11.49 7.39
N ALA B 369 39.58 -11.48 8.61
CA ALA B 369 40.58 -10.50 8.98
C ALA B 369 41.88 -10.59 8.17
N GLU B 370 42.41 -11.80 7.93
CA GLU B 370 43.64 -11.87 7.17
C GLU B 370 43.35 -11.49 5.72
N LEU B 371 42.21 -11.95 5.21
CA LEU B 371 41.86 -11.67 3.83
C LEU B 371 41.84 -10.15 3.62
N ARG B 372 41.12 -9.45 4.51
CA ARG B 372 41.08 -7.99 4.47
C ARG B 372 42.48 -7.47 4.58
N ALA B 373 43.14 -7.84 5.67
CA ALA B 373 44.47 -7.29 5.89
C ALA B 373 45.33 -7.47 4.65
N LEU B 374 45.18 -8.59 3.95
CA LEU B 374 45.96 -8.80 2.75
C LEU B 374 45.67 -7.84 1.60
N ASN B 375 44.45 -7.34 1.55
CA ASN B 375 44.06 -6.52 0.44
C ASN B 375 43.96 -5.01 0.72
N PHE B 376 44.35 -4.53 1.92
CA PHE B 376 44.37 -3.09 2.14
C PHE B 376 45.30 -2.45 1.09
N TYR B 377 45.06 -1.21 0.75
CA TYR B 377 45.97 -0.47 -0.10
C TYR B 377 47.27 -0.49 0.64
N ASP B 378 48.35 -0.32 -0.11
CA ASP B 378 49.71 -0.34 0.43
C ASP B 378 50.05 0.89 1.31
N PRO B 379 50.90 0.70 2.31
CA PRO B 379 51.41 1.81 3.11
C PRO B 379 52.04 2.85 2.20
N PRO B 380 52.31 4.04 2.71
CA PRO B 380 52.91 5.10 1.91
C PRO B 380 54.39 4.95 1.94
N GLU B 381 55.09 5.59 1.01
CA GLU B 381 56.55 5.49 0.96
C GLU B 381 57.01 4.05 0.66
N LYS B 398 58.19 4.08 -6.69
CA LYS B 398 57.63 3.92 -8.04
C LYS B 398 56.15 3.48 -8.02
N LYS B 399 55.34 4.20 -8.81
CA LYS B 399 53.90 3.93 -8.98
C LYS B 399 53.11 3.57 -7.70
N THR B 400 52.27 4.51 -7.27
CA THR B 400 51.40 4.35 -6.10
C THR B 400 50.07 3.78 -6.63
N GLN B 401 49.41 2.99 -5.81
CA GLN B 401 48.17 2.40 -6.23
C GLN B 401 47.10 3.46 -6.33
N THR B 402 46.05 3.19 -7.11
CA THR B 402 44.95 4.12 -7.22
C THR B 402 43.65 3.46 -6.87
N THR B 403 42.61 4.27 -6.81
CA THR B 403 41.30 3.81 -6.47
C THR B 403 40.69 3.60 -7.82
N HIS B 404 39.50 3.05 -7.87
CA HIS B 404 38.91 2.90 -9.17
C HIS B 404 38.54 4.19 -9.83
N TYR B 405 38.65 5.31 -9.16
CA TYR B 405 38.31 6.53 -9.85
C TYR B 405 39.58 7.23 -10.22
N GLY B 406 40.70 6.63 -9.83
CA GLY B 406 41.97 7.14 -10.30
C GLY B 406 42.73 7.99 -9.35
N GLN B 407 42.44 7.93 -8.07
CA GLN B 407 43.08 8.82 -7.17
C GLN B 407 44.18 8.05 -6.43
N GLU B 408 45.39 8.60 -6.44
CA GLU B 408 46.46 7.97 -5.74
C GLU B 408 46.12 7.88 -4.30
N VAL B 409 46.30 6.73 -3.68
CA VAL B 409 46.10 6.62 -2.26
C VAL B 409 47.44 6.64 -1.57
N ALA B 410 47.86 7.80 -1.11
CA ALA B 410 49.19 7.93 -0.56
C ALA B 410 49.20 8.05 0.96
N ASP B 411 48.11 7.74 1.64
CA ASP B 411 48.19 7.84 3.09
C ASP B 411 47.56 6.69 3.83
N CYS B 412 47.62 5.47 3.31
CA CYS B 412 46.89 4.39 3.95
C CYS B 412 47.67 3.76 5.11
N VAL B 413 47.14 3.91 6.32
CA VAL B 413 47.86 3.46 7.48
C VAL B 413 47.12 2.25 8.04
N LEU B 414 46.07 1.88 7.34
CA LEU B 414 45.29 0.75 7.80
C LEU B 414 46.11 -0.45 8.28
N GLY B 415 47.11 -0.83 7.50
CA GLY B 415 47.95 -1.99 7.84
C GLY B 415 48.43 -1.86 9.26
N GLU B 416 49.21 -0.81 9.52
CA GLU B 416 49.77 -0.64 10.84
C GLU B 416 48.66 -0.56 11.86
N LEU B 417 47.68 0.27 11.56
CA LEU B 417 46.62 0.59 12.50
C LEU B 417 45.86 -0.63 12.94
N VAL B 418 45.46 -1.45 11.98
CA VAL B 418 44.67 -2.61 12.33
C VAL B 418 45.49 -3.50 13.24
N THR B 419 46.77 -3.64 12.91
CA THR B 419 47.65 -4.49 13.69
C THR B 419 47.60 -3.99 15.08
N ARG B 420 47.81 -2.70 15.23
CA ARG B 420 47.84 -2.13 16.56
C ARG B 420 46.51 -2.29 17.27
N LEU B 421 45.43 -2.25 16.54
CA LEU B 421 44.20 -2.42 17.24
C LEU B 421 44.01 -3.84 17.68
N GLN B 422 44.45 -4.77 16.83
CA GLN B 422 44.27 -6.19 17.12
C GLN B 422 45.01 -6.58 18.42
N LYS B 423 46.23 -6.03 18.60
CA LYS B 423 46.94 -6.30 19.85
C LYS B 423 46.22 -5.66 21.06
N SER B 424 45.90 -4.39 20.96
CA SER B 424 45.33 -3.71 22.13
C SER B 424 43.98 -4.32 22.50
N ALA B 425 43.35 -4.86 21.45
CA ALA B 425 42.02 -5.44 21.58
C ALA B 425 42.05 -6.89 22.08
N ASN B 426 43.23 -7.54 21.97
CA ASN B 426 43.40 -8.89 22.45
C ASN B 426 42.62 -9.77 21.51
N PHE B 427 42.70 -9.45 20.22
CA PHE B 427 41.83 -10.08 19.23
C PHE B 427 41.90 -11.62 19.16
N THR B 428 43.06 -12.12 18.74
CA THR B 428 43.31 -13.54 18.59
C THR B 428 42.88 -14.36 19.80
N THR B 429 43.40 -14.05 20.96
CA THR B 429 42.95 -14.77 22.12
C THR B 429 41.43 -14.77 22.22
N ARG B 430 40.83 -13.61 22.18
CA ARG B 430 39.39 -13.52 22.35
C ARG B 430 38.59 -14.37 21.37
N ARG B 431 39.06 -14.43 20.12
CA ARG B 431 38.38 -15.22 19.11
C ARG B 431 38.30 -16.69 19.58
N ALA B 432 39.36 -17.19 20.19
CA ALA B 432 39.35 -18.56 20.64
C ALA B 432 38.39 -18.65 21.80
N GLU B 433 38.55 -17.79 22.79
CA GLU B 433 37.62 -17.85 23.91
C GLU B 433 36.17 -17.91 23.40
N ILE B 434 35.89 -17.21 22.33
CA ILE B 434 34.58 -17.26 21.82
C ILE B 434 34.25 -18.60 21.18
N ALA B 435 35.20 -19.17 20.43
CA ALA B 435 34.90 -20.45 19.78
C ALA B 435 34.53 -21.49 20.89
N ALA B 436 35.40 -21.59 21.89
CA ALA B 436 35.15 -22.51 22.98
C ALA B 436 33.75 -22.30 23.51
N TRP B 437 33.53 -21.11 24.05
CA TRP B 437 32.25 -20.75 24.62
C TRP B 437 31.10 -21.14 23.69
N ASN B 438 31.23 -20.98 22.39
CA ASN B 438 30.08 -21.31 21.56
C ASN B 438 29.73 -22.77 21.61
N SER B 439 30.76 -23.60 21.51
CA SER B 439 30.60 -25.04 21.44
C SER B 439 29.94 -25.56 22.72
N THR B 440 30.15 -24.86 23.82
CA THR B 440 29.48 -25.25 25.04
C THR B 440 28.05 -24.74 25.22
N ASN B 441 27.55 -23.97 24.24
CA ASN B 441 26.22 -23.38 24.38
C ASN B 441 25.34 -23.75 23.26
N ARG B 442 24.04 -23.84 23.53
CA ARG B 442 23.16 -24.26 22.46
C ARG B 442 22.07 -23.22 22.23
N THR B 443 21.86 -22.37 23.21
CA THR B 443 20.80 -21.39 23.02
C THR B 443 21.29 -19.98 22.61
N LEU B 444 22.56 -19.68 22.93
CA LEU B 444 23.16 -18.38 22.70
C LEU B 444 24.40 -18.61 21.89
N ALA B 445 24.89 -17.56 21.26
CA ALA B 445 26.12 -17.65 20.51
C ALA B 445 26.80 -16.27 20.42
N ARG B 446 28.09 -16.24 20.74
CA ARG B 446 28.85 -15.01 20.69
C ARG B 446 29.45 -14.85 19.28
N GLY B 447 29.86 -13.64 18.90
CA GLY B 447 30.37 -13.32 17.57
C GLY B 447 31.27 -12.10 17.67
N ILE B 448 32.24 -11.98 16.79
CA ILE B 448 33.15 -10.85 16.86
C ILE B 448 33.66 -10.55 15.44
N ALA B 449 33.91 -9.28 15.13
CA ALA B 449 34.43 -8.95 13.78
C ALA B 449 35.26 -7.72 13.80
N LEU B 450 36.11 -7.58 12.82
CA LEU B 450 36.94 -6.42 12.73
C LEU B 450 36.47 -5.68 11.54
N SER B 451 36.32 -4.36 11.57
CA SER B 451 36.03 -3.72 10.27
C SER B 451 36.74 -2.42 10.09
N PRO B 452 37.30 -2.20 8.93
CA PRO B 452 38.13 -1.02 8.68
C PRO B 452 37.30 0.07 8.00
N VAL B 453 37.89 1.23 7.80
CA VAL B 453 37.19 2.37 7.24
C VAL B 453 38.15 3.26 6.53
N LYS B 454 37.77 3.71 5.36
CA LYS B 454 38.53 4.66 4.58
C LYS B 454 37.50 5.60 3.98
N PHE B 455 37.57 6.89 4.31
CA PHE B 455 36.52 7.82 3.88
C PHE B 455 37.15 9.12 3.32
N GLY B 456 36.76 9.48 2.11
CA GLY B 456 37.37 10.65 1.50
C GLY B 456 36.72 11.90 2.05
N ILE B 457 37.49 12.98 2.12
CA ILE B 457 36.99 14.20 2.69
C ILE B 457 36.89 15.30 1.60
N SER B 458 35.76 16.01 1.60
CA SER B 458 35.48 17.16 0.74
C SER B 458 34.20 16.90 0.01
N PHE B 459 33.54 17.96 -0.40
CA PHE B 459 32.35 17.77 -1.19
C PHE B 459 32.76 17.29 -2.58
N THR B 460 32.03 16.34 -3.15
CA THR B 460 32.33 15.90 -4.50
C THR B 460 31.82 16.86 -5.54
N LEU B 461 30.89 17.72 -5.20
CA LEU B 461 30.60 18.88 -6.05
C LEU B 461 31.73 19.93 -5.74
N THR B 462 32.84 19.92 -6.46
CA THR B 462 33.96 20.75 -6.04
C THR B 462 33.85 22.19 -5.50
N HIS B 463 33.10 23.04 -6.19
CA HIS B 463 33.03 24.42 -5.78
C HIS B 463 32.39 24.71 -4.37
N LEU B 464 31.88 23.70 -3.70
CA LEU B 464 31.40 23.92 -2.38
C LEU B 464 32.57 23.89 -1.44
N ASN B 465 33.74 23.58 -1.93
CA ASN B 465 34.88 23.51 -1.00
C ASN B 465 35.54 24.89 -0.72
N GLN B 466 34.74 25.83 -0.21
CA GLN B 466 35.18 27.18 0.14
C GLN B 466 34.59 27.50 1.49
N ALA B 467 35.16 28.45 2.26
CA ALA B 467 34.65 28.81 3.58
C ALA B 467 35.16 30.16 3.87
N GLY B 468 34.41 30.98 4.64
CA GLY B 468 34.81 32.36 4.97
C GLY B 468 34.71 32.61 6.49
N ALA B 469 35.35 33.67 6.96
CA ALA B 469 35.22 34.08 8.34
C ALA B 469 35.44 35.57 8.50
N LEU B 470 35.02 36.06 9.65
CA LEU B 470 35.19 37.47 9.88
C LEU B 470 35.59 37.57 11.32
N VAL B 471 36.64 38.29 11.64
CA VAL B 471 37.08 38.41 13.02
C VAL B 471 37.22 39.87 13.44
N GLN B 472 36.93 40.17 14.71
CA GLN B 472 37.06 41.52 15.23
C GLN B 472 37.73 41.52 16.61
N ILE B 473 38.68 42.45 16.80
CA ILE B 473 39.22 42.66 18.10
C ILE B 473 38.71 44.05 18.55
N TYR B 474 38.15 44.11 19.72
CA TYR B 474 37.71 45.36 20.31
C TYR B 474 38.80 46.02 21.14
N THR B 475 38.63 47.24 21.62
CA THR B 475 39.77 47.91 22.22
C THR B 475 40.11 47.41 23.58
N ASP B 476 39.28 46.63 24.27
CA ASP B 476 39.70 46.04 25.54
C ASP B 476 40.40 44.74 25.24
N GLY B 477 40.64 44.43 23.95
CA GLY B 477 41.30 43.16 23.69
C GLY B 477 40.42 41.91 23.58
N SER B 478 39.15 42.01 23.85
CA SER B 478 38.39 40.79 23.69
C SER B 478 38.17 40.57 22.19
N VAL B 479 37.87 39.33 21.82
CA VAL B 479 37.74 39.00 20.41
C VAL B 479 36.41 38.32 20.06
N ALA B 480 35.85 38.66 18.93
CA ALA B 480 34.58 38.04 18.45
C ALA B 480 34.93 37.35 17.16
N LEU B 481 34.67 36.07 17.12
CA LEU B 481 34.96 35.31 15.95
C LEU B 481 33.66 34.90 15.26
N ASN B 482 33.63 34.87 13.94
CA ASN B 482 32.42 34.52 13.22
C ASN B 482 32.83 33.78 11.96
N HIS B 483 32.22 32.66 11.71
CA HIS B 483 32.59 31.86 10.56
C HIS B 483 31.31 31.29 9.93
N GLY B 484 31.41 30.65 8.79
CA GLY B 484 30.24 30.15 8.13
C GLY B 484 29.66 28.78 8.53
N GLY B 485 30.30 28.04 9.40
CA GLY B 485 29.76 26.74 9.69
C GLY B 485 28.68 26.85 10.74
N THR B 486 27.87 25.81 10.93
CA THR B 486 26.82 25.84 11.92
C THR B 486 27.08 24.80 12.95
N GLU B 487 26.77 25.11 14.17
CA GLU B 487 27.03 24.23 15.25
C GLU B 487 25.85 23.36 15.42
N MET B 488 26.08 22.04 15.41
CA MET B 488 24.98 21.18 15.66
C MET B 488 25.33 20.18 16.76
N GLY B 489 26.39 20.42 17.51
CA GLY B 489 26.74 19.54 18.61
C GLY B 489 28.13 18.95 18.45
N GLN B 490 28.68 19.12 17.27
CA GLN B 490 29.91 18.48 16.95
C GLN B 490 31.08 19.29 17.45
N GLY B 491 30.86 20.40 18.15
CA GLY B 491 32.00 21.12 18.70
C GLY B 491 32.72 22.05 17.72
N LEU B 492 32.02 22.45 16.64
CA LEU B 492 32.70 23.23 15.64
C LEU B 492 33.16 24.49 16.30
N HIS B 493 32.24 25.18 16.92
CA HIS B 493 32.58 26.48 17.54
C HIS B 493 33.74 26.42 18.53
N ALA B 494 33.86 25.38 19.31
CA ALA B 494 34.99 25.30 20.24
C ALA B 494 36.23 25.12 19.43
N LYS B 495 36.15 24.37 18.34
CA LYS B 495 37.39 24.22 17.62
C LYS B 495 37.79 25.50 17.01
N MET B 496 36.87 26.31 16.51
CA MET B 496 37.35 27.54 15.85
C MET B 496 37.86 28.50 16.94
N VAL B 497 37.29 28.40 18.14
CA VAL B 497 37.75 29.22 19.20
C VAL B 497 39.22 28.88 19.44
N GLN B 498 39.52 27.60 19.46
CA GLN B 498 40.91 27.20 19.69
C GLN B 498 41.84 27.63 18.56
N VAL B 499 41.43 27.54 17.31
CA VAL B 499 42.30 27.92 16.25
C VAL B 499 42.60 29.40 16.36
N ALA B 500 41.59 30.24 16.50
CA ALA B 500 41.88 31.66 16.72
C ALA B 500 42.76 31.99 17.94
N ALA B 501 42.49 31.39 19.08
CA ALA B 501 43.30 31.76 20.22
C ALA B 501 44.71 31.27 19.97
N ALA B 502 44.87 30.17 19.24
CA ALA B 502 46.24 29.75 18.94
C ALA B 502 46.87 30.65 17.93
N VAL B 503 46.15 31.10 16.92
CA VAL B 503 46.85 31.93 15.99
C VAL B 503 47.11 33.38 16.52
N LEU B 504 46.34 33.88 17.48
CA LEU B 504 46.60 35.27 17.92
C LEU B 504 47.50 35.27 19.14
N GLY B 505 47.72 34.12 19.76
CA GLY B 505 48.59 34.13 20.91
C GLY B 505 47.89 34.42 22.18
N ILE B 506 46.60 34.11 22.28
CA ILE B 506 45.91 34.55 23.49
C ILE B 506 45.11 33.47 24.03
N ASP B 507 44.57 33.65 25.23
CA ASP B 507 43.72 32.69 25.91
C ASP B 507 42.38 32.58 25.25
N PRO B 508 41.88 31.38 25.06
CA PRO B 508 40.54 31.15 24.47
C PRO B 508 39.40 31.93 25.08
N VAL B 509 39.50 32.22 26.36
CA VAL B 509 38.44 32.84 27.08
C VAL B 509 38.19 34.27 26.55
N GLN B 510 39.17 34.80 25.84
CA GLN B 510 39.04 36.08 25.24
C GLN B 510 38.36 36.01 23.91
N VAL B 511 38.06 34.79 23.46
CA VAL B 511 37.45 34.70 22.15
C VAL B 511 35.99 34.33 22.26
N ARG B 512 35.08 35.07 21.65
CA ARG B 512 33.66 34.74 21.79
C ARG B 512 33.06 34.37 20.46
N ILE B 513 32.27 33.31 20.36
CA ILE B 513 31.72 32.94 19.07
C ILE B 513 30.36 33.62 18.83
N THR B 514 30.05 34.02 17.63
CA THR B 514 28.77 34.73 17.39
C THR B 514 27.93 33.90 16.49
N ALA B 515 26.63 34.10 16.45
CA ALA B 515 25.76 33.27 15.61
C ALA B 515 26.04 33.26 14.10
N THR B 516 25.95 32.11 13.46
CA THR B 516 26.12 32.05 12.04
C THR B 516 25.11 32.99 11.35
N ASP B 517 25.55 33.81 10.42
CA ASP B 517 24.73 34.86 9.91
C ASP B 517 25.15 35.24 8.51
N THR B 518 24.31 34.97 7.54
CA THR B 518 24.62 35.29 6.18
C THR B 518 24.92 36.77 5.93
N SER B 519 24.69 37.66 6.88
CA SER B 519 25.10 39.02 6.61
C SER B 519 26.54 39.37 7.11
N LYS B 520 27.22 38.42 7.71
CA LYS B 520 28.55 38.57 8.19
C LYS B 520 29.56 37.76 7.30
N VAL B 521 29.27 36.47 7.05
CA VAL B 521 30.03 35.68 6.06
C VAL B 521 29.09 35.17 5.01
N PRO B 522 29.22 35.60 3.78
CA PRO B 522 28.30 35.22 2.71
C PRO B 522 28.66 34.02 1.82
N ASN B 523 27.66 33.49 1.13
CA ASN B 523 27.83 32.45 0.17
C ASN B 523 28.46 31.20 0.75
N THR B 524 28.04 30.84 1.94
CA THR B 524 28.63 29.68 2.49
C THR B 524 28.02 28.41 1.93
N SER B 525 28.69 27.27 2.16
CA SER B 525 28.21 25.96 1.79
C SER B 525 27.58 25.39 3.05
N ALA B 526 26.80 24.33 2.86
CA ALA B 526 26.28 23.62 3.97
C ALA B 526 27.40 23.18 4.88
N THR B 527 27.11 23.06 6.17
CA THR B 527 28.10 22.49 7.00
C THR B 527 27.91 21.04 6.78
N ALA B 528 28.82 20.41 6.12
CA ALA B 528 28.58 18.98 5.89
C ALA B 528 29.80 18.35 5.24
N ALA B 529 29.68 17.06 4.89
CA ALA B 529 30.79 16.35 4.21
C ALA B 529 32.00 16.38 5.14
N SER B 530 31.70 16.49 6.42
CA SER B 530 32.75 16.61 7.42
C SER B 530 33.74 17.69 7.04
N SER B 531 33.28 18.76 6.37
CA SER B 531 34.24 19.78 6.00
C SER B 531 34.16 21.08 6.81
N GLY B 532 33.28 21.10 7.82
CA GLY B 532 33.06 22.22 8.71
C GLY B 532 34.32 22.76 9.33
N ALA B 533 35.04 21.94 10.08
CA ALA B 533 36.27 22.40 10.69
C ALA B 533 37.49 22.53 9.75
N ASP B 534 37.58 21.73 8.70
CA ASP B 534 38.76 21.78 7.87
C ASP B 534 38.68 23.14 7.23
N MET B 535 37.54 23.44 6.65
CA MET B 535 37.54 24.67 5.91
C MET B 535 37.34 25.92 6.72
N ASN B 536 36.48 25.86 7.73
CA ASN B 536 36.30 27.07 8.51
C ASN B 536 37.53 27.36 9.33
N GLY B 537 38.17 26.30 9.80
CA GLY B 537 39.43 26.48 10.51
C GLY B 537 40.42 27.25 9.64
N MET B 538 40.54 26.92 8.36
CA MET B 538 41.53 27.61 7.58
C MET B 538 41.10 29.06 7.53
N ALA B 539 39.83 29.32 7.23
CA ALA B 539 39.36 30.68 7.09
C ALA B 539 39.58 31.53 8.36
N VAL B 540 39.37 30.90 9.51
CA VAL B 540 39.57 31.58 10.75
C VAL B 540 41.04 31.91 10.88
N LYS B 541 41.89 30.99 10.49
CA LYS B 541 43.33 31.24 10.63
C LYS B 541 43.80 32.31 9.68
N ASP B 542 43.21 32.31 8.49
CA ASP B 542 43.56 33.27 7.45
C ASP B 542 43.26 34.68 7.97
N ALA B 543 42.17 34.81 8.75
CA ALA B 543 41.73 36.11 9.26
C ALA B 543 42.56 36.50 10.46
N CYS B 544 42.79 35.53 11.33
CA CYS B 544 43.59 35.81 12.45
C CYS B 544 44.99 36.17 12.07
N GLU B 545 45.48 35.65 10.95
CA GLU B 545 46.86 35.94 10.53
C GLU B 545 46.98 37.32 9.93
N THR B 546 45.95 37.80 9.24
CA THR B 546 45.95 39.19 8.80
C THR B 546 46.02 40.04 10.04
N LEU B 547 45.17 39.81 11.01
CA LEU B 547 45.23 40.65 12.18
C LEU B 547 46.62 40.69 12.84
N ARG B 548 47.11 39.53 13.26
CA ARG B 548 48.42 39.42 13.87
C ARG B 548 49.47 40.14 13.02
N GLY B 549 49.35 40.06 11.71
CA GLY B 549 50.32 40.68 10.84
C GLY B 549 50.21 42.15 11.06
N ARG B 550 48.99 42.67 11.14
CA ARG B 550 48.85 44.10 11.34
C ARG B 550 49.43 44.50 12.70
N LEU B 551 49.23 43.68 13.70
CA LEU B 551 49.76 44.05 15.00
C LEU B 551 51.30 43.98 15.08
N ALA B 552 51.90 43.05 14.33
CA ALA B 552 53.33 42.83 14.42
C ALA B 552 53.91 43.95 13.65
N GLY B 553 53.29 44.31 12.54
CA GLY B 553 53.81 45.42 11.77
C GLY B 553 53.80 46.68 12.62
N PHE B 554 52.84 46.79 13.55
CA PHE B 554 52.70 48.00 14.28
C PHE B 554 53.69 47.95 15.42
N VAL B 555 53.86 46.79 16.08
CA VAL B 555 54.78 46.74 17.21
C VAL B 555 56.20 46.96 16.71
N ALA B 556 56.46 46.48 15.51
CA ALA B 556 57.79 46.55 14.94
C ALA B 556 58.19 47.94 14.57
N ALA B 557 57.29 48.70 13.96
CA ALA B 557 57.71 50.06 13.61
C ALA B 557 57.92 50.81 14.91
N ARG B 558 57.16 50.51 15.94
CA ARG B 558 57.20 51.37 17.09
C ARG B 558 58.50 51.12 17.80
N GLU B 559 58.79 49.85 18.02
CA GLU B 559 59.93 49.49 18.78
C GLU B 559 61.13 49.30 17.87
N GLY B 560 61.10 49.90 16.68
CA GLY B 560 62.16 49.71 15.69
C GLY B 560 62.75 48.30 15.69
N CYS B 561 62.23 47.41 14.87
CA CYS B 561 62.81 46.08 14.77
C CYS B 561 62.00 45.35 13.72
N ALA B 562 62.08 44.05 13.68
CA ALA B 562 61.42 43.33 12.58
C ALA B 562 60.19 42.53 13.01
N ALA B 563 59.17 42.55 12.14
CA ALA B 563 57.87 41.99 12.47
C ALA B 563 57.93 40.54 12.89
N ARG B 564 58.77 39.79 12.21
CA ARG B 564 58.84 38.37 12.48
C ARG B 564 59.41 38.12 13.84
N ASP B 565 59.95 39.13 14.49
CA ASP B 565 60.50 38.95 15.83
C ASP B 565 59.53 39.35 16.89
N VAL B 566 58.32 39.72 16.49
CA VAL B 566 57.34 40.05 17.49
C VAL B 566 56.68 38.77 17.94
N ILE B 567 56.71 38.46 19.22
CA ILE B 567 56.06 37.23 19.65
C ILE B 567 54.73 37.33 20.44
N PHE B 568 53.75 36.58 20.01
CA PHE B 568 52.50 36.60 20.67
C PHE B 568 52.27 35.34 21.33
N ASP B 569 52.15 35.35 22.64
CA ASP B 569 51.96 34.09 23.24
C ASP B 569 51.37 34.21 24.60
N ALA B 570 50.36 33.43 24.81
CA ALA B 570 49.76 33.36 26.11
C ALA B 570 49.37 34.70 26.63
N GLY B 571 48.68 35.47 25.80
CA GLY B 571 48.19 36.73 26.29
C GLY B 571 49.24 37.81 26.41
N GLN B 572 50.47 37.55 25.95
CA GLN B 572 51.53 38.50 26.05
C GLN B 572 52.15 38.73 24.70
N VAL B 573 52.68 39.92 24.47
CA VAL B 573 53.38 40.23 23.25
C VAL B 573 54.78 40.59 23.66
N GLN B 574 55.77 40.20 22.86
CA GLN B 574 57.17 40.47 23.21
C GLN B 574 57.97 40.98 22.09
N ALA B 575 58.73 42.06 22.30
CA ALA B 575 59.50 42.68 21.20
C ALA B 575 60.67 43.42 21.75
N SER B 576 61.85 43.26 21.14
CA SER B 576 63.02 43.98 21.58
C SER B 576 63.22 43.94 23.10
N GLY B 577 63.06 42.78 23.70
CA GLY B 577 63.25 42.64 25.12
C GLY B 577 62.12 43.17 25.97
N LYS B 578 61.24 43.96 25.37
CA LYS B 578 60.12 44.44 26.16
C LYS B 578 58.89 43.51 26.09
N SER B 579 58.04 43.61 27.07
CA SER B 579 56.93 42.75 27.01
C SER B 579 55.62 43.41 27.57
N TRP B 580 54.49 43.15 26.93
CA TRP B 580 53.25 43.83 27.17
C TRP B 580 52.09 42.86 27.05
N ARG B 581 50.99 43.22 27.71
CA ARG B 581 49.74 42.44 27.57
C ARG B 581 49.13 42.69 26.23
N PHE B 582 48.55 41.64 25.66
CA PHE B 582 47.84 41.75 24.38
C PHE B 582 46.89 42.98 24.30
N ALA B 583 46.05 43.16 25.30
CA ALA B 583 45.23 44.39 25.37
C ALA B 583 46.03 45.67 25.14
N GLU B 584 47.15 45.89 25.88
CA GLU B 584 47.86 47.14 25.64
C GLU B 584 48.29 47.21 24.19
N ILE B 585 48.70 46.10 23.62
CA ILE B 585 49.09 46.25 22.20
C ILE B 585 47.90 46.74 21.40
N VAL B 586 46.75 46.10 21.62
CA VAL B 586 45.54 46.49 20.88
C VAL B 586 45.04 47.93 21.08
N ALA B 587 45.01 48.40 22.31
CA ALA B 587 44.67 49.82 22.58
C ALA B 587 45.61 50.71 21.77
N ALA B 588 46.92 50.46 21.85
CA ALA B 588 47.87 51.29 21.06
C ALA B 588 47.63 51.18 19.58
N ALA B 589 47.26 50.01 19.12
CA ALA B 589 46.98 49.89 17.67
C ALA B 589 45.74 50.75 17.34
N TYR B 590 44.74 50.65 18.22
CA TYR B 590 43.63 51.51 18.06
C TYR B 590 44.05 52.96 17.97
N MET B 591 44.82 53.45 18.96
CA MET B 591 45.23 54.88 18.90
C MET B 591 46.02 55.14 17.68
N ALA B 592 46.64 54.14 17.12
CA ALA B 592 47.51 54.47 16.03
C ALA B 592 46.74 54.34 14.75
N ARG B 593 45.45 54.02 14.86
CA ARG B 593 44.59 53.91 13.72
C ARG B 593 44.96 52.75 12.85
N ILE B 594 44.86 51.59 13.40
CA ILE B 594 45.12 50.41 12.58
C ILE B 594 43.91 49.53 12.65
N SER B 595 43.36 49.19 11.52
CA SER B 595 42.14 48.45 11.56
C SER B 595 42.16 47.12 12.32
N LEU B 596 41.21 46.94 13.21
CA LEU B 596 41.20 45.71 13.93
C LEU B 596 40.09 44.80 13.44
N SER B 597 39.81 44.74 12.15
CA SER B 597 38.75 43.87 11.73
C SER B 597 39.26 43.15 10.50
N ALA B 598 38.83 41.90 10.25
CA ALA B 598 39.34 41.17 9.09
C ALA B 598 38.48 40.01 8.59
N THR B 599 38.38 39.83 7.28
CA THR B 599 37.73 38.64 6.83
C THR B 599 38.82 37.66 6.49
N GLY B 600 38.42 36.41 6.27
CA GLY B 600 39.30 35.28 5.98
C GLY B 600 38.56 34.38 5.03
N PHE B 601 39.27 33.65 4.17
CA PHE B 601 38.62 32.80 3.23
C PHE B 601 39.53 31.62 2.86
N TYR B 602 38.96 30.45 2.55
CA TYR B 602 39.74 29.30 2.15
C TYR B 602 39.06 28.39 1.10
N ALA B 603 39.84 27.98 0.11
CA ALA B 603 39.30 27.19 -0.96
C ALA B 603 40.13 25.92 -0.97
N THR B 604 39.55 24.72 -0.81
CA THR B 604 40.41 23.52 -0.75
C THR B 604 41.11 23.33 -2.06
N PRO B 605 42.41 23.18 -2.02
CA PRO B 605 43.26 23.00 -3.22
C PRO B 605 43.30 21.54 -3.73
N LYS B 606 43.97 21.33 -4.87
CA LYS B 606 44.23 20.00 -5.51
C LYS B 606 43.01 19.17 -5.96
N LEU B 607 41.82 19.72 -5.89
CA LEU B 607 40.66 18.97 -6.23
C LEU B 607 40.21 19.18 -7.66
N SER B 608 39.66 18.13 -8.22
CA SER B 608 39.26 18.10 -9.65
C SER B 608 38.93 16.69 -10.07
N TRP B 609 37.73 16.55 -10.61
CA TRP B 609 37.31 15.28 -11.09
C TRP B 609 36.06 15.33 -11.96
N ASP B 610 35.78 14.23 -12.65
CA ASP B 610 34.70 14.22 -13.62
C ASP B 610 33.79 13.10 -13.27
N ARG B 611 32.63 13.53 -12.80
CA ARG B 611 31.55 12.70 -12.34
C ARG B 611 31.16 11.67 -13.39
N LEU B 612 30.90 12.18 -14.61
CA LEU B 612 30.43 11.31 -15.68
C LEU B 612 31.43 10.24 -16.06
N ARG B 613 32.72 10.57 -16.10
CA ARG B 613 33.68 9.57 -16.48
C ARG B 613 34.09 8.79 -15.26
N GLY B 614 33.86 9.36 -14.07
CA GLY B 614 34.24 8.73 -12.82
C GLY B 614 35.74 8.68 -12.70
N GLN B 615 36.41 9.81 -12.94
CA GLN B 615 37.87 9.87 -12.80
C GLN B 615 38.27 11.19 -12.24
N GLY B 616 39.32 11.18 -11.42
CA GLY B 616 39.90 12.42 -10.96
C GLY B 616 40.39 12.33 -9.54
N ARG B 617 40.50 13.51 -8.88
CA ARG B 617 40.85 13.64 -7.46
C ARG B 617 39.69 14.43 -6.83
N PRO B 618 38.69 13.76 -6.35
CA PRO B 618 37.63 14.51 -5.73
C PRO B 618 37.95 14.70 -4.25
N PHE B 619 38.92 13.99 -3.66
CA PHE B 619 39.16 14.19 -2.22
C PHE B 619 40.53 14.71 -1.93
N LEU B 620 40.67 15.43 -0.82
CA LEU B 620 42.00 15.97 -0.44
C LEU B 620 42.75 14.89 0.22
N TYR B 621 42.10 14.07 1.02
CA TYR B 621 42.84 13.07 1.80
C TYR B 621 41.79 12.05 2.35
N PHE B 622 42.19 10.95 2.94
CA PHE B 622 41.18 10.01 3.40
C PHE B 622 41.33 9.89 4.86
N ALA B 623 40.27 9.67 5.58
CA ALA B 623 40.40 9.43 7.00
C ALA B 623 40.30 7.90 7.13
N TYR B 624 40.88 7.32 8.18
CA TYR B 624 40.86 5.86 8.39
C TYR B 624 40.56 5.56 9.81
N GLY B 625 40.20 4.32 10.09
CA GLY B 625 40.06 3.85 11.45
C GLY B 625 39.66 2.38 11.32
N ALA B 626 39.40 1.75 12.46
CA ALA B 626 38.94 0.38 12.46
C ALA B 626 38.27 0.16 13.80
N ALA B 627 37.39 -0.84 13.85
CA ALA B 627 36.75 -1.22 15.09
C ALA B 627 36.65 -2.77 15.19
N ILE B 628 36.64 -3.27 16.41
CA ILE B 628 36.39 -4.64 16.65
C ILE B 628 35.23 -4.67 17.61
N THR B 629 34.14 -5.29 17.21
CA THR B 629 32.96 -5.40 18.04
C THR B 629 32.65 -6.85 18.40
N GLU B 630 32.21 -7.10 19.62
CA GLU B 630 31.83 -8.44 20.02
C GLU B 630 30.36 -8.35 20.51
N VAL B 631 29.50 -9.30 20.11
CA VAL B 631 28.09 -9.25 20.42
C VAL B 631 27.61 -10.67 20.80
N VAL B 632 26.35 -10.83 21.25
CA VAL B 632 25.80 -12.14 21.44
C VAL B 632 24.41 -12.21 20.94
N ILE B 633 23.97 -13.39 20.51
CA ILE B 633 22.60 -13.51 20.05
C ILE B 633 21.91 -14.71 20.66
N ASP B 634 20.60 -14.56 20.77
CA ASP B 634 19.74 -15.60 21.25
C ASP B 634 19.19 -16.35 20.05
N ARG B 635 19.67 -17.58 19.87
CA ARG B 635 19.21 -18.45 18.80
C ARG B 635 17.72 -18.78 18.82
N LEU B 636 17.02 -18.62 19.92
CA LEU B 636 15.62 -18.91 19.75
C LEU B 636 14.86 -17.69 19.18
N THR B 637 15.12 -16.48 19.66
CA THR B 637 14.32 -15.35 19.22
C THR B 637 15.03 -14.33 18.36
N GLY B 638 16.35 -14.35 18.34
CA GLY B 638 17.06 -13.32 17.61
C GLY B 638 17.48 -12.13 18.48
N GLU B 639 16.97 -12.07 19.71
CA GLU B 639 17.34 -11.00 20.62
C GLU B 639 18.85 -10.90 20.62
N ASN B 640 19.41 -9.74 20.94
CA ASN B 640 20.89 -9.68 20.89
C ASN B 640 21.47 -8.38 21.41
N ARG B 641 22.78 -8.26 21.50
CA ARG B 641 23.34 -7.05 22.03
C ARG B 641 24.86 -6.93 21.92
N ILE B 642 25.40 -5.72 21.78
CA ILE B 642 26.84 -5.53 21.73
C ILE B 642 27.48 -5.58 23.14
N LEU B 643 28.41 -6.48 23.35
CA LEU B 643 29.06 -6.70 24.63
C LEU B 643 30.25 -5.79 24.78
N ARG B 644 31.04 -5.70 23.72
CA ARG B 644 32.24 -4.92 23.81
C ARG B 644 32.71 -4.40 22.45
N THR B 645 33.28 -3.20 22.42
CA THR B 645 33.78 -2.58 21.20
C THR B 645 35.12 -2.03 21.54
N ASP B 646 36.03 -2.02 20.58
CA ASP B 646 37.36 -1.43 20.78
C ASP B 646 37.58 -0.65 19.46
N ILE B 647 37.91 0.62 19.50
CA ILE B 647 38.07 1.35 18.26
C ILE B 647 39.39 2.03 18.29
N LEU B 648 40.00 2.23 17.13
CA LEU B 648 41.27 2.99 16.98
C LEU B 648 41.01 3.81 15.72
N HIS B 649 41.04 5.13 15.85
CA HIS B 649 40.64 5.99 14.75
C HIS B 649 41.62 7.07 14.49
N ASP B 650 41.78 7.41 13.23
CA ASP B 650 42.76 8.45 12.81
C ASP B 650 42.19 9.89 12.66
N ALA B 651 42.29 10.73 13.66
CA ALA B 651 41.82 12.10 13.53
C ALA B 651 42.92 13.09 13.23
N GLY B 652 43.99 12.64 12.58
CA GLY B 652 45.10 13.50 12.30
C GLY B 652 45.72 13.98 13.58
N ALA B 653 46.37 15.13 13.54
CA ALA B 653 46.76 15.75 14.80
C ALA B 653 45.43 16.41 15.28
N SER B 654 44.66 15.68 16.04
CA SER B 654 43.36 16.25 16.47
C SER B 654 43.44 17.69 17.09
N LEU B 655 42.48 18.56 16.75
CA LEU B 655 42.31 19.90 17.29
C LEU B 655 41.73 19.85 18.66
N ASN B 656 40.98 18.80 18.97
CA ASN B 656 40.46 18.62 20.31
C ASN B 656 40.14 17.13 20.53
N PRO B 657 41.00 16.43 21.22
CA PRO B 657 40.81 14.98 21.36
C PRO B 657 39.58 14.66 22.17
N ALA B 658 39.19 15.55 23.07
CA ALA B 658 38.01 15.22 23.86
C ALA B 658 36.80 15.26 22.94
N LEU B 659 36.72 16.34 22.17
CA LEU B 659 35.62 16.49 21.28
C LEU B 659 35.69 15.36 20.20
N ASP B 660 36.88 15.01 19.72
CA ASP B 660 36.98 13.92 18.72
C ASP B 660 36.53 12.57 19.27
N ILE B 661 37.05 12.21 20.46
CA ILE B 661 36.69 10.93 21.02
C ILE B 661 35.20 11.01 21.05
N GLY B 662 34.61 12.14 21.47
CA GLY B 662 33.13 12.21 21.58
C GLY B 662 32.38 12.07 20.23
N GLN B 663 32.94 12.55 19.16
CA GLN B 663 32.26 12.33 17.90
C GLN B 663 32.31 10.84 17.57
N ILE B 664 33.49 10.24 17.79
CA ILE B 664 33.69 8.86 17.43
C ILE B 664 32.67 7.98 18.17
N GLU B 665 32.58 8.14 19.52
CA GLU B 665 31.66 7.34 20.31
C GLU B 665 30.27 7.53 19.76
N GLY B 666 29.89 8.76 19.54
CA GLY B 666 28.54 8.97 19.11
C GLY B 666 28.33 8.49 17.73
N ALA B 667 29.28 8.66 16.87
CA ALA B 667 29.00 8.16 15.54
C ALA B 667 28.92 6.61 15.56
N TYR B 668 29.78 5.93 16.35
CA TYR B 668 29.71 4.49 16.44
C TYR B 668 28.33 4.10 16.79
N VAL B 669 27.77 4.62 17.88
CA VAL B 669 26.46 4.14 18.29
C VAL B 669 25.46 4.47 17.20
N GLN B 670 25.69 5.55 16.49
CA GLN B 670 24.69 5.86 15.47
C GLN B 670 24.70 4.80 14.31
N GLY B 671 25.89 4.33 13.97
CA GLY B 671 26.03 3.41 12.87
C GLY B 671 25.47 2.05 13.21
N ALA B 672 25.84 1.56 14.38
CA ALA B 672 25.32 0.29 14.80
C ALA B 672 23.80 0.40 14.93
N GLY B 673 23.32 1.56 15.37
CA GLY B 673 21.88 1.75 15.46
C GLY B 673 21.33 1.52 14.06
N TRP B 674 21.97 2.12 13.07
CA TRP B 674 21.48 1.95 11.73
C TRP B 674 21.33 0.49 11.27
N LEU B 675 22.20 -0.38 11.73
CA LEU B 675 22.26 -1.69 11.22
C LEU B 675 21.67 -2.73 12.18
N THR B 676 20.95 -2.29 13.21
CA THR B 676 20.37 -3.22 14.14
C THR B 676 18.95 -2.86 14.47
N THR B 677 18.69 -1.89 15.32
CA THR B 677 17.27 -1.77 15.62
C THR B 677 16.60 -0.78 14.73
N GLU B 678 17.33 0.00 13.97
CA GLU B 678 16.54 1.05 13.35
C GLU B 678 15.84 0.56 12.07
N GLU B 679 14.51 0.64 12.01
CA GLU B 679 13.84 0.11 10.85
C GLU B 679 12.64 0.94 10.31
N LEU B 680 12.66 1.28 9.02
CA LEU B 680 11.56 2.05 8.45
C LEU B 680 10.59 1.11 7.76
N VAL B 681 9.29 1.35 7.88
CA VAL B 681 8.34 0.47 7.28
C VAL B 681 7.22 1.26 6.67
N TRP B 682 6.85 0.91 5.45
CA TRP B 682 5.70 1.52 4.76
C TRP B 682 4.63 0.49 4.49
N ASP B 683 3.36 0.91 4.45
CA ASP B 683 2.27 -0.02 4.26
C ASP B 683 1.99 -0.13 2.78
N HIS B 684 0.97 -0.90 2.42
CA HIS B 684 0.78 -1.30 1.04
C HIS B 684 0.45 -0.08 0.25
N CYS B 685 -0.16 0.90 0.88
CA CYS B 685 -0.56 2.09 0.15
C CYS B 685 0.44 3.23 0.21
N GLY B 686 1.64 2.98 0.70
CA GLY B 686 2.60 4.07 0.81
C GLY B 686 2.70 4.81 2.15
N ARG B 687 1.87 4.52 3.14
CA ARG B 687 1.97 5.28 4.37
C ARG B 687 3.15 4.87 5.16
N LEU B 688 3.88 5.81 5.74
CA LEU B 688 4.97 5.45 6.64
C LEU B 688 4.34 4.93 7.93
N MET B 689 4.66 3.69 8.34
CA MET B 689 4.09 3.16 9.59
C MET B 689 4.97 3.46 10.81
N THR B 690 6.26 3.63 10.56
CA THR B 690 7.13 3.92 11.67
C THR B 690 7.33 5.43 11.63
N HIS B 691 6.61 6.19 12.44
CA HIS B 691 6.66 7.62 12.39
C HIS B 691 6.59 8.28 13.82
N ALA B 692 7.33 7.71 14.75
CA ALA B 692 7.26 8.15 16.10
C ALA B 692 8.26 7.34 16.87
N PRO B 693 8.83 7.91 17.90
CA PRO B 693 9.80 7.15 18.69
C PRO B 693 9.17 5.87 19.21
N SER B 694 7.88 5.80 19.30
CA SER B 694 7.44 4.58 19.89
C SER B 694 7.45 3.49 18.87
N THR B 695 7.64 3.81 17.60
CA THR B 695 7.75 2.68 16.68
C THR B 695 9.00 2.65 15.90
N TYR B 696 9.82 3.70 16.00
CA TYR B 696 11.14 3.76 15.34
C TYR B 696 12.14 3.89 16.47
N LYS B 697 13.04 2.90 16.56
CA LYS B 697 13.82 2.65 17.75
C LYS B 697 15.30 2.97 17.67
N ILE B 698 15.75 4.15 18.11
CA ILE B 698 17.20 4.44 18.10
C ILE B 698 17.86 3.78 19.32
N PRO B 699 19.15 3.64 19.29
CA PRO B 699 19.89 3.05 20.39
C PRO B 699 19.52 3.76 21.68
N ALA B 700 19.20 3.01 22.71
CA ALA B 700 18.84 3.59 23.97
C ALA B 700 19.98 3.37 24.95
N PHE B 701 19.89 4.00 26.09
CA PHE B 701 20.97 3.95 27.02
C PHE B 701 21.52 2.54 27.25
N SER B 702 20.69 1.57 27.56
CA SER B 702 21.41 0.33 27.75
C SER B 702 21.93 -0.30 26.49
N ASP B 703 21.52 0.14 25.33
CA ASP B 703 22.17 -0.43 24.14
C ASP B 703 23.70 -0.09 24.03
N ARG B 704 24.25 0.80 24.85
CA ARG B 704 25.66 1.14 24.65
C ARG B 704 26.47 -0.07 24.88
N PRO B 705 27.60 -0.21 24.23
CA PRO B 705 28.51 -1.33 24.48
C PRO B 705 28.91 -1.41 25.96
N ARG B 706 28.98 -2.59 26.62
CA ARG B 706 29.37 -2.59 28.05
C ARG B 706 30.80 -2.24 28.24
N ILE B 707 31.65 -2.74 27.34
CA ILE B 707 33.00 -2.23 27.33
C ILE B 707 33.26 -1.52 26.04
N PHE B 708 33.58 -0.24 26.17
CA PHE B 708 33.71 0.67 25.04
C PHE B 708 35.07 1.33 25.09
N ASN B 709 36.09 0.77 24.43
CA ASN B 709 37.39 1.45 24.33
C ASN B 709 37.65 2.18 23.02
N VAL B 710 37.86 3.48 23.10
CA VAL B 710 38.15 4.22 21.91
C VAL B 710 39.50 4.87 22.07
N ALA B 711 40.29 4.87 21.02
CA ALA B 711 41.54 5.56 21.08
C ALA B 711 41.86 6.20 19.71
N LEU B 712 42.70 7.22 19.72
CA LEU B 712 43.02 7.90 18.50
C LEU B 712 44.39 7.50 18.04
N TRP B 713 44.55 7.46 16.75
CA TRP B 713 45.82 7.25 16.16
C TRP B 713 46.32 8.65 16.02
N ASP B 714 47.51 8.93 16.51
CA ASP B 714 47.94 10.31 16.48
C ASP B 714 49.11 10.49 15.53
N GLN B 715 48.78 10.86 14.29
CA GLN B 715 49.75 11.14 13.23
C GLN B 715 49.24 12.29 12.40
N PRO B 716 50.08 13.28 12.20
CA PRO B 716 49.65 14.47 11.50
C PRO B 716 49.15 14.03 10.14
N ASN B 717 48.35 14.83 9.44
CA ASN B 717 47.86 14.55 8.11
C ASN B 717 49.01 14.95 7.21
N ARG B 718 49.17 14.26 6.09
CA ARG B 718 50.20 14.58 5.12
C ARG B 718 49.87 15.83 4.41
N GLU B 719 48.58 16.03 4.14
CA GLU B 719 48.10 17.21 3.45
C GLU B 719 48.09 18.43 4.37
N GLU B 720 48.13 19.63 3.81
CA GLU B 720 48.19 20.85 4.62
C GLU B 720 46.80 21.25 5.12
N THR B 721 46.30 20.61 6.16
CA THR B 721 45.06 20.99 6.72
C THR B 721 45.32 21.75 8.02
N ILE B 722 44.27 22.40 8.54
CA ILE B 722 44.38 23.25 9.73
C ILE B 722 45.04 22.49 10.85
N PHE B 723 46.25 22.91 11.20
CA PHE B 723 47.14 22.21 12.14
C PHE B 723 47.30 20.68 11.93
N ARG B 724 47.24 20.28 10.68
CA ARG B 724 47.43 18.87 10.28
C ARG B 724 46.44 17.94 10.93
N SER B 725 45.22 18.44 11.16
CA SER B 725 44.16 17.61 11.72
C SER B 725 43.43 16.95 10.60
N LYS B 726 42.45 16.12 10.93
CA LYS B 726 41.63 15.46 9.91
C LYS B 726 40.18 15.53 10.40
N ALA B 727 39.23 15.62 9.48
CA ALA B 727 37.83 15.67 9.83
C ALA B 727 37.44 14.45 10.54
N VAL B 728 36.64 14.58 11.55
CA VAL B 728 36.33 13.41 12.28
C VAL B 728 34.88 13.23 12.45
N GLY B 729 34.07 13.99 11.76
CA GLY B 729 32.66 13.84 11.96
C GLY B 729 31.91 12.69 11.36
N GLU B 730 32.17 12.36 10.11
CA GLU B 730 31.40 11.36 9.44
C GLU B 730 32.14 9.99 9.42
N PRO B 731 33.41 10.00 9.09
CA PRO B 731 34.16 8.75 8.96
C PRO B 731 33.81 7.76 10.04
N PRO B 732 33.80 8.16 11.28
CA PRO B 732 33.62 7.19 12.39
C PRO B 732 32.28 6.49 12.35
N PHE B 733 31.30 7.09 11.72
CA PHE B 733 30.05 6.42 11.60
C PHE B 733 30.21 5.10 10.89
N LEU B 734 31.24 4.93 10.04
CA LEU B 734 31.34 3.63 9.32
C LEU B 734 31.87 2.53 10.25
N LEU B 735 32.30 2.85 11.44
CA LEU B 735 32.86 1.80 12.23
C LEU B 735 31.75 0.90 12.72
N GLY B 736 30.51 1.36 12.60
CA GLY B 736 29.41 0.58 13.10
C GLY B 736 29.24 -0.66 12.26
N ILE B 737 29.81 -0.67 11.04
CA ILE B 737 29.67 -1.87 10.25
C ILE B 737 30.18 -3.03 11.08
N SER B 738 31.21 -2.81 11.86
CA SER B 738 31.73 -3.95 12.58
C SER B 738 30.68 -4.59 13.41
N ALA B 739 29.64 -3.87 13.76
CA ALA B 739 28.76 -4.58 14.66
C ALA B 739 27.91 -5.49 13.82
N PHE B 740 27.62 -5.06 12.62
CA PHE B 740 26.79 -5.89 11.78
C PHE B 740 27.59 -7.10 11.40
N LEU B 741 28.86 -6.89 11.08
CA LEU B 741 29.72 -8.00 10.74
C LEU B 741 29.79 -8.98 11.89
N ALA B 742 29.78 -8.47 13.12
CA ALA B 742 29.76 -9.39 14.28
C ALA B 742 28.45 -10.13 14.42
N LEU B 743 27.33 -9.43 14.35
CA LEU B 743 26.08 -10.16 14.36
C LEU B 743 26.20 -11.32 13.33
N HIS B 744 26.81 -11.07 12.18
CA HIS B 744 26.79 -12.11 11.16
C HIS B 744 27.72 -13.26 11.52
N ASP B 745 28.82 -12.97 12.20
CA ASP B 745 29.77 -14.00 12.68
C ASP B 745 29.08 -14.94 13.64
N ALA B 746 28.09 -14.45 14.38
CA ALA B 746 27.43 -15.22 15.38
C ALA B 746 26.43 -16.07 14.66
N CYS B 747 25.77 -15.54 13.66
CA CYS B 747 24.88 -16.41 12.96
C CYS B 747 25.73 -17.53 12.36
N ALA B 748 26.82 -17.18 11.72
CA ALA B 748 27.62 -18.17 11.02
C ALA B 748 28.08 -19.28 11.93
N ALA B 749 27.92 -19.10 13.22
CA ALA B 749 28.46 -20.12 14.08
C ALA B 749 27.39 -21.15 14.42
N CYS B 750 26.20 -20.92 13.92
CA CYS B 750 25.11 -21.79 14.31
C CYS B 750 24.87 -22.90 13.34
N GLY B 751 25.62 -22.91 12.23
CA GLY B 751 25.39 -23.85 11.15
C GLY B 751 26.43 -23.65 10.07
N PRO B 752 26.35 -24.44 9.02
CA PRO B 752 27.35 -24.38 7.94
C PRO B 752 26.86 -23.57 6.74
N HIS B 753 25.60 -23.21 6.68
CA HIS B 753 25.19 -22.40 5.55
C HIS B 753 25.37 -20.86 5.72
N TRP B 754 25.47 -20.20 4.57
CA TRP B 754 25.54 -18.75 4.43
C TRP B 754 24.32 -18.22 5.11
N PRO B 755 24.51 -17.44 6.15
CA PRO B 755 23.36 -16.93 6.93
C PRO B 755 22.54 -15.90 6.15
N ASP B 756 23.16 -15.24 5.17
CA ASP B 756 22.57 -14.17 4.34
C ASP B 756 21.86 -13.13 5.25
N LEU B 757 22.58 -12.61 6.23
CA LEU B 757 21.95 -11.70 7.17
C LEU B 757 21.68 -10.39 6.45
N GLN B 758 20.43 -9.95 6.43
CA GLN B 758 20.09 -8.66 5.83
C GLN B 758 20.14 -7.48 6.84
N ALA B 759 20.34 -6.27 6.34
CA ALA B 759 20.40 -5.06 7.22
C ALA B 759 19.06 -4.40 7.06
N PRO B 760 18.44 -3.86 8.08
CA PRO B 760 18.85 -3.86 9.46
C PRO B 760 18.70 -5.20 10.17
N ALA B 761 19.73 -5.54 10.90
CA ALA B 761 19.73 -6.77 11.61
C ALA B 761 18.83 -6.77 12.84
N THR B 762 17.52 -6.60 12.68
CA THR B 762 16.68 -6.66 13.86
C THR B 762 16.69 -8.07 14.43
N PRO B 763 16.03 -8.29 15.56
CA PRO B 763 15.88 -9.64 16.12
C PRO B 763 15.16 -10.56 15.10
N GLU B 764 14.06 -10.09 14.50
CA GLU B 764 13.39 -10.94 13.49
C GLU B 764 14.42 -11.30 12.42
N ALA B 765 15.22 -10.34 11.98
CA ALA B 765 16.14 -10.66 10.91
C ALA B 765 17.29 -11.53 11.39
N VAL B 766 17.74 -11.35 12.63
CA VAL B 766 18.85 -12.21 13.06
C VAL B 766 18.33 -13.69 13.11
N LEU B 767 17.07 -13.81 13.45
CA LEU B 767 16.52 -15.09 13.64
C LEU B 767 16.44 -15.72 12.31
N ALA B 768 16.15 -14.92 11.31
CA ALA B 768 16.03 -15.54 9.98
C ALA B 768 17.42 -15.97 9.55
N ALA B 769 18.41 -15.14 9.78
CA ALA B 769 19.72 -15.62 9.39
C ALA B 769 20.20 -16.81 10.22
N VAL B 770 19.69 -17.00 11.43
CA VAL B 770 20.20 -18.09 12.25
C VAL B 770 19.63 -19.38 11.68
N ARG B 771 18.37 -19.30 11.22
CA ARG B 771 17.75 -20.47 10.65
C ARG B 771 18.39 -20.90 9.31
N ARG B 772 18.79 -19.95 8.49
CA ARG B 772 19.30 -20.36 7.19
C ARG B 772 20.59 -21.08 7.48
N ALA B 773 21.28 -20.61 8.50
CA ALA B 773 22.55 -21.18 8.72
C ALA B 773 22.34 -22.59 9.30
N GLU B 774 21.27 -22.72 10.07
CA GLU B 774 21.00 -23.97 10.76
C GLU B 774 20.37 -24.89 9.74
N GLY B 775 20.10 -24.35 8.55
CA GLY B 775 19.50 -25.14 7.49
C GLY B 775 18.06 -25.50 7.76
N ARG B 776 17.43 -24.81 8.71
CA ARG B 776 16.03 -25.08 9.01
C ARG B 776 15.14 -24.27 8.10
N ALA B 777 15.68 -23.90 6.94
CA ALA B 777 14.93 -23.11 5.97
C ALA B 777 15.35 -21.64 5.99
N MET C 1 -18.90 50.07 27.88
CA MET C 1 -19.28 51.02 26.77
C MET C 1 -18.52 50.74 25.47
N GLU C 2 -19.25 50.69 24.36
CA GLU C 2 -18.73 50.36 23.05
C GLU C 2 -18.89 51.48 22.04
N ILE C 3 -17.82 51.85 21.33
CA ILE C 3 -17.94 52.83 20.26
C ILE C 3 -17.52 52.22 18.93
N ALA C 4 -17.97 52.81 17.85
CA ALA C 4 -17.59 52.31 16.56
C ALA C 4 -17.04 53.41 15.67
N PHE C 5 -16.11 53.06 14.81
CA PHE C 5 -15.58 54.06 13.94
C PHE C 5 -14.90 53.31 12.87
N LEU C 6 -14.72 53.97 11.74
CA LEU C 6 -13.99 53.45 10.61
C LEU C 6 -12.47 53.74 10.80
N LEU C 7 -11.60 52.72 10.70
CA LEU C 7 -10.15 52.87 10.80
C LEU C 7 -9.46 52.53 9.52
N ASN C 8 -8.87 53.54 8.89
CA ASN C 8 -8.24 53.40 7.59
C ASN C 8 -9.11 52.54 6.67
N GLY C 9 -10.39 52.86 6.54
CA GLY C 9 -11.30 52.10 5.72
C GLY C 9 -12.07 50.88 6.31
N GLU C 10 -11.80 50.49 7.55
CA GLU C 10 -12.33 49.24 8.05
C GLU C 10 -13.08 49.59 9.29
N THR C 11 -14.17 48.93 9.53
CA THR C 11 -15.02 49.17 10.68
C THR C 11 -14.42 48.58 11.88
N ARG C 12 -14.48 49.32 12.96
CA ARG C 12 -13.88 48.87 14.17
C ARG C 12 -14.80 49.19 15.37
N ARG C 13 -14.94 48.22 16.27
CA ARG C 13 -15.78 48.33 17.46
C ARG C 13 -14.89 48.16 18.65
N VAL C 14 -14.93 49.05 19.61
CA VAL C 14 -14.02 48.97 20.72
C VAL C 14 -14.67 49.13 22.07
N ARG C 15 -14.25 48.34 23.04
CA ARG C 15 -14.79 48.41 24.37
C ARG C 15 -13.99 49.41 25.16
N ILE C 16 -14.57 50.55 25.51
CA ILE C 16 -13.83 51.52 26.29
C ILE C 16 -13.88 51.24 27.80
N GLU C 17 -12.75 51.10 28.44
CA GLU C 17 -12.77 50.90 29.88
C GLU C 17 -12.18 52.10 30.54
N ASP C 18 -11.30 52.78 29.83
CA ASP C 18 -10.69 54.02 30.30
C ASP C 18 -10.97 55.07 29.26
N PRO C 19 -11.87 55.97 29.56
CA PRO C 19 -12.38 56.92 28.58
C PRO C 19 -11.37 57.98 28.35
N THR C 20 -10.39 57.98 29.19
CA THR C 20 -9.44 59.05 29.19
C THR C 20 -8.21 58.72 28.34
N GLN C 21 -8.08 57.49 27.94
CA GLN C 21 -6.94 57.09 27.18
C GLN C 21 -6.88 57.90 25.91
N SER C 22 -5.70 58.27 25.48
CA SER C 22 -5.64 58.97 24.27
C SER C 22 -5.60 58.11 23.02
N LEU C 23 -6.06 58.71 21.93
CA LEU C 23 -6.07 58.05 20.65
C LEU C 23 -4.67 57.55 20.26
N LEU C 24 -3.65 58.38 20.55
CA LEU C 24 -2.29 58.13 20.24
C LEU C 24 -1.87 56.87 20.94
N GLU C 25 -2.14 56.73 22.23
CA GLU C 25 -1.82 55.42 22.81
C GLU C 25 -2.60 54.24 22.24
N LEU C 26 -3.89 54.40 21.89
CA LEU C 26 -4.64 53.24 21.50
C LEU C 26 -3.98 52.78 20.23
N LEU C 27 -3.62 53.72 19.40
CA LEU C 27 -3.12 53.37 18.10
C LEU C 27 -1.76 52.65 18.16
N ARG C 28 -0.89 53.16 19.00
CA ARG C 28 0.41 52.58 19.14
C ARG C 28 0.24 51.23 19.80
N ALA C 29 -0.81 51.00 20.55
CA ALA C 29 -0.82 49.71 21.24
C ALA C 29 -1.43 48.67 20.30
N GLU C 30 -2.05 49.13 19.22
CA GLU C 30 -2.70 48.26 18.32
C GLU C 30 -1.63 47.94 17.30
N GLY C 31 -0.45 48.52 17.45
CA GLY C 31 0.58 48.29 16.49
C GLY C 31 0.66 49.25 15.34
N LEU C 32 -0.20 50.27 15.25
CA LEU C 32 -0.12 51.26 14.17
C LEU C 32 0.93 52.26 14.58
N THR C 33 2.11 51.76 14.52
CA THR C 33 3.31 52.40 14.90
C THR C 33 3.69 53.64 14.06
N GLY C 34 2.98 53.89 12.96
CA GLY C 34 3.32 55.05 12.14
C GLY C 34 2.98 56.40 12.78
N THR C 35 2.07 56.41 13.72
CA THR C 35 1.76 57.68 14.38
C THR C 35 2.70 57.78 15.51
N LYS C 36 3.41 58.89 15.57
CA LYS C 36 4.58 59.06 16.44
C LYS C 36 4.24 59.91 17.59
N GLU C 37 5.04 59.84 18.63
CA GLU C 37 4.87 60.62 19.82
C GLU C 37 6.04 61.53 19.91
N GLY C 38 5.91 62.82 19.61
CA GLY C 38 7.00 63.78 19.74
C GLY C 38 7.00 64.71 20.98
N CYS C 39 5.87 64.92 21.65
CA CYS C 39 5.84 65.83 22.77
C CYS C 39 4.75 65.41 23.71
N ASN C 40 3.68 64.85 23.16
CA ASN C 40 2.56 64.35 23.94
C ASN C 40 1.83 65.51 24.61
N GLU C 41 1.93 66.68 24.00
CA GLU C 41 1.50 67.88 24.61
C GLU C 41 0.77 68.81 23.67
N GLY C 42 0.55 68.39 22.42
CA GLY C 42 -0.14 69.19 21.43
C GLY C 42 0.69 70.10 20.56
N ASP C 43 1.90 70.43 21.04
CA ASP C 43 2.82 71.28 20.30
C ASP C 43 3.52 70.73 19.03
N CYS C 44 3.78 69.45 18.87
CA CYS C 44 4.64 69.19 17.68
C CYS C 44 4.06 68.71 16.36
N GLY C 45 2.83 68.15 16.37
CA GLY C 45 2.22 67.68 15.16
C GLY C 45 2.62 66.27 14.75
N ALA C 46 3.51 65.66 15.51
CA ALA C 46 4.05 64.42 15.02
C ALA C 46 3.04 63.28 15.08
N CYS C 47 1.98 63.48 15.86
CA CYS C 47 0.95 62.44 16.06
C CYS C 47 -0.29 62.81 15.22
N THR C 48 -0.16 63.75 14.32
CA THR C 48 -1.29 64.14 13.58
C THR C 48 -2.09 63.05 12.94
N VAL C 49 -3.40 63.09 13.08
CA VAL C 49 -4.24 62.16 12.38
C VAL C 49 -5.39 62.85 11.69
N MET C 50 -6.04 62.16 10.76
CA MET C 50 -7.18 62.76 10.01
C MET C 50 -8.50 62.17 10.40
N ILE C 51 -9.44 63.01 10.81
CA ILE C 51 -10.78 62.51 11.09
C ILE C 51 -11.79 63.08 10.09
N ARG C 52 -12.89 62.41 10.02
CA ARG C 52 -13.90 62.81 9.08
C ARG C 52 -15.24 62.36 9.57
N ASP C 53 -16.16 63.32 9.48
CA ASP C 53 -17.56 63.16 9.82
C ASP C 53 -18.39 64.05 8.88
N ALA C 54 -19.63 64.36 9.25
CA ALA C 54 -20.48 65.16 8.34
C ALA C 54 -20.00 66.61 8.09
N ALA C 55 -19.33 67.24 9.07
CA ALA C 55 -18.80 68.55 8.80
C ALA C 55 -17.68 68.46 7.77
N GLY C 56 -17.20 67.26 7.49
CA GLY C 56 -16.08 67.10 6.58
C GLY C 56 -14.82 66.51 7.23
N SER C 57 -13.68 66.77 6.62
CA SER C 57 -12.47 66.19 7.13
C SER C 57 -11.44 67.18 7.67
N ARG C 58 -10.71 66.78 8.69
CA ARG C 58 -9.73 67.68 9.29
C ARG C 58 -8.57 66.94 9.91
N ALA C 59 -7.41 67.55 10.01
CA ALA C 59 -6.32 66.90 10.70
C ALA C 59 -6.37 67.37 12.15
N VAL C 60 -6.10 66.48 13.11
CA VAL C 60 -6.04 66.84 14.53
C VAL C 60 -4.91 66.04 15.20
N ASN C 61 -4.54 66.40 16.42
CA ASN C 61 -3.48 65.70 17.16
C ASN C 61 -3.99 64.52 17.90
N ALA C 62 -3.53 63.33 17.59
CA ALA C 62 -4.10 62.21 18.32
C ALA C 62 -3.74 62.20 19.80
N CYS C 63 -2.74 62.96 20.23
CA CYS C 63 -2.31 62.87 21.63
C CYS C 63 -3.30 63.63 22.50
N LEU C 64 -4.00 64.62 21.95
CA LEU C 64 -4.96 65.42 22.68
C LEU C 64 -6.34 64.80 22.61
N MET C 65 -6.50 63.79 21.78
CA MET C 65 -7.80 63.26 21.51
C MET C 65 -8.08 61.98 22.25
N MET C 66 -9.14 61.95 23.04
CA MET C 66 -9.49 60.75 23.77
C MET C 66 -10.38 59.93 22.86
N LEU C 67 -10.53 58.63 23.13
CA LEU C 67 -11.29 57.77 22.22
C LEU C 67 -12.72 58.07 22.07
N PRO C 68 -13.49 58.24 23.15
CA PRO C 68 -14.93 58.51 23.01
C PRO C 68 -15.20 59.59 22.01
N GLN C 69 -14.32 60.56 21.83
CA GLN C 69 -14.49 61.60 20.85
C GLN C 69 -14.58 61.11 19.40
N ILE C 70 -14.14 59.91 19.08
CA ILE C 70 -14.21 59.60 17.65
C ILE C 70 -15.36 58.74 17.29
N ALA C 71 -16.28 58.57 18.19
CA ALA C 71 -17.35 57.63 17.89
C ALA C 71 -18.21 58.08 16.70
N GLY C 72 -18.37 57.21 15.72
CA GLY C 72 -19.20 57.50 14.59
C GLY C 72 -18.39 58.21 13.55
N LYS C 73 -17.08 58.31 13.75
CA LYS C 73 -16.26 59.06 12.83
C LYS C 73 -15.44 58.17 11.98
N ALA C 74 -14.87 58.70 10.90
CA ALA C 74 -13.89 57.91 10.15
C ALA C 74 -12.47 58.48 10.37
N LEU C 75 -11.62 57.58 10.83
CA LEU C 75 -10.22 57.85 11.21
C LEU C 75 -9.20 57.34 10.19
N ARG C 76 -8.38 58.23 9.69
CA ARG C 76 -7.30 57.87 8.80
C ARG C 76 -5.90 58.18 9.43
N THR C 77 -5.03 57.21 9.60
CA THR C 77 -3.67 57.49 10.04
C THR C 77 -2.68 57.39 8.88
N ILE C 78 -1.39 57.68 9.13
CA ILE C 78 -0.40 57.64 8.04
C ILE C 78 -0.45 56.29 7.37
N GLU C 79 -0.66 55.21 8.11
CA GLU C 79 -0.65 53.95 7.35
C GLU C 79 -1.79 53.80 6.32
N GLY C 80 -2.75 54.70 6.33
CA GLY C 80 -3.88 54.62 5.45
C GLY C 80 -3.93 55.76 4.48
N ILE C 81 -2.84 56.46 4.31
CA ILE C 81 -2.88 57.55 3.38
C ILE C 81 -2.68 57.03 1.99
N ALA C 82 -1.91 55.97 1.83
CA ALA C 82 -1.73 55.35 0.51
C ALA C 82 -2.96 54.57 0.05
N ALA C 83 -3.11 54.39 -1.25
CA ALA C 83 -4.25 53.59 -1.69
C ALA C 83 -4.13 52.13 -1.33
N PRO C 84 -5.24 51.45 -1.26
CA PRO C 84 -5.25 50.02 -0.93
C PRO C 84 -4.30 49.22 -1.85
N ASP C 85 -4.24 49.59 -3.12
CA ASP C 85 -3.37 48.86 -4.00
C ASP C 85 -1.92 49.32 -3.93
N GLY C 86 -1.55 50.12 -2.93
CA GLY C 86 -0.18 50.61 -2.83
C GLY C 86 0.21 51.91 -3.57
N ARG C 87 -0.64 52.43 -4.43
CA ARG C 87 -0.33 53.74 -4.99
C ARG C 87 -0.06 54.81 -3.86
N LEU C 88 1.04 55.55 -3.95
CA LEU C 88 1.27 56.63 -3.01
C LEU C 88 0.33 57.76 -3.34
N HIS C 89 -0.12 58.47 -2.29
CA HIS C 89 -0.94 59.69 -2.44
C HIS C 89 -0.06 60.78 -3.10
N PRO C 90 -0.59 61.60 -3.96
CA PRO C 90 0.21 62.71 -4.55
C PRO C 90 1.12 63.45 -3.56
N VAL C 91 0.66 63.61 -2.36
CA VAL C 91 1.47 64.31 -1.38
C VAL C 91 2.67 63.47 -0.92
N GLN C 92 2.50 62.16 -0.86
CA GLN C 92 3.58 61.25 -0.57
C GLN C 92 4.65 61.31 -1.64
N GLN C 93 4.26 61.18 -2.91
CA GLN C 93 5.20 61.15 -3.99
C GLN C 93 5.90 62.50 -4.01
N ALA C 94 5.15 63.55 -3.81
CA ALA C 94 5.81 64.83 -3.91
C ALA C 94 6.86 64.94 -2.82
N MET C 95 6.61 64.38 -1.63
CA MET C 95 7.62 64.50 -0.56
C MET C 95 8.89 63.73 -0.90
N ILE C 96 8.74 62.66 -1.64
CA ILE C 96 9.92 61.96 -2.11
C ILE C 96 10.64 62.81 -3.14
N ASP C 97 9.91 63.37 -4.08
CA ASP C 97 10.53 64.06 -5.15
C ASP C 97 11.19 65.32 -4.78
N HIS C 98 10.77 65.93 -3.68
CA HIS C 98 11.31 67.21 -3.33
C HIS C 98 12.15 67.13 -2.09
N HIS C 99 12.35 65.93 -1.54
CA HIS C 99 13.27 65.76 -0.39
C HIS C 99 12.67 66.43 0.80
N GLY C 100 11.39 66.27 0.98
CA GLY C 100 10.75 66.82 2.14
C GLY C 100 10.99 66.11 3.46
N SER C 101 11.84 65.10 3.46
CA SER C 101 12.23 64.56 4.74
C SER C 101 13.69 64.20 4.79
N GLN C 102 14.26 64.20 5.99
CA GLN C 102 15.63 63.84 6.28
C GLN C 102 15.56 62.81 7.41
N CYS C 103 15.33 63.17 8.68
CA CYS C 103 15.30 62.10 9.66
C CYS C 103 14.11 61.22 9.50
N GLY C 104 13.01 61.75 8.97
CA GLY C 104 11.81 60.92 8.84
C GLY C 104 10.79 61.08 9.98
N PHE C 105 11.16 61.48 11.19
CA PHE C 105 10.22 61.41 12.29
C PHE C 105 9.05 62.31 12.24
N CYS C 106 9.11 63.45 11.58
CA CYS C 106 8.00 64.36 11.53
C CYS C 106 7.26 64.04 10.25
N THR C 107 7.75 63.04 9.55
CA THR C 107 7.16 62.86 8.27
C THR C 107 5.71 62.45 8.21
N PRO C 108 5.34 61.44 8.90
CA PRO C 108 3.93 61.07 8.91
C PRO C 108 2.92 62.18 9.24
N GLY C 109 3.18 63.01 10.24
CA GLY C 109 2.29 64.04 10.65
C GLY C 109 2.25 65.08 9.58
N PHE C 110 3.35 65.35 8.88
CA PHE C 110 3.34 66.37 7.83
C PHE C 110 2.45 65.77 6.72
N ILE C 111 2.66 64.49 6.39
CA ILE C 111 1.88 63.83 5.35
C ILE C 111 0.37 63.81 5.68
N VAL C 112 0.03 63.54 6.95
CA VAL C 112 -1.38 63.55 7.25
C VAL C 112 -1.93 64.98 7.10
N SER C 113 -1.27 66.02 7.64
CA SER C 113 -1.71 67.39 7.49
C SER C 113 -1.90 67.72 6.03
N MET C 114 -0.89 67.40 5.26
CA MET C 114 -0.85 67.76 3.87
C MET C 114 -1.97 67.01 3.17
N ALA C 115 -2.22 65.79 3.60
CA ALA C 115 -3.26 65.04 2.91
C ALA C 115 -4.62 65.65 3.18
N ALA C 116 -4.86 66.00 4.43
CA ALA C 116 -6.15 66.56 4.77
C ALA C 116 -6.29 67.86 4.03
N ALA C 117 -5.26 68.67 3.93
CA ALA C 117 -5.42 69.92 3.23
C ALA C 117 -5.75 69.71 1.73
N HIS C 118 -5.16 68.71 1.11
CA HIS C 118 -5.38 68.41 -0.26
C HIS C 118 -6.84 68.03 -0.49
N ASP C 119 -7.35 67.17 0.40
CA ASP C 119 -8.73 66.71 0.43
C ASP C 119 -9.76 67.82 0.32
N ARG C 120 -9.47 69.00 0.87
CA ARG C 120 -10.41 70.10 0.83
C ARG C 120 -9.80 71.19 0.00
N ASP C 121 -8.71 70.89 -0.66
CA ASP C 121 -8.12 71.87 -1.52
C ASP C 121 -7.70 73.16 -0.80
N ARG C 122 -7.19 73.06 0.42
CA ARG C 122 -6.80 74.26 1.12
C ARG C 122 -5.34 74.56 0.82
N LYS C 123 -5.00 75.82 0.65
CA LYS C 123 -3.65 76.20 0.22
C LYS C 123 -2.92 77.18 1.14
N ASP C 124 -3.50 77.47 2.29
CA ASP C 124 -2.82 78.37 3.17
C ASP C 124 -1.80 77.57 3.99
N TYR C 125 -0.68 77.25 3.39
CA TYR C 125 0.29 76.36 4.03
C TYR C 125 0.92 76.71 5.35
N ASP C 126 1.48 77.91 5.46
CA ASP C 126 2.04 78.43 6.67
C ASP C 126 1.04 78.19 7.77
N ASP C 127 -0.24 78.42 7.54
CA ASP C 127 -1.08 78.21 8.70
C ASP C 127 -1.47 76.77 8.91
N LEU C 128 -1.60 76.01 7.85
CA LEU C 128 -2.00 74.63 7.98
C LEU C 128 -0.88 73.81 8.61
N LEU C 129 0.36 74.22 8.38
CA LEU C 129 1.45 73.43 8.92
C LEU C 129 2.16 74.06 10.15
N ALA C 130 1.71 75.20 10.63
CA ALA C 130 2.37 75.78 11.78
C ALA C 130 2.63 74.73 12.88
N GLY C 131 1.67 73.88 13.11
CA GLY C 131 1.80 72.94 14.14
C GLY C 131 2.42 71.60 13.80
N ASN C 132 3.20 71.52 12.72
CA ASN C 132 3.99 70.34 12.48
C ASN C 132 5.35 70.91 12.49
N LEU C 133 6.16 70.52 13.51
CA LEU C 133 7.49 71.08 13.68
C LEU C 133 8.42 70.19 12.91
N CYS C 134 9.45 70.74 12.25
CA CYS C 134 10.52 69.89 11.70
C CYS C 134 11.89 70.45 12.06
N ARG C 135 12.75 69.68 12.70
CA ARG C 135 14.03 70.24 13.05
C ARG C 135 15.00 70.04 11.95
N CYS C 136 14.73 69.21 10.96
CA CYS C 136 15.81 68.96 10.02
C CYS C 136 15.83 69.79 8.77
N THR C 137 14.69 70.01 8.11
CA THR C 137 14.81 70.38 6.72
C THR C 137 14.75 71.84 6.48
N GLY C 138 14.35 72.66 7.44
CA GLY C 138 14.14 74.06 7.17
C GLY C 138 12.85 74.39 6.45
N TYR C 139 11.96 73.40 6.33
CA TYR C 139 10.59 73.72 5.80
C TYR C 139 10.52 73.99 4.25
N ALA C 140 11.46 74.74 3.72
CA ALA C 140 11.33 74.99 2.28
C ALA C 140 10.98 73.78 1.37
N PRO C 141 11.66 72.66 1.47
CA PRO C 141 11.34 71.54 0.60
C PRO C 141 9.94 71.02 0.86
N ILE C 142 9.41 71.11 2.10
CA ILE C 142 8.02 70.71 2.31
C ILE C 142 7.05 71.68 1.58
N LEU C 143 7.29 73.00 1.61
CA LEU C 143 6.49 73.92 0.77
C LEU C 143 6.58 73.51 -0.66
N ARG C 144 7.76 73.22 -1.17
CA ARG C 144 7.78 72.82 -2.56
C ARG C 144 6.93 71.60 -2.78
N ALA C 145 6.98 70.65 -1.89
CA ALA C 145 6.19 69.49 -2.13
C ALA C 145 4.72 69.79 -2.06
N ALA C 146 4.25 70.68 -1.16
CA ALA C 146 2.83 70.89 -1.08
C ALA C 146 2.38 71.52 -2.36
N GLU C 147 3.19 72.40 -2.89
CA GLU C 147 2.86 73.18 -4.06
C GLU C 147 2.79 72.27 -5.29
N ALA C 148 3.62 71.24 -5.37
CA ALA C 148 3.53 70.35 -6.53
C ALA C 148 2.38 69.40 -6.42
N ALA C 149 1.93 69.15 -5.21
CA ALA C 149 0.90 68.14 -5.08
C ALA C 149 -0.47 68.74 -5.32
N ALA C 150 -0.54 70.07 -5.20
CA ALA C 150 -1.81 70.77 -5.28
C ALA C 150 -2.40 70.60 -6.66
N GLY C 151 -1.56 70.54 -7.68
CA GLY C 151 -2.08 70.26 -8.97
C GLY C 151 -2.33 68.78 -9.23
N GLU C 152 -2.91 68.05 -8.30
CA GLU C 152 -3.17 66.64 -8.59
C GLU C 152 -4.53 66.34 -8.08
N PRO C 153 -5.27 65.61 -8.87
CA PRO C 153 -6.62 65.20 -8.48
C PRO C 153 -6.59 64.55 -7.08
N PRO C 154 -7.59 64.88 -6.27
CA PRO C 154 -7.72 64.30 -4.93
C PRO C 154 -7.74 62.76 -4.97
N ALA C 155 -7.22 62.13 -3.92
CA ALA C 155 -7.30 60.71 -3.78
C ALA C 155 -8.76 60.26 -3.67
N ASP C 156 -9.20 59.39 -4.58
CA ASP C 156 -10.57 58.90 -4.49
C ASP C 156 -10.81 58.05 -3.23
N TRP C 157 -9.83 57.22 -2.90
CA TRP C 157 -9.97 56.33 -1.77
C TRP C 157 -10.13 57.02 -0.39
N LEU C 158 -9.71 58.27 -0.28
CA LEU C 158 -9.91 59.00 0.96
C LEU C 158 -11.32 59.53 1.04
N GLN C 159 -11.84 60.02 -0.06
CA GLN C 159 -13.21 60.52 -0.08
C GLN C 159 -14.29 59.50 0.21
N ALA C 160 -14.09 58.27 -0.24
CA ALA C 160 -15.03 57.20 0.03
C ALA C 160 -15.41 56.97 1.48
N ASP C 161 -14.63 57.47 2.42
CA ASP C 161 -15.00 57.26 3.82
C ASP C 161 -16.18 58.12 4.20
N ALA C 162 -16.53 59.09 3.36
CA ALA C 162 -17.66 59.99 3.63
C ALA C 162 -18.94 59.22 3.90
N ALA C 163 -19.07 58.07 3.23
CA ALA C 163 -20.19 57.18 3.35
C ALA C 163 -20.29 56.42 4.67
N PHE C 164 -19.66 56.88 5.75
CA PHE C 164 -19.70 56.11 7.00
C PHE C 164 -20.74 56.50 8.09
N THR C 165 -21.19 55.47 8.81
CA THR C 165 -22.30 55.49 9.81
C THR C 165 -23.65 56.05 9.26
N LEU C 166 -23.79 55.92 7.95
CA LEU C 166 -24.96 56.37 7.22
C LEU C 166 -25.46 55.25 6.29
N PRO C 179 -19.82 54.68 33.04
CA PRO C 179 -19.06 54.39 31.82
C PRO C 179 -18.19 55.62 31.41
N ALA C 180 -18.83 56.79 31.24
CA ALA C 180 -18.40 58.09 30.72
C ALA C 180 -19.57 58.63 29.84
N PHE C 181 -20.11 59.79 30.17
CA PHE C 181 -21.35 60.28 29.57
C PHE C 181 -21.22 61.05 28.26
N LEU C 182 -22.10 60.73 27.31
CA LEU C 182 -22.06 61.41 26.01
C LEU C 182 -23.33 62.08 25.55
N PRO C 183 -23.66 63.24 26.08
CA PRO C 183 -24.91 63.95 25.78
C PRO C 183 -25.16 64.29 24.35
N GLU C 184 -26.39 64.20 23.90
CA GLU C 184 -26.67 64.55 22.52
C GLU C 184 -27.36 65.89 22.39
N THR C 185 -27.91 66.40 23.49
CA THR C 185 -28.61 67.68 23.50
C THR C 185 -28.21 68.49 24.68
N SER C 186 -28.43 69.78 24.60
CA SER C 186 -28.08 70.66 25.69
C SER C 186 -28.89 70.31 26.90
N ASP C 187 -30.13 69.88 26.63
CA ASP C 187 -31.03 69.47 27.70
C ASP C 187 -30.52 68.25 28.50
N ALA C 188 -30.17 67.19 27.80
CA ALA C 188 -29.67 66.02 28.49
C ALA C 188 -28.48 66.43 29.31
N LEU C 189 -27.64 67.30 28.75
CA LEU C 189 -26.43 67.69 29.44
C LEU C 189 -26.80 68.40 30.70
N ALA C 190 -27.56 69.48 30.54
CA ALA C 190 -28.02 70.31 31.64
C ALA C 190 -28.56 69.46 32.76
N ASP C 191 -29.39 68.52 32.41
CA ASP C 191 -29.93 67.66 33.44
C ASP C 191 -28.84 67.00 34.25
N TRP C 192 -28.10 66.11 33.59
CA TRP C 192 -27.05 65.28 34.15
C TRP C 192 -26.00 66.04 34.96
N TYR C 193 -25.60 67.21 34.46
CA TYR C 193 -24.55 67.95 35.11
C TYR C 193 -25.12 68.43 36.43
N LEU C 194 -26.38 68.84 36.40
CA LEU C 194 -27.03 69.29 37.60
C LEU C 194 -26.96 68.22 38.70
N ALA C 195 -26.97 66.96 38.30
CA ALA C 195 -26.89 65.88 39.25
C ALA C 195 -25.46 65.57 39.60
N HIS C 196 -24.55 65.82 38.69
CA HIS C 196 -23.15 65.56 39.02
C HIS C 196 -22.32 66.84 38.89
N PRO C 197 -22.54 67.76 39.79
CA PRO C 197 -21.91 69.06 39.74
C PRO C 197 -20.40 68.90 39.68
N GLU C 198 -19.88 67.83 40.27
CA GLU C 198 -18.44 67.65 40.42
C GLU C 198 -17.78 66.98 39.20
N ALA C 199 -18.58 66.66 38.20
CA ALA C 199 -18.10 65.99 37.02
C ALA C 199 -17.05 66.77 36.26
N THR C 200 -16.26 66.05 35.46
CA THR C 200 -15.31 66.72 34.61
C THR C 200 -15.85 66.82 33.21
N LEU C 201 -16.10 68.05 32.80
CA LEU C 201 -16.62 68.26 31.46
C LEU C 201 -15.46 68.31 30.49
N ILE C 202 -15.55 67.56 29.42
CA ILE C 202 -14.53 67.61 28.40
C ILE C 202 -15.08 67.99 27.03
N ALA C 203 -14.63 69.09 26.47
CA ALA C 203 -15.05 69.51 25.15
C ALA C 203 -14.00 69.08 24.10
N GLY C 204 -13.13 70.01 23.74
CA GLY C 204 -12.12 69.71 22.79
C GLY C 204 -11.11 68.88 23.53
N GLY C 205 -10.89 69.16 24.80
CA GLY C 205 -9.98 68.33 25.55
C GLY C 205 -8.56 68.82 25.50
N THR C 206 -8.30 69.88 24.77
CA THR C 206 -6.98 70.41 24.64
C THR C 206 -6.42 70.99 25.91
N ASP C 207 -7.22 71.34 26.91
CA ASP C 207 -6.60 71.77 28.16
C ASP C 207 -6.60 70.58 29.06
N VAL C 208 -7.64 69.76 29.00
CA VAL C 208 -7.77 68.65 29.94
C VAL C 208 -6.79 67.49 29.73
N SER C 209 -6.51 67.15 28.50
CA SER C 209 -5.64 66.00 28.32
C SER C 209 -4.24 66.14 28.93
N LEU C 210 -3.74 67.39 29.02
CA LEU C 210 -2.49 67.70 29.77
C LEU C 210 -2.60 67.47 31.27
N TRP C 211 -3.82 67.37 31.82
CA TRP C 211 -3.91 67.00 33.23
C TRP C 211 -3.59 65.52 33.34
N VAL C 212 -3.99 64.76 32.33
CA VAL C 212 -3.68 63.35 32.34
C VAL C 212 -2.27 62.96 31.80
N THR C 213 -1.85 63.55 30.69
CA THR C 213 -0.55 63.16 30.19
C THR C 213 0.64 63.69 30.97
N LYS C 214 0.56 64.94 31.42
CA LYS C 214 1.70 65.55 32.08
C LYS C 214 1.58 65.59 33.58
N ALA C 215 0.45 66.06 34.11
CA ALA C 215 0.32 66.05 35.56
C ALA C 215 0.08 64.61 36.03
N LEU C 216 -0.17 63.71 35.08
CA LEU C 216 -0.45 62.33 35.41
C LEU C 216 -1.63 62.17 36.33
N ARG C 217 -2.65 62.99 36.11
CA ARG C 217 -3.83 62.93 36.95
C ARG C 217 -4.78 61.86 36.41
N ASP C 218 -5.85 61.63 37.15
CA ASP C 218 -6.86 60.64 36.80
C ASP C 218 -8.25 61.24 37.10
N LEU C 219 -9.10 61.30 36.08
CA LEU C 219 -10.37 61.98 36.22
C LEU C 219 -11.54 61.04 36.18
N PRO C 220 -12.22 60.84 37.29
CA PRO C 220 -13.42 60.02 37.26
C PRO C 220 -14.63 60.96 37.10
N GLU C 221 -15.76 60.43 36.65
CA GLU C 221 -16.96 61.25 36.43
C GLU C 221 -16.69 62.21 35.29
N VAL C 222 -16.97 61.77 34.07
CA VAL C 222 -16.58 62.49 32.87
C VAL C 222 -17.68 62.62 31.82
N ALA C 223 -17.81 63.78 31.20
CA ALA C 223 -18.79 63.93 30.13
C ALA C 223 -18.20 64.60 28.89
N PHE C 224 -18.53 64.12 27.70
CA PHE C 224 -18.00 64.70 26.49
C PHE C 224 -19.03 65.53 25.81
N LEU C 225 -18.76 66.81 25.64
CA LEU C 225 -19.68 67.69 24.99
C LEU C 225 -19.63 67.71 23.46
N SER C 226 -18.62 67.12 22.85
CA SER C 226 -18.47 67.26 21.41
C SER C 226 -19.60 66.72 20.57
N HIS C 227 -20.48 65.94 21.15
CA HIS C 227 -21.56 65.39 20.34
C HIS C 227 -22.92 66.08 20.51
N CYS C 228 -22.98 67.27 21.14
CA CYS C 228 -24.25 67.99 21.20
C CYS C 228 -24.28 68.95 20.09
N LYS C 229 -24.82 68.55 18.98
CA LYS C 229 -24.80 69.44 17.85
C LYS C 229 -25.37 70.79 18.24
N ASP C 230 -26.31 70.81 19.18
CA ASP C 230 -26.99 72.06 19.50
C ASP C 230 -26.14 72.98 20.35
N LEU C 231 -25.06 72.46 20.91
CA LEU C 231 -24.17 73.29 21.69
C LEU C 231 -23.09 73.98 20.80
N ALA C 232 -23.06 73.58 19.55
CA ALA C 232 -22.05 74.00 18.63
C ALA C 232 -22.53 74.82 17.45
N GLN C 233 -23.61 75.60 17.62
CA GLN C 233 -24.22 76.38 16.53
C GLN C 233 -23.89 77.85 16.53
N ILE C 234 -23.77 78.42 15.36
CA ILE C 234 -23.73 79.86 15.22
C ILE C 234 -25.11 80.35 14.72
N ARG C 235 -25.79 81.15 15.53
CA ARG C 235 -27.12 81.66 15.20
C ARG C 235 -27.16 83.18 15.02
N GLU C 236 -27.77 83.63 13.94
CA GLU C 236 -27.95 85.05 13.73
C GLU C 236 -29.08 85.48 14.65
N THR C 237 -28.84 86.54 15.41
CA THR C 237 -29.81 87.08 16.35
C THR C 237 -30.13 88.54 15.97
N PRO C 238 -31.20 89.07 16.56
CA PRO C 238 -31.69 90.41 16.19
C PRO C 238 -30.65 91.48 16.51
N ASP C 239 -29.96 91.25 17.60
CA ASP C 239 -28.95 92.15 18.10
C ASP C 239 -27.66 91.35 18.33
N GLY C 240 -27.05 90.90 17.24
CA GLY C 240 -25.84 90.10 17.30
C GLY C 240 -25.83 88.65 16.83
N TYR C 241 -24.81 87.91 17.22
CA TYR C 241 -24.67 86.53 16.81
C TYR C 241 -24.48 85.75 18.03
N GLY C 242 -25.15 84.63 18.11
CA GLY C 242 -25.06 83.76 19.26
C GLY C 242 -24.16 82.60 18.88
N ILE C 243 -23.09 82.43 19.65
CA ILE C 243 -22.09 81.42 19.40
C ILE C 243 -22.10 80.43 20.50
N GLY C 244 -22.45 79.20 20.15
CA GLY C 244 -22.45 78.11 21.10
C GLY C 244 -21.13 77.76 21.77
N ALA C 245 -21.22 77.24 22.97
CA ALA C 245 -20.00 76.94 23.65
C ALA C 245 -19.11 75.90 22.88
N GLY C 246 -19.76 74.95 22.20
CA GLY C 246 -19.07 73.90 21.50
C GLY C 246 -18.61 74.28 20.11
N VAL C 247 -18.74 75.52 19.72
CA VAL C 247 -18.17 75.94 18.45
C VAL C 247 -16.64 75.96 18.54
N THR C 248 -15.97 75.30 17.60
CA THR C 248 -14.52 75.29 17.64
C THR C 248 -13.86 76.57 17.22
N ILE C 249 -12.64 76.81 17.70
CA ILE C 249 -11.89 77.98 17.31
C ILE C 249 -11.73 78.03 15.83
N ALA C 250 -11.64 76.90 15.15
CA ALA C 250 -11.52 76.99 13.69
C ALA C 250 -12.79 77.48 13.08
N ALA C 251 -13.91 77.01 13.63
CA ALA C 251 -15.18 77.41 13.09
C ALA C 251 -15.48 78.87 13.41
N LEU C 252 -15.02 79.33 14.58
CA LEU C 252 -15.28 80.69 14.96
C LEU C 252 -14.45 81.57 14.02
N ARG C 253 -13.27 81.08 13.67
CA ARG C 253 -12.40 81.87 12.87
C ARG C 253 -13.01 82.03 11.53
N ALA C 254 -13.53 80.95 10.98
CA ALA C 254 -14.13 81.00 9.65
C ALA C 254 -15.31 82.01 9.55
N PHE C 255 -16.21 81.93 10.54
CA PHE C 255 -17.31 82.84 10.66
C PHE C 255 -16.80 84.30 10.78
N ALA C 256 -15.77 84.56 11.58
CA ALA C 256 -15.39 85.95 11.80
C ALA C 256 -14.76 86.63 10.63
N GLU C 257 -14.32 85.88 9.70
CA GLU C 257 -13.58 86.45 8.63
C GLU C 257 -14.35 87.63 7.98
N GLY C 258 -15.67 87.51 7.85
CA GLY C 258 -16.55 88.57 7.37
C GLY C 258 -16.83 89.78 8.28
N PRO C 259 -17.64 89.58 9.29
CA PRO C 259 -18.00 90.62 10.27
C PRO C 259 -16.99 91.02 11.35
N HIS C 260 -15.93 90.23 11.57
CA HIS C 260 -14.98 90.53 12.63
C HIS C 260 -13.59 90.09 12.25
N PRO C 261 -13.09 90.67 11.20
CA PRO C 261 -11.77 90.28 10.66
C PRO C 261 -10.73 90.44 11.75
N ALA C 262 -10.84 91.47 12.56
CA ALA C 262 -9.87 91.59 13.59
C ALA C 262 -9.92 90.38 14.54
N LEU C 263 -11.08 89.89 14.95
CA LEU C 263 -11.05 88.69 15.72
C LEU C 263 -10.54 87.52 14.84
N ALA C 264 -10.75 87.61 13.55
CA ALA C 264 -10.37 86.48 12.72
C ALA C 264 -8.85 86.40 12.66
N GLY C 265 -8.22 87.58 12.53
CA GLY C 265 -6.77 87.68 12.38
C GLY C 265 -6.13 87.22 13.64
N LEU C 266 -6.75 87.51 14.77
CA LEU C 266 -6.29 87.07 16.05
C LEU C 266 -6.32 85.58 16.13
N LEU C 267 -7.48 84.96 15.92
CA LEU C 267 -7.57 83.52 15.96
C LEU C 267 -6.62 82.82 14.98
N ARG C 268 -6.08 83.55 14.00
CA ARG C 268 -5.09 82.94 13.11
C ARG C 268 -3.87 82.40 13.92
N ARG C 269 -3.50 83.07 15.00
CA ARG C 269 -2.33 82.72 15.76
C ARG C 269 -2.76 82.07 17.04
N PHE C 270 -3.94 81.47 17.04
CA PHE C 270 -4.35 80.80 18.25
C PHE C 270 -3.95 79.38 18.07
N ALA C 271 -3.02 78.92 18.89
CA ALA C 271 -2.59 77.52 18.80
C ALA C 271 -2.19 77.14 17.39
N SER C 272 -2.51 75.92 17.00
CA SER C 272 -2.34 75.52 15.58
C SER C 272 -3.64 75.04 14.95
N GLU C 273 -3.61 74.86 13.65
CA GLU C 273 -4.78 74.43 12.95
C GLU C 273 -5.30 73.16 13.63
N GLN C 274 -4.40 72.23 13.89
CA GLN C 274 -4.73 71.00 14.52
C GLN C 274 -5.46 71.24 15.78
N VAL C 275 -5.01 72.14 16.64
CA VAL C 275 -5.72 72.36 17.88
C VAL C 275 -7.00 73.11 17.63
N ARG C 276 -6.93 74.19 16.86
CA ARG C 276 -8.13 74.95 16.46
C ARG C 276 -9.30 74.05 15.95
N GLN C 277 -9.02 72.92 15.39
CA GLN C 277 -10.11 72.17 14.86
C GLN C 277 -10.85 71.44 15.95
N VAL C 278 -10.41 71.46 17.16
CA VAL C 278 -11.17 70.73 18.15
C VAL C 278 -11.37 71.51 19.40
N ALA C 279 -10.52 72.50 19.71
CA ALA C 279 -10.72 73.40 20.84
C ALA C 279 -11.96 74.23 20.69
N THR C 280 -12.62 74.46 21.81
CA THR C 280 -13.86 75.25 21.74
C THR C 280 -13.79 76.57 22.45
N ILE C 281 -14.57 77.52 21.98
CA ILE C 281 -14.63 78.83 22.62
C ILE C 281 -15.18 78.75 24.00
N GLY C 282 -16.25 78.02 24.16
CA GLY C 282 -16.71 77.70 25.48
C GLY C 282 -15.61 77.19 26.33
N GLY C 283 -14.87 76.19 25.87
CA GLY C 283 -13.69 75.75 26.63
C GLY C 283 -12.59 76.77 26.95
N ASN C 284 -12.33 77.69 26.03
CA ASN C 284 -11.29 78.63 26.25
C ASN C 284 -11.74 79.48 27.37
N ILE C 285 -13.04 79.77 27.45
CA ILE C 285 -13.59 80.62 28.46
C ILE C 285 -13.64 79.87 29.77
N ALA C 286 -14.24 78.70 29.78
CA ALA C 286 -14.29 77.96 31.05
C ALA C 286 -12.90 77.64 31.66
N ASN C 287 -11.89 77.42 30.85
CA ASN C 287 -10.59 77.15 31.41
C ASN C 287 -10.11 78.29 32.28
N GLY C 288 -10.51 79.52 31.95
CA GLY C 288 -10.29 80.67 32.81
C GLY C 288 -8.87 81.13 32.97
N SER C 289 -8.06 80.91 31.96
CA SER C 289 -6.67 81.25 31.99
C SER C 289 -6.51 82.68 31.63
N PRO C 290 -5.67 83.40 32.37
CA PRO C 290 -5.43 84.82 32.15
C PRO C 290 -4.64 85.02 30.91
N ILE C 291 -4.29 83.95 30.24
CA ILE C 291 -3.55 84.13 29.01
C ILE C 291 -4.33 83.58 27.85
N GLY C 292 -5.55 83.15 28.10
CA GLY C 292 -6.44 82.84 27.01
C GLY C 292 -6.46 83.99 26.00
N ASP C 293 -6.66 83.73 24.72
CA ASP C 293 -6.67 84.82 23.77
C ASP C 293 -8.07 85.22 23.43
N GLY C 294 -8.99 84.30 23.62
CA GLY C 294 -10.35 84.63 23.35
C GLY C 294 -10.89 85.81 24.14
N PRO C 295 -10.93 85.66 25.47
CA PRO C 295 -11.56 86.62 26.40
C PRO C 295 -11.22 88.05 26.19
N PRO C 296 -9.97 88.43 26.08
CA PRO C 296 -9.67 89.82 25.87
C PRO C 296 -10.37 90.27 24.63
N ALA C 297 -10.19 89.56 23.54
CA ALA C 297 -10.82 89.98 22.31
C ALA C 297 -12.34 90.19 22.47
N LEU C 298 -13.03 89.19 22.99
CA LEU C 298 -14.46 89.31 23.17
C LEU C 298 -14.85 90.47 24.09
N ILE C 299 -14.10 90.71 25.16
CA ILE C 299 -14.36 91.82 26.05
C ILE C 299 -14.19 93.10 25.29
N ALA C 300 -13.14 93.25 24.51
CA ALA C 300 -13.01 94.53 23.88
C ALA C 300 -14.18 94.70 22.94
N MET C 301 -14.77 93.62 22.50
CA MET C 301 -15.76 93.86 21.51
C MET C 301 -17.11 93.90 22.15
N GLY C 302 -17.16 93.63 23.42
CA GLY C 302 -18.34 93.80 24.20
C GLY C 302 -19.29 92.66 24.12
N ALA C 303 -18.81 91.46 24.20
CA ALA C 303 -19.67 90.33 24.05
C ALA C 303 -20.21 90.01 25.37
N SER C 304 -21.19 89.13 25.39
CA SER C 304 -21.76 88.67 26.60
C SER C 304 -21.75 87.19 26.60
N LEU C 305 -21.90 86.65 27.80
CA LEU C 305 -21.79 85.27 28.09
C LEU C 305 -23.04 84.75 28.71
N THR C 306 -23.45 83.55 28.33
CA THR C 306 -24.65 82.91 28.89
C THR C 306 -24.37 81.63 29.65
N LEU C 307 -24.58 81.62 30.95
CA LEU C 307 -24.41 80.42 31.74
C LEU C 307 -25.73 79.69 31.78
N ARG C 308 -25.73 78.46 32.29
CA ARG C 308 -26.95 77.67 32.32
C ARG C 308 -26.90 76.53 33.33
N ARG C 309 -27.95 76.42 34.16
CA ARG C 309 -28.02 75.41 35.22
C ARG C 309 -29.39 74.81 35.21
N GLY C 310 -29.51 73.63 34.63
CA GLY C 310 -30.79 72.99 34.47
C GLY C 310 -31.55 73.75 33.43
N GLN C 311 -32.55 74.48 33.88
CA GLN C 311 -33.33 75.26 32.97
C GLN C 311 -33.10 76.73 33.19
N GLU C 312 -32.41 77.04 34.28
CA GLU C 312 -32.08 78.42 34.62
C GLU C 312 -31.07 78.99 33.62
N ARG C 313 -30.98 80.31 33.52
CA ARG C 313 -30.08 80.92 32.55
C ARG C 313 -29.62 82.32 32.94
N ARG C 314 -28.37 82.49 33.35
CA ARG C 314 -27.81 83.81 33.70
C ARG C 314 -27.31 84.53 32.47
N ARG C 315 -26.72 85.69 32.66
CA ARG C 315 -26.26 86.37 31.49
C ARG C 315 -25.51 87.63 31.79
N MET C 316 -24.23 87.54 32.13
CA MET C 316 -23.47 88.76 32.31
C MET C 316 -22.60 89.12 31.10
N PRO C 317 -22.01 90.32 31.15
CA PRO C 317 -20.97 90.75 30.20
C PRO C 317 -19.71 89.93 30.47
N LEU C 318 -19.01 89.48 29.44
CA LEU C 318 -17.94 88.52 29.61
C LEU C 318 -16.90 88.82 30.69
N GLU C 319 -16.41 90.04 30.72
CA GLU C 319 -15.44 90.40 31.71
C GLU C 319 -15.85 90.10 33.16
N ASP C 320 -17.13 90.17 33.47
CA ASP C 320 -17.63 89.91 34.82
C ASP C 320 -17.58 88.44 35.24
N PHE C 321 -17.25 87.55 34.32
CA PHE C 321 -17.20 86.12 34.64
C PHE C 321 -15.95 85.73 35.40
N PHE C 322 -14.88 86.46 35.18
CA PHE C 322 -13.60 86.22 35.78
C PHE C 322 -13.40 87.06 37.06
N LEU C 323 -13.20 86.38 38.18
CA LEU C 323 -13.12 87.07 39.46
C LEU C 323 -11.71 87.24 39.91
N GLU C 324 -11.06 86.12 40.14
CA GLU C 324 -9.67 86.13 40.47
C GLU C 324 -9.00 85.00 39.71
N TYR C 325 -7.70 85.12 39.60
CA TYR C 325 -6.89 84.12 39.04
C TYR C 325 -7.41 82.81 39.54
N ARG C 326 -7.78 81.92 38.62
CA ARG C 326 -8.21 80.59 39.01
C ARG C 326 -9.54 80.50 39.65
N LYS C 327 -10.43 81.42 39.37
CA LYS C 327 -11.71 81.43 40.04
C LYS C 327 -12.74 82.20 39.22
N GLN C 328 -13.87 81.56 38.94
CA GLN C 328 -14.88 82.19 38.10
C GLN C 328 -16.28 82.28 38.71
N ASP C 329 -17.11 83.13 38.12
CA ASP C 329 -18.47 83.28 38.60
C ASP C 329 -19.29 82.09 38.12
N ARG C 330 -19.03 80.94 38.68
CA ARG C 330 -19.70 79.72 38.19
C ARG C 330 -20.23 78.92 39.33
N ARG C 331 -21.49 78.54 39.21
CA ARG C 331 -22.17 77.83 40.27
C ARG C 331 -22.17 76.35 40.05
N PRO C 332 -22.10 75.61 41.15
CA PRO C 332 -22.26 74.16 41.14
C PRO C 332 -23.34 73.72 40.15
N GLY C 333 -22.98 72.87 39.21
CA GLY C 333 -23.90 72.38 38.20
C GLY C 333 -24.13 73.32 37.05
N GLU C 334 -23.45 74.45 37.03
CA GLU C 334 -23.69 75.44 36.00
C GLU C 334 -22.62 75.33 34.90
N PHE C 335 -23.02 75.45 33.65
CA PHE C 335 -22.04 75.43 32.60
C PHE C 335 -22.13 76.55 31.56
N VAL C 336 -21.14 76.67 30.69
CA VAL C 336 -21.14 77.76 29.73
C VAL C 336 -21.87 77.34 28.51
N GLU C 337 -22.87 78.11 28.06
CA GLU C 337 -23.69 77.64 26.96
C GLU C 337 -23.54 78.41 25.70
N SER C 338 -23.03 79.62 25.79
CA SER C 338 -22.81 80.35 24.59
C SER C 338 -22.36 81.77 24.88
N VAL C 339 -22.00 82.51 23.85
CA VAL C 339 -21.58 83.88 24.03
C VAL C 339 -22.18 84.67 22.89
N THR C 340 -22.42 85.95 23.09
CA THR C 340 -23.05 86.67 22.06
C THR C 340 -22.22 87.83 21.63
N LEU C 341 -22.09 88.01 20.32
CA LEU C 341 -21.31 89.07 19.73
C LEU C 341 -22.16 90.11 18.98
N PRO C 342 -21.78 91.37 19.02
CA PRO C 342 -22.48 92.37 18.27
C PRO C 342 -22.37 92.04 16.83
N LYS C 343 -23.26 92.56 16.01
CA LYS C 343 -23.19 92.36 14.59
C LYS C 343 -21.98 93.07 14.01
N SER C 344 -21.41 94.02 14.75
CA SER C 344 -20.30 94.77 14.20
C SER C 344 -19.45 95.47 15.25
N ALA C 345 -18.21 95.80 14.88
CA ALA C 345 -17.27 96.50 15.77
C ALA C 345 -16.04 96.83 15.00
N PRO C 346 -16.14 97.79 14.12
CA PRO C 346 -15.02 98.09 13.22
C PRO C 346 -13.86 98.77 13.94
N GLY C 347 -14.00 99.11 15.19
CA GLY C 347 -12.87 99.68 15.84
C GLY C 347 -11.97 98.65 16.49
N LEU C 348 -12.46 97.46 16.67
CA LEU C 348 -11.66 96.43 17.22
C LEU C 348 -10.35 96.21 16.47
N ARG C 349 -9.30 96.00 17.24
CA ARG C 349 -7.99 95.68 16.69
C ARG C 349 -7.35 94.78 17.76
N CYS C 350 -6.88 93.59 17.41
CA CYS C 350 -6.31 92.65 18.38
C CYS C 350 -4.81 92.42 18.22
N TYR C 351 -4.03 92.50 19.29
CA TYR C 351 -2.59 92.34 19.15
C TYR C 351 -2.14 91.20 20.02
N LYS C 352 -1.30 90.33 19.50
CA LYS C 352 -0.82 89.26 20.36
C LYS C 352 0.64 89.35 20.32
N LEU C 353 1.34 89.18 21.42
CA LEU C 353 2.80 89.25 21.41
C LEU C 353 3.46 88.05 22.11
N SER C 354 4.37 87.36 21.41
CA SER C 354 5.03 86.20 21.97
C SER C 354 6.44 86.10 21.49
N LYS C 355 7.13 84.99 21.77
CA LYS C 355 8.53 84.88 21.39
C LYS C 355 8.62 84.54 19.92
N ARG C 356 7.73 83.64 19.50
CA ARG C 356 7.60 83.19 18.14
C ARG C 356 6.20 83.59 17.65
N PHE C 357 6.04 83.85 16.36
CA PHE C 357 4.70 84.21 15.91
C PHE C 357 3.71 83.08 15.92
N ASP C 358 4.13 81.93 15.45
CA ASP C 358 3.14 80.89 15.35
C ASP C 358 3.18 79.91 16.48
N GLN C 359 2.03 79.38 16.77
CA GLN C 359 1.86 78.49 17.89
C GLN C 359 2.68 78.76 19.15
N ASP C 360 2.47 79.93 19.72
CA ASP C 360 3.12 80.35 20.94
C ASP C 360 2.07 80.91 21.95
N ILE C 361 2.44 81.07 23.21
CA ILE C 361 1.47 81.61 24.17
C ILE C 361 1.86 83.01 24.28
N SER C 362 0.89 83.86 24.54
CA SER C 362 1.09 85.30 24.53
C SER C 362 1.82 85.67 25.72
N ALA C 363 2.78 86.58 25.63
CA ALA C 363 3.26 87.21 26.83
C ALA C 363 2.17 88.28 27.16
N VAL C 364 1.62 88.92 26.13
CA VAL C 364 0.69 89.97 26.34
C VAL C 364 -0.26 89.99 25.20
N CYS C 365 -1.53 90.10 25.49
CA CYS C 365 -2.49 90.20 24.44
C CYS C 365 -3.33 91.46 24.64
N GLY C 366 -3.37 92.34 23.69
CA GLY C 366 -4.14 93.56 23.87
C GLY C 366 -5.20 93.78 22.83
N CYS C 367 -6.41 93.91 23.33
CA CYS C 367 -7.51 94.19 22.44
C CYS C 367 -8.08 95.58 22.64
N LEU C 368 -8.11 96.37 21.59
CA LEU C 368 -8.59 97.75 21.68
C LEU C 368 -9.74 98.05 20.74
N ASN C 369 -10.73 98.72 21.31
CA ASN C 369 -11.90 99.19 20.59
C ASN C 369 -12.30 100.63 21.02
N LEU C 370 -12.02 101.61 20.19
CA LEU C 370 -12.40 102.99 20.43
C LEU C 370 -13.45 103.40 19.40
N THR C 371 -14.53 103.98 19.89
CA THR C 371 -15.54 104.59 19.03
C THR C 371 -15.35 106.10 18.99
N LEU C 372 -15.52 106.67 17.81
CA LEU C 372 -15.29 108.09 17.63
C LEU C 372 -16.50 108.96 17.31
N LYS C 373 -16.43 110.21 17.75
CA LYS C 373 -17.38 111.25 17.41
C LYS C 373 -16.52 112.25 16.69
N GLY C 374 -16.15 111.95 15.46
CA GLY C 374 -15.22 112.76 14.69
C GLY C 374 -14.11 113.38 15.51
N SER C 375 -12.90 112.89 15.40
CA SER C 375 -11.77 113.48 16.13
C SER C 375 -11.90 113.35 17.65
N LYS C 376 -13.09 113.08 18.16
CA LYS C 376 -13.26 112.94 19.59
C LYS C 376 -13.56 111.50 20.03
N ILE C 377 -13.03 111.10 21.19
CA ILE C 377 -13.23 109.77 21.66
C ILE C 377 -14.49 109.56 22.48
N GLU C 378 -15.44 108.85 21.91
CA GLU C 378 -16.70 108.55 22.57
C GLU C 378 -16.63 107.44 23.60
N THR C 379 -16.38 106.22 23.15
CA THR C 379 -16.31 105.05 24.01
C THR C 379 -14.97 104.42 23.84
N ALA C 380 -14.49 103.72 24.86
CA ALA C 380 -13.21 103.04 24.78
C ALA C 380 -13.23 101.76 25.57
N ARG C 381 -13.17 100.67 24.84
CA ARG C 381 -13.04 99.35 25.43
C ARG C 381 -11.62 98.79 25.20
N ILE C 382 -10.89 98.62 26.29
CA ILE C 382 -9.50 98.19 26.22
C ILE C 382 -9.27 97.05 27.19
N ALA C 383 -8.97 95.88 26.63
CA ALA C 383 -8.72 94.66 27.40
C ALA C 383 -7.35 93.98 27.15
N PHE C 384 -6.81 93.33 28.17
CA PHE C 384 -5.51 92.71 28.12
C PHE C 384 -5.58 91.37 28.73
N GLY C 385 -4.81 90.44 28.18
CA GLY C 385 -4.65 89.15 28.79
C GLY C 385 -3.17 89.13 29.15
N GLY C 386 -2.84 88.37 30.18
CA GLY C 386 -1.46 88.18 30.57
C GLY C 386 -0.87 89.30 31.37
N MET C 387 -1.66 90.30 31.73
CA MET C 387 -1.13 91.44 32.43
C MET C 387 -1.60 91.33 33.82
N ALA C 388 -2.35 90.30 34.13
CA ALA C 388 -2.98 90.17 35.44
C ALA C 388 -3.45 88.76 35.70
N GLY C 389 -3.91 88.45 36.91
CA GLY C 389 -4.44 87.16 37.25
C GLY C 389 -5.70 86.83 36.47
N VAL C 390 -6.16 87.79 35.68
CA VAL C 390 -7.42 87.57 34.99
C VAL C 390 -7.51 88.57 33.87
N PRO C 391 -8.24 88.27 32.80
CA PRO C 391 -8.34 89.16 31.64
C PRO C 391 -9.11 90.33 32.11
N LYS C 392 -8.76 91.59 31.85
CA LYS C 392 -9.50 92.71 32.42
C LYS C 392 -9.35 94.01 31.62
N ARG C 393 -10.35 94.90 31.70
CA ARG C 393 -10.29 96.19 31.00
C ARG C 393 -9.32 97.03 31.79
N ALA C 394 -8.80 98.04 31.18
CA ALA C 394 -7.87 98.95 31.81
C ALA C 394 -8.61 100.24 32.21
N ALA C 395 -9.47 100.14 33.22
CA ALA C 395 -10.34 101.23 33.66
C ALA C 395 -9.75 102.63 33.72
N ALA C 396 -8.73 102.83 34.56
CA ALA C 396 -8.09 104.13 34.63
C ALA C 396 -7.69 104.60 33.22
N PHE C 397 -7.03 103.77 32.46
CA PHE C 397 -6.66 104.20 31.14
C PHE C 397 -7.90 104.56 30.22
N GLU C 398 -8.91 103.71 30.21
CA GLU C 398 -10.11 103.98 29.42
C GLU C 398 -10.68 105.33 29.82
N ALA C 399 -10.95 105.49 31.11
CA ALA C 399 -11.54 106.70 31.63
C ALA C 399 -10.82 107.97 31.18
N ALA C 400 -9.51 108.02 31.35
CA ALA C 400 -8.82 109.25 31.05
C ALA C 400 -8.82 109.51 29.57
N LEU C 401 -9.42 108.63 28.82
CA LEU C 401 -9.34 108.74 27.39
C LEU C 401 -10.55 109.41 26.78
N ILE C 402 -11.69 109.19 27.40
CA ILE C 402 -12.92 109.76 26.91
C ILE C 402 -12.92 111.28 26.81
N GLY C 403 -13.51 111.80 25.74
CA GLY C 403 -13.60 113.22 25.51
C GLY C 403 -12.35 113.83 24.90
N GLN C 404 -11.23 113.16 25.09
CA GLN C 404 -9.98 113.67 24.57
C GLN C 404 -9.94 113.48 23.08
N ASP C 405 -9.06 114.21 22.41
CA ASP C 405 -8.88 114.03 20.99
C ASP C 405 -8.06 112.76 20.65
N PHE C 406 -8.38 112.14 19.54
CA PHE C 406 -7.68 110.94 19.08
C PHE C 406 -6.45 111.25 18.25
N ARG C 407 -5.38 111.65 18.91
CA ARG C 407 -4.10 111.95 18.29
C ARG C 407 -3.09 111.11 19.08
N GLU C 408 -1.92 110.89 18.52
CA GLU C 408 -0.93 110.12 19.24
C GLU C 408 -0.51 110.74 20.58
N ASP C 409 -0.16 112.02 20.60
CA ASP C 409 0.25 112.69 21.85
C ASP C 409 -0.74 112.60 23.02
N THR C 410 -2.06 112.60 22.75
CA THR C 410 -2.94 112.43 23.91
C THR C 410 -2.84 111.02 24.46
N ILE C 411 -2.71 110.02 23.60
CA ILE C 411 -2.55 108.66 24.08
C ILE C 411 -1.23 108.54 24.79
N ALA C 412 -0.20 109.14 24.21
CA ALA C 412 1.11 109.14 24.82
C ALA C 412 1.08 109.61 26.26
N ALA C 413 0.23 110.58 26.58
CA ALA C 413 0.23 111.19 27.90
C ALA C 413 -0.58 110.41 28.88
N ALA C 414 -1.33 109.46 28.39
CA ALA C 414 -2.16 108.67 29.28
C ALA C 414 -1.50 107.37 29.67
N LEU C 415 -0.43 107.00 28.97
CA LEU C 415 0.19 105.70 29.15
C LEU C 415 0.49 105.32 30.57
N PRO C 416 1.01 106.23 31.40
CA PRO C 416 1.36 105.86 32.76
C PRO C 416 0.18 105.32 33.51
N LEU C 417 -1.03 105.66 33.10
CA LEU C 417 -2.20 105.15 33.82
C LEU C 417 -2.38 103.66 33.66
N LEU C 418 -1.68 103.08 32.73
CA LEU C 418 -1.71 101.65 32.57
C LEU C 418 -0.94 100.99 33.70
N ALA C 419 0.09 101.67 34.20
CA ALA C 419 0.86 101.10 35.28
C ALA C 419 0.04 101.10 36.56
N GLN C 420 -1.11 101.77 36.49
CA GLN C 420 -2.00 101.85 37.62
C GLN C 420 -3.02 100.77 37.46
N ASP C 421 -3.36 100.49 36.20
CA ASP C 421 -4.33 99.46 35.91
C ASP C 421 -3.74 98.04 36.12
N PHE C 422 -2.48 97.83 35.75
CA PHE C 422 -1.87 96.53 35.87
C PHE C 422 -0.48 96.51 36.49
N THR C 423 -0.21 95.46 37.28
CA THR C 423 1.08 95.20 37.88
C THR C 423 1.54 93.82 37.42
N PRO C 424 2.12 93.77 36.24
CA PRO C 424 2.39 92.51 35.58
C PRO C 424 3.57 91.76 36.22
N LEU C 425 3.59 90.47 36.00
CA LEU C 425 4.55 89.57 36.60
C LEU C 425 5.67 89.24 35.61
N SER C 426 6.76 88.70 36.12
CA SER C 426 7.84 88.20 35.30
C SER C 426 7.79 86.70 35.22
N ASP C 427 8.12 86.13 34.08
CA ASP C 427 8.22 84.72 33.99
C ASP C 427 9.11 84.39 32.83
N MET C 428 9.07 83.14 32.38
CA MET C 428 9.98 82.71 31.36
C MET C 428 9.66 83.26 29.97
N ARG C 429 8.46 83.79 29.77
CA ARG C 429 8.16 84.28 28.46
C ARG C 429 8.56 85.71 28.39
N ALA C 430 8.62 86.41 29.53
CA ALA C 430 8.93 87.80 29.47
C ALA C 430 9.10 88.42 30.86
N SER C 431 9.85 89.52 30.93
CA SER C 431 9.97 90.24 32.21
C SER C 431 8.84 91.26 32.38
N ALA C 432 8.41 91.48 33.62
CA ALA C 432 7.43 92.49 33.92
C ALA C 432 7.72 93.82 33.21
N ALA C 433 8.96 94.30 33.22
CA ALA C 433 9.16 95.58 32.58
C ALA C 433 8.69 95.39 31.14
N TYR C 434 9.09 94.29 30.51
CA TYR C 434 8.70 94.13 29.13
C TYR C 434 7.18 94.05 28.88
N ARG C 435 6.48 93.35 29.73
CA ARG C 435 5.06 93.26 29.53
C ARG C 435 4.46 94.62 29.74
N MET C 436 4.94 95.39 30.71
CA MET C 436 4.36 96.70 30.90
C MET C 436 4.63 97.51 29.69
N ASN C 437 5.87 97.60 29.30
CA ASN C 437 6.18 98.39 28.18
C ASN C 437 5.38 97.96 26.92
N ALA C 438 4.93 96.72 26.90
CA ALA C 438 4.35 96.31 25.64
C ALA C 438 2.89 96.62 25.65
N ALA C 439 2.31 96.64 26.84
CA ALA C 439 0.93 97.02 26.93
C ALA C 439 0.90 98.46 26.45
N GLN C 440 1.84 99.25 26.92
CA GLN C 440 1.81 100.62 26.51
C GLN C 440 1.93 100.72 25.02
N ALA C 441 2.82 99.95 24.41
CA ALA C 441 3.09 100.07 22.99
C ALA C 441 1.94 99.69 22.17
N MET C 442 1.14 98.76 22.68
CA MET C 442 -0.05 98.42 21.93
C MET C 442 -0.95 99.61 21.70
N ALA C 443 -1.10 100.45 22.72
CA ALA C 443 -1.81 101.71 22.59
C ALA C 443 -1.18 102.55 21.47
N LEU C 444 0.13 102.73 21.49
CA LEU C 444 0.65 103.57 20.44
C LEU C 444 0.42 102.92 19.12
N ARG C 445 0.39 101.62 19.11
CA ARG C 445 0.26 100.96 17.86
C ARG C 445 -1.09 101.24 17.25
N TYR C 446 -2.11 101.14 18.07
CA TYR C 446 -3.50 101.39 17.71
C TYR C 446 -3.75 102.74 17.03
N VAL C 447 -3.35 103.85 17.66
CA VAL C 447 -3.52 105.09 16.98
C VAL C 447 -2.83 105.00 15.65
N ARG C 448 -1.55 104.60 15.65
CA ARG C 448 -0.79 104.65 14.40
C ARG C 448 -1.46 103.83 13.34
N GLU C 449 -2.01 102.70 13.76
CA GLU C 449 -2.62 101.90 12.76
C GLU C 449 -3.84 102.63 12.15
N LEU C 450 -4.77 103.03 13.01
CA LEU C 450 -6.01 103.66 12.52
C LEU C 450 -5.72 104.94 11.75
N SER C 451 -4.54 105.46 11.93
CA SER C 451 -4.17 106.72 11.36
C SER C 451 -3.50 106.45 10.01
N GLY C 452 -3.71 105.23 9.54
CA GLY C 452 -3.15 104.78 8.27
C GLY C 452 -1.66 104.48 8.17
N GLU C 453 -0.95 104.23 9.25
CA GLU C 453 0.50 104.03 9.14
C GLU C 453 1.02 102.54 9.14
N ALA C 454 2.19 102.29 8.55
CA ALA C 454 2.71 100.88 8.48
C ALA C 454 3.23 100.38 9.82
N VAL C 455 2.71 99.26 10.26
CA VAL C 455 3.01 98.93 11.61
C VAL C 455 3.22 97.45 11.85
N ALA C 456 2.75 96.63 10.95
CA ALA C 456 2.76 95.23 11.22
C ALA C 456 3.91 94.55 10.48
N VAL C 457 4.79 93.92 11.22
CA VAL C 457 5.91 93.22 10.65
C VAL C 457 5.44 92.09 9.77
N LEU C 458 4.34 91.46 10.13
CA LEU C 458 3.85 90.40 9.29
C LEU C 458 3.24 90.79 7.92
N GLU C 459 3.19 92.06 7.60
CA GLU C 459 2.58 92.43 6.33
C GLU C 459 3.60 93.01 5.37
N VAL C 460 4.86 93.04 5.80
CA VAL C 460 5.95 93.51 4.99
C VAL C 460 6.31 92.38 4.05
N MET C 461 6.35 92.64 2.74
CA MET C 461 6.75 91.63 1.75
C MET C 461 8.19 91.88 1.40
N PRO C 462 8.91 90.82 1.04
CA PRO C 462 10.33 90.95 0.67
C PRO C 462 10.50 91.66 -0.67
N SER D 2 27.63 57.11 -9.76
CA SER D 2 26.34 57.44 -9.15
C SER D 2 26.56 58.65 -8.29
N VAL D 3 27.82 58.88 -8.05
CA VAL D 3 28.27 60.03 -7.30
C VAL D 3 27.87 61.24 -8.08
N GLY D 4 27.44 62.29 -7.40
CA GLY D 4 27.12 63.54 -8.08
C GLY D 4 25.66 63.71 -8.48
N LYS D 5 24.93 62.63 -8.43
CA LYS D 5 23.55 62.70 -8.82
C LYS D 5 22.72 63.08 -7.61
N PRO D 6 21.64 63.80 -7.84
CA PRO D 6 20.73 64.20 -6.75
C PRO D 6 19.74 63.09 -6.39
N LEU D 7 20.15 62.00 -5.79
CA LEU D 7 19.18 60.95 -5.40
C LEU D 7 18.55 61.11 -4.01
N PRO D 8 17.34 60.69 -3.87
CA PRO D 8 16.63 60.71 -2.60
C PRO D 8 17.27 59.93 -1.43
N HIS D 9 16.85 60.25 -0.21
CA HIS D 9 17.35 59.60 0.97
C HIS D 9 17.05 58.09 0.85
N ASP D 10 17.91 57.20 1.33
CA ASP D 10 17.64 55.74 1.20
C ASP D 10 16.29 55.36 1.74
N SER D 11 15.73 56.12 2.63
CA SER D 11 14.49 55.69 3.24
C SER D 11 13.28 56.66 2.95
N ALA D 12 13.39 57.44 1.91
CA ALA D 12 12.37 58.38 1.65
C ALA D 12 10.99 57.67 1.61
N ARG D 13 10.86 56.58 0.85
CA ARG D 13 9.59 55.92 0.75
C ARG D 13 9.09 55.41 2.04
N ALA D 14 9.95 54.87 2.90
CA ALA D 14 9.49 54.41 4.22
C ALA D 14 9.14 55.56 5.18
N HIS D 15 9.69 56.75 4.92
CA HIS D 15 9.41 57.86 5.82
C HIS D 15 7.98 58.26 5.54
N VAL D 16 7.72 58.38 4.26
CA VAL D 16 6.51 58.97 3.83
C VAL D 16 5.31 58.05 4.01
N THR D 17 5.49 56.77 4.11
CA THR D 17 4.32 55.98 4.39
C THR D 17 4.27 55.55 5.81
N GLY D 18 5.18 56.02 6.68
CA GLY D 18 5.07 55.64 8.04
C GLY D 18 5.51 54.24 8.22
N GLN D 19 6.43 53.75 7.40
CA GLN D 19 6.89 52.36 7.58
C GLN D 19 8.30 52.32 8.19
N ALA D 20 9.02 53.41 8.21
CA ALA D 20 10.32 53.33 8.74
C ALA D 20 10.25 53.14 10.23
N ARG D 21 10.86 52.16 10.80
CA ARG D 21 10.88 52.11 12.30
C ARG D 21 11.94 52.83 13.02
N TYR D 22 11.59 53.52 14.10
CA TYR D 22 12.50 54.12 15.03
C TYR D 22 12.45 53.24 16.25
N LEU D 23 13.34 53.45 17.22
CA LEU D 23 13.46 52.59 18.34
C LEU D 23 12.19 52.17 19.08
N ASP D 24 11.34 53.09 19.46
CA ASP D 24 10.10 52.71 20.13
C ASP D 24 9.11 52.02 19.19
N ASP D 25 9.39 51.93 17.91
CA ASP D 25 8.45 51.15 17.08
C ASP D 25 8.84 49.67 16.99
N LEU D 26 10.07 49.30 17.33
CA LEU D 26 10.44 47.87 17.32
C LEU D 26 9.54 46.97 18.17
N PRO D 27 9.13 45.87 17.60
CA PRO D 27 8.22 44.94 18.25
C PRO D 27 9.03 44.33 19.35
N CYS D 28 8.50 44.16 20.55
CA CYS D 28 9.23 43.49 21.58
C CYS D 28 8.38 42.47 22.27
N PRO D 29 9.04 41.57 22.97
CA PRO D 29 8.28 40.52 23.62
C PRO D 29 7.35 41.14 24.63
N ALA D 30 6.22 40.51 24.83
CA ALA D 30 5.22 40.85 25.81
C ALA D 30 5.73 41.02 27.26
N ASN D 31 6.79 40.33 27.67
CA ASN D 31 7.23 40.54 29.02
C ASN D 31 8.26 41.66 29.19
N THR D 32 8.36 42.57 28.20
CA THR D 32 9.30 43.66 28.21
C THR D 32 8.97 44.70 29.29
N LEU D 33 9.96 45.08 30.12
CA LEU D 33 9.75 46.10 31.15
C LEU D 33 9.98 47.50 30.64
N HIS D 34 9.32 48.47 31.29
CA HIS D 34 9.54 49.89 30.87
C HIS D 34 10.14 50.70 31.99
N LEU D 35 11.09 51.58 31.70
CA LEU D 35 11.78 52.21 32.84
C LEU D 35 11.69 53.69 32.88
N ALA D 36 11.97 54.23 34.05
CA ALA D 36 12.00 55.69 34.20
C ALA D 36 12.84 55.99 35.42
N PHE D 37 13.56 57.09 35.33
CA PHE D 37 14.36 57.64 36.37
C PHE D 37 13.55 58.55 37.37
N GLY D 38 13.88 58.48 38.68
CA GLY D 38 13.37 59.39 39.70
C GLY D 38 14.41 60.51 39.69
N LEU D 39 14.04 61.80 39.67
CA LEU D 39 15.03 62.84 39.62
C LEU D 39 15.26 63.80 40.84
N SER D 40 16.48 64.38 40.93
CA SER D 40 16.83 65.24 42.01
C SER D 40 15.98 66.47 41.91
N THR D 41 15.48 67.01 43.03
CA THR D 41 14.80 68.28 42.93
C THR D 41 15.70 69.36 43.49
N GLU D 42 17.02 69.12 43.65
CA GLU D 42 17.91 70.06 44.31
C GLU D 42 19.07 70.35 43.41
N ALA D 43 19.55 71.57 43.35
CA ALA D 43 20.66 71.83 42.45
C ALA D 43 21.95 71.29 43.05
N SER D 44 21.98 71.08 44.38
CA SER D 44 23.23 70.67 45.02
C SER D 44 23.07 70.23 46.43
N ALA D 45 23.15 68.96 46.70
CA ALA D 45 22.80 68.62 48.04
C ALA D 45 23.25 67.22 48.32
N ALA D 46 23.35 66.85 49.59
CA ALA D 46 23.76 65.50 49.88
C ALA D 46 22.45 64.82 50.05
N ILE D 47 22.35 63.54 49.68
CA ILE D 47 21.10 62.84 49.91
C ILE D 47 21.09 62.23 51.30
N THR D 48 20.09 62.53 52.07
CA THR D 48 20.21 62.14 53.44
C THR D 48 19.38 60.99 53.81
N GLY D 49 18.32 60.79 53.05
CA GLY D 49 17.37 59.71 53.24
C GLY D 49 16.72 59.42 51.90
N LEU D 50 16.17 58.23 51.77
CA LEU D 50 15.70 57.80 50.47
C LEU D 50 14.66 56.69 50.63
N ASP D 51 13.43 57.08 50.86
CA ASP D 51 12.37 56.10 51.02
C ASP D 51 11.72 55.69 49.67
N LEU D 52 11.98 54.47 49.23
CA LEU D 52 11.46 53.99 47.96
C LEU D 52 10.30 53.06 48.16
N GLU D 53 9.90 52.89 49.39
CA GLU D 53 8.78 52.02 49.61
C GLU D 53 7.54 52.36 48.77
N PRO D 54 7.10 53.61 48.80
CA PRO D 54 5.96 54.03 47.99
C PRO D 54 6.23 53.75 46.48
N VAL D 55 7.49 53.74 46.09
CA VAL D 55 7.75 53.39 44.72
C VAL D 55 7.49 51.93 44.49
N ARG D 56 8.05 51.09 45.32
CA ARG D 56 7.88 49.67 45.07
C ARG D 56 6.42 49.31 45.14
N GLU D 57 5.62 50.07 45.86
CA GLU D 57 4.23 49.65 46.07
C GLU D 57 3.39 50.15 44.93
N SER D 58 3.93 51.07 44.14
CA SER D 58 3.17 51.61 43.02
C SER D 58 2.74 50.52 42.06
N PRO D 59 1.57 50.66 41.47
CA PRO D 59 1.04 49.63 40.55
C PRO D 59 1.92 49.35 39.36
N GLY D 60 2.00 48.07 39.01
CA GLY D 60 2.82 47.63 37.89
C GLY D 60 4.33 47.66 38.10
N VAL D 61 4.85 48.00 39.27
CA VAL D 61 6.28 48.08 39.42
C VAL D 61 6.92 46.74 39.69
N ILE D 62 8.09 46.53 39.12
CA ILE D 62 8.70 45.23 39.23
C ILE D 62 10.02 45.25 39.96
N ALA D 63 10.81 46.29 39.73
CA ALA D 63 12.08 46.45 40.40
C ALA D 63 12.36 47.95 40.46
N VAL D 64 13.08 48.37 41.50
CA VAL D 64 13.57 49.74 41.66
C VAL D 64 15.06 49.70 41.95
N PHE D 65 15.83 50.59 41.39
CA PHE D 65 17.27 50.52 41.58
C PHE D 65 17.89 51.82 42.00
N THR D 66 19.01 51.67 42.67
CA THR D 66 19.74 52.73 43.34
C THR D 66 21.20 52.50 43.02
N ALA D 67 22.04 53.51 43.22
CA ALA D 67 23.47 53.34 42.96
C ALA D 67 24.00 52.08 43.64
N ALA D 68 23.56 51.80 44.85
CA ALA D 68 24.03 50.59 45.53
C ALA D 68 23.74 49.32 44.74
N ASP D 69 22.67 49.34 43.98
CA ASP D 69 22.34 48.16 43.19
C ASP D 69 23.18 48.05 41.92
N LEU D 70 23.96 49.05 41.59
CA LEU D 70 24.69 48.85 40.36
C LEU D 70 25.76 47.82 40.57
N PRO D 71 25.66 46.74 39.82
CA PRO D 71 26.58 45.62 40.04
C PRO D 71 28.03 45.92 39.79
N HIS D 72 28.41 46.94 39.00
CA HIS D 72 29.83 47.25 38.68
C HIS D 72 30.03 48.75 38.48
N ASP D 73 30.50 49.19 37.32
CA ASP D 73 30.60 50.64 37.08
C ASP D 73 29.30 51.44 37.18
N ASN D 74 29.37 52.64 37.80
CA ASN D 74 28.30 53.63 37.79
C ASN D 74 28.87 54.85 37.07
N ASP D 75 29.00 54.79 35.75
CA ASP D 75 29.68 55.82 35.00
C ASP D 75 29.25 56.03 33.52
N ALA D 76 28.59 57.13 33.20
CA ALA D 76 28.17 57.33 31.83
C ALA D 76 28.95 58.35 31.01
N SER D 77 29.92 58.99 31.63
CA SER D 77 30.75 60.02 31.01
C SER D 77 31.52 59.55 29.83
N PRO D 78 31.64 60.40 28.81
CA PRO D 78 32.47 60.16 27.64
C PRO D 78 33.90 60.64 27.89
N ALA D 79 34.22 61.00 29.12
CA ALA D 79 35.55 61.52 29.42
C ALA D 79 36.16 60.83 30.64
N PRO D 80 37.43 61.08 30.91
CA PRO D 80 38.11 60.40 32.02
C PRO D 80 37.42 60.62 33.33
N SER D 81 36.94 61.82 33.58
CA SER D 81 36.27 61.99 34.86
C SER D 81 34.88 61.34 34.84
N PRO D 82 34.52 60.67 35.91
CA PRO D 82 33.29 59.88 35.92
C PRO D 82 32.06 60.77 36.08
N GLU D 83 30.90 60.22 35.71
CA GLU D 83 29.61 60.87 35.79
C GLU D 83 28.66 59.74 36.09
N PRO D 84 28.22 59.65 37.30
CA PRO D 84 27.40 58.52 37.72
C PRO D 84 26.15 58.44 36.87
N VAL D 85 25.47 57.31 36.86
CA VAL D 85 24.23 57.16 36.17
C VAL D 85 23.19 57.27 37.26
N LEU D 86 23.36 56.62 38.40
CA LEU D 86 22.54 56.98 39.54
C LEU D 86 23.37 57.75 40.57
N ALA D 87 22.81 58.81 41.12
CA ALA D 87 23.49 59.65 42.11
C ALA D 87 24.04 58.81 43.22
N THR D 88 25.29 59.08 43.54
CA THR D 88 26.02 58.41 44.62
C THR D 88 26.11 59.34 45.85
N GLY D 89 24.99 59.45 46.57
CA GLY D 89 25.03 60.13 47.85
C GLY D 89 24.82 61.62 47.83
N GLU D 90 24.90 62.23 46.66
CA GLU D 90 24.75 63.66 46.57
C GLU D 90 24.17 63.92 45.18
N VAL D 91 23.79 65.16 44.88
CA VAL D 91 23.22 65.45 43.58
C VAL D 91 23.85 66.76 43.12
N HIS D 92 23.96 67.01 41.83
CA HIS D 92 24.62 68.20 41.38
C HIS D 92 23.84 69.02 40.40
N PHE D 93 22.57 68.70 40.19
CA PHE D 93 21.70 69.58 39.42
C PHE D 93 20.25 69.18 39.50
N VAL D 94 19.30 70.09 39.29
CA VAL D 94 17.88 69.67 39.33
C VAL D 94 17.62 68.84 38.09
N GLY D 95 17.36 67.56 38.30
CA GLY D 95 17.21 66.63 37.19
C GLY D 95 18.19 65.43 37.18
N GLN D 96 19.21 65.43 38.03
CA GLN D 96 20.09 64.25 38.05
C GLN D 96 19.40 63.02 38.48
N PRO D 97 19.52 61.99 37.73
CA PRO D 97 18.82 60.74 38.07
C PRO D 97 19.28 60.14 39.36
N ILE D 98 18.33 59.72 40.20
CA ILE D 98 18.69 59.17 41.48
C ILE D 98 18.37 57.75 41.56
N PHE D 99 17.17 57.38 41.18
CA PHE D 99 16.90 55.96 41.19
C PHE D 99 16.20 55.53 39.93
N LEU D 100 15.97 54.22 39.78
CA LEU D 100 15.53 53.72 38.50
C LEU D 100 14.42 52.73 38.66
N VAL D 101 13.27 53.02 38.03
CA VAL D 101 12.12 52.13 38.11
C VAL D 101 11.85 51.35 36.84
N ALA D 102 11.50 50.09 37.00
CA ALA D 102 11.16 49.23 35.90
C ALA D 102 9.80 48.72 36.21
N ALA D 103 8.85 48.95 35.31
CA ALA D 103 7.42 48.65 35.53
C ALA D 103 6.86 47.96 34.33
N THR D 104 5.63 47.49 34.31
CA THR D 104 5.14 46.83 33.09
C THR D 104 4.57 47.77 32.06
N SER D 105 4.70 49.09 32.26
CA SER D 105 4.31 50.00 31.24
C SER D 105 5.01 51.37 31.48
N HIS D 106 5.23 52.09 30.40
CA HIS D 106 5.89 53.36 30.43
C HIS D 106 5.15 54.32 31.39
N ARG D 107 3.83 54.41 31.31
CA ARG D 107 3.06 55.19 32.30
C ARG D 107 3.25 54.72 33.76
N ALA D 108 3.09 53.45 34.01
CA ALA D 108 3.27 53.01 35.37
C ALA D 108 4.67 53.41 35.87
N ALA D 109 5.65 53.44 35.00
CA ALA D 109 6.94 53.79 35.44
C ALA D 109 6.98 55.30 35.76
N ARG D 110 6.41 56.15 34.94
CA ARG D 110 6.57 57.54 35.25
C ARG D 110 5.87 57.82 36.55
N ILE D 111 4.69 57.24 36.68
CA ILE D 111 3.93 57.47 37.86
C ILE D 111 4.69 57.01 39.07
N ALA D 112 5.24 55.82 39.05
CA ALA D 112 5.92 55.46 40.28
C ALA D 112 7.13 56.36 40.49
N ALA D 113 7.69 56.87 39.42
CA ALA D 113 8.90 57.57 39.61
C ALA D 113 8.73 58.78 40.49
N ARG D 114 7.51 59.31 40.54
CA ARG D 114 7.20 60.53 41.30
C ARG D 114 6.92 60.36 42.80
N LYS D 115 6.73 59.13 43.26
CA LYS D 115 6.34 58.82 44.63
C LYS D 115 7.43 58.57 45.67
N ALA D 116 8.68 58.86 45.38
CA ALA D 116 9.69 58.61 46.40
C ALA D 116 9.76 59.72 47.40
N ARG D 117 10.22 59.40 48.61
CA ARG D 117 10.42 60.41 49.65
C ARG D 117 11.90 60.53 49.88
N ILE D 118 12.47 61.65 49.46
CA ILE D 118 13.89 61.84 49.58
C ILE D 118 14.07 62.97 50.54
N THR D 119 15.09 62.93 51.41
CA THR D 119 15.38 64.10 52.19
C THR D 119 16.75 64.52 51.75
N TYR D 120 16.99 65.82 51.67
CA TYR D 120 18.29 66.29 51.27
C TYR D 120 18.89 67.21 52.33
N ALA D 121 20.18 67.52 52.20
CA ALA D 121 20.90 68.43 53.04
C ALA D 121 21.47 69.37 52.01
N PRO D 122 20.78 70.47 51.74
CA PRO D 122 21.22 71.40 50.73
C PRO D 122 22.51 72.11 50.98
N ARG D 123 23.12 72.47 49.87
CA ARG D 123 24.36 73.16 49.81
C ARG D 123 24.23 74.36 48.88
N PRO D 124 25.04 75.40 49.06
CA PRO D 124 25.01 76.53 48.12
C PRO D 124 25.31 76.01 46.69
N ALA D 125 24.61 76.53 45.70
CA ALA D 125 24.70 76.04 44.35
C ALA D 125 25.35 77.00 43.44
N ILE D 126 26.08 76.57 42.46
CA ILE D 126 26.68 77.54 41.58
C ILE D 126 25.96 77.59 40.22
N LEU D 127 25.14 78.61 39.98
CA LEU D 127 24.38 78.61 38.76
C LEU D 127 24.72 79.65 37.74
N THR D 128 25.63 80.60 37.99
CA THR D 128 25.91 81.56 36.91
C THR D 128 27.39 81.56 36.64
N LEU D 129 27.81 82.06 35.47
CA LEU D 129 29.23 82.21 35.20
C LEU D 129 29.88 82.99 36.32
N ASP D 130 29.24 84.08 36.72
CA ASP D 130 29.85 84.92 37.75
C ASP D 130 30.08 84.13 38.99
N GLN D 131 29.07 83.39 39.44
CA GLN D 131 29.32 82.61 40.62
C GLN D 131 30.50 81.67 40.44
N ALA D 132 30.55 80.98 39.30
CA ALA D 132 31.55 79.97 39.11
C ALA D 132 32.95 80.56 39.07
N LEU D 133 33.03 81.78 38.58
CA LEU D 133 34.31 82.46 38.45
C LEU D 133 34.73 82.85 39.87
N ALA D 134 33.78 83.35 40.63
CA ALA D 134 34.13 83.76 41.95
C ALA D 134 34.56 82.51 42.74
N ALA D 135 33.90 81.38 42.53
CA ALA D 135 34.25 80.29 43.40
C ALA D 135 35.43 79.49 42.89
N ASP D 136 35.94 79.88 41.70
CA ASP D 136 36.96 79.13 40.99
C ASP D 136 36.43 77.71 40.69
N SER D 137 35.12 77.61 40.39
CA SER D 137 34.51 76.36 39.96
C SER D 137 34.79 76.04 38.47
N ARG D 138 35.64 75.05 38.18
CA ARG D 138 35.97 74.85 36.79
C ARG D 138 36.52 73.46 36.48
N PHE D 139 36.79 73.30 35.20
CA PHE D 139 37.35 72.04 34.73
C PHE D 139 38.73 72.37 34.14
N GLU D 140 39.64 71.37 34.10
CA GLU D 140 41.03 71.53 33.64
C GLU D 140 41.95 72.38 34.55
N GLY D 141 41.61 72.43 35.82
CA GLY D 141 42.32 73.25 36.79
C GLY D 141 42.87 74.57 36.26
N GLY D 142 42.03 75.42 35.71
CA GLY D 142 42.53 76.72 35.31
C GLY D 142 42.31 76.92 33.85
N PRO D 143 42.34 78.16 33.39
CA PRO D 143 42.02 78.48 31.99
C PRO D 143 43.01 77.93 31.01
N VAL D 144 42.75 78.05 29.71
CA VAL D 144 43.63 77.57 28.66
C VAL D 144 43.87 78.79 27.82
N ILE D 145 45.13 79.16 27.57
CA ILE D 145 45.45 80.37 26.84
C ILE D 145 46.29 80.03 25.62
N TRP D 146 45.98 80.56 24.46
CA TRP D 146 46.82 80.39 23.34
C TRP D 146 47.11 81.75 22.80
N ALA D 147 48.35 82.00 22.40
CA ALA D 147 48.74 83.29 21.93
C ALA D 147 49.63 83.19 20.69
N ARG D 148 49.39 84.07 19.75
CA ARG D 148 50.19 84.16 18.58
C ARG D 148 50.64 85.58 18.55
N GLY D 149 51.94 85.85 18.55
CA GLY D 149 52.42 87.24 18.54
C GLY D 149 52.15 87.99 19.85
N ASP D 150 52.11 89.31 19.78
CA ASP D 150 51.90 90.10 21.00
C ASP D 150 50.74 91.06 20.87
N VAL D 151 49.59 90.67 21.41
CA VAL D 151 48.39 91.48 21.26
C VAL D 151 48.47 92.82 21.92
N GLU D 152 48.82 92.83 23.22
CA GLU D 152 48.88 94.11 23.95
C GLU D 152 49.71 95.09 23.12
N THR D 153 50.88 94.65 22.71
CA THR D 153 51.66 95.53 21.89
C THR D 153 50.83 95.97 20.71
N ALA D 154 50.25 95.02 20.02
CA ALA D 154 49.55 95.42 18.80
C ALA D 154 48.34 96.34 19.02
N LEU D 155 47.56 96.06 20.06
CA LEU D 155 46.43 96.91 20.37
C LEU D 155 46.81 98.33 20.82
N ALA D 156 47.81 98.45 21.70
CA ALA D 156 48.27 99.77 22.15
C ALA D 156 48.55 100.71 20.99
N GLY D 157 49.09 100.18 19.89
CA GLY D 157 49.50 101.04 18.79
C GLY D 157 48.55 101.07 17.63
N ALA D 158 47.27 100.95 17.93
CA ALA D 158 46.32 100.77 16.86
C ALA D 158 45.47 101.99 16.50
N ALA D 159 45.38 102.29 15.23
CA ALA D 159 44.57 103.42 14.82
C ALA D 159 43.10 103.30 15.27
N HIS D 160 42.59 102.09 15.35
CA HIS D 160 41.17 101.90 15.65
C HIS D 160 40.97 100.75 16.57
N LEU D 161 39.99 100.86 17.42
CA LEU D 161 39.87 99.84 18.42
C LEU D 161 38.42 99.71 18.91
N ALA D 162 38.00 98.48 19.23
CA ALA D 162 36.69 98.23 19.80
C ALA D 162 36.77 97.27 20.98
N GLU D 163 36.11 97.60 22.07
CA GLU D 163 36.09 96.73 23.23
C GLU D 163 34.61 96.38 23.38
N GLY D 164 34.32 95.17 23.79
CA GLY D 164 32.96 94.82 23.94
C GLY D 164 32.80 93.48 24.60
N CYS D 165 31.63 93.29 25.17
CA CYS D 165 31.35 92.09 25.85
C CYS D 165 29.94 91.63 25.41
N PHE D 166 29.65 90.34 25.44
CA PHE D 166 28.32 89.89 25.03
C PHE D 166 27.96 88.45 25.28
N GLU D 167 26.75 88.21 25.72
CA GLU D 167 26.33 86.86 25.99
C GLU D 167 25.83 86.10 24.76
N ILE D 168 25.96 84.79 24.82
CA ILE D 168 25.48 83.92 23.78
C ILE D 168 24.80 82.74 24.50
N GLY D 169 23.54 82.56 24.21
CA GLY D 169 22.86 81.52 24.92
C GLY D 169 23.03 80.15 24.35
N GLY D 170 22.77 79.16 25.16
CA GLY D 170 22.83 77.82 24.64
C GLY D 170 21.67 77.46 23.72
N GLN D 171 21.41 76.17 23.56
CA GLN D 171 20.40 75.77 22.63
C GLN D 171 20.03 74.38 22.95
N GLU D 172 18.75 74.03 22.78
CA GLU D 172 18.30 72.67 23.01
C GLU D 172 18.17 71.91 21.70
N HIS D 173 18.54 70.65 21.67
CA HIS D 173 18.65 70.00 20.40
C HIS D 173 17.29 69.92 19.71
N PHE D 174 16.34 69.43 20.49
CA PHE D 174 15.02 69.20 19.96
C PHE D 174 15.00 68.26 18.78
N TYR D 175 15.61 67.11 18.96
CA TYR D 175 15.49 66.05 17.97
C TYR D 175 14.00 65.60 18.08
N LEU D 176 13.32 65.36 16.94
CA LEU D 176 11.91 64.91 17.08
C LEU D 176 11.74 63.57 17.76
N GLU D 177 12.54 62.57 17.49
CA GLU D 177 12.51 61.33 18.27
C GLU D 177 13.39 61.55 19.53
N GLY D 178 12.89 61.19 20.71
CA GLY D 178 13.65 61.45 21.90
C GLY D 178 14.60 60.32 22.26
N GLN D 179 15.48 60.50 23.28
CA GLN D 179 16.39 59.48 23.69
C GLN D 179 15.67 58.18 23.93
N ALA D 180 16.26 57.06 23.55
CA ALA D 180 15.60 55.82 23.77
C ALA D 180 16.55 54.61 23.59
N ALA D 181 16.29 53.53 24.35
CA ALA D 181 17.06 52.32 24.23
C ALA D 181 16.26 51.06 24.66
N LEU D 182 16.77 49.90 24.30
CA LEU D 182 16.10 48.66 24.52
C LEU D 182 17.22 47.64 24.73
N ALA D 183 17.14 46.80 25.75
CA ALA D 183 18.18 45.83 25.96
C ALA D 183 17.57 44.43 26.04
N LEU D 184 18.15 43.52 25.35
CA LEU D 184 17.65 42.15 25.41
C LEU D 184 18.71 41.19 25.90
N PRO D 185 18.50 40.57 27.03
CA PRO D 185 19.43 39.51 27.53
C PRO D 185 19.63 38.49 26.43
N ALA D 186 20.85 38.14 26.17
CA ALA D 186 21.11 37.13 25.14
C ALA D 186 22.15 36.18 25.67
N GLU D 187 21.68 35.19 26.40
CA GLU D 187 22.53 34.18 27.06
C GLU D 187 23.93 34.61 27.36
N GLY D 188 24.14 35.14 28.53
CA GLY D 188 25.48 35.52 28.83
C GLY D 188 25.77 36.97 28.53
N GLY D 189 25.30 37.52 27.40
CA GLY D 189 25.62 38.89 27.05
C GLY D 189 24.35 39.68 26.83
N VAL D 190 24.43 40.83 26.15
CA VAL D 190 23.23 41.53 25.82
C VAL D 190 23.26 42.09 24.47
N VAL D 191 22.07 42.33 23.94
CA VAL D 191 21.98 43.06 22.74
C VAL D 191 21.36 44.39 23.05
N ILE D 192 21.95 45.48 22.63
CA ILE D 192 21.32 46.74 22.83
C ILE D 192 20.87 47.38 21.51
N HIS D 193 19.63 47.81 21.43
CA HIS D 193 19.19 48.63 20.27
C HIS D 193 19.04 50.00 20.83
N CYS D 194 19.54 51.01 20.13
CA CYS D 194 19.44 52.31 20.76
C CYS D 194 19.47 53.41 19.75
N SER D 195 19.34 54.63 20.18
CA SER D 195 19.15 55.69 19.22
C SER D 195 20.28 56.58 19.55
N SER D 196 21.39 56.33 18.90
CA SER D 196 22.64 56.91 19.31
C SER D 196 23.59 57.18 18.13
N GLN D 197 24.33 58.26 18.18
CA GLN D 197 25.31 58.55 17.17
C GLN D 197 26.60 57.79 17.49
N HIS D 198 26.65 56.99 18.56
CA HIS D 198 27.93 56.43 18.98
C HIS D 198 27.84 55.08 19.63
N PRO D 199 27.29 54.15 18.88
CA PRO D 199 27.09 52.80 19.35
C PRO D 199 28.34 52.16 19.95
N SER D 200 29.53 52.27 19.40
CA SER D 200 30.75 51.74 20.09
C SER D 200 30.93 52.24 21.50
N GLU D 201 30.61 53.49 21.75
CA GLU D 201 30.64 53.92 23.12
C GLU D 201 29.51 53.31 23.93
N ILE D 202 28.35 53.11 23.36
CA ILE D 202 27.34 52.46 24.18
C ILE D 202 27.93 51.13 24.54
N GLN D 203 28.53 50.48 23.57
CA GLN D 203 29.07 49.15 23.80
C GLN D 203 30.02 49.17 25.00
N HIS D 204 30.96 50.11 24.94
CA HIS D 204 31.95 50.31 25.96
C HIS D 204 31.30 50.47 27.33
N LYS D 205 30.38 51.43 27.43
CA LYS D 205 29.74 51.75 28.70
C LYS D 205 28.87 50.66 29.27
N VAL D 206 28.16 49.97 28.39
CA VAL D 206 27.31 48.91 28.86
C VAL D 206 28.18 47.81 29.37
N ALA D 207 29.25 47.52 28.61
CA ALA D 207 30.19 46.47 29.06
C ALA D 207 30.71 46.74 30.49
N HIS D 208 31.25 47.93 30.67
CA HIS D 208 31.72 48.24 31.97
C HIS D 208 30.61 48.20 33.03
N ALA D 209 29.38 48.57 32.71
CA ALA D 209 28.38 48.52 33.74
C ALA D 209 27.99 47.12 34.08
N LEU D 210 28.10 46.15 33.18
CA LEU D 210 27.69 44.79 33.47
C LEU D 210 28.84 43.91 33.93
N GLY D 211 30.08 44.34 33.77
CA GLY D 211 31.16 43.45 34.13
C GLY D 211 31.51 42.48 33.02
N LEU D 212 31.42 42.93 31.77
CA LEU D 212 31.65 42.00 30.68
C LEU D 212 32.72 42.45 29.69
N ALA D 213 33.37 41.55 29.01
CA ALA D 213 34.29 41.99 27.98
C ALA D 213 33.49 42.59 26.83
N PHE D 214 34.05 43.55 26.09
CA PHE D 214 33.28 44.11 24.99
C PHE D 214 32.70 43.11 24.04
N HIS D 215 33.32 41.96 23.85
CA HIS D 215 32.76 41.01 22.90
C HIS D 215 31.49 40.34 23.40
N ASP D 216 30.94 40.67 24.56
CA ASP D 216 29.63 40.10 24.98
C ASP D 216 28.51 41.08 24.92
N VAL D 217 28.74 42.25 24.32
CA VAL D 217 27.72 43.25 24.19
C VAL D 217 27.67 43.69 22.73
N ARG D 218 26.53 43.58 22.08
CA ARG D 218 26.37 43.98 20.69
C ARG D 218 25.41 45.16 20.58
N VAL D 219 25.67 46.18 19.76
CA VAL D 219 24.77 47.32 19.70
C VAL D 219 24.33 47.62 18.30
N GLU D 220 23.04 47.61 18.02
CA GLU D 220 22.61 47.92 16.68
C GLU D 220 21.86 49.17 16.65
N MET D 221 21.96 49.88 15.58
CA MET D 221 21.29 51.11 15.53
C MET D 221 20.92 51.34 14.04
N ARG D 222 19.67 51.32 13.69
CA ARG D 222 19.34 51.46 12.30
C ARG D 222 19.10 52.85 11.89
N ARG D 223 18.61 53.71 12.77
CA ARG D 223 18.33 55.11 12.28
C ARG D 223 17.84 55.92 13.47
N MET D 224 18.11 57.23 13.46
CA MET D 224 17.66 58.09 14.52
C MET D 224 16.74 59.16 13.94
N GLY D 225 15.75 59.54 14.67
CA GLY D 225 14.99 60.66 14.27
C GLY D 225 15.67 61.94 14.72
N GLY D 226 16.89 62.21 14.26
CA GLY D 226 17.57 63.46 14.48
C GLY D 226 18.55 63.21 15.63
N GLY D 227 19.68 63.88 15.57
CA GLY D 227 20.66 63.79 16.56
C GLY D 227 21.28 65.13 16.85
N PHE D 228 21.82 65.80 15.84
CA PHE D 228 22.44 67.09 16.05
C PHE D 228 23.48 67.13 17.11
N GLY D 229 24.03 65.99 17.54
CA GLY D 229 25.07 66.08 18.53
C GLY D 229 24.55 65.64 19.87
N GLY D 230 23.25 65.83 20.11
CA GLY D 230 22.62 65.47 21.34
C GLY D 230 22.60 63.99 21.59
N LYS D 231 23.10 63.24 20.66
CA LYS D 231 23.10 61.84 20.99
C LYS D 231 24.49 61.25 20.85
N GLU D 232 25.51 62.11 20.85
CA GLU D 232 26.87 61.65 20.78
C GLU D 232 27.17 60.90 22.07
N SER D 233 26.58 61.28 23.18
CA SER D 233 26.94 60.67 24.43
C SER D 233 25.81 60.50 25.41
N GLN D 234 24.83 61.37 25.37
CA GLN D 234 23.71 61.24 26.26
C GLN D 234 22.97 59.96 26.01
N GLY D 235 23.43 59.13 25.11
CA GLY D 235 22.72 57.89 24.93
C GLY D 235 23.16 56.99 26.05
N ASN D 236 24.39 57.21 26.57
CA ASN D 236 24.90 56.29 27.58
C ASN D 236 23.96 55.97 28.75
N HIS D 237 23.28 56.94 29.36
CA HIS D 237 22.43 56.63 30.53
C HIS D 237 21.30 55.62 30.29
N LEU D 238 20.54 55.83 29.24
CA LEU D 238 19.45 54.94 28.94
C LEU D 238 19.91 53.54 28.64
N ALA D 239 20.95 53.46 27.81
CA ALA D 239 21.49 52.15 27.52
C ALA D 239 21.97 51.47 28.81
N ILE D 240 22.80 52.13 29.64
CA ILE D 240 23.25 51.45 30.83
C ILE D 240 22.06 51.05 31.64
N ALA D 241 21.01 51.85 31.72
CA ALA D 241 19.89 51.44 32.61
C ALA D 241 19.09 50.25 32.08
N CYS D 242 18.79 50.23 30.81
CA CYS D 242 18.19 49.02 30.33
C CYS D 242 19.10 47.81 30.53
N ALA D 243 20.40 47.88 30.25
CA ALA D 243 21.15 46.65 30.46
C ALA D 243 21.14 46.23 31.94
N VAL D 244 21.40 47.13 32.84
CA VAL D 244 21.39 46.71 34.23
C VAL D 244 20.00 46.19 34.60
N ALA D 245 18.95 46.87 34.17
CA ALA D 245 17.64 46.35 34.58
C ALA D 245 17.46 44.96 34.02
N ALA D 246 17.91 44.73 32.78
CA ALA D 246 17.71 43.43 32.17
C ALA D 246 18.57 42.31 32.76
N ARG D 247 19.77 42.59 33.20
CA ARG D 247 20.49 41.62 33.96
C ARG D 247 19.67 41.30 35.27
N ALA D 248 19.09 42.29 35.93
CA ALA D 248 18.40 42.01 37.20
C ALA D 248 17.11 41.26 37.10
N THR D 249 16.24 41.61 36.17
CA THR D 249 14.93 40.94 36.16
C THR D 249 14.93 39.83 35.16
N GLY D 250 15.98 39.71 34.39
CA GLY D 250 15.91 38.62 33.48
C GLY D 250 15.05 38.93 32.29
N ARG D 251 14.69 40.18 32.08
CA ARG D 251 13.83 40.42 30.93
C ARG D 251 14.22 41.64 30.16
N PRO D 252 13.77 41.67 28.92
CA PRO D 252 14.08 42.78 28.00
C PRO D 252 13.64 44.04 28.66
N CYS D 253 14.30 45.19 28.50
CA CYS D 253 13.88 46.40 29.12
C CYS D 253 14.06 47.52 28.19
N LYS D 254 13.09 48.44 28.17
CA LYS D 254 13.05 49.57 27.29
C LYS D 254 12.98 50.85 28.11
N MET D 255 13.62 51.93 27.63
CA MET D 255 13.47 53.19 28.26
C MET D 255 13.38 54.23 27.23
N ARG D 256 12.36 55.06 27.28
CA ARG D 256 12.44 56.22 26.38
C ARG D 256 12.04 57.44 27.27
N TYR D 257 12.67 58.57 27.05
CA TYR D 257 12.33 59.73 27.78
C TYR D 257 11.12 60.45 27.17
N ASP D 258 10.34 61.03 28.04
CA ASP D 258 9.30 61.93 27.74
C ASP D 258 9.92 63.19 27.56
N ARG D 259 9.42 63.92 26.62
CA ARG D 259 10.02 65.14 26.35
C ARG D 259 10.45 65.96 27.55
N ASP D 260 9.58 66.12 28.52
CA ASP D 260 9.93 66.93 29.69
C ASP D 260 11.17 66.35 30.29
N ASP D 261 11.22 65.05 30.55
CA ASP D 261 12.42 64.51 31.16
C ASP D 261 13.59 64.70 30.21
N ASP D 262 13.42 64.37 28.93
CA ASP D 262 14.52 64.61 28.02
C ASP D 262 15.08 65.99 28.25
N MET D 263 14.27 67.02 28.17
CA MET D 263 14.86 68.30 28.35
C MET D 263 15.48 68.66 29.74
N VAL D 264 15.03 68.00 30.78
CA VAL D 264 15.50 68.32 32.08
C VAL D 264 16.83 67.60 32.37
N ILE D 265 16.94 66.34 31.95
CA ILE D 265 18.10 65.53 32.20
C ILE D 265 19.31 65.69 31.24
N THR D 266 19.12 66.00 29.95
CA THR D 266 20.21 65.96 29.01
C THR D 266 20.87 67.26 28.78
N GLY D 267 21.96 67.28 28.04
CA GLY D 267 22.72 68.51 27.92
C GLY D 267 22.33 69.33 26.72
N LYS D 268 23.01 70.45 26.47
CA LYS D 268 22.61 71.45 25.51
C LYS D 268 23.85 72.13 25.03
N ARG D 269 23.80 72.88 23.95
CA ARG D 269 24.95 73.66 23.51
C ARG D 269 25.33 74.54 24.68
N HIS D 270 26.62 74.72 24.90
CA HIS D 270 27.19 75.48 26.00
C HIS D 270 26.83 76.95 25.74
N ASP D 271 26.27 77.66 26.72
CA ASP D 271 26.23 79.07 26.52
C ASP D 271 27.56 79.75 26.95
N PHE D 272 27.90 80.86 26.25
CA PHE D 272 29.14 81.57 26.38
C PHE D 272 28.97 83.04 26.71
N ARG D 273 30.02 83.58 27.36
CA ARG D 273 30.18 85.02 27.50
C ARG D 273 31.46 85.25 26.79
N ILE D 274 31.50 86.27 25.94
CA ILE D 274 32.69 86.57 25.14
C ILE D 274 33.10 88.03 25.27
N ARG D 275 34.29 88.30 25.78
CA ARG D 275 34.87 89.64 25.97
C ARG D 275 35.87 89.79 24.87
N TYR D 276 35.87 90.91 24.20
CA TYR D 276 36.87 91.09 23.17
C TYR D 276 37.50 92.47 23.14
N ARG D 277 38.69 92.57 22.52
CA ARG D 277 39.31 93.86 22.19
C ARG D 277 39.84 93.58 20.83
N ILE D 278 39.58 94.46 19.88
CA ILE D 278 40.11 94.19 18.57
C ILE D 278 40.54 95.51 17.95
N GLY D 279 41.64 95.48 17.21
CA GLY D 279 42.11 96.71 16.62
C GLY D 279 42.54 96.61 15.20
N ALA D 280 42.55 97.74 14.52
CA ALA D 280 43.05 97.74 13.14
C ALA D 280 43.82 99.01 12.72
N ASP D 281 44.61 98.77 11.69
CA ASP D 281 45.29 99.71 10.82
C ASP D 281 44.40 100.89 10.44
N ALA D 282 44.94 101.85 9.73
CA ALA D 282 44.14 102.97 9.27
C ALA D 282 43.47 102.56 7.98
N SER D 283 44.10 101.65 7.26
CA SER D 283 43.55 101.19 6.00
C SER D 283 42.47 100.15 6.24
N GLY D 284 42.39 99.60 7.44
CA GLY D 284 41.42 98.52 7.68
C GLY D 284 41.96 97.13 8.05
N LYS D 285 43.21 96.82 7.72
CA LYS D 285 43.81 95.53 8.09
C LYS D 285 43.83 95.39 9.57
N LEU D 286 43.49 94.20 10.03
CA LEU D 286 43.41 93.92 11.42
C LEU D 286 44.80 93.90 11.94
N LEU D 287 44.96 94.25 13.21
CA LEU D 287 46.21 94.26 13.89
C LEU D 287 46.21 93.25 15.01
N GLY D 288 45.10 93.05 15.63
CA GLY D 288 45.16 92.12 16.73
C GLY D 288 43.79 91.88 17.27
N ALA D 289 43.68 90.86 18.11
CA ALA D 289 42.42 90.58 18.70
C ALA D 289 42.63 89.75 19.93
N ASP D 290 42.13 90.21 21.06
CA ASP D 290 42.29 89.45 22.29
C ASP D 290 40.88 89.03 22.72
N PHE D 291 40.65 87.76 23.04
CA PHE D 291 39.33 87.28 23.37
C PHE D 291 39.39 86.57 24.63
N VAL D 292 38.37 86.68 25.42
CA VAL D 292 38.29 85.84 26.58
C VAL D 292 36.95 85.12 26.40
N HIS D 293 36.89 83.81 26.69
CA HIS D 293 35.68 83.02 26.49
C HIS D 293 35.27 82.45 27.82
N LEU D 294 34.05 82.66 28.26
CA LEU D 294 33.62 81.96 29.49
C LEU D 294 32.56 80.94 29.01
N ALA D 295 32.73 79.67 29.32
CA ALA D 295 31.74 78.70 28.85
C ALA D 295 31.13 77.96 29.99
N ARG D 296 29.83 77.87 29.98
CA ARG D 296 29.11 77.27 31.08
C ARG D 296 29.00 75.84 30.76
N CYS D 297 29.75 74.97 31.44
CA CYS D 297 29.74 73.54 31.08
C CYS D 297 28.81 72.67 31.87
N GLY D 298 28.23 73.13 32.96
CA GLY D 298 27.41 72.17 33.68
C GLY D 298 28.20 71.36 34.72
N TRP D 299 27.57 70.37 35.32
CA TRP D 299 28.13 69.72 36.45
C TRP D 299 29.16 68.67 36.17
N SER D 300 29.44 68.39 34.93
CA SER D 300 30.35 67.34 34.69
C SER D 300 30.98 67.60 33.36
N ALA D 301 32.16 67.10 33.14
CA ALA D 301 32.91 67.48 31.99
C ALA D 301 32.30 67.15 30.67
N ASP D 302 31.73 65.97 30.58
CA ASP D 302 31.12 65.56 29.30
C ASP D 302 32.00 65.87 28.08
N LEU D 303 31.57 66.70 27.14
CA LEU D 303 32.45 66.96 25.99
C LEU D 303 32.96 68.38 25.93
N SER D 304 32.85 69.08 27.06
CA SER D 304 33.32 70.45 27.16
C SER D 304 34.75 70.69 26.64
N LEU D 305 35.67 69.77 26.86
CA LEU D 305 37.03 69.97 26.45
C LEU D 305 37.18 70.17 24.94
N PRO D 306 36.78 69.18 24.19
CA PRO D 306 36.86 69.34 22.75
C PRO D 306 35.94 70.47 22.31
N VAL D 307 34.77 70.66 22.91
CA VAL D 307 33.95 71.80 22.49
C VAL D 307 34.68 73.15 22.69
N CYS D 308 35.24 73.38 23.87
CA CYS D 308 35.92 74.63 24.06
C CYS D 308 37.15 74.86 23.17
N ASP D 309 37.90 73.79 22.91
CA ASP D 309 39.05 73.83 22.04
C ASP D 309 38.56 74.26 20.71
N ARG D 310 37.45 73.70 20.28
CA ARG D 310 37.00 74.06 18.93
C ARG D 310 36.55 75.52 18.82
N ALA D 311 35.97 76.05 19.86
CA ALA D 311 35.69 77.44 19.87
C ALA D 311 36.98 78.22 19.72
N MET D 312 38.01 77.86 20.50
CA MET D 312 39.30 78.53 20.40
C MET D 312 39.79 78.43 18.99
N LEU D 313 39.71 77.25 18.41
CA LEU D 313 40.18 77.13 17.04
C LEU D 313 39.41 78.01 16.10
N HIS D 314 38.25 78.53 16.44
CA HIS D 314 37.57 79.31 15.43
C HIS D 314 37.49 80.78 15.79
N ALA D 315 38.11 81.17 16.89
CA ALA D 315 38.16 82.57 17.18
C ALA D 315 38.71 83.47 16.04
N ASP D 316 39.22 82.93 14.94
CA ASP D 316 39.74 83.81 13.93
C ASP D 316 38.67 84.13 12.89
N GLY D 317 37.54 83.44 13.04
CA GLY D 317 36.50 83.56 12.05
C GLY D 317 37.11 83.27 10.68
N SER D 318 36.82 84.15 9.74
CA SER D 318 37.35 83.96 8.44
C SER D 318 38.51 84.83 8.18
N TYR D 319 39.12 85.38 9.22
CA TYR D 319 40.11 86.42 8.95
C TYR D 319 41.51 86.15 9.37
N PHE D 320 42.47 86.60 8.56
CA PHE D 320 43.89 86.51 8.96
C PHE D 320 44.17 87.57 10.06
N VAL D 321 44.65 87.16 11.21
CA VAL D 321 44.96 88.08 12.29
C VAL D 321 46.40 87.94 12.78
N PRO D 322 47.23 88.95 12.55
CA PRO D 322 48.63 88.92 12.97
C PRO D 322 48.81 88.65 14.42
N ALA D 323 47.99 89.21 15.28
CA ALA D 323 48.20 88.92 16.68
C ALA D 323 46.89 88.56 17.27
N LEU D 324 46.86 87.49 18.03
CA LEU D 324 45.61 87.05 18.55
C LEU D 324 45.78 86.21 19.79
N ARG D 325 44.97 86.43 20.82
CA ARG D 325 45.10 85.67 22.08
C ARG D 325 43.71 85.14 22.55
N ILE D 326 43.63 83.98 23.14
CA ILE D 326 42.36 83.55 23.59
C ILE D 326 42.52 82.93 24.92
N GLU D 327 41.67 83.30 25.83
CA GLU D 327 41.73 82.72 27.18
C GLU D 327 40.36 82.05 27.39
N SER D 328 40.39 80.75 27.57
CA SER D 328 39.16 80.03 27.61
C SER D 328 38.81 79.38 28.97
N HIS D 329 37.79 79.88 29.65
CA HIS D 329 37.45 79.28 30.95
C HIS D 329 36.33 78.27 30.85
N ARG D 330 36.52 77.07 31.37
CA ARG D 330 35.44 76.14 31.27
C ARG D 330 34.89 75.95 32.64
N LEU D 331 33.73 76.51 32.86
CA LEU D 331 33.23 76.68 34.21
C LEU D 331 32.22 75.67 34.59
N ARG D 332 32.35 75.12 35.77
CA ARG D 332 31.45 74.10 36.21
C ARG D 332 30.37 74.74 37.05
N THR D 333 29.15 74.36 36.75
CA THR D 333 28.00 74.89 37.46
C THR D 333 27.05 73.76 37.70
N ASN D 334 26.10 73.95 38.60
CA ASN D 334 25.18 72.90 38.95
C ASN D 334 23.98 72.84 38.04
N THR D 335 24.23 72.62 36.77
CA THR D 335 23.16 72.50 35.82
C THR D 335 23.50 71.43 34.79
N GLN D 336 22.63 71.35 33.79
CA GLN D 336 22.72 70.29 32.84
C GLN D 336 24.08 70.21 32.25
N SER D 337 24.64 69.03 32.19
CA SER D 337 25.97 68.82 31.69
C SER D 337 26.04 69.04 30.22
N ASN D 338 26.57 70.18 29.79
CA ASN D 338 26.48 70.52 28.37
C ASN D 338 27.19 69.63 27.36
N THR D 339 26.84 69.67 26.09
CA THR D 339 27.46 68.68 25.28
C THR D 339 27.58 69.02 23.84
N ALA D 340 27.81 68.03 22.98
CA ALA D 340 27.91 68.35 21.59
C ALA D 340 26.60 68.88 20.96
N PHE D 341 26.74 69.76 19.98
CA PHE D 341 25.69 70.34 19.22
C PHE D 341 26.26 70.88 17.88
N ARG D 342 25.71 70.41 16.78
CA ARG D 342 26.01 70.91 15.46
C ARG D 342 26.87 72.12 15.41
N GLY D 343 28.11 71.98 14.97
CA GLY D 343 29.05 73.07 15.11
C GLY D 343 30.05 72.82 16.25
N PHE D 344 29.67 72.11 17.31
CA PHE D 344 30.68 71.74 18.29
C PHE D 344 31.66 72.84 18.65
N GLY D 345 31.24 73.94 19.25
CA GLY D 345 32.09 75.04 19.69
C GLY D 345 32.36 76.08 18.62
N GLY D 346 32.30 75.62 17.38
CA GLY D 346 32.62 76.44 16.25
C GLY D 346 31.91 77.75 16.25
N PRO D 347 30.60 77.69 16.37
CA PRO D 347 29.78 78.88 16.22
C PRO D 347 30.02 79.86 17.31
N GLN D 348 30.26 79.44 18.52
CA GLN D 348 30.47 80.40 19.58
C GLN D 348 31.74 81.14 19.24
N GLY D 349 32.81 80.38 18.97
CA GLY D 349 34.08 80.98 18.62
C GLY D 349 33.93 81.89 17.46
N ALA D 350 33.39 81.41 16.39
CA ALA D 350 33.21 82.33 15.26
C ALA D 350 32.26 83.49 15.59
N LEU D 351 31.27 83.29 16.43
CA LEU D 351 30.36 84.39 16.52
C LEU D 351 31.14 85.49 17.23
N GLY D 352 31.96 85.07 18.19
CA GLY D 352 32.88 85.96 18.90
C GLY D 352 33.55 86.92 17.94
N MET D 353 34.06 86.42 16.83
CA MET D 353 34.86 87.30 16.02
C MET D 353 33.96 88.12 15.15
N GLU D 354 32.85 87.56 14.69
CA GLU D 354 31.96 88.39 13.87
C GLU D 354 31.40 89.58 14.64
N ARG D 355 31.01 89.39 15.90
CA ARG D 355 30.54 90.52 16.68
C ARG D 355 31.62 91.56 16.72
N ALA D 356 32.81 91.18 17.15
CA ALA D 356 33.92 92.09 17.29
C ALA D 356 34.10 92.88 16.04
N ILE D 357 34.27 92.20 14.94
CA ILE D 357 34.57 92.90 13.72
C ILE D 357 33.40 93.78 13.31
N GLU D 358 32.22 93.47 13.77
CA GLU D 358 31.14 94.35 13.44
C GLU D 358 31.29 95.66 14.24
N HIS D 359 31.58 95.49 15.52
CA HIS D 359 31.75 96.59 16.41
C HIS D 359 32.87 97.56 15.84
N LEU D 360 34.05 97.00 15.60
CA LEU D 360 35.11 97.72 14.99
C LEU D 360 34.61 98.51 13.79
N ALA D 361 33.89 97.85 12.90
CA ALA D 361 33.41 98.55 11.72
C ALA D 361 32.53 99.74 12.08
N ARG D 362 31.57 99.56 12.97
CA ARG D 362 30.71 100.66 13.26
C ARG D 362 31.60 101.76 13.77
N GLY D 363 32.51 101.42 14.66
CA GLY D 363 33.46 102.36 15.20
C GLY D 363 34.14 103.27 14.20
N MET D 364 34.46 102.78 13.00
CA MET D 364 35.25 103.60 12.09
C MET D 364 34.39 104.09 10.97
N GLY D 365 33.10 103.96 11.21
CA GLY D 365 32.14 104.33 10.20
C GLY D 365 32.37 103.63 8.90
N ARG D 366 32.88 102.42 8.94
CA ARG D 366 33.06 101.72 7.65
C ARG D 366 31.99 100.65 7.46
N ASP D 367 31.65 100.37 6.22
CA ASP D 367 30.75 99.26 5.91
C ASP D 367 31.35 97.90 6.29
N PRO D 368 30.65 97.12 7.07
CA PRO D 368 31.19 95.89 7.61
C PRO D 368 31.64 94.92 6.52
N ALA D 369 30.91 94.89 5.44
CA ALA D 369 31.27 94.00 4.39
C ALA D 369 32.66 94.23 3.80
N GLU D 370 33.08 95.49 3.60
CA GLU D 370 34.38 95.74 3.00
C GLU D 370 35.46 95.46 4.02
N LEU D 371 35.19 95.83 5.25
CA LEU D 371 36.14 95.53 6.29
C LEU D 371 36.39 94.04 6.26
N ARG D 372 35.32 93.25 6.32
CA ARG D 372 35.51 91.80 6.23
C ARG D 372 36.25 91.36 4.96
N ALA D 373 35.78 91.81 3.81
CA ALA D 373 36.37 91.35 2.58
C ALA D 373 37.87 91.63 2.57
N LEU D 374 38.30 92.69 3.25
CA LEU D 374 39.68 93.08 3.27
C LEU D 374 40.50 92.17 4.13
N ASN D 375 39.90 91.54 5.11
CA ASN D 375 40.70 90.75 6.02
C ASN D 375 40.60 89.26 5.90
N PHE D 376 39.90 88.74 4.87
CA PHE D 376 39.85 87.30 4.68
C PHE D 376 41.27 86.83 4.39
N TYR D 377 41.55 85.57 4.72
CA TYR D 377 42.78 84.91 4.28
C TYR D 377 42.96 85.11 2.80
N ASP D 378 44.20 85.03 2.31
CA ASP D 378 44.47 85.25 0.88
C ASP D 378 44.10 84.04 0.13
N PRO D 379 43.81 84.21 -1.14
CA PRO D 379 43.47 83.11 -2.02
C PRO D 379 44.69 82.19 -2.13
N PRO D 380 44.53 81.03 -2.77
CA PRO D 380 45.62 80.06 -2.87
C PRO D 380 46.39 80.38 -4.11
N GLU D 381 47.65 79.93 -4.21
CA GLU D 381 48.51 80.20 -5.40
C GLU D 381 48.89 81.69 -5.49
N LYS D 398 55.48 82.11 -2.25
CA LYS D 398 56.31 82.22 -1.04
C LYS D 398 55.44 82.55 0.21
N LYS D 399 55.67 81.78 1.27
CA LYS D 399 54.95 81.94 2.56
C LYS D 399 53.40 82.09 2.49
N THR D 400 52.70 81.05 2.90
CA THR D 400 51.27 81.09 2.89
C THR D 400 50.84 81.44 4.30
N GLN D 401 49.72 82.14 4.41
CA GLN D 401 49.27 82.60 5.70
C GLN D 401 48.86 81.45 6.58
N THR D 402 48.92 81.61 7.88
CA THR D 402 48.58 80.55 8.77
C THR D 402 47.52 81.08 9.67
N THR D 403 46.97 80.20 10.51
CA THR D 403 45.94 80.57 11.46
C THR D 403 46.70 80.78 12.70
N HIS D 404 46.05 81.10 13.78
CA HIS D 404 46.77 81.41 14.94
C HIS D 404 47.20 80.18 15.62
N TYR D 405 46.96 79.02 15.01
CA TYR D 405 47.41 77.79 15.65
C TYR D 405 48.40 77.22 14.64
N GLY D 406 48.69 78.05 13.66
CA GLY D 406 49.75 77.71 12.74
C GLY D 406 49.49 76.68 11.70
N GLN D 407 48.32 76.72 11.10
CA GLN D 407 48.03 75.79 10.06
C GLN D 407 47.85 76.62 8.85
N GLU D 408 48.53 76.24 7.78
CA GLU D 408 48.47 76.99 6.55
C GLU D 408 47.10 76.94 6.00
N VAL D 409 46.60 78.04 5.50
CA VAL D 409 45.31 78.07 4.89
C VAL D 409 45.49 78.17 3.38
N ALA D 410 45.53 77.02 2.74
CA ALA D 410 45.86 76.98 1.35
C ALA D 410 44.63 76.78 0.51
N ASP D 411 43.47 76.88 1.10
CA ASP D 411 42.31 76.74 0.25
C ASP D 411 41.22 77.79 0.37
N CYS D 412 41.46 78.99 0.86
CA CYS D 412 40.39 79.94 1.09
C CYS D 412 39.84 80.64 -0.17
N VAL D 413 38.59 80.40 -0.50
CA VAL D 413 37.98 80.99 -1.67
C VAL D 413 36.91 82.06 -1.29
N LEU D 414 36.89 82.42 -0.01
CA LEU D 414 35.99 83.42 0.45
C LEU D 414 35.92 84.68 -0.44
N GLY D 415 37.08 85.22 -0.78
CA GLY D 415 37.13 86.36 -1.65
C GLY D 415 36.26 86.12 -2.84
N GLU D 416 36.64 85.16 -3.67
CA GLU D 416 35.91 84.92 -4.91
C GLU D 416 34.42 84.69 -4.63
N LEU D 417 34.17 83.89 -3.60
CA LEU D 417 32.85 83.44 -3.21
C LEU D 417 31.86 84.52 -2.76
N VAL D 418 32.27 85.32 -1.78
CA VAL D 418 31.46 86.41 -1.30
C VAL D 418 31.17 87.39 -2.46
N THR D 419 32.19 87.75 -3.24
CA THR D 419 31.95 88.64 -4.39
C THR D 419 30.80 88.04 -5.21
N ARG D 420 30.81 86.75 -5.44
CA ARG D 420 29.85 86.17 -6.34
C ARG D 420 28.51 86.16 -5.67
N LEU D 421 28.49 85.98 -4.34
CA LEU D 421 27.23 85.98 -3.63
C LEU D 421 26.64 87.37 -3.65
N GLN D 422 27.44 88.38 -3.27
CA GLN D 422 27.03 89.80 -3.29
C GLN D 422 26.38 90.17 -4.60
N LYS D 423 26.88 89.65 -5.72
CA LYS D 423 26.26 90.07 -6.96
C LYS D 423 25.05 89.30 -7.29
N SER D 424 25.04 88.01 -7.06
CA SER D 424 23.84 87.28 -7.43
C SER D 424 22.72 87.76 -6.51
N ALA D 425 23.06 88.17 -5.30
CA ALA D 425 22.06 88.52 -4.32
C ALA D 425 21.62 89.96 -4.43
N ASN D 426 22.30 90.74 -5.28
CA ASN D 426 21.92 92.10 -5.57
C ASN D 426 22.20 92.95 -4.38
N PHE D 427 23.18 92.58 -3.60
CA PHE D 427 23.47 93.20 -2.35
C PHE D 427 23.47 94.74 -2.32
N THR D 428 24.33 95.37 -3.12
CA THR D 428 24.57 96.82 -3.09
C THR D 428 23.27 97.59 -3.30
N THR D 429 22.64 97.37 -4.43
CA THR D 429 21.33 97.94 -4.65
C THR D 429 20.37 97.71 -3.48
N ARG D 430 20.26 96.47 -3.04
CA ARG D 430 19.37 96.19 -1.93
C ARG D 430 19.72 96.89 -0.63
N ARG D 431 20.99 97.19 -0.42
CA ARG D 431 21.39 97.92 0.75
C ARG D 431 20.87 99.36 0.66
N ALA D 432 20.85 99.92 -0.54
CA ALA D 432 20.39 101.27 -0.76
C ALA D 432 18.89 101.34 -0.60
N GLU D 433 18.15 100.45 -1.24
CA GLU D 433 16.70 100.43 -1.08
C GLU D 433 16.32 100.40 0.41
N ILE D 434 17.07 99.67 1.20
CA ILE D 434 16.76 99.57 2.59
C ILE D 434 16.93 100.88 3.35
N ALA D 435 18.00 101.61 3.03
CA ALA D 435 18.25 102.85 3.73
C ALA D 435 17.06 103.76 3.43
N ALA D 436 16.77 103.86 2.16
CA ALA D 436 15.72 104.76 1.79
C ALA D 436 14.46 104.38 2.55
N TRP D 437 14.05 103.12 2.44
CA TRP D 437 12.85 102.62 3.10
C TRP D 437 12.86 102.92 4.60
N ASN D 438 13.97 102.77 5.30
CA ASN D 438 13.92 103.00 6.72
C ASN D 438 13.65 104.47 6.97
N SER D 439 14.10 105.34 6.05
CA SER D 439 14.05 106.80 6.29
C SER D 439 12.66 107.31 6.17
N THR D 440 11.77 106.48 5.70
CA THR D 440 10.35 106.80 5.53
C THR D 440 9.48 106.08 6.54
N ASN D 441 10.11 105.34 7.44
CA ASN D 441 9.32 104.56 8.37
C ASN D 441 9.73 104.82 9.75
N ARG D 442 8.76 104.95 10.64
CA ARG D 442 9.09 105.17 12.03
C ARG D 442 8.69 104.01 12.94
N THR D 443 7.93 103.08 12.44
CA THR D 443 7.63 101.97 13.30
C THR D 443 8.39 100.67 13.00
N LEU D 444 8.70 100.42 11.74
CA LEU D 444 9.46 99.27 11.35
C LEU D 444 10.83 99.69 10.87
N ALA D 445 11.75 98.74 10.88
CA ALA D 445 13.06 98.98 10.31
C ALA D 445 13.56 97.69 9.63
N ARG D 446 14.17 97.78 8.47
CA ARG D 446 14.74 96.60 7.84
C ARG D 446 16.26 96.57 8.06
N GLY D 447 16.86 95.38 8.04
CA GLY D 447 18.28 95.16 8.23
C GLY D 447 18.83 94.15 7.21
N ILE D 448 20.10 94.22 6.87
CA ILE D 448 20.62 93.22 5.95
C ILE D 448 22.09 93.01 6.24
N ALA D 449 22.58 91.78 6.19
CA ALA D 449 24.00 91.52 6.58
C ALA D 449 24.55 90.32 5.89
N LEU D 450 25.88 90.30 5.73
CA LEU D 450 26.56 89.22 5.02
C LEU D 450 27.40 88.59 6.04
N SER D 451 27.38 87.29 6.19
CA SER D 451 28.36 86.70 7.06
C SER D 451 29.03 85.47 6.39
N PRO D 452 30.32 85.34 6.61
CA PRO D 452 31.10 84.26 6.02
C PRO D 452 31.34 83.17 7.02
N VAL D 453 31.81 82.03 6.49
CA VAL D 453 32.14 80.85 7.26
C VAL D 453 33.41 80.10 6.85
N LYS D 454 34.20 79.65 7.82
CA LYS D 454 35.38 78.90 7.53
C LYS D 454 35.38 77.90 8.63
N PHE D 455 35.17 76.63 8.35
CA PHE D 455 35.02 75.68 9.40
C PHE D 455 35.91 74.46 9.15
N GLY D 456 36.76 74.11 10.11
CA GLY D 456 37.69 73.04 9.91
C GLY D 456 37.05 71.69 10.09
N ILE D 457 37.46 70.71 9.32
CA ILE D 457 36.90 69.41 9.32
C ILE D 457 37.86 68.37 9.86
N SER D 458 37.47 67.58 10.89
CA SER D 458 38.17 66.43 11.39
C SER D 458 38.03 66.48 12.85
N PHE D 459 37.87 65.39 13.56
CA PHE D 459 37.86 65.52 15.00
C PHE D 459 39.21 66.04 15.46
N THR D 460 39.27 66.81 16.53
CA THR D 460 40.49 67.39 17.04
C THR D 460 41.18 66.44 17.96
N LEU D 461 40.50 65.45 18.50
CA LEU D 461 41.23 64.35 19.18
C LEU D 461 41.64 63.42 18.03
N THR D 462 42.76 63.68 17.41
CA THR D 462 43.19 62.94 16.24
C THR D 462 42.90 61.42 16.05
N HIS D 463 43.13 60.60 17.04
CA HIS D 463 42.87 59.22 16.75
C HIS D 463 41.40 58.87 16.43
N LEU D 464 40.50 59.82 16.51
CA LEU D 464 39.13 59.49 16.20
C LEU D 464 38.99 59.51 14.72
N ASN D 465 39.99 59.98 14.00
CA ASN D 465 39.76 60.05 12.56
C ASN D 465 40.09 58.72 11.85
N GLN D 466 39.23 57.72 12.10
CA GLN D 466 39.27 56.42 11.44
C GLN D 466 37.85 55.90 11.12
N ALA D 467 37.71 54.98 10.19
CA ALA D 467 36.40 54.46 9.87
C ALA D 467 36.55 53.13 9.19
N GLY D 468 35.59 52.23 9.35
CA GLY D 468 35.68 50.98 8.66
C GLY D 468 34.40 50.68 7.89
N ALA D 469 34.38 49.58 7.10
CA ALA D 469 33.27 49.14 6.37
C ALA D 469 33.39 47.67 6.08
N LEU D 470 32.27 47.03 5.66
CA LEU D 470 32.28 45.59 5.41
C LEU D 470 31.33 45.46 4.31
N VAL D 471 31.73 44.87 3.20
CA VAL D 471 30.85 44.75 2.06
C VAL D 471 30.68 43.30 1.66
N GLN D 472 29.49 42.90 1.22
CA GLN D 472 29.29 41.56 0.86
C GLN D 472 28.67 41.50 -0.49
N ILE D 473 29.09 40.56 -1.37
CA ILE D 473 28.37 40.37 -2.63
C ILE D 473 27.75 38.97 -2.65
N TYR D 474 26.42 38.89 -2.81
CA TYR D 474 25.76 37.60 -2.90
C TYR D 474 25.71 37.03 -4.33
N THR D 475 25.49 35.76 -4.51
CA THR D 475 25.71 35.20 -5.82
C THR D 475 24.71 35.57 -6.83
N ASP D 476 23.65 36.27 -6.48
CA ASP D 476 22.72 36.75 -7.50
C ASP D 476 23.16 38.11 -7.94
N GLY D 477 24.27 38.62 -7.42
CA GLY D 477 24.73 39.93 -7.77
C GLY D 477 24.28 41.03 -6.84
N SER D 478 23.40 40.79 -5.89
CA SER D 478 23.06 41.93 -5.03
C SER D 478 24.11 42.17 -3.96
N VAL D 479 24.12 43.39 -3.46
CA VAL D 479 25.15 43.83 -2.54
C VAL D 479 24.58 44.41 -1.26
N ALA D 480 25.27 44.13 -0.16
CA ALA D 480 24.91 44.53 1.19
C ALA D 480 26.05 45.40 1.66
N LEU D 481 25.82 46.65 2.01
CA LEU D 481 26.89 47.52 2.43
C LEU D 481 26.71 47.83 3.90
N ASN D 482 27.79 48.00 4.65
CA ASN D 482 27.67 48.26 6.07
C ASN D 482 28.86 49.11 6.50
N HIS D 483 28.64 50.16 7.25
CA HIS D 483 29.77 50.92 7.68
C HIS D 483 29.54 51.46 9.06
N GLY D 484 30.55 52.10 9.61
CA GLY D 484 30.45 52.59 10.97
C GLY D 484 29.61 53.78 11.27
N GLY D 485 29.21 54.60 10.30
CA GLY D 485 28.39 55.78 10.59
C GLY D 485 26.91 55.51 10.78
N THR D 486 26.26 56.38 11.52
CA THR D 486 24.85 56.22 11.91
C THR D 486 24.07 57.28 11.23
N GLU D 487 22.87 56.94 10.85
CA GLU D 487 22.05 57.78 9.99
C GLU D 487 21.11 58.51 10.86
N MET D 488 21.03 59.79 10.72
CA MET D 488 20.18 60.49 11.61
C MET D 488 19.40 61.49 10.74
N GLY D 489 19.44 61.31 9.41
CA GLY D 489 18.72 62.16 8.50
C GLY D 489 19.61 62.93 7.52
N GLN D 490 20.93 62.82 7.63
CA GLN D 490 21.84 63.66 6.86
C GLN D 490 22.10 63.01 5.53
N GLY D 491 21.60 61.79 5.34
CA GLY D 491 21.77 61.17 4.04
C GLY D 491 23.03 60.33 3.94
N LEU D 492 23.64 59.98 5.10
CA LEU D 492 24.86 59.28 5.09
C LEU D 492 24.62 58.00 4.29
N HIS D 493 23.61 57.24 4.67
CA HIS D 493 23.39 55.99 3.94
C HIS D 493 23.13 56.12 2.42
N ALA D 494 22.55 57.19 1.92
CA ALA D 494 22.44 57.28 0.44
C ALA D 494 23.78 57.60 -0.14
N LYS D 495 24.51 58.52 0.48
CA LYS D 495 25.85 58.76 -0.02
C LYS D 495 26.69 57.46 -0.07
N MET D 496 26.63 56.62 0.95
CA MET D 496 27.55 55.51 0.90
C MET D 496 27.11 54.54 -0.19
N VAL D 497 25.80 54.51 -0.49
CA VAL D 497 25.32 53.58 -1.45
C VAL D 497 25.84 54.07 -2.82
N GLN D 498 25.79 55.37 -3.04
CA GLN D 498 26.25 55.89 -4.29
C GLN D 498 27.74 55.57 -4.42
N VAL D 499 28.56 55.80 -3.40
CA VAL D 499 29.96 55.54 -3.52
C VAL D 499 30.10 54.07 -3.97
N ALA D 500 29.48 53.19 -3.23
CA ALA D 500 29.64 51.82 -3.56
C ALA D 500 29.20 51.46 -4.97
N ALA D 501 28.11 52.05 -5.40
CA ALA D 501 27.65 51.72 -6.72
C ALA D 501 28.64 52.32 -7.76
N ALA D 502 29.30 53.41 -7.44
CA ALA D 502 30.19 54.01 -8.44
C ALA D 502 31.42 53.18 -8.51
N VAL D 503 31.96 52.76 -7.37
CA VAL D 503 33.17 52.06 -7.44
C VAL D 503 32.96 50.64 -8.00
N LEU D 504 31.86 49.97 -7.73
CA LEU D 504 31.74 48.61 -8.24
C LEU D 504 31.15 48.60 -9.65
N GLY D 505 30.70 49.75 -10.15
CA GLY D 505 30.25 49.78 -11.53
C GLY D 505 28.85 49.27 -11.75
N ILE D 506 27.99 49.39 -10.74
CA ILE D 506 26.62 48.88 -10.84
C ILE D 506 25.62 49.91 -10.39
N ASP D 507 24.39 49.62 -10.62
CA ASP D 507 23.33 50.53 -10.30
C ASP D 507 22.98 50.48 -8.79
N PRO D 508 22.73 51.62 -8.20
CA PRO D 508 22.54 51.72 -6.72
C PRO D 508 21.51 50.79 -6.15
N VAL D 509 20.44 50.63 -6.87
CA VAL D 509 19.39 49.73 -6.52
C VAL D 509 19.81 48.31 -6.16
N GLN D 510 20.98 47.89 -6.59
CA GLN D 510 21.50 46.61 -6.26
C GLN D 510 22.24 46.69 -4.96
N VAL D 511 22.34 47.87 -4.33
CA VAL D 511 23.14 47.94 -3.10
C VAL D 511 22.28 48.19 -1.91
N ARG D 512 22.25 47.35 -0.91
CA ARG D 512 21.34 47.60 0.23
C ARG D 512 22.13 47.98 1.47
N ILE D 513 21.75 49.03 2.19
CA ILE D 513 22.42 49.39 3.44
C ILE D 513 21.95 48.53 4.61
N THR D 514 22.80 48.20 5.56
CA THR D 514 22.34 47.42 6.71
C THR D 514 22.50 48.23 7.95
N ALA D 515 21.81 47.88 9.01
CA ALA D 515 21.93 48.66 10.26
C ALA D 515 23.38 48.80 10.81
N THR D 516 23.79 49.97 11.28
CA THR D 516 25.06 50.07 12.00
C THR D 516 25.08 49.01 13.13
N ASP D 517 26.21 48.33 13.23
CA ASP D 517 26.27 47.22 14.14
C ASP D 517 27.73 46.93 14.65
N THR D 518 27.98 47.08 15.95
CA THR D 518 29.36 46.96 16.39
C THR D 518 29.90 45.53 16.14
N SER D 519 29.06 44.59 15.82
CA SER D 519 29.66 43.31 15.61
C SER D 519 30.04 43.09 14.17
N LYS D 520 29.92 44.15 13.35
CA LYS D 520 30.21 44.11 11.93
C LYS D 520 31.36 45.11 11.60
N VAL D 521 31.29 46.36 12.01
CA VAL D 521 32.46 47.20 11.97
C VAL D 521 32.79 47.62 13.41
N PRO D 522 33.96 47.25 13.92
CA PRO D 522 34.32 47.50 15.37
C PRO D 522 35.02 48.80 15.67
N ASN D 523 35.02 49.23 16.91
CA ASN D 523 35.81 50.40 17.31
C ASN D 523 35.54 51.64 16.52
N THR D 524 34.29 51.94 16.23
CA THR D 524 34.00 53.15 15.47
C THR D 524 33.97 54.37 16.36
N SER D 525 34.06 55.51 15.71
CA SER D 525 34.00 56.77 16.39
C SER D 525 32.57 57.27 16.26
N ALA D 526 32.19 58.22 17.08
CA ALA D 526 30.88 58.75 16.95
C ALA D 526 30.68 59.29 15.53
N THR D 527 29.47 59.22 14.99
CA THR D 527 29.30 59.96 13.78
C THR D 527 29.16 61.44 14.13
N ALA D 528 30.12 62.27 13.77
CA ALA D 528 30.06 63.68 14.21
C ALA D 528 31.18 64.46 13.58
N ALA D 529 31.32 65.71 14.00
CA ALA D 529 32.46 66.48 13.50
C ALA D 529 32.41 66.52 11.98
N SER D 530 31.23 66.35 11.47
CA SER D 530 31.01 66.34 10.05
C SER D 530 31.99 65.43 9.40
N SER D 531 32.32 64.32 10.04
CA SER D 531 33.28 63.47 9.38
C SER D 531 32.72 62.10 8.88
N GLY D 532 31.42 61.86 9.14
CA GLY D 532 30.67 60.69 8.69
C GLY D 532 30.85 60.25 7.25
N ALA D 533 30.58 61.11 6.31
CA ALA D 533 30.79 60.70 4.94
C ALA D 533 32.24 60.74 4.45
N ASP D 534 32.99 61.75 4.83
CA ASP D 534 34.41 61.84 4.55
C ASP D 534 35.07 60.50 4.86
N MET D 535 34.93 60.00 6.07
CA MET D 535 35.65 58.80 6.41
C MET D 535 34.94 57.51 6.03
N ASN D 536 33.64 57.44 6.16
CA ASN D 536 33.11 56.14 5.80
C ASN D 536 33.14 55.96 4.28
N GLY D 537 33.05 57.03 3.53
CA GLY D 537 33.07 56.90 2.09
C GLY D 537 34.39 56.29 1.70
N MET D 538 35.49 56.72 2.36
CA MET D 538 36.78 56.22 1.99
C MET D 538 36.76 54.73 2.39
N ALA D 539 36.32 54.39 3.59
CA ALA D 539 36.31 53.02 3.95
C ALA D 539 35.47 52.21 2.98
N VAL D 540 34.41 52.76 2.49
CA VAL D 540 33.58 51.94 1.69
C VAL D 540 34.28 51.72 0.36
N LYS D 541 34.88 52.78 -0.14
CA LYS D 541 35.59 52.64 -1.41
C LYS D 541 36.74 51.62 -1.30
N ASP D 542 37.41 51.61 -0.14
CA ASP D 542 38.50 50.71 0.12
C ASP D 542 38.00 49.25 0.04
N ALA D 543 36.79 48.99 0.46
CA ALA D 543 36.30 47.65 0.44
C ALA D 543 35.80 47.28 -0.95
N CYS D 544 35.20 48.22 -1.65
CA CYS D 544 34.72 47.86 -2.94
C CYS D 544 35.86 47.65 -3.91
N GLU D 545 36.92 48.44 -3.81
CA GLU D 545 38.05 48.26 -4.68
C GLU D 545 38.68 46.89 -4.41
N THR D 546 38.63 46.41 -3.17
CA THR D 546 39.21 45.12 -2.96
C THR D 546 38.38 44.13 -3.76
N LEU D 547 37.08 44.13 -3.56
CA LEU D 547 36.24 43.24 -4.32
C LEU D 547 36.44 43.39 -5.80
N ARG D 548 36.24 44.56 -6.34
CA ARG D 548 36.46 44.76 -7.76
C ARG D 548 37.86 44.22 -8.28
N GLY D 549 38.90 44.30 -7.43
CA GLY D 549 40.21 43.82 -7.74
C GLY D 549 40.06 42.32 -7.87
N ARG D 550 39.39 41.71 -6.90
CA ARG D 550 39.29 40.30 -7.03
C ARG D 550 38.55 39.93 -8.33
N LEU D 551 37.42 40.56 -8.58
CA LEU D 551 36.68 40.21 -9.76
C LEU D 551 37.49 40.40 -11.03
N ALA D 552 38.21 41.53 -11.19
CA ALA D 552 39.00 41.74 -12.41
C ALA D 552 40.05 40.61 -12.45
N GLY D 553 40.74 40.35 -11.35
CA GLY D 553 41.77 39.34 -11.37
C GLY D 553 41.13 38.10 -11.98
N PHE D 554 39.93 37.81 -11.57
CA PHE D 554 39.33 36.62 -12.02
C PHE D 554 38.93 36.69 -13.48
N VAL D 555 38.42 37.79 -13.96
CA VAL D 555 38.04 37.80 -15.35
C VAL D 555 39.29 37.82 -16.21
N ALA D 556 40.38 38.34 -15.68
CA ALA D 556 41.54 38.45 -16.54
C ALA D 556 42.12 37.05 -16.85
N ALA D 557 42.35 36.30 -15.79
CA ALA D 557 42.93 34.98 -15.88
C ALA D 557 42.04 34.12 -16.74
N ARG D 558 40.77 34.35 -16.65
CA ARG D 558 39.90 33.50 -17.36
C ARG D 558 39.99 33.88 -18.83
N GLU D 559 39.90 35.16 -19.19
CA GLU D 559 39.91 35.55 -20.60
C GLU D 559 41.34 35.89 -21.09
N GLY D 560 42.36 35.45 -20.34
CA GLY D 560 43.74 35.81 -20.64
C GLY D 560 43.94 37.26 -21.06
N CYS D 561 43.92 38.22 -20.13
CA CYS D 561 44.30 39.57 -20.51
C CYS D 561 44.80 40.24 -19.25
N ALA D 562 44.86 41.55 -19.21
CA ALA D 562 45.35 42.16 -18.00
C ALA D 562 44.16 42.64 -17.18
N ALA D 563 44.36 42.75 -15.87
CA ALA D 563 43.27 43.16 -15.00
C ALA D 563 42.79 44.58 -15.21
N ARG D 564 43.73 45.51 -15.45
CA ARG D 564 43.38 46.92 -15.66
C ARG D 564 42.50 47.07 -16.85
N ASP D 565 42.43 46.07 -17.69
CA ASP D 565 41.52 46.16 -18.86
C ASP D 565 40.16 45.51 -18.64
N VAL D 566 39.88 45.09 -17.43
CA VAL D 566 38.53 44.65 -17.19
C VAL D 566 37.71 45.86 -16.77
N ILE D 567 36.56 46.02 -17.37
CA ILE D 567 35.86 47.26 -17.15
C ILE D 567 34.48 47.07 -16.58
N PHE D 568 34.18 47.76 -15.48
CA PHE D 568 32.90 47.66 -14.81
C PHE D 568 32.17 48.92 -15.00
N ASP D 569 31.03 48.84 -15.61
CA ASP D 569 30.28 50.03 -15.82
C ASP D 569 28.85 49.71 -16.10
N ALA D 570 28.00 50.47 -15.45
CA ALA D 570 26.60 50.37 -15.69
C ALA D 570 26.10 48.95 -15.59
N GLY D 571 26.48 48.19 -14.57
CA GLY D 571 25.91 46.87 -14.51
C GLY D 571 26.49 45.88 -15.51
N GLN D 572 27.57 46.22 -16.24
CA GLN D 572 28.14 45.28 -17.20
C GLN D 572 29.62 45.15 -16.97
N VAL D 573 30.18 44.05 -17.44
CA VAL D 573 31.61 43.81 -17.24
C VAL D 573 32.19 43.54 -18.60
N GLN D 574 33.32 44.14 -18.92
CA GLN D 574 33.81 44.10 -20.30
C GLN D 574 35.30 43.80 -20.31
N ALA D 575 35.70 42.89 -21.20
CA ALA D 575 37.08 42.48 -21.32
C ALA D 575 37.31 41.79 -22.67
N SER D 576 38.49 41.99 -23.29
CA SER D 576 38.87 41.34 -24.55
C SER D 576 37.74 41.32 -25.55
N GLY D 577 36.99 42.40 -25.66
CA GLY D 577 35.94 42.37 -26.64
C GLY D 577 34.69 41.60 -26.28
N LYS D 578 34.65 40.96 -25.13
CA LYS D 578 33.33 40.42 -24.76
C LYS D 578 32.70 41.20 -23.60
N SER D 579 31.46 40.89 -23.33
CA SER D 579 30.84 41.55 -22.20
C SER D 579 29.79 40.69 -21.48
N TRP D 580 29.65 40.90 -20.19
CA TRP D 580 28.67 40.15 -19.44
C TRP D 580 28.04 41.01 -18.39
N ARG D 581 26.90 40.58 -17.90
CA ARG D 581 26.24 41.25 -16.76
C ARG D 581 26.94 40.98 -15.47
N PHE D 582 27.02 42.00 -14.62
CA PHE D 582 27.70 41.86 -13.32
C PHE D 582 27.28 40.59 -12.64
N ALA D 583 26.00 40.25 -12.63
CA ALA D 583 25.65 39.01 -11.98
C ALA D 583 26.32 37.74 -12.55
N GLU D 584 26.49 37.67 -13.87
CA GLU D 584 27.18 36.50 -14.38
C GLU D 584 28.58 36.51 -13.93
N ILE D 585 29.21 37.66 -13.79
CA ILE D 585 30.61 37.58 -13.37
C ILE D 585 30.59 37.06 -11.95
N VAL D 586 29.63 37.55 -11.14
CA VAL D 586 29.65 37.17 -9.74
C VAL D 586 29.44 35.70 -9.50
N ALA D 587 28.54 35.12 -10.30
CA ALA D 587 28.28 33.67 -10.19
C ALA D 587 29.48 32.90 -10.62
N ALA D 588 30.11 33.30 -11.73
CA ALA D 588 31.32 32.60 -12.13
C ALA D 588 32.39 32.78 -10.99
N ALA D 589 32.53 33.94 -10.38
CA ALA D 589 33.56 34.00 -9.36
C ALA D 589 33.23 33.07 -8.16
N TYR D 590 31.97 33.03 -7.82
CA TYR D 590 31.61 32.16 -6.78
C TYR D 590 32.07 30.74 -7.17
N MET D 591 31.63 30.18 -8.32
CA MET D 591 32.06 28.81 -8.72
C MET D 591 33.55 28.71 -8.80
N ALA D 592 34.29 29.75 -9.13
CA ALA D 592 35.71 29.60 -9.15
C ALA D 592 36.28 29.75 -7.75
N ARG D 593 35.41 29.91 -6.75
CA ARG D 593 35.86 30.03 -5.37
C ARG D 593 36.69 31.29 -5.03
N ILE D 594 36.13 32.43 -5.35
CA ILE D 594 36.77 33.70 -5.04
C ILE D 594 36.00 34.37 -3.96
N SER D 595 36.63 34.77 -2.89
CA SER D 595 35.89 35.35 -1.80
C SER D 595 35.17 36.65 -2.21
N LEU D 596 33.92 36.80 -1.79
CA LEU D 596 33.12 37.91 -2.18
C LEU D 596 32.76 38.76 -0.97
N SER D 597 33.66 38.81 -0.02
CA SER D 597 33.37 39.54 1.12
C SER D 597 34.63 40.29 1.38
N ALA D 598 34.54 41.54 1.82
CA ALA D 598 35.72 42.35 2.13
C ALA D 598 35.48 43.46 3.18
N THR D 599 36.44 43.75 4.07
CA THR D 599 36.34 44.91 4.95
C THR D 599 37.11 46.06 4.32
N GLY D 600 37.00 47.26 4.87
CA GLY D 600 37.58 48.50 4.33
C GLY D 600 37.91 49.41 5.51
N PHE D 601 38.96 50.22 5.39
CA PHE D 601 39.39 51.02 6.51
C PHE D 601 39.99 52.33 6.02
N TYR D 602 39.94 53.36 6.85
CA TYR D 602 40.54 54.63 6.47
C TYR D 602 40.88 55.51 7.63
N ALA D 603 42.03 56.15 7.52
CA ALA D 603 42.55 56.90 8.63
C ALA D 603 42.90 58.20 8.02
N THR D 604 42.45 59.32 8.55
CA THR D 604 42.73 60.54 7.77
C THR D 604 44.16 60.86 8.01
N PRO D 605 44.84 61.25 6.95
CA PRO D 605 46.24 61.61 6.98
C PRO D 605 46.44 63.04 7.37
N LYS D 606 47.71 63.45 7.35
CA LYS D 606 48.21 64.77 7.64
C LYS D 606 47.81 65.40 8.89
N LEU D 607 47.28 64.72 9.88
CA LEU D 607 46.89 65.49 11.06
C LEU D 607 47.85 65.33 12.17
N SER D 608 48.05 66.39 12.91
CA SER D 608 48.97 66.35 14.03
C SER D 608 48.90 67.68 14.71
N TRP D 609 48.66 67.69 16.02
CA TRP D 609 48.67 68.98 16.68
C TRP D 609 48.76 68.86 18.19
N ASP D 610 49.12 69.96 18.86
CA ASP D 610 49.29 69.93 20.28
C ASP D 610 48.36 70.94 20.95
N ARG D 611 47.43 70.37 21.67
CA ARG D 611 46.35 71.07 22.34
C ARG D 611 46.85 72.11 23.31
N LEU D 612 47.72 71.68 24.23
CA LEU D 612 48.26 72.55 25.27
C LEU D 612 49.05 73.69 24.68
N ARG D 613 49.74 73.45 23.60
CA ARG D 613 50.51 74.55 23.06
C ARG D 613 49.65 75.31 22.10
N GLY D 614 48.65 74.66 21.52
CA GLY D 614 47.79 75.34 20.55
C GLY D 614 48.48 75.44 19.21
N GLN D 615 49.16 74.39 18.77
CA GLN D 615 49.90 74.47 17.49
C GLN D 615 49.80 73.13 16.71
N GLY D 616 49.79 73.23 15.38
CA GLY D 616 49.82 72.07 14.53
C GLY D 616 48.87 72.08 13.34
N ARG D 617 48.41 70.90 12.93
CA ARG D 617 47.39 70.80 11.88
C ARG D 617 46.28 69.93 12.44
N PRO D 618 45.31 70.51 13.12
CA PRO D 618 44.22 69.65 13.60
C PRO D 618 43.24 69.36 12.45
N PHE D 619 43.21 70.13 11.37
CA PHE D 619 42.24 69.85 10.30
C PHE D 619 42.79 69.42 8.97
N LEU D 620 42.07 68.62 8.24
CA LEU D 620 42.55 68.24 6.94
C LEU D 620 42.28 69.35 5.99
N TYR D 621 41.09 69.95 6.06
CA TYR D 621 40.74 71.07 5.19
C TYR D 621 39.65 71.96 5.75
N PHE D 622 39.31 73.05 5.06
CA PHE D 622 38.31 73.96 5.62
C PHE D 622 37.12 74.07 4.69
N ALA D 623 35.91 74.04 5.25
CA ALA D 623 34.72 74.23 4.44
C ALA D 623 34.41 75.73 4.52
N TYR D 624 33.92 76.32 3.44
CA TYR D 624 33.61 77.72 3.38
C TYR D 624 32.20 77.92 2.88
N GLY D 625 31.70 79.14 3.08
CA GLY D 625 30.41 79.59 2.58
C GLY D 625 30.12 81.01 3.08
N ALA D 626 29.02 81.52 2.61
CA ALA D 626 28.60 82.80 3.03
C ALA D 626 27.10 82.94 2.83
N ALA D 627 26.45 83.80 3.66
CA ALA D 627 25.00 84.05 3.59
C ALA D 627 24.72 85.52 3.70
N ILE D 628 23.76 86.00 2.95
CA ILE D 628 23.30 87.35 3.10
C ILE D 628 21.87 87.20 3.54
N THR D 629 21.52 87.79 4.69
CA THR D 629 20.18 87.78 5.23
C THR D 629 19.53 89.14 5.36
N GLU D 630 18.27 89.24 4.94
CA GLU D 630 17.51 90.48 5.15
C GLU D 630 16.35 90.26 6.16
N VAL D 631 16.20 91.13 7.15
CA VAL D 631 15.12 91.01 8.15
C VAL D 631 14.38 92.35 8.37
N VAL D 632 13.28 92.33 9.13
CA VAL D 632 12.60 93.52 9.59
C VAL D 632 12.21 93.37 10.98
N ILE D 633 12.23 94.48 11.70
CA ILE D 633 11.87 94.51 13.10
C ILE D 633 10.87 95.62 13.37
N ASP D 634 10.16 95.44 14.45
CA ASP D 634 9.12 96.38 14.85
C ASP D 634 9.69 97.11 16.01
N ARG D 635 9.95 98.39 15.80
CA ARG D 635 10.55 99.24 16.84
C ARG D 635 9.68 99.37 18.05
N LEU D 636 8.43 98.98 18.00
CA LEU D 636 7.69 99.10 19.24
C LEU D 636 7.83 97.88 20.13
N THR D 637 7.76 96.67 19.59
CA THR D 637 7.82 95.54 20.50
C THR D 637 9.00 94.66 20.36
N GLY D 638 9.72 94.77 19.27
CA GLY D 638 10.83 93.86 19.09
C GLY D 638 10.47 92.75 18.17
N GLU D 639 9.20 92.56 17.88
CA GLU D 639 8.80 91.48 16.98
C GLU D 639 9.58 91.61 15.68
N ASN D 640 9.84 90.49 15.03
CA ASN D 640 10.71 90.52 13.89
C ASN D 640 10.66 89.25 12.99
N ARG D 641 11.18 89.37 11.79
CA ARG D 641 11.31 88.16 10.99
C ARG D 641 12.22 88.25 9.81
N ILE D 642 12.56 87.09 9.28
CA ILE D 642 13.52 86.98 8.19
C ILE D 642 12.79 87.09 6.88
N LEU D 643 13.07 88.09 6.09
CA LEU D 643 12.38 88.23 4.82
C LEU D 643 13.09 87.42 3.69
N ARG D 644 14.40 87.47 3.65
CA ARG D 644 15.09 86.85 2.55
C ARG D 644 16.48 86.42 3.00
N THR D 645 16.96 85.30 2.43
CA THR D 645 18.27 84.78 2.73
C THR D 645 18.80 84.31 1.36
N ASP D 646 20.10 84.50 1.12
CA ASP D 646 20.72 84.09 -0.13
C ASP D 646 21.98 83.42 0.40
N ILE D 647 22.23 82.19 -0.02
CA ILE D 647 23.44 81.46 0.39
C ILE D 647 24.25 80.82 -0.78
N LEU D 648 25.58 80.85 -0.66
CA LEU D 648 26.49 80.21 -1.60
C LEU D 648 27.41 79.43 -0.68
N HIS D 649 27.41 78.13 -0.81
CA HIS D 649 28.20 77.31 0.15
C HIS D 649 29.02 76.31 -0.59
N ASP D 650 30.21 76.04 -0.07
CA ASP D 650 31.19 75.18 -0.73
C ASP D 650 31.19 73.76 -0.16
N ALA D 651 30.58 72.85 -0.88
CA ALA D 651 30.57 71.49 -0.51
C ALA D 651 31.49 70.62 -1.41
N GLY D 652 32.58 71.20 -1.92
CA GLY D 652 33.46 70.53 -2.86
C GLY D 652 32.72 69.95 -4.02
N ALA D 653 33.18 68.85 -4.59
CA ALA D 653 32.35 68.18 -5.59
C ALA D 653 31.34 67.32 -4.78
N SER D 654 30.18 67.88 -4.52
CA SER D 654 29.24 67.19 -3.71
C SER D 654 28.96 65.75 -4.17
N LEU D 655 28.96 64.78 -3.24
CA LEU D 655 28.48 63.42 -3.56
C LEU D 655 26.98 63.36 -3.90
N ASN D 656 26.19 64.35 -3.47
CA ASN D 656 24.77 64.39 -3.74
C ASN D 656 24.23 65.78 -3.47
N PRO D 657 24.16 66.60 -4.50
CA PRO D 657 23.85 68.02 -4.32
C PRO D 657 22.48 68.18 -3.70
N ALA D 658 21.60 67.26 -3.95
CA ALA D 658 20.27 67.44 -3.41
C ALA D 658 20.31 67.25 -1.88
N LEU D 659 20.97 66.21 -1.43
CA LEU D 659 21.11 66.06 -0.01
C LEU D 659 21.96 67.21 0.55
N ASP D 660 22.88 67.77 -0.21
CA ASP D 660 23.67 68.86 0.32
C ASP D 660 22.85 70.14 0.46
N ILE D 661 22.14 70.54 -0.59
CA ILE D 661 21.27 71.69 -0.46
C ILE D 661 20.36 71.51 0.75
N GLY D 662 19.89 70.26 0.96
CA GLY D 662 19.05 69.94 2.06
C GLY D 662 19.70 70.14 3.41
N GLN D 663 20.99 69.87 3.49
CA GLN D 663 21.63 70.14 4.78
C GLN D 663 21.85 71.66 5.02
N ILE D 664 22.16 72.37 3.96
CA ILE D 664 22.44 73.75 4.11
C ILE D 664 21.18 74.48 4.56
N GLU D 665 20.03 74.17 3.96
CA GLU D 665 18.79 74.87 4.30
C GLU D 665 18.47 74.55 5.76
N GLY D 666 18.53 73.29 6.12
CA GLY D 666 18.16 72.95 7.46
C GLY D 666 19.17 73.48 8.42
N ALA D 667 20.41 73.59 8.04
CA ALA D 667 21.28 74.07 9.09
C ALA D 667 21.06 75.59 9.21
N TYR D 668 20.84 76.29 8.07
CA TYR D 668 20.62 77.71 8.15
C TYR D 668 19.49 77.99 9.15
N VAL D 669 18.36 77.29 8.99
CA VAL D 669 17.25 77.51 9.85
C VAL D 669 17.56 77.19 11.30
N GLN D 670 18.42 76.22 11.52
CA GLN D 670 18.70 75.89 12.91
C GLN D 670 19.66 76.92 13.57
N GLY D 671 20.49 77.61 12.78
CA GLY D 671 21.41 78.52 13.37
C GLY D 671 20.70 79.78 13.70
N ALA D 672 19.88 80.22 12.77
CA ALA D 672 19.11 81.38 13.02
C ALA D 672 18.18 81.09 14.21
N GLY D 673 17.62 79.88 14.29
CA GLY D 673 16.79 79.52 15.43
C GLY D 673 17.57 79.80 16.69
N TRP D 674 18.79 79.30 16.73
CA TRP D 674 19.66 79.49 17.88
C TRP D 674 19.82 80.96 18.36
N LEU D 675 19.86 81.90 17.41
CA LEU D 675 20.20 83.24 17.78
C LEU D 675 19.01 84.15 17.74
N THR D 676 17.79 83.56 17.65
CA THR D 676 16.56 84.34 17.64
C THR D 676 15.53 83.80 18.62
N THR D 677 14.76 82.81 18.27
CA THR D 677 13.73 82.45 19.25
C THR D 677 14.15 81.45 20.28
N GLU D 678 15.24 80.75 20.11
CA GLU D 678 15.50 79.77 21.12
C GLU D 678 16.13 80.37 22.37
N GLU D 679 15.51 80.18 23.54
CA GLU D 679 15.99 80.66 24.76
C GLU D 679 15.84 79.68 25.90
N LEU D 680 16.92 79.41 26.65
CA LEU D 680 16.79 78.53 27.77
C LEU D 680 16.74 79.38 29.05
N VAL D 681 15.91 79.01 30.02
CA VAL D 681 15.82 79.80 31.22
C VAL D 681 15.75 78.94 32.46
N TRP D 682 16.55 79.27 33.48
CA TRP D 682 16.55 78.59 34.75
C TRP D 682 16.10 79.56 35.80
N ASP D 683 15.44 79.07 36.83
CA ASP D 683 15.01 79.96 37.90
C ASP D 683 16.04 80.03 39.05
N HIS D 684 15.69 80.79 40.08
CA HIS D 684 16.62 81.06 41.19
C HIS D 684 17.16 79.77 41.80
N CYS D 685 16.30 78.75 41.86
CA CYS D 685 16.75 77.45 42.38
C CYS D 685 17.40 76.59 41.37
N GLY D 686 17.65 77.03 40.15
CA GLY D 686 18.32 76.15 39.22
C GLY D 686 17.43 75.23 38.41
N ARG D 687 16.10 75.29 38.54
CA ARG D 687 15.20 74.46 37.76
C ARG D 687 15.04 74.97 36.37
N LEU D 688 14.93 74.08 35.42
CA LEU D 688 14.88 74.56 34.10
C LEU D 688 13.46 75.02 33.88
N MET D 689 13.25 76.25 33.44
CA MET D 689 11.87 76.63 33.28
C MET D 689 11.43 76.35 31.87
N THR D 690 12.32 76.38 30.90
CA THR D 690 11.89 76.07 29.57
C THR D 690 12.16 74.59 29.30
N HIS D 691 11.21 73.74 29.58
CA HIS D 691 11.49 72.37 29.34
C HIS D 691 10.40 71.66 28.55
N ALA D 692 9.84 72.32 27.55
CA ALA D 692 8.82 71.71 26.69
C ALA D 692 8.69 72.58 25.51
N PRO D 693 8.14 72.05 24.46
CA PRO D 693 8.01 72.81 23.23
C PRO D 693 7.06 73.96 23.40
N SER D 694 6.22 73.95 24.40
CA SER D 694 5.38 75.11 24.56
C SER D 694 6.14 76.25 25.18
N THR D 695 7.30 76.06 25.75
CA THR D 695 7.98 77.25 26.25
C THR D 695 9.36 77.46 25.65
N TYR D 696 9.89 76.45 24.93
CA TYR D 696 11.17 76.53 24.26
C TYR D 696 10.70 76.51 22.81
N LYS D 697 10.97 77.53 22.02
CA LYS D 697 10.45 77.66 20.69
C LYS D 697 11.41 77.58 19.51
N ILE D 698 11.48 76.46 18.80
CA ILE D 698 12.30 76.34 17.58
C ILE D 698 11.54 76.94 16.44
N PRO D 699 12.24 77.12 15.34
CA PRO D 699 11.66 77.82 14.20
C PRO D 699 10.43 77.07 13.78
N ALA D 700 9.32 77.79 13.53
CA ALA D 700 8.15 77.05 12.97
C ALA D 700 8.04 77.30 11.49
N PHE D 701 7.20 76.53 10.86
CA PHE D 701 7.06 76.60 9.49
C PHE D 701 7.09 78.03 8.94
N SER D 702 6.28 78.94 9.45
CA SER D 702 6.35 80.25 8.84
C SER D 702 7.54 81.07 9.23
N ASP D 703 8.46 80.59 10.05
CA ASP D 703 9.61 81.45 10.31
C ASP D 703 10.54 81.21 9.19
N ARG D 704 10.20 80.43 8.20
CA ARG D 704 11.17 80.18 7.14
C ARG D 704 11.38 81.47 6.34
N PRO D 705 12.56 81.78 5.86
CA PRO D 705 12.73 82.98 5.06
C PRO D 705 11.73 82.96 3.88
N ARG D 706 11.18 84.08 3.45
CA ARG D 706 10.23 83.99 2.36
C ARG D 706 10.92 83.78 1.03
N ILE D 707 12.01 84.46 0.83
CA ILE D 707 12.79 84.15 -0.32
C ILE D 707 14.02 83.47 0.21
N PHE D 708 14.22 82.26 -0.24
CA PHE D 708 15.29 81.41 0.24
C PHE D 708 16.09 80.82 -0.86
N ASN D 709 17.16 81.48 -1.29
CA ASN D 709 18.07 81.02 -2.36
C ASN D 709 19.33 80.32 -1.85
N VAL D 710 19.54 79.08 -2.24
CA VAL D 710 20.72 78.40 -1.79
C VAL D 710 21.41 77.86 -2.99
N ALA D 711 22.69 78.16 -3.15
CA ALA D 711 23.49 77.59 -4.24
C ALA D 711 24.79 77.02 -3.73
N LEU D 712 25.36 76.13 -4.52
CA LEU D 712 26.55 75.42 -4.12
C LEU D 712 27.63 75.96 -4.98
N TRP D 713 28.83 76.03 -4.42
CA TRP D 713 30.04 76.55 -5.07
C TRP D 713 30.65 75.28 -5.51
N ASP D 714 30.73 75.01 -6.79
CA ASP D 714 31.20 73.65 -7.24
C ASP D 714 32.69 73.67 -7.66
N GLN D 715 33.59 73.36 -6.72
CA GLN D 715 35.05 73.26 -6.93
C GLN D 715 35.55 72.12 -6.08
N PRO D 716 36.23 71.18 -6.70
CA PRO D 716 36.72 69.98 -6.02
C PRO D 716 37.59 70.37 -4.88
N ASN D 717 37.67 69.51 -3.89
CA ASN D 717 38.50 69.76 -2.74
C ASN D 717 39.92 69.58 -3.19
N ARG D 718 40.85 70.36 -2.65
CA ARG D 718 42.27 70.24 -2.94
C ARG D 718 42.84 68.99 -2.27
N GLU D 719 42.25 68.63 -1.16
CA GLU D 719 42.68 67.46 -0.44
C GLU D 719 42.05 66.24 -1.07
N GLU D 720 42.60 65.07 -0.81
CA GLU D 720 42.09 63.86 -1.47
C GLU D 720 41.03 63.25 -0.59
N THR D 721 39.82 63.72 -0.76
CA THR D 721 38.70 63.27 0.02
C THR D 721 37.86 62.47 -0.92
N ILE D 722 36.89 61.73 -0.41
CA ILE D 722 36.16 60.84 -1.27
C ILE D 722 35.52 61.59 -2.35
N PHE D 723 35.86 61.26 -3.58
CA PHE D 723 35.51 62.03 -4.78
C PHE D 723 35.68 63.49 -4.69
N ARG D 724 36.61 63.93 -3.85
CA ARG D 724 36.91 65.34 -3.83
C ARG D 724 35.79 66.18 -3.26
N SER D 725 34.98 65.58 -2.40
CA SER D 725 33.87 66.30 -1.78
C SER D 725 34.32 66.98 -0.50
N LYS D 726 33.40 67.70 0.12
CA LYS D 726 33.66 68.31 1.42
C LYS D 726 32.50 67.97 2.34
N ALA D 727 32.76 67.89 3.63
CA ALA D 727 31.67 67.70 4.58
C ALA D 727 30.75 68.92 4.59
N VAL D 728 29.49 68.64 4.62
CA VAL D 728 28.56 69.73 4.62
C VAL D 728 27.59 69.64 5.75
N GLY D 729 27.80 68.81 6.73
CA GLY D 729 26.90 68.74 7.85
C GLY D 729 26.86 69.87 8.86
N GLU D 730 28.02 70.27 9.40
CA GLU D 730 28.01 71.33 10.39
C GLU D 730 28.30 72.72 9.87
N PRO D 731 29.21 72.86 8.91
CA PRO D 731 29.67 74.18 8.48
C PRO D 731 28.55 75.15 8.25
N PRO D 732 27.55 74.74 7.54
CA PRO D 732 26.48 75.65 7.19
C PRO D 732 25.57 76.12 8.36
N PHE D 733 25.63 75.48 9.48
CA PHE D 733 24.93 76.03 10.59
C PHE D 733 25.44 77.45 10.93
N LEU D 734 26.75 77.76 10.75
CA LEU D 734 27.26 79.07 11.08
C LEU D 734 26.70 80.09 10.12
N LEU D 735 26.04 79.69 9.05
CA LEU D 735 25.56 80.77 8.18
C LEU D 735 24.43 81.52 8.84
N GLY D 736 23.87 80.99 9.90
CA GLY D 736 22.76 81.67 10.56
C GLY D 736 23.27 82.90 11.23
N ILE D 737 24.58 83.00 11.50
CA ILE D 737 25.05 84.20 12.14
C ILE D 737 24.57 85.38 11.30
N SER D 738 24.43 85.23 10.01
CA SER D 738 24.06 86.42 9.30
C SER D 738 22.70 86.89 9.74
N ALA D 739 21.87 86.03 10.28
CA ALA D 739 20.56 86.55 10.64
C ALA D 739 20.64 87.44 11.85
N PHE D 740 21.40 87.01 12.82
CA PHE D 740 21.67 87.82 13.97
C PHE D 740 22.35 89.11 13.51
N LEU D 741 23.28 89.08 12.54
CA LEU D 741 24.01 90.28 12.20
C LEU D 741 23.07 91.22 11.59
N ALA D 742 22.12 90.65 10.88
CA ALA D 742 21.06 91.47 10.28
C ALA D 742 20.10 92.07 11.31
N LEU D 743 19.65 91.32 12.29
CA LEU D 743 18.88 91.96 13.28
C LEU D 743 19.70 93.11 13.87
N HIS D 744 21.01 92.95 14.00
CA HIS D 744 21.78 94.02 14.62
C HIS D 744 21.81 95.25 13.70
N ASP D 745 21.87 95.03 12.37
CA ASP D 745 21.88 96.11 11.40
C ASP D 745 20.65 96.92 11.54
N ALA D 746 19.52 96.26 11.79
CA ALA D 746 18.28 96.98 11.89
C ALA D 746 18.25 97.80 13.15
N CYS D 747 18.58 97.20 14.27
CA CYS D 747 18.64 97.98 15.46
C CYS D 747 19.53 99.20 15.18
N ALA D 748 20.69 99.01 14.58
CA ALA D 748 21.60 100.11 14.43
C ALA D 748 20.97 101.18 13.57
N ALA D 749 19.90 100.87 12.92
CA ALA D 749 19.40 101.87 11.99
C ALA D 749 18.45 102.82 12.70
N CYS D 750 18.19 102.51 13.96
CA CYS D 750 17.25 103.32 14.73
C CYS D 750 17.85 104.48 15.53
N GLY D 751 19.17 104.55 15.65
CA GLY D 751 19.81 105.58 16.44
C GLY D 751 21.31 105.56 16.23
N PRO D 752 22.05 106.47 16.85
CA PRO D 752 23.50 106.55 16.63
C PRO D 752 24.28 105.69 17.59
N HIS D 753 23.64 105.18 18.63
CA HIS D 753 24.36 104.40 19.62
C HIS D 753 24.50 102.89 19.30
N TRP D 754 25.55 102.29 19.87
CA TRP D 754 25.84 100.88 19.75
C TRP D 754 24.67 100.20 20.41
N PRO D 755 23.97 99.37 19.63
CA PRO D 755 22.79 98.65 20.11
C PRO D 755 23.10 97.62 21.12
N ASP D 756 24.34 97.13 21.10
CA ASP D 756 24.82 96.05 22.01
C ASP D 756 23.82 94.89 22.03
N LEU D 757 23.30 94.51 20.88
CA LEU D 757 22.36 93.40 20.81
C LEU D 757 22.95 92.08 21.28
N GLN D 758 22.26 91.42 22.23
CA GLN D 758 22.69 90.15 22.79
C GLN D 758 22.07 88.88 22.12
N ALA D 759 22.65 87.70 22.35
CA ALA D 759 22.06 86.51 21.73
C ALA D 759 21.52 85.65 22.83
N PRO D 760 20.36 85.06 22.72
CA PRO D 760 19.45 85.07 21.59
C PRO D 760 18.68 86.32 21.45
N ALA D 761 18.59 86.79 20.21
CA ALA D 761 17.91 88.01 19.94
C ALA D 761 16.40 87.72 19.87
N THR D 762 15.78 87.47 21.03
CA THR D 762 14.33 87.36 21.07
C THR D 762 13.75 88.74 20.90
N PRO D 763 12.43 88.83 20.76
CA PRO D 763 11.80 90.14 20.65
C PRO D 763 12.06 91.01 21.86
N GLU D 764 12.10 90.45 23.07
CA GLU D 764 12.46 91.31 24.20
C GLU D 764 13.88 91.91 24.00
N ALA D 765 14.81 91.07 23.59
CA ALA D 765 16.18 91.46 23.40
C ALA D 765 16.33 92.47 22.28
N VAL D 766 15.66 92.25 21.16
CA VAL D 766 15.75 93.23 20.08
C VAL D 766 15.25 94.62 20.52
N LEU D 767 14.25 94.61 21.41
CA LEU D 767 13.66 95.82 21.81
C LEU D 767 14.63 96.54 22.68
N ALA D 768 15.29 95.79 23.54
CA ALA D 768 16.27 96.41 24.40
C ALA D 768 17.38 97.02 23.57
N ALA D 769 17.70 96.41 22.43
CA ALA D 769 18.79 96.91 21.65
C ALA D 769 18.32 98.10 20.94
N VAL D 770 17.08 98.08 20.53
CA VAL D 770 16.57 99.24 19.82
C VAL D 770 16.66 100.50 20.69
N ARG D 771 16.40 100.32 21.96
CA ARG D 771 16.32 101.45 22.82
C ARG D 771 17.69 102.01 23.17
N ARG D 772 18.70 101.15 23.21
CA ARG D 772 20.03 101.63 23.48
C ARG D 772 20.40 102.47 22.30
N ALA D 773 20.02 102.01 21.13
CA ALA D 773 20.41 102.70 19.92
C ALA D 773 19.79 104.06 19.89
N GLU D 774 18.59 104.11 20.43
CA GLU D 774 17.75 105.27 20.38
C GLU D 774 18.17 106.20 21.49
N GLY D 775 19.01 105.71 22.37
CA GLY D 775 19.46 106.56 23.44
C GLY D 775 18.44 106.66 24.56
N ARG D 776 17.31 105.99 24.39
CA ARG D 776 16.28 105.93 25.41
C ARG D 776 16.65 105.03 26.54
N ALA D 777 17.95 104.84 26.78
CA ALA D 777 18.43 103.98 27.89
C ALA D 777 18.66 102.54 27.46
N MET E 1 -0.40 -74.35 -19.60
CA MET E 1 0.96 -74.02 -19.03
C MET E 1 0.91 -72.90 -18.00
N GLU E 2 1.34 -73.20 -16.78
CA GLU E 2 1.33 -72.22 -15.73
C GLU E 2 2.75 -71.80 -15.42
N ILE E 3 2.90 -70.53 -15.08
CA ILE E 3 4.20 -70.00 -14.67
C ILE E 3 3.97 -69.13 -13.48
N ALA E 4 5.05 -68.94 -12.74
CA ALA E 4 4.98 -68.19 -11.51
C ALA E 4 6.10 -67.18 -11.39
N PHE E 5 5.81 -66.08 -10.70
CA PHE E 5 6.82 -65.07 -10.53
C PHE E 5 6.33 -64.07 -9.52
N LEU E 6 7.23 -63.26 -9.01
CA LEU E 6 6.81 -62.30 -7.98
C LEU E 6 6.61 -60.95 -8.70
N LEU E 7 5.51 -60.26 -8.43
CA LEU E 7 5.21 -58.99 -9.11
C LEU E 7 5.10 -57.89 -8.09
N ASN E 8 6.09 -56.99 -8.10
CA ASN E 8 6.17 -55.90 -7.15
C ASN E 8 5.87 -56.41 -5.79
N GLY E 9 6.61 -57.44 -5.35
CA GLY E 9 6.38 -58.00 -4.03
C GLY E 9 5.27 -59.06 -3.81
N GLU E 10 4.44 -59.36 -4.80
CA GLU E 10 3.36 -60.34 -4.63
C GLU E 10 3.62 -61.57 -5.48
N THR E 11 3.06 -62.70 -5.07
CA THR E 11 3.17 -63.97 -5.80
C THR E 11 2.13 -64.03 -6.90
N ARG E 12 2.54 -64.43 -8.08
CA ARG E 12 1.58 -64.45 -9.16
C ARG E 12 1.71 -65.72 -9.98
N ARG E 13 0.58 -66.38 -10.21
CA ARG E 13 0.54 -67.59 -11.05
C ARG E 13 -0.27 -67.26 -12.31
N VAL E 14 0.27 -67.56 -13.48
CA VAL E 14 -0.45 -67.15 -14.69
C VAL E 14 -0.63 -68.27 -15.69
N ARG E 15 -1.85 -68.42 -16.21
CA ARG E 15 -2.07 -69.43 -17.26
C ARG E 15 -1.64 -68.88 -18.62
N ILE E 16 -0.52 -69.37 -19.15
CA ILE E 16 -0.08 -68.92 -20.46
C ILE E 16 -0.79 -69.60 -21.60
N GLU E 17 -1.59 -68.85 -22.35
CA GLU E 17 -2.31 -69.42 -23.49
C GLU E 17 -1.67 -68.97 -24.78
N ASP E 18 -1.00 -67.82 -24.76
CA ASP E 18 -0.25 -67.37 -25.91
C ASP E 18 1.13 -66.98 -25.44
N PRO E 19 2.11 -67.79 -25.78
CA PRO E 19 3.44 -67.65 -25.20
C PRO E 19 4.17 -66.47 -25.80
N THR E 20 3.56 -65.90 -26.84
CA THR E 20 4.24 -64.89 -27.63
C THR E 20 3.87 -63.49 -27.15
N GLN E 21 2.85 -63.40 -26.33
CA GLN E 21 2.42 -62.11 -25.80
C GLN E 21 3.57 -61.38 -25.07
N SER E 22 3.65 -60.09 -25.17
CA SER E 22 4.76 -59.45 -24.49
C SER E 22 4.35 -59.02 -23.13
N LEU E 23 5.34 -58.97 -22.23
CA LEU E 23 5.09 -58.56 -20.85
C LEU E 23 4.45 -57.15 -20.82
N LEU E 24 4.93 -56.29 -21.72
CA LEU E 24 4.29 -54.99 -21.84
C LEU E 24 2.80 -55.15 -21.97
N GLU E 25 2.35 -55.96 -22.94
CA GLU E 25 0.87 -56.15 -23.07
C GLU E 25 0.28 -56.77 -21.81
N LEU E 26 0.96 -57.79 -21.22
CA LEU E 26 0.32 -58.39 -20.01
C LEU E 26 0.11 -57.30 -18.98
N LEU E 27 1.16 -56.53 -18.67
CA LEU E 27 0.95 -55.56 -17.60
C LEU E 27 -0.12 -54.51 -17.89
N ARG E 28 -0.12 -53.97 -19.10
CA ARG E 28 -1.10 -52.90 -19.35
C ARG E 28 -2.45 -53.56 -19.29
N ALA E 29 -2.51 -54.84 -19.66
CA ALA E 29 -3.85 -55.49 -19.59
C ALA E 29 -4.27 -55.73 -18.10
N GLU E 30 -3.30 -55.91 -17.19
CA GLU E 30 -3.68 -56.07 -15.78
C GLU E 30 -4.04 -54.72 -15.16
N GLY E 31 -3.87 -53.62 -15.89
CA GLY E 31 -4.13 -52.33 -15.24
C GLY E 31 -2.86 -51.67 -14.72
N LEU E 32 -1.71 -52.34 -14.85
CA LEU E 32 -0.42 -51.76 -14.45
C LEU E 32 0.04 -50.70 -15.48
N THR E 33 -0.81 -49.71 -15.59
CA THR E 33 -0.76 -48.65 -16.56
C THR E 33 0.47 -47.72 -16.43
N GLY E 34 1.37 -48.01 -15.50
CA GLY E 34 2.55 -47.18 -15.43
C GLY E 34 3.66 -47.49 -16.42
N THR E 35 3.82 -48.75 -16.81
CA THR E 35 4.80 -49.01 -17.87
C THR E 35 4.13 -48.49 -19.16
N LYS E 36 4.90 -47.79 -19.98
CA LYS E 36 4.31 -47.06 -21.09
C LYS E 36 4.83 -47.70 -22.31
N GLU E 37 4.07 -47.57 -23.42
CA GLU E 37 4.55 -48.08 -24.70
C GLU E 37 5.00 -46.88 -25.54
N GLY E 38 6.24 -46.89 -25.98
CA GLY E 38 6.74 -45.74 -26.74
C GLY E 38 7.15 -45.98 -28.18
N CYS E 39 7.61 -47.18 -28.49
CA CYS E 39 8.02 -47.51 -29.83
C CYS E 39 7.64 -48.99 -30.11
N ASN E 40 7.65 -49.79 -29.02
CA ASN E 40 7.22 -51.18 -29.05
C ASN E 40 8.18 -51.89 -29.93
N GLU E 41 9.40 -51.35 -29.98
CA GLU E 41 10.43 -51.85 -30.91
C GLU E 41 11.81 -51.92 -30.25
N GLY E 42 11.84 -51.65 -28.95
CA GLY E 42 13.06 -51.72 -28.19
C GLY E 42 13.87 -50.47 -28.04
N ASP E 43 13.70 -49.52 -28.94
CA ASP E 43 14.54 -48.30 -28.93
C ASP E 43 14.21 -47.27 -27.84
N CYS E 44 12.99 -47.12 -27.36
CA CYS E 44 12.82 -45.96 -26.47
C CYS E 44 13.18 -46.08 -24.94
N GLY E 45 13.05 -47.28 -24.36
CA GLY E 45 13.21 -47.47 -22.94
C GLY E 45 11.93 -47.18 -22.18
N ALA E 46 10.95 -46.61 -22.84
CA ALA E 46 9.83 -46.17 -22.06
C ALA E 46 9.17 -47.33 -21.30
N CYS E 47 9.33 -48.54 -21.76
CA CYS E 47 8.57 -49.60 -21.08
C CYS E 47 9.47 -50.35 -20.16
N THR E 48 10.53 -49.68 -19.71
CA THR E 48 11.53 -50.34 -18.92
C THR E 48 11.06 -51.03 -17.65
N VAL E 49 11.49 -52.27 -17.45
CA VAL E 49 11.09 -52.90 -16.21
C VAL E 49 12.33 -53.50 -15.55
N MET E 50 12.14 -53.91 -14.30
CA MET E 50 13.28 -54.53 -13.57
C MET E 50 13.04 -55.99 -13.21
N ILE E 51 13.93 -56.86 -13.65
CA ILE E 51 13.83 -58.25 -13.26
C ILE E 51 14.90 -58.61 -12.22
N ARG E 52 14.62 -59.65 -11.44
CA ARG E 52 15.65 -60.15 -10.55
C ARG E 52 15.61 -61.64 -10.41
N ASP E 53 16.80 -62.23 -10.37
CA ASP E 53 16.98 -63.64 -10.21
C ASP E 53 18.38 -63.93 -9.58
N ALA E 54 18.91 -65.14 -9.77
CA ALA E 54 20.15 -65.52 -9.10
C ALA E 54 21.31 -64.66 -9.53
N ALA E 55 21.36 -64.39 -10.84
CA ALA E 55 22.45 -63.59 -11.37
C ALA E 55 22.36 -62.18 -10.83
N GLY E 56 21.21 -61.83 -10.28
CA GLY E 56 21.07 -60.50 -9.74
C GLY E 56 19.96 -59.71 -10.38
N SER E 57 20.16 -58.41 -10.52
CA SER E 57 19.07 -57.62 -11.03
C SER E 57 19.52 -56.76 -12.19
N ARG E 58 18.62 -56.55 -13.15
CA ARG E 58 18.90 -55.69 -14.30
C ARG E 58 17.61 -55.05 -14.77
N ALA E 59 17.77 -53.98 -15.54
CA ALA E 59 16.63 -53.33 -16.18
C ALA E 59 16.52 -53.88 -17.58
N VAL E 60 15.32 -54.31 -17.98
CA VAL E 60 15.08 -54.75 -19.38
C VAL E 60 13.83 -54.11 -19.99
N ASN E 61 13.69 -54.20 -21.31
CA ASN E 61 12.49 -53.65 -21.96
C ASN E 61 11.31 -54.59 -21.97
N ALA E 62 10.27 -54.29 -21.25
CA ALA E 62 9.13 -55.14 -21.24
C ALA E 62 8.53 -55.37 -22.66
N CYS E 63 8.90 -54.58 -23.66
CA CYS E 63 8.19 -54.71 -24.93
C CYS E 63 8.75 -55.90 -25.70
N LEU E 64 10.01 -56.24 -25.43
CA LEU E 64 10.78 -57.26 -26.16
C LEU E 64 10.80 -58.52 -25.35
N MET E 65 10.04 -58.56 -24.27
CA MET E 65 10.18 -59.77 -23.51
C MET E 65 8.85 -60.52 -23.38
N MET E 66 8.87 -61.80 -23.70
CA MET E 66 7.59 -62.53 -23.65
C MET E 66 7.44 -63.14 -22.27
N LEU E 67 6.21 -63.35 -21.83
CA LEU E 67 5.97 -63.86 -20.50
C LEU E 67 6.84 -65.05 -20.13
N PRO E 68 6.77 -66.16 -20.86
CA PRO E 68 7.52 -67.36 -20.46
C PRO E 68 8.89 -67.02 -19.90
N GLN E 69 9.53 -65.98 -20.44
CA GLN E 69 10.86 -65.63 -19.98
C GLN E 69 10.94 -65.15 -18.50
N ILE E 70 9.84 -64.79 -17.88
CA ILE E 70 10.00 -64.31 -16.51
C ILE E 70 9.64 -65.38 -15.47
N ALA E 71 9.66 -66.63 -15.91
CA ALA E 71 9.26 -67.72 -15.00
C ALA E 71 10.26 -67.83 -13.83
N GLY E 72 9.74 -67.76 -12.61
CA GLY E 72 10.63 -67.88 -11.48
C GLY E 72 11.51 -66.68 -11.14
N LYS E 73 11.15 -65.50 -11.65
CA LYS E 73 11.98 -64.36 -11.38
C LYS E 73 11.17 -63.38 -10.61
N ALA E 74 11.83 -62.37 -10.07
CA ALA E 74 11.03 -61.33 -9.45
C ALA E 74 11.04 -60.13 -10.41
N LEU E 75 9.85 -59.53 -10.53
CA LEU E 75 9.61 -58.45 -11.46
C LEU E 75 9.13 -57.21 -10.76
N ARG E 76 9.81 -56.12 -11.04
CA ARG E 76 9.47 -54.87 -10.38
C ARG E 76 9.19 -53.74 -11.45
N THR E 77 8.03 -53.11 -11.40
CA THR E 77 7.73 -52.08 -12.35
C THR E 77 7.68 -50.72 -11.69
N ILE E 78 7.45 -49.71 -12.49
CA ILE E 78 7.49 -48.42 -11.87
C ILE E 78 6.54 -48.36 -10.71
N GLU E 79 5.44 -49.10 -10.78
CA GLU E 79 4.43 -48.84 -9.76
C GLU E 79 4.87 -49.40 -8.42
N GLY E 80 5.87 -50.27 -8.40
CA GLY E 80 6.32 -50.77 -7.12
C GLY E 80 7.72 -50.33 -6.76
N ILE E 81 8.12 -49.17 -7.26
CA ILE E 81 9.47 -48.72 -6.98
C ILE E 81 9.48 -47.93 -5.68
N ALA E 82 8.35 -47.42 -5.29
CA ALA E 82 8.25 -46.75 -4.01
C ALA E 82 8.11 -47.85 -2.91
N ALA E 83 8.39 -47.50 -1.65
CA ALA E 83 8.21 -48.43 -0.55
C ALA E 83 6.72 -48.65 -0.27
N PRO E 84 6.39 -49.83 0.24
CA PRO E 84 4.98 -50.19 0.55
C PRO E 84 4.34 -49.10 1.38
N ASP E 85 5.04 -48.54 2.34
CA ASP E 85 4.37 -47.46 3.08
C ASP E 85 4.25 -46.13 2.37
N GLY E 86 4.62 -45.99 1.09
CA GLY E 86 4.51 -44.70 0.42
C GLY E 86 5.81 -43.87 0.27
N ARG E 87 6.83 -44.23 1.03
CA ARG E 87 8.08 -43.53 0.92
C ARG E 87 8.55 -43.63 -0.54
N LEU E 88 9.05 -42.53 -1.12
CA LEU E 88 9.57 -42.56 -2.47
C LEU E 88 10.95 -43.06 -2.45
N HIS E 89 11.39 -43.74 -3.49
CA HIS E 89 12.80 -44.17 -3.68
C HIS E 89 13.74 -42.94 -3.88
N PRO E 90 14.98 -43.02 -3.43
CA PRO E 90 15.82 -41.82 -3.52
C PRO E 90 15.85 -41.35 -4.96
N VAL E 91 15.92 -42.29 -5.87
CA VAL E 91 15.84 -41.87 -7.28
C VAL E 91 14.57 -41.09 -7.65
N GLN E 92 13.45 -41.50 -7.13
CA GLN E 92 12.25 -40.75 -7.32
C GLN E 92 12.46 -39.31 -6.86
N GLN E 93 12.70 -39.12 -5.53
CA GLN E 93 12.81 -37.78 -4.89
C GLN E 93 13.82 -36.93 -5.65
N ALA E 94 14.97 -37.51 -5.95
CA ALA E 94 15.92 -36.74 -6.74
C ALA E 94 15.24 -36.20 -8.02
N MET E 95 14.61 -37.06 -8.83
CA MET E 95 13.97 -36.50 -10.02
C MET E 95 13.06 -35.42 -9.65
N ILE E 96 12.38 -35.51 -8.53
CA ILE E 96 11.49 -34.35 -8.28
C ILE E 96 12.34 -33.09 -7.99
N ASP E 97 13.25 -33.16 -7.02
CA ASP E 97 14.00 -31.94 -6.70
C ASP E 97 14.82 -31.39 -7.83
N HIS E 98 15.29 -32.27 -8.71
CA HIS E 98 16.10 -31.81 -9.82
C HIS E 98 15.41 -31.56 -11.14
N HIS E 99 14.08 -31.66 -11.15
CA HIS E 99 13.32 -31.39 -12.37
C HIS E 99 13.65 -32.31 -13.52
N GLY E 100 13.97 -33.56 -13.24
CA GLY E 100 14.30 -34.52 -14.26
C GLY E 100 13.12 -34.93 -15.12
N SER E 101 11.99 -34.25 -15.02
CA SER E 101 10.90 -34.64 -15.87
C SER E 101 10.12 -33.42 -16.21
N GLN E 102 9.54 -33.41 -17.41
CA GLN E 102 8.72 -32.37 -17.97
C GLN E 102 7.43 -32.98 -18.53
N CYS E 103 7.46 -33.75 -19.64
CA CYS E 103 6.17 -34.27 -20.06
C CYS E 103 5.75 -35.48 -19.17
N GLY E 104 6.73 -36.16 -18.58
CA GLY E 104 6.39 -37.27 -17.69
C GLY E 104 6.53 -38.65 -18.37
N PHE E 105 6.20 -38.67 -19.67
CA PHE E 105 6.16 -39.93 -20.36
C PHE E 105 7.36 -40.81 -20.32
N CYS E 106 8.58 -40.31 -20.29
CA CYS E 106 9.74 -41.19 -20.22
C CYS E 106 10.12 -41.51 -18.77
N THR E 107 9.56 -40.72 -17.88
CA THR E 107 9.93 -40.79 -16.47
C THR E 107 9.90 -42.20 -15.86
N PRO E 108 8.81 -42.99 -15.93
CA PRO E 108 8.84 -44.35 -15.39
C PRO E 108 10.02 -45.18 -15.90
N GLY E 109 10.32 -45.11 -17.17
CA GLY E 109 11.40 -45.94 -17.63
C GLY E 109 12.67 -45.39 -17.10
N PHE E 110 12.75 -44.07 -16.94
CA PHE E 110 14.01 -43.53 -16.41
C PHE E 110 14.14 -44.00 -14.92
N ILE E 111 13.09 -43.78 -14.13
CA ILE E 111 13.15 -44.26 -12.79
C ILE E 111 13.47 -45.75 -12.70
N VAL E 112 12.91 -46.59 -13.57
CA VAL E 112 13.16 -47.97 -13.30
C VAL E 112 14.64 -48.17 -13.60
N SER E 113 15.09 -47.65 -14.74
CA SER E 113 16.50 -47.87 -15.12
C SER E 113 17.44 -47.33 -14.03
N MET E 114 17.00 -46.24 -13.40
CA MET E 114 17.82 -45.56 -12.44
C MET E 114 17.85 -46.43 -11.19
N ALA E 115 16.70 -46.92 -10.76
CA ALA E 115 16.67 -47.78 -9.62
C ALA E 115 17.56 -49.01 -9.86
N ALA E 116 17.29 -49.81 -10.88
CA ALA E 116 18.18 -50.93 -11.05
C ALA E 116 19.61 -50.48 -10.84
N ALA E 117 19.96 -49.34 -11.41
CA ALA E 117 21.35 -48.91 -11.33
C ALA E 117 21.77 -48.70 -9.89
N HIS E 118 20.89 -48.11 -9.17
CA HIS E 118 21.20 -47.78 -7.84
C HIS E 118 21.36 -49.06 -7.00
N ASP E 119 20.50 -50.03 -7.30
CA ASP E 119 20.48 -51.31 -6.62
C ASP E 119 21.85 -51.93 -6.72
N ARG E 120 22.49 -51.87 -7.88
CA ARG E 120 23.81 -52.49 -8.05
C ARG E 120 24.90 -51.44 -7.99
N ASP E 121 24.58 -50.31 -7.40
CA ASP E 121 25.57 -49.25 -7.28
C ASP E 121 26.35 -48.99 -8.56
N ARG E 122 25.73 -49.16 -9.75
CA ARG E 122 26.44 -48.87 -10.99
C ARG E 122 26.39 -47.36 -11.20
N LYS E 123 27.46 -46.80 -11.77
CA LYS E 123 27.56 -45.35 -12.00
C LYS E 123 28.03 -44.94 -13.42
N ASP E 124 28.00 -45.83 -14.39
CA ASP E 124 28.32 -45.36 -15.75
C ASP E 124 27.02 -44.94 -16.48
N TYR E 125 26.47 -43.80 -16.00
CA TYR E 125 25.20 -43.21 -16.45
C TYR E 125 24.97 -43.11 -17.96
N ASP E 126 25.92 -42.50 -18.66
CA ASP E 126 25.84 -42.47 -20.12
C ASP E 126 25.47 -43.84 -20.65
N ASP E 127 26.18 -44.88 -20.29
CA ASP E 127 25.75 -46.17 -20.83
C ASP E 127 24.47 -46.74 -20.17
N LEU E 128 24.33 -46.60 -18.87
CA LEU E 128 23.13 -47.18 -18.32
C LEU E 128 21.87 -46.56 -18.91
N LEU E 129 21.98 -45.37 -19.43
CA LEU E 129 20.78 -44.70 -19.83
C LEU E 129 20.67 -44.41 -21.34
N ALA E 130 21.59 -44.93 -22.13
CA ALA E 130 21.50 -44.71 -23.56
C ALA E 130 20.11 -45.02 -24.07
N GLY E 131 19.59 -46.16 -23.62
CA GLY E 131 18.30 -46.69 -24.01
C GLY E 131 17.13 -46.03 -23.36
N ASN E 132 17.31 -44.86 -22.77
CA ASN E 132 16.09 -44.23 -22.26
C ASN E 132 16.06 -42.91 -23.02
N LEU E 133 15.03 -42.64 -23.82
CA LEU E 133 15.20 -41.44 -24.63
C LEU E 133 14.26 -40.47 -24.03
N CYS E 134 14.59 -39.18 -24.12
CA CYS E 134 13.63 -38.19 -23.61
C CYS E 134 13.63 -36.99 -24.54
N ARG E 135 12.50 -36.50 -24.97
CA ARG E 135 12.59 -35.48 -25.94
C ARG E 135 12.54 -34.17 -25.29
N CYS E 136 12.05 -34.18 -24.09
CA CYS E 136 11.79 -32.92 -23.41
C CYS E 136 12.97 -32.17 -22.70
N THR E 137 13.82 -32.87 -21.94
CA THR E 137 14.64 -32.17 -20.93
C THR E 137 16.05 -31.91 -21.25
N GLY E 138 16.65 -32.60 -22.20
CA GLY E 138 18.02 -32.29 -22.49
C GLY E 138 18.88 -33.18 -21.63
N TYR E 139 18.25 -34.05 -20.86
CA TYR E 139 19.04 -35.06 -20.16
C TYR E 139 19.83 -34.49 -18.92
N ALA E 140 20.34 -33.29 -19.04
CA ALA E 140 21.16 -32.75 -17.97
C ALA E 140 20.54 -32.91 -16.56
N PRO E 141 19.29 -32.60 -16.39
CA PRO E 141 18.74 -32.69 -15.04
C PRO E 141 18.67 -34.15 -14.71
N ILE E 142 18.56 -35.02 -15.70
CA ILE E 142 18.40 -36.39 -15.29
C ILE E 142 19.69 -36.80 -14.65
N LEU E 143 20.82 -36.48 -15.29
CA LEU E 143 22.16 -36.74 -14.71
C LEU E 143 22.23 -36.17 -13.30
N ARG E 144 21.80 -34.94 -13.14
CA ARG E 144 21.93 -34.36 -11.83
C ARG E 144 21.27 -35.31 -10.81
N ALA E 145 20.05 -35.65 -11.06
CA ALA E 145 19.32 -36.48 -10.15
C ALA E 145 20.04 -37.78 -9.97
N ALA E 146 20.73 -38.27 -10.99
CA ALA E 146 21.23 -39.61 -10.77
C ALA E 146 22.29 -39.46 -9.72
N GLU E 147 23.05 -38.39 -9.85
CA GLU E 147 24.20 -38.19 -9.01
C GLU E 147 23.74 -37.95 -7.56
N ALA E 148 22.74 -37.12 -7.39
CA ALA E 148 22.29 -36.84 -6.06
C ALA E 148 21.75 -38.06 -5.34
N ALA E 149 21.30 -39.07 -6.05
CA ALA E 149 20.74 -40.22 -5.37
C ALA E 149 21.81 -41.26 -5.14
N ALA E 150 22.94 -41.08 -5.78
CA ALA E 150 23.93 -42.10 -5.65
C ALA E 150 24.38 -42.11 -4.19
N GLY E 151 24.34 -40.93 -3.55
CA GLY E 151 24.70 -40.83 -2.15
C GLY E 151 23.54 -41.22 -1.26
N GLU E 152 22.87 -42.32 -1.55
CA GLU E 152 21.79 -42.70 -0.66
C GLU E 152 21.79 -44.21 -0.54
N PRO E 153 21.42 -44.64 0.66
CA PRO E 153 21.33 -46.07 0.97
C PRO E 153 20.32 -46.68 0.06
N PRO E 154 20.67 -47.78 -0.57
CA PRO E 154 19.73 -48.57 -1.36
C PRO E 154 18.40 -48.74 -0.63
N ALA E 155 17.29 -48.81 -1.37
CA ALA E 155 16.03 -49.10 -0.69
C ALA E 155 16.10 -50.55 -0.27
N ASP E 156 15.74 -50.78 0.99
CA ASP E 156 15.76 -52.13 1.54
C ASP E 156 14.67 -52.99 0.89
N TRP E 157 13.51 -52.37 0.62
CA TRP E 157 12.37 -53.11 0.08
C TRP E 157 12.56 -53.73 -1.30
N LEU E 158 13.51 -53.22 -2.05
CA LEU E 158 13.76 -53.78 -3.35
C LEU E 158 14.61 -55.02 -3.27
N GLN E 159 15.51 -55.06 -2.31
CA GLN E 159 16.40 -56.21 -2.24
C GLN E 159 15.71 -57.42 -1.60
N ALA E 160 14.67 -57.18 -0.80
CA ALA E 160 13.94 -58.29 -0.19
C ALA E 160 13.43 -59.33 -1.21
N ASP E 161 13.28 -58.91 -2.46
CA ASP E 161 12.81 -59.81 -3.46
C ASP E 161 13.84 -60.92 -3.74
N ALA E 162 15.06 -60.77 -3.22
CA ALA E 162 16.11 -61.74 -3.56
C ALA E 162 15.77 -63.13 -3.10
N ALA E 163 15.02 -63.16 -2.01
CA ALA E 163 14.55 -64.39 -1.43
C ALA E 163 13.35 -65.06 -2.17
N PHE E 164 13.27 -64.97 -3.50
CA PHE E 164 12.16 -65.60 -4.24
C PHE E 164 12.42 -66.93 -4.97
N THR E 165 11.38 -67.77 -5.00
CA THR E 165 11.34 -69.20 -5.45
C THR E 165 12.40 -70.07 -4.76
N LEU E 166 12.77 -69.63 -3.56
CA LEU E 166 13.82 -70.24 -2.74
C LEU E 166 13.31 -70.61 -1.33
N PRO E 179 0.83 -72.98 -25.01
CA PRO E 179 2.09 -73.68 -24.76
C PRO E 179 3.20 -73.54 -25.77
N ALA E 180 4.34 -74.00 -25.27
CA ALA E 180 5.63 -73.73 -25.82
C ALA E 180 6.66 -74.42 -24.92
N PHE E 181 7.75 -74.83 -25.53
CA PHE E 181 8.75 -75.61 -24.87
C PHE E 181 9.81 -74.81 -24.07
N LEU E 182 10.11 -75.28 -22.85
CA LEU E 182 11.13 -74.66 -22.00
C LEU E 182 12.27 -75.57 -21.52
N PRO E 183 13.21 -75.89 -22.39
CA PRO E 183 14.31 -76.78 -22.03
C PRO E 183 15.16 -76.33 -20.84
N GLU E 184 15.64 -77.29 -20.02
CA GLU E 184 16.49 -76.96 -18.89
C GLU E 184 17.94 -77.28 -19.17
N THR E 185 18.19 -78.08 -20.20
CA THR E 185 19.54 -78.52 -20.53
C THR E 185 19.77 -78.57 -22.02
N SER E 186 21.02 -78.44 -22.41
CA SER E 186 21.31 -78.46 -23.80
C SER E 186 20.87 -79.78 -24.38
N ASP E 187 20.85 -80.83 -23.58
CA ASP E 187 20.48 -82.16 -24.09
C ASP E 187 18.98 -82.18 -24.43
N ALA E 188 18.17 -81.79 -23.45
CA ALA E 188 16.73 -81.78 -23.67
C ALA E 188 16.49 -81.00 -24.94
N LEU E 189 17.17 -79.87 -25.04
CA LEU E 189 16.98 -79.01 -26.17
C LEU E 189 17.32 -79.78 -27.41
N ALA E 190 18.58 -80.20 -27.50
CA ALA E 190 19.07 -80.87 -28.70
C ALA E 190 18.11 -81.94 -29.17
N ASP E 191 17.54 -82.66 -28.21
CA ASP E 191 16.64 -83.76 -28.57
C ASP E 191 15.45 -83.18 -29.32
N TRP E 192 14.66 -82.43 -28.57
CA TRP E 192 13.40 -81.83 -29.04
C TRP E 192 13.51 -81.00 -30.29
N TYR E 193 14.64 -80.34 -30.48
CA TYR E 193 14.78 -79.53 -31.67
C TYR E 193 14.87 -80.52 -32.80
N LEU E 194 15.66 -81.57 -32.59
CA LEU E 194 15.90 -82.58 -33.62
C LEU E 194 14.57 -83.08 -34.17
N ALA E 195 13.59 -83.21 -33.29
CA ALA E 195 12.27 -83.66 -33.67
C ALA E 195 11.48 -82.53 -34.35
N HIS E 196 11.63 -81.30 -33.89
CA HIS E 196 10.90 -80.21 -34.52
C HIS E 196 11.82 -79.22 -35.23
N PRO E 197 12.37 -79.66 -36.34
CA PRO E 197 13.39 -78.89 -37.05
C PRO E 197 12.85 -77.51 -37.37
N GLU E 198 11.53 -77.44 -37.56
CA GLU E 198 10.88 -76.24 -38.06
C GLU E 198 10.48 -75.28 -36.93
N ALA E 199 10.76 -75.69 -35.70
CA ALA E 199 10.46 -74.82 -34.57
C ALA E 199 11.14 -73.45 -34.62
N THR E 200 10.56 -72.52 -33.88
CA THR E 200 11.13 -71.20 -33.75
C THR E 200 11.86 -71.10 -32.40
N LEU E 201 13.15 -70.91 -32.45
CA LEU E 201 13.93 -70.82 -31.22
C LEU E 201 14.03 -69.38 -30.71
N ILE E 202 13.60 -69.18 -29.49
CA ILE E 202 13.72 -67.87 -28.94
C ILE E 202 14.66 -67.78 -27.75
N ALA E 203 15.74 -67.05 -27.91
CA ALA E 203 16.67 -66.76 -26.82
C ALA E 203 16.35 -65.41 -26.23
N GLY E 204 17.15 -64.41 -26.60
CA GLY E 204 16.89 -63.09 -26.08
C GLY E 204 15.54 -62.58 -26.52
N GLY E 205 15.23 -62.80 -27.81
CA GLY E 205 13.93 -62.40 -28.29
C GLY E 205 13.99 -60.99 -28.78
N THR E 206 15.21 -60.49 -28.91
CA THR E 206 15.29 -59.12 -29.31
C THR E 206 15.21 -58.99 -30.77
N ASP E 207 15.42 -60.07 -31.52
CA ASP E 207 15.21 -59.99 -32.96
C ASP E 207 13.83 -60.64 -33.27
N VAL E 208 13.36 -61.53 -32.44
CA VAL E 208 12.14 -62.24 -32.77
C VAL E 208 10.90 -61.43 -32.49
N SER E 209 10.89 -60.74 -31.38
CA SER E 209 9.66 -60.06 -31.04
C SER E 209 9.20 -59.04 -32.01
N LEU E 210 10.12 -58.49 -32.81
CA LEU E 210 9.73 -57.54 -33.86
C LEU E 210 8.98 -58.26 -34.98
N TRP E 211 9.12 -59.59 -35.05
CA TRP E 211 8.38 -60.36 -36.05
C TRP E 211 6.95 -60.30 -35.63
N VAL E 212 6.72 -60.35 -34.34
CA VAL E 212 5.34 -60.30 -33.94
C VAL E 212 4.79 -58.89 -33.76
N THR E 213 5.56 -57.96 -33.23
CA THR E 213 4.98 -56.64 -32.96
C THR E 213 4.85 -55.77 -34.18
N LYS E 214 5.81 -55.87 -35.08
CA LYS E 214 5.78 -55.02 -36.25
C LYS E 214 5.38 -55.70 -37.55
N ALA E 215 5.97 -56.84 -37.88
CA ALA E 215 5.52 -57.59 -39.06
C ALA E 215 4.21 -58.31 -38.78
N LEU E 216 3.72 -58.23 -37.56
CA LEU E 216 2.42 -58.80 -37.20
C LEU E 216 2.32 -60.26 -37.53
N ARG E 217 3.43 -60.96 -37.38
CA ARG E 217 3.49 -62.38 -37.65
C ARG E 217 2.99 -63.20 -36.45
N ASP E 218 2.86 -64.50 -36.66
CA ASP E 218 2.35 -65.39 -35.64
C ASP E 218 3.20 -66.62 -35.69
N LEU E 219 3.79 -66.99 -34.55
CA LEU E 219 4.76 -68.09 -34.54
C LEU E 219 4.31 -69.30 -33.75
N PRO E 220 4.00 -70.40 -34.42
CA PRO E 220 3.62 -71.63 -33.72
C PRO E 220 4.87 -72.49 -33.55
N GLU E 221 4.86 -73.44 -32.62
CA GLU E 221 6.05 -74.27 -32.41
C GLU E 221 7.21 -73.36 -31.95
N VAL E 222 7.22 -73.09 -30.65
CA VAL E 222 8.21 -72.20 -30.08
C VAL E 222 8.97 -72.76 -28.87
N ALA E 223 10.26 -72.45 -28.80
CA ALA E 223 11.10 -72.85 -27.68
C ALA E 223 11.94 -71.66 -27.14
N PHE E 224 11.96 -71.56 -25.81
CA PHE E 224 12.73 -70.53 -25.13
C PHE E 224 14.02 -71.09 -24.58
N LEU E 225 15.15 -70.62 -25.06
CA LEU E 225 16.43 -71.06 -24.57
C LEU E 225 16.89 -70.45 -23.20
N SER E 226 16.27 -69.35 -22.80
CA SER E 226 16.83 -68.61 -21.67
C SER E 226 16.92 -69.42 -20.39
N HIS E 227 16.30 -70.60 -20.34
CA HIS E 227 16.40 -71.36 -19.08
C HIS E 227 17.37 -72.52 -19.12
N CYS E 228 18.33 -72.48 -20.02
CA CYS E 228 19.26 -73.57 -20.05
C CYS E 228 20.58 -73.10 -19.55
N LYS E 229 20.70 -73.07 -18.23
CA LYS E 229 21.93 -72.64 -17.60
C LYS E 229 23.12 -73.14 -18.36
N ASP E 230 23.13 -74.41 -18.75
CA ASP E 230 24.32 -74.92 -19.38
C ASP E 230 24.62 -74.38 -20.76
N LEU E 231 23.76 -73.52 -21.28
CA LEU E 231 24.00 -72.95 -22.61
C LEU E 231 24.64 -71.55 -22.51
N ALA E 232 24.52 -71.01 -21.30
CA ALA E 232 24.94 -69.64 -21.01
C ALA E 232 26.19 -69.60 -20.13
N GLN E 233 27.23 -70.36 -20.53
CA GLN E 233 28.42 -70.50 -19.69
C GLN E 233 29.65 -69.96 -20.35
N ILE E 234 30.52 -69.37 -19.54
CA ILE E 234 31.81 -68.98 -20.01
C ILE E 234 32.79 -69.95 -19.35
N ARG E 235 33.47 -70.74 -20.19
CA ARG E 235 34.40 -71.76 -19.74
C ARG E 235 35.80 -71.50 -20.21
N GLU E 236 36.74 -71.46 -19.26
CA GLU E 236 38.14 -71.34 -19.63
C GLU E 236 38.58 -72.72 -20.17
N THR E 237 39.19 -72.71 -21.35
CA THR E 237 39.65 -73.91 -22.04
C THR E 237 41.16 -73.81 -22.17
N PRO E 238 41.82 -74.89 -22.61
CA PRO E 238 43.28 -74.96 -22.76
C PRO E 238 43.77 -74.01 -23.84
N ASP E 239 42.96 -73.86 -24.88
CA ASP E 239 43.30 -73.05 -26.03
C ASP E 239 42.14 -72.09 -26.34
N GLY E 240 41.86 -71.15 -25.43
CA GLY E 240 40.81 -70.20 -25.67
C GLY E 240 39.69 -70.31 -24.69
N TYR E 241 38.71 -69.41 -24.80
CA TYR E 241 37.56 -69.40 -23.90
C TYR E 241 36.35 -69.85 -24.69
N GLY E 242 35.42 -70.48 -23.97
CA GLY E 242 34.25 -71.11 -24.53
C GLY E 242 33.05 -70.37 -24.03
N ILE E 243 32.41 -69.69 -24.99
CA ILE E 243 31.22 -68.89 -24.72
C ILE E 243 29.94 -69.54 -25.26
N GLY E 244 29.09 -69.90 -24.33
CA GLY E 244 27.84 -70.57 -24.66
C GLY E 244 26.88 -69.67 -25.41
N ALA E 245 26.08 -70.27 -26.27
CA ALA E 245 25.29 -69.42 -27.17
C ALA E 245 24.35 -68.49 -26.44
N GLY E 246 23.84 -68.94 -25.30
CA GLY E 246 22.90 -68.18 -24.50
C GLY E 246 23.55 -67.19 -23.53
N VAL E 247 24.79 -66.83 -23.80
CA VAL E 247 25.46 -65.84 -22.93
C VAL E 247 25.03 -64.43 -23.39
N THR E 248 24.47 -63.62 -22.46
CA THR E 248 24.00 -62.29 -22.85
C THR E 248 25.10 -61.30 -23.19
N ILE E 249 24.82 -60.34 -24.12
CA ILE E 249 25.88 -59.46 -24.58
C ILE E 249 26.41 -58.71 -23.36
N ALA E 250 25.52 -58.39 -22.43
CA ALA E 250 26.07 -57.67 -21.29
C ALA E 250 27.24 -58.54 -20.73
N ALA E 251 26.85 -59.70 -20.20
CA ALA E 251 27.79 -60.66 -19.62
C ALA E 251 29.01 -60.85 -20.49
N LEU E 252 28.86 -60.92 -21.80
CA LEU E 252 30.04 -61.12 -22.65
C LEU E 252 30.88 -59.87 -22.58
N ARG E 253 30.25 -58.73 -22.29
CA ARG E 253 31.02 -57.50 -22.28
C ARG E 253 31.84 -57.51 -21.03
N ALA E 254 31.20 -57.91 -19.95
CA ALA E 254 31.91 -57.91 -18.69
C ALA E 254 33.17 -58.81 -18.81
N PHE E 255 32.96 -60.07 -19.10
CA PHE E 255 34.09 -60.94 -19.35
C PHE E 255 35.12 -60.34 -20.31
N ALA E 256 34.72 -59.64 -21.36
CA ALA E 256 35.75 -59.18 -22.30
C ALA E 256 36.64 -58.06 -21.76
N GLU E 257 36.15 -57.37 -20.74
CA GLU E 257 36.85 -56.19 -20.29
C GLU E 257 38.34 -56.44 -20.07
N GLY E 258 38.68 -57.60 -19.47
CA GLY E 258 40.03 -57.99 -19.16
C GLY E 258 40.86 -58.34 -20.37
N PRO E 259 40.61 -59.54 -20.92
CA PRO E 259 41.40 -60.12 -22.04
C PRO E 259 41.11 -59.54 -23.41
N HIS E 260 39.96 -58.91 -23.55
CA HIS E 260 39.57 -58.44 -24.86
C HIS E 260 38.87 -57.13 -24.74
N PRO E 261 39.64 -56.13 -24.32
CA PRO E 261 39.08 -54.78 -24.14
C PRO E 261 38.55 -54.26 -25.47
N ALA E 262 39.25 -54.47 -26.58
CA ALA E 262 38.67 -53.93 -27.81
C ALA E 262 37.27 -54.50 -28.03
N LEU E 263 37.08 -55.80 -27.82
CA LEU E 263 35.74 -56.35 -28.01
C LEU E 263 34.89 -55.68 -27.00
N ALA E 264 35.42 -55.42 -25.84
CA ALA E 264 34.58 -54.82 -24.81
C ALA E 264 34.20 -53.42 -25.25
N GLY E 265 35.18 -52.67 -25.73
CA GLY E 265 34.93 -51.33 -26.25
C GLY E 265 33.77 -51.38 -27.23
N LEU E 266 33.91 -52.30 -28.21
CA LEU E 266 32.87 -52.48 -29.22
C LEU E 266 31.51 -52.76 -28.60
N LEU E 267 31.38 -53.84 -27.80
CA LEU E 267 30.04 -54.13 -27.27
C LEU E 267 29.44 -52.98 -26.52
N ARG E 268 30.23 -51.94 -26.28
CA ARG E 268 29.67 -50.86 -25.42
C ARG E 268 28.62 -50.11 -26.25
N ARG E 269 28.81 -50.20 -27.56
CA ARG E 269 27.90 -49.55 -28.49
C ARG E 269 26.98 -50.58 -29.16
N PHE E 270 26.70 -51.67 -28.49
CA PHE E 270 25.85 -52.65 -29.07
C PHE E 270 24.55 -52.40 -28.42
N ALA E 271 23.61 -51.83 -29.16
CA ALA E 271 22.25 -51.59 -28.64
C ALA E 271 22.32 -50.81 -27.38
N SER E 272 21.42 -51.08 -26.47
CA SER E 272 21.50 -50.43 -25.21
C SER E 272 21.69 -51.44 -24.02
N GLU E 273 21.91 -50.91 -22.83
CA GLU E 273 22.05 -51.76 -21.69
C GLU E 273 20.82 -52.62 -21.70
N GLN E 274 19.65 -52.01 -21.66
CA GLN E 274 18.46 -52.83 -21.60
C GLN E 274 18.45 -53.99 -22.60
N VAL E 275 19.00 -53.79 -23.78
CA VAL E 275 18.95 -54.91 -24.71
C VAL E 275 20.06 -55.87 -24.39
N ARG E 276 21.16 -55.32 -24.01
CA ARG E 276 22.37 -56.12 -23.70
C ARG E 276 22.12 -57.14 -22.62
N GLN E 277 21.34 -56.75 -21.66
CA GLN E 277 21.01 -57.61 -20.60
C GLN E 277 20.25 -58.87 -21.02
N VAL E 278 19.79 -58.97 -22.26
CA VAL E 278 19.05 -60.17 -22.58
C VAL E 278 19.41 -60.73 -23.90
N ALA E 279 20.00 -59.95 -24.77
CA ALA E 279 20.29 -60.46 -26.09
C ALA E 279 21.46 -61.43 -25.92
N THR E 280 21.71 -62.32 -26.87
CA THR E 280 22.74 -63.34 -26.68
C THR E 280 23.55 -63.34 -27.87
N ILE E 281 24.77 -63.82 -27.72
CA ILE E 281 25.66 -63.78 -28.84
C ILE E 281 25.30 -64.94 -29.73
N GLY E 282 24.66 -65.97 -29.13
CA GLY E 282 24.12 -67.06 -29.96
C GLY E 282 23.22 -66.40 -31.00
N GLY E 283 22.14 -65.82 -30.48
CA GLY E 283 21.23 -65.06 -31.34
C GLY E 283 21.90 -64.02 -32.26
N ASN E 284 22.91 -63.33 -31.78
CA ASN E 284 23.44 -62.37 -32.70
C ASN E 284 23.93 -63.07 -33.91
N ILE E 285 24.56 -64.23 -33.74
CA ILE E 285 25.13 -65.00 -34.86
C ILE E 285 24.06 -65.75 -35.69
N ALA E 286 23.09 -66.35 -35.02
CA ALA E 286 22.10 -67.10 -35.77
C ALA E 286 21.28 -66.16 -36.63
N ASN E 287 20.99 -64.97 -36.11
CA ASN E 287 20.12 -64.10 -36.86
C ASN E 287 20.80 -63.74 -38.13
N GLY E 288 22.08 -63.94 -38.24
CA GLY E 288 22.73 -63.86 -39.54
C GLY E 288 22.72 -62.56 -40.27
N SER E 289 22.35 -61.50 -39.56
CA SER E 289 22.36 -60.17 -40.16
C SER E 289 23.75 -59.73 -40.56
N PRO E 290 23.92 -59.20 -41.77
CA PRO E 290 25.19 -58.67 -42.25
C PRO E 290 25.53 -57.37 -41.56
N ILE E 291 24.69 -56.93 -40.64
CA ILE E 291 25.09 -55.73 -39.93
C ILE E 291 25.28 -56.01 -38.50
N GLY E 292 25.20 -57.28 -38.15
CA GLY E 292 25.46 -57.66 -36.76
C GLY E 292 26.83 -57.11 -36.31
N ASP E 293 26.96 -56.76 -35.05
CA ASP E 293 28.26 -56.28 -34.64
C ASP E 293 29.13 -57.39 -34.10
N GLY E 294 28.52 -58.35 -33.43
CA GLY E 294 29.29 -59.50 -33.00
C GLY E 294 30.24 -60.04 -34.07
N PRO E 295 29.66 -60.68 -35.07
CA PRO E 295 30.47 -61.40 -36.05
C PRO E 295 31.77 -60.76 -36.45
N PRO E 296 31.74 -59.60 -37.05
CA PRO E 296 32.97 -59.03 -37.60
C PRO E 296 34.06 -59.01 -36.57
N ALA E 297 33.70 -58.64 -35.36
CA ALA E 297 34.65 -58.62 -34.28
C ALA E 297 35.25 -60.02 -34.18
N LEU E 298 34.49 -60.96 -33.60
CA LEU E 298 34.93 -62.37 -33.57
C LEU E 298 35.74 -62.77 -34.82
N ILE E 299 35.27 -62.44 -35.99
CA ILE E 299 36.04 -62.95 -37.10
C ILE E 299 37.40 -62.36 -37.10
N ALA E 300 37.51 -61.10 -36.75
CA ALA E 300 38.84 -60.49 -36.82
C ALA E 300 39.74 -61.17 -35.80
N MET E 301 39.16 -61.56 -34.70
CA MET E 301 40.02 -62.17 -33.71
C MET E 301 40.07 -63.67 -33.93
N GLY E 302 39.63 -64.10 -35.12
CA GLY E 302 39.67 -65.50 -35.53
C GLY E 302 39.04 -66.54 -34.64
N ALA E 303 37.86 -66.27 -34.09
CA ALA E 303 37.20 -67.23 -33.21
C ALA E 303 36.64 -68.33 -34.09
N SER E 304 35.98 -69.29 -33.43
CA SER E 304 35.42 -70.44 -34.13
C SER E 304 34.07 -70.71 -33.50
N LEU E 305 33.25 -71.45 -34.25
CA LEU E 305 31.84 -71.64 -33.97
C LEU E 305 31.55 -73.12 -33.85
N THR E 306 30.64 -73.46 -32.95
CA THR E 306 30.27 -74.85 -32.65
C THR E 306 28.78 -75.14 -32.86
N LEU E 307 28.44 -75.87 -33.92
CA LEU E 307 27.05 -76.23 -34.18
C LEU E 307 26.69 -77.50 -33.44
N ARG E 308 25.43 -77.83 -33.34
CA ARG E 308 25.07 -79.07 -32.65
C ARG E 308 23.65 -79.63 -33.02
N ARG E 309 23.59 -80.91 -33.41
CA ARG E 309 22.36 -81.57 -33.86
C ARG E 309 22.21 -82.92 -33.14
N GLY E 310 21.48 -82.92 -32.03
CA GLY E 310 21.30 -84.12 -31.24
C GLY E 310 22.53 -84.37 -30.39
N GLN E 311 23.42 -85.21 -30.88
CA GLN E 311 24.66 -85.48 -30.18
C GLN E 311 25.82 -85.20 -31.12
N GLU E 312 25.52 -84.96 -32.40
CA GLU E 312 26.56 -84.59 -33.37
C GLU E 312 27.12 -83.20 -33.06
N ARG E 313 28.28 -82.86 -33.63
CA ARG E 313 28.86 -81.56 -33.32
C ARG E 313 29.85 -81.09 -34.36
N ARG E 314 29.48 -80.11 -35.18
CA ARG E 314 30.41 -79.55 -36.18
C ARG E 314 31.26 -78.47 -35.54
N ARG E 315 32.07 -77.81 -36.36
CA ARG E 315 32.94 -76.82 -35.81
C ARG E 315 33.80 -76.17 -36.87
N MET E 316 33.31 -75.08 -37.44
CA MET E 316 34.12 -74.33 -38.37
C MET E 316 34.52 -73.01 -37.72
N PRO E 317 35.36 -72.30 -38.46
CA PRO E 317 35.72 -70.91 -38.18
C PRO E 317 34.54 -69.95 -38.49
N LEU E 318 34.21 -69.07 -37.57
CA LEU E 318 33.06 -68.15 -37.70
C LEU E 318 32.70 -67.62 -39.06
N GLU E 319 33.63 -67.03 -39.77
CA GLU E 319 33.22 -66.49 -41.05
C GLU E 319 32.63 -67.52 -41.99
N ASP E 320 33.02 -68.78 -41.83
CA ASP E 320 32.57 -69.83 -42.76
C ASP E 320 31.08 -70.19 -42.58
N PHE E 321 30.47 -69.70 -41.50
CA PHE E 321 29.05 -69.95 -41.22
C PHE E 321 28.05 -69.16 -42.03
N PHE E 322 28.51 -68.05 -42.61
CA PHE E 322 27.69 -67.14 -43.40
C PHE E 322 27.94 -67.32 -44.88
N LEU E 323 26.93 -67.75 -45.62
CA LEU E 323 27.09 -68.10 -47.04
C LEU E 323 26.66 -67.00 -47.93
N GLU E 324 25.42 -66.61 -47.77
CA GLU E 324 24.83 -65.55 -48.55
C GLU E 324 23.83 -64.80 -47.72
N TYR E 325 23.64 -63.57 -48.13
CA TYR E 325 22.69 -62.73 -47.48
C TYR E 325 21.47 -63.53 -47.14
N ARG E 326 21.28 -63.84 -45.88
CA ARG E 326 20.04 -64.46 -45.49
C ARG E 326 20.12 -65.92 -45.62
N LYS E 327 21.29 -66.47 -45.40
CA LYS E 327 21.46 -67.88 -45.62
C LYS E 327 22.70 -68.36 -44.90
N GLN E 328 22.52 -69.23 -43.93
CA GLN E 328 23.67 -69.77 -43.21
C GLN E 328 23.90 -71.28 -43.37
N ASP E 329 25.11 -71.72 -43.02
CA ASP E 329 25.51 -73.14 -43.03
C ASP E 329 24.90 -73.83 -41.87
N ARG E 330 23.59 -74.00 -41.87
CA ARG E 330 22.90 -74.60 -40.74
C ARG E 330 21.96 -75.70 -41.23
N ARG E 331 21.89 -76.80 -40.49
CA ARG E 331 21.17 -77.97 -40.97
C ARG E 331 19.90 -78.18 -40.20
N PRO E 332 18.90 -78.62 -40.90
CA PRO E 332 17.65 -79.02 -40.25
C PRO E 332 17.93 -79.67 -38.91
N GLY E 333 17.53 -79.04 -37.82
CA GLY E 333 17.63 -79.63 -36.50
C GLY E 333 18.87 -79.13 -35.77
N GLU E 334 19.78 -78.59 -36.55
CA GLU E 334 21.03 -78.07 -36.04
C GLU E 334 20.87 -76.69 -35.38
N PHE E 335 21.48 -76.50 -34.20
CA PHE E 335 21.50 -75.20 -33.52
C PHE E 335 22.85 -74.71 -33.02
N VAL E 336 22.99 -73.40 -32.82
CA VAL E 336 24.27 -72.81 -32.39
C VAL E 336 24.47 -73.06 -30.92
N GLU E 337 25.64 -73.59 -30.50
CA GLU E 337 25.85 -73.95 -29.06
C GLU E 337 26.92 -73.14 -28.36
N SER E 338 27.84 -72.58 -29.13
CA SER E 338 28.83 -71.79 -28.48
C SER E 338 29.90 -71.38 -29.49
N VAL E 339 30.69 -70.39 -29.11
CA VAL E 339 31.79 -69.98 -29.95
C VAL E 339 32.97 -69.99 -29.04
N THR E 340 34.14 -69.97 -29.67
CA THR E 340 35.35 -70.05 -28.90
C THR E 340 36.39 -69.03 -29.32
N LEU E 341 36.84 -68.28 -28.32
CA LEU E 341 37.82 -67.21 -28.52
C LEU E 341 39.21 -67.58 -28.01
N PRO E 342 40.23 -67.08 -28.70
CA PRO E 342 41.62 -67.25 -28.28
C PRO E 342 41.77 -66.59 -26.92
N LYS E 343 42.80 -67.00 -26.18
CA LYS E 343 43.06 -66.41 -24.87
C LYS E 343 43.43 -64.95 -25.06
N SER E 344 44.00 -64.60 -26.21
CA SER E 344 44.45 -63.23 -26.36
C SER E 344 44.62 -62.76 -27.81
N ALA E 345 44.58 -61.44 -28.01
CA ALA E 345 44.63 -60.87 -29.35
C ALA E 345 44.81 -59.36 -29.26
N PRO E 346 45.98 -58.96 -28.80
CA PRO E 346 46.30 -57.54 -28.60
C PRO E 346 46.23 -56.72 -29.90
N GLY E 347 46.18 -57.35 -31.05
CA GLY E 347 46.14 -56.50 -32.24
C GLY E 347 44.72 -56.07 -32.66
N LEU E 348 43.73 -56.69 -32.04
CA LEU E 348 42.38 -56.41 -32.40
C LEU E 348 42.18 -54.96 -32.15
N ARG E 349 41.25 -54.39 -32.89
CA ARG E 349 40.83 -52.99 -32.77
C ARG E 349 39.44 -52.94 -33.50
N CYS E 350 38.35 -52.56 -32.83
CA CYS E 350 37.04 -52.56 -33.47
C CYS E 350 36.38 -51.19 -33.70
N TYR E 351 36.01 -50.86 -34.93
CA TYR E 351 35.38 -49.57 -35.18
C TYR E 351 33.94 -49.70 -35.64
N LYS E 352 33.07 -48.88 -35.04
CA LYS E 352 31.65 -48.77 -35.42
C LYS E 352 31.40 -47.39 -35.97
N LEU E 353 30.64 -47.29 -37.05
CA LEU E 353 30.30 -45.96 -37.59
C LEU E 353 28.82 -45.92 -37.82
N SER E 354 28.10 -45.02 -37.17
CA SER E 354 26.68 -44.89 -37.26
C SER E 354 26.34 -43.45 -37.40
N LYS E 355 25.09 -43.07 -37.21
CA LYS E 355 24.72 -41.67 -37.42
C LYS E 355 24.80 -40.98 -36.05
N ARG E 356 24.44 -41.74 -35.03
CA ARG E 356 24.49 -41.29 -33.68
C ARG E 356 25.34 -42.37 -33.01
N PHE E 357 26.13 -42.00 -32.01
CA PHE E 357 26.99 -42.97 -31.32
C PHE E 357 26.30 -44.05 -30.52
N ASP E 358 25.31 -43.66 -29.74
CA ASP E 358 24.71 -44.61 -28.85
C ASP E 358 23.42 -45.16 -29.44
N GLN E 359 23.18 -46.48 -29.25
CA GLN E 359 22.00 -47.20 -29.66
C GLN E 359 21.66 -46.92 -31.12
N ASP E 360 22.56 -47.31 -32.02
CA ASP E 360 22.40 -47.13 -33.44
C ASP E 360 22.89 -48.38 -34.16
N ILE E 361 22.50 -48.56 -35.42
CA ILE E 361 22.85 -49.71 -36.15
C ILE E 361 23.95 -49.17 -36.98
N SER E 362 25.00 -49.94 -37.21
CA SER E 362 26.17 -49.45 -37.95
C SER E 362 25.92 -49.26 -39.39
N ALA E 363 26.54 -48.27 -39.98
CA ALA E 363 26.53 -48.16 -41.43
C ALA E 363 27.67 -49.05 -41.89
N VAL E 364 28.67 -49.17 -41.00
CA VAL E 364 29.85 -49.98 -41.24
C VAL E 364 30.56 -50.27 -39.95
N CYS E 365 30.90 -51.53 -39.76
CA CYS E 365 31.62 -51.88 -38.60
C CYS E 365 32.93 -52.52 -39.03
N GLY E 366 34.07 -51.99 -38.61
CA GLY E 366 35.34 -52.51 -39.05
C GLY E 366 36.14 -53.16 -37.93
N CYS E 367 36.54 -54.41 -38.08
CA CYS E 367 37.41 -55.02 -37.10
C CYS E 367 38.74 -55.31 -37.76
N LEU E 368 39.81 -54.80 -37.16
CA LEU E 368 41.14 -55.03 -37.67
C LEU E 368 42.06 -55.65 -36.66
N ASN E 369 42.79 -56.66 -37.16
CA ASN E 369 43.74 -57.42 -36.37
C ASN E 369 45.00 -57.79 -37.14
N LEU E 370 46.06 -57.05 -36.90
CA LEU E 370 47.34 -57.28 -37.59
C LEU E 370 48.39 -57.78 -36.60
N THR E 371 49.16 -58.79 -37.01
CA THR E 371 50.24 -59.29 -36.16
C THR E 371 51.55 -58.99 -36.82
N LEU E 372 52.49 -58.53 -36.01
CA LEU E 372 53.75 -58.04 -36.54
C LEU E 372 55.00 -58.89 -36.28
N LYS E 373 55.94 -58.75 -37.19
CA LYS E 373 57.27 -59.34 -37.08
C LYS E 373 58.14 -58.10 -37.10
N GLY E 374 58.04 -57.29 -36.04
CA GLY E 374 58.77 -56.03 -35.93
C GLY E 374 58.86 -55.27 -37.25
N SER E 375 58.11 -54.19 -37.39
CA SER E 375 58.11 -53.41 -38.64
C SER E 375 57.53 -54.16 -39.85
N LYS E 376 57.48 -55.49 -39.81
CA LYS E 376 56.90 -56.27 -40.91
C LYS E 376 55.56 -56.92 -40.53
N ILE E 377 54.64 -56.99 -41.49
CA ILE E 377 53.32 -57.53 -41.24
C ILE E 377 53.21 -59.04 -41.47
N GLU E 378 53.00 -59.77 -40.39
CA GLU E 378 52.95 -61.22 -40.42
C GLU E 378 51.60 -61.74 -40.88
N THR E 379 50.62 -61.55 -40.01
CA THR E 379 49.24 -61.96 -40.23
C THR E 379 48.33 -60.75 -40.31
N ALA E 380 47.27 -60.84 -41.12
CA ALA E 380 46.30 -59.73 -41.25
C ALA E 380 44.86 -60.21 -41.34
N ARG E 381 44.15 -60.20 -40.21
CA ARG E 381 42.73 -60.56 -40.16
C ARG E 381 41.87 -59.30 -40.26
N ILE E 382 41.29 -59.03 -41.42
CA ILE E 382 40.43 -57.84 -41.54
C ILE E 382 38.98 -58.15 -41.91
N ALA E 383 38.05 -57.84 -41.01
CA ALA E 383 36.60 -58.12 -41.21
C ALA E 383 35.65 -56.90 -41.21
N PHE E 384 34.57 -56.98 -41.98
CA PHE E 384 33.61 -55.89 -42.04
C PHE E 384 32.21 -56.35 -41.95
N GLY E 385 31.39 -55.50 -41.36
CA GLY E 385 29.95 -55.72 -41.24
C GLY E 385 29.33 -54.60 -42.08
N GLY E 386 28.28 -54.92 -42.81
CA GLY E 386 27.58 -53.87 -43.50
C GLY E 386 28.18 -53.43 -44.80
N MET E 387 29.21 -54.14 -45.24
CA MET E 387 29.79 -53.81 -46.53
C MET E 387 29.34 -54.77 -47.61
N ALA E 388 28.50 -55.73 -47.26
CA ALA E 388 27.98 -56.69 -48.23
C ALA E 388 26.95 -57.61 -47.59
N GLY E 389 26.43 -58.58 -48.36
CA GLY E 389 25.36 -59.45 -47.89
C GLY E 389 25.71 -60.28 -46.69
N VAL E 390 26.98 -60.24 -46.33
CA VAL E 390 27.44 -61.14 -45.25
C VAL E 390 28.63 -60.55 -44.58
N PRO E 391 28.93 -60.85 -43.32
CA PRO E 391 30.12 -60.29 -42.68
C PRO E 391 31.25 -61.07 -43.29
N LYS E 392 32.26 -60.41 -43.90
CA LYS E 392 33.33 -61.13 -44.58
C LYS E 392 34.79 -60.50 -44.53
N ARG E 393 35.83 -61.33 -44.64
CA ARG E 393 37.20 -60.81 -44.57
C ARG E 393 37.48 -60.14 -45.86
N ALA E 394 38.40 -59.18 -45.89
CA ALA E 394 38.75 -58.49 -47.12
C ALA E 394 39.95 -59.06 -47.90
N ALA E 395 39.89 -60.36 -48.20
CA ALA E 395 40.95 -61.05 -48.95
C ALA E 395 41.93 -60.17 -49.72
N ALA E 396 41.52 -59.69 -50.88
CA ALA E 396 42.49 -58.96 -51.67
C ALA E 396 43.26 -57.98 -50.81
N PHE E 397 42.58 -57.36 -49.84
CA PHE E 397 43.24 -56.34 -49.01
C PHE E 397 44.22 -57.02 -48.08
N GLU E 398 43.73 -57.94 -47.24
CA GLU E 398 44.58 -58.72 -46.31
C GLU E 398 45.83 -59.13 -47.12
N ALA E 399 45.61 -59.84 -48.23
CA ALA E 399 46.69 -60.34 -49.07
C ALA E 399 47.80 -59.32 -49.29
N ALA E 400 47.57 -58.36 -50.17
CA ALA E 400 48.66 -57.45 -50.51
C ALA E 400 49.27 -56.79 -49.29
N LEU E 401 48.82 -57.16 -48.12
CA LEU E 401 49.36 -56.54 -46.93
C LEU E 401 50.52 -57.30 -46.33
N ILE E 402 50.46 -58.62 -46.42
CA ILE E 402 51.46 -59.46 -45.80
C ILE E 402 52.86 -59.19 -46.32
N GLY E 403 53.81 -59.12 -45.38
CA GLY E 403 55.21 -58.91 -45.71
C GLY E 403 55.59 -57.47 -45.99
N GLN E 404 54.63 -56.65 -46.36
CA GLN E 404 54.89 -55.23 -46.54
C GLN E 404 55.13 -54.61 -45.16
N ASP E 405 55.75 -53.43 -45.19
CA ASP E 405 56.05 -52.68 -43.97
C ASP E 405 54.82 -51.98 -43.36
N PHE E 406 54.72 -52.00 -42.04
CA PHE E 406 53.62 -51.36 -41.34
C PHE E 406 53.75 -49.85 -41.17
N ARG E 407 53.72 -49.14 -42.27
CA ARG E 407 53.75 -47.68 -42.24
C ARG E 407 52.42 -47.18 -42.85
N GLU E 408 52.10 -45.91 -42.64
CA GLU E 408 50.87 -45.35 -43.17
C GLU E 408 50.79 -45.49 -44.68
N ASP E 409 51.81 -45.01 -45.37
CA ASP E 409 51.81 -45.02 -46.83
C ASP E 409 51.67 -46.40 -47.49
N THR E 410 52.13 -47.47 -46.85
CA THR E 410 51.90 -48.76 -47.50
C THR E 410 50.39 -49.06 -47.49
N ILE E 411 49.77 -48.91 -46.34
CA ILE E 411 48.32 -49.08 -46.28
C ILE E 411 47.65 -48.14 -47.28
N ALA E 412 48.14 -46.92 -47.33
CA ALA E 412 47.55 -45.96 -48.24
C ALA E 412 47.46 -46.53 -49.64
N ALA E 413 48.48 -47.25 -50.07
CA ALA E 413 48.49 -47.65 -51.47
C ALA E 413 47.77 -48.98 -51.67
N ALA E 414 47.29 -49.55 -50.58
CA ALA E 414 46.58 -50.78 -50.67
C ALA E 414 45.05 -50.61 -50.66
N LEU E 415 44.58 -49.41 -50.28
CA LEU E 415 43.15 -49.17 -50.07
C LEU E 415 42.24 -49.52 -51.23
N PRO E 416 42.70 -49.23 -52.45
CA PRO E 416 41.85 -49.47 -53.62
C PRO E 416 41.44 -50.93 -53.67
N LEU E 417 42.22 -51.81 -53.10
CA LEU E 417 41.91 -53.20 -53.21
C LEU E 417 40.62 -53.48 -52.47
N LEU E 418 40.28 -52.61 -51.53
CA LEU E 418 39.00 -52.83 -50.83
C LEU E 418 37.79 -52.64 -51.79
N ALA E 419 37.98 -51.81 -52.81
CA ALA E 419 36.96 -51.61 -53.83
C ALA E 419 36.70 -52.89 -54.59
N GLN E 420 37.58 -53.86 -54.39
CA GLN E 420 37.44 -55.11 -55.12
C GLN E 420 36.88 -56.10 -54.15
N ASP E 421 37.26 -55.98 -52.90
CA ASP E 421 36.69 -56.90 -51.93
C ASP E 421 35.21 -56.61 -51.68
N PHE E 422 34.80 -55.34 -51.77
CA PHE E 422 33.40 -55.04 -51.51
C PHE E 422 32.71 -54.09 -52.44
N THR E 423 31.43 -54.33 -52.63
CA THR E 423 30.60 -53.39 -53.42
C THR E 423 29.34 -53.08 -52.62
N PRO E 424 29.52 -52.09 -51.77
CA PRO E 424 28.50 -51.74 -50.78
C PRO E 424 27.31 -51.03 -51.45
N LEU E 425 26.20 -51.09 -50.75
CA LEU E 425 24.90 -50.57 -51.13
C LEU E 425 24.70 -49.15 -50.61
N SER E 426 23.56 -48.52 -50.98
CA SER E 426 23.17 -47.28 -50.37
C SER E 426 21.87 -47.65 -49.71
N ASP E 427 21.61 -47.04 -48.56
CA ASP E 427 20.35 -47.13 -47.93
C ASP E 427 20.12 -45.84 -47.08
N MET E 428 19.16 -45.85 -46.16
CA MET E 428 18.94 -44.60 -45.44
C MET E 428 20.04 -44.24 -44.41
N ARG E 429 20.79 -45.21 -43.94
CA ARG E 429 21.86 -44.90 -43.04
C ARG E 429 23.03 -44.23 -43.75
N ALA E 430 23.12 -44.39 -45.07
CA ALA E 430 24.33 -43.92 -45.72
C ALA E 430 24.44 -44.35 -47.17
N SER E 431 25.15 -43.55 -47.95
CA SER E 431 25.36 -43.91 -49.30
C SER E 431 26.57 -44.82 -49.54
N ALA E 432 26.45 -45.62 -50.61
CA ALA E 432 27.53 -46.43 -51.14
C ALA E 432 28.89 -45.68 -51.07
N ALA E 433 28.97 -44.50 -51.62
CA ALA E 433 30.26 -43.86 -51.63
C ALA E 433 30.80 -43.71 -50.21
N TYR E 434 29.92 -43.23 -49.33
CA TYR E 434 30.32 -43.09 -47.95
C TYR E 434 30.77 -44.43 -47.30
N ARG E 435 29.97 -45.44 -47.49
CA ARG E 435 30.36 -46.70 -46.90
C ARG E 435 31.76 -47.09 -47.40
N MET E 436 31.98 -46.95 -48.70
CA MET E 436 33.24 -47.42 -49.23
C MET E 436 34.30 -46.61 -48.56
N ASN E 437 34.34 -45.33 -48.86
CA ASN E 437 35.30 -44.45 -48.27
C ASN E 437 35.50 -44.66 -46.77
N ALA E 438 34.53 -45.22 -46.07
CA ALA E 438 34.73 -45.29 -44.67
C ALA E 438 35.60 -46.46 -44.41
N ALA E 439 35.27 -47.58 -45.03
CA ALA E 439 36.06 -48.79 -44.82
C ALA E 439 37.51 -48.37 -44.99
N GLN E 440 37.80 -47.63 -46.06
CA GLN E 440 39.17 -47.23 -46.20
C GLN E 440 39.65 -46.46 -44.97
N ALA E 441 38.82 -45.53 -44.54
CA ALA E 441 39.19 -44.70 -43.42
C ALA E 441 39.58 -45.55 -42.26
N MET E 442 38.87 -46.66 -42.06
CA MET E 442 39.11 -47.44 -40.86
C MET E 442 40.53 -48.02 -40.89
N ALA E 443 40.99 -48.29 -42.10
CA ALA E 443 42.32 -48.73 -42.28
C ALA E 443 43.19 -47.59 -41.78
N LEU E 444 43.12 -46.45 -42.43
CA LEU E 444 44.01 -45.38 -42.02
C LEU E 444 43.99 -45.16 -40.50
N ARG E 445 42.84 -45.31 -39.91
CA ARG E 445 42.74 -45.04 -38.52
C ARG E 445 43.67 -46.00 -37.79
N TYR E 446 43.53 -47.29 -38.07
CA TYR E 446 44.27 -48.38 -37.44
C TYR E 446 45.77 -48.11 -37.38
N VAL E 447 46.39 -47.85 -38.52
CA VAL E 447 47.77 -47.52 -38.42
C VAL E 447 47.85 -46.43 -37.36
N ARG E 448 47.45 -45.24 -37.77
CA ARG E 448 47.46 -44.10 -36.87
C ARG E 448 47.24 -44.54 -35.41
N GLU E 449 46.19 -45.29 -35.13
CA GLU E 449 45.95 -45.57 -33.73
C GLU E 449 47.11 -46.33 -33.11
N LEU E 450 47.47 -47.48 -33.67
CA LEU E 450 48.56 -48.26 -33.12
C LEU E 450 49.81 -47.42 -33.03
N SER E 451 50.04 -46.53 -34.00
CA SER E 451 51.29 -45.79 -33.94
C SER E 451 51.17 -44.64 -32.91
N GLY E 452 50.30 -44.88 -31.93
CA GLY E 452 49.99 -43.97 -30.81
C GLY E 452 49.50 -42.56 -31.12
N GLU E 453 48.61 -42.41 -32.09
CA GLU E 453 48.20 -41.04 -32.42
C GLU E 453 46.76 -40.72 -32.00
N ALA E 454 46.37 -39.45 -31.92
CA ALA E 454 45.01 -39.14 -31.44
C ALA E 454 43.97 -39.30 -32.56
N VAL E 455 42.97 -40.14 -32.28
CA VAL E 455 42.03 -40.49 -33.31
C VAL E 455 40.55 -40.73 -32.84
N ALA E 456 40.33 -40.91 -31.57
CA ALA E 456 38.99 -41.17 -31.13
C ALA E 456 38.25 -39.92 -30.63
N VAL E 457 37.21 -39.48 -31.33
CA VAL E 457 36.47 -38.31 -30.92
C VAL E 457 35.85 -38.49 -29.53
N LEU E 458 35.52 -39.71 -29.20
CA LEU E 458 34.86 -39.96 -27.95
C LEU E 458 35.79 -39.93 -26.74
N GLU E 459 37.09 -39.80 -26.97
CA GLU E 459 38.06 -39.76 -25.87
C GLU E 459 38.54 -38.32 -25.64
N VAL E 460 38.07 -37.39 -26.44
CA VAL E 460 38.43 -36.02 -26.26
C VAL E 460 37.66 -35.45 -25.08
N MET E 461 38.36 -34.87 -24.11
CA MET E 461 37.70 -34.25 -22.95
C MET E 461 37.58 -32.77 -23.21
N PRO E 462 36.55 -32.12 -22.67
CA PRO E 462 36.39 -30.67 -22.83
C PRO E 462 37.40 -29.87 -22.00
N SER F 2 4.24 -16.04 -5.20
CA SER F 2 4.72 -17.40 -5.52
C SER F 2 5.44 -17.38 -6.84
N VAL F 3 5.06 -16.38 -7.62
CA VAL F 3 5.66 -16.08 -8.87
C VAL F 3 7.11 -15.82 -8.63
N GLY F 4 8.02 -16.41 -9.39
CA GLY F 4 9.42 -16.11 -9.22
C GLY F 4 10.15 -17.24 -8.58
N LYS F 5 9.43 -18.07 -7.84
CA LYS F 5 10.09 -19.18 -7.14
C LYS F 5 10.34 -20.35 -8.10
N PRO F 6 11.36 -21.14 -7.80
CA PRO F 6 11.64 -22.35 -8.59
C PRO F 6 10.89 -23.56 -8.11
N LEU F 7 9.57 -23.58 -8.17
CA LEU F 7 8.82 -24.80 -7.81
C LEU F 7 8.74 -25.83 -8.93
N PRO F 8 8.60 -27.08 -8.55
CA PRO F 8 8.53 -28.22 -9.45
C PRO F 8 7.30 -28.24 -10.30
N HIS F 9 7.28 -29.11 -11.32
CA HIS F 9 6.11 -29.29 -12.23
C HIS F 9 4.90 -29.77 -11.44
N ASP F 10 3.69 -29.28 -11.70
CA ASP F 10 2.51 -29.72 -10.97
C ASP F 10 2.32 -31.18 -10.88
N SER F 11 3.01 -32.01 -11.65
CA SER F 11 2.74 -33.44 -11.57
C SER F 11 4.01 -34.27 -11.42
N ALA F 12 4.99 -33.58 -10.89
CA ALA F 12 6.26 -34.24 -10.68
C ALA F 12 6.09 -35.51 -9.89
N ARG F 13 5.40 -35.50 -8.76
CA ARG F 13 5.32 -36.73 -8.00
C ARG F 13 4.57 -37.76 -8.84
N ALA F 14 3.49 -37.37 -9.51
CA ALA F 14 2.80 -38.40 -10.33
C ALA F 14 3.68 -38.95 -11.47
N HIS F 15 4.49 -38.07 -12.05
CA HIS F 15 5.33 -38.60 -13.10
C HIS F 15 6.16 -39.66 -12.54
N VAL F 16 6.95 -39.29 -11.55
CA VAL F 16 7.86 -40.19 -10.95
C VAL F 16 7.30 -41.47 -10.32
N THR F 17 6.03 -41.48 -9.91
CA THR F 17 5.54 -42.78 -9.41
C THR F 17 4.75 -43.58 -10.40
N GLY F 18 4.67 -43.14 -11.68
CA GLY F 18 3.86 -43.84 -12.65
C GLY F 18 2.37 -43.68 -12.31
N GLN F 19 2.03 -42.67 -11.60
CA GLN F 19 0.63 -42.55 -11.33
C GLN F 19 0.02 -41.53 -12.29
N ALA F 20 0.81 -40.81 -13.04
CA ALA F 20 0.11 -39.89 -13.92
C ALA F 20 -0.51 -40.63 -15.10
N ARG F 21 -1.73 -40.24 -15.43
CA ARG F 21 -2.40 -40.87 -16.58
C ARG F 21 -2.34 -40.13 -17.86
N TYR F 22 -1.84 -40.76 -18.90
CA TYR F 22 -2.01 -40.20 -20.25
C TYR F 22 -3.20 -40.91 -20.89
N LEU F 23 -3.65 -40.45 -22.07
CA LEU F 23 -4.84 -40.93 -22.73
C LEU F 23 -5.04 -42.45 -22.81
N ASP F 24 -4.07 -43.21 -23.28
CA ASP F 24 -4.18 -44.66 -23.27
C ASP F 24 -4.21 -45.32 -21.87
N ASP F 25 -4.14 -44.54 -20.79
CA ASP F 25 -4.17 -45.18 -19.45
C ASP F 25 -5.56 -45.05 -18.90
N LEU F 26 -6.38 -44.22 -19.50
CA LEU F 26 -7.70 -44.05 -18.94
C LEU F 26 -8.43 -45.38 -18.92
N PRO F 27 -9.20 -45.64 -17.88
CA PRO F 27 -9.94 -46.89 -17.76
C PRO F 27 -11.08 -46.69 -18.69
N CYS F 28 -11.50 -47.69 -19.49
CA CYS F 28 -12.73 -47.49 -20.34
C CYS F 28 -13.52 -48.74 -20.28
N PRO F 29 -14.81 -48.63 -20.57
CA PRO F 29 -15.74 -49.79 -20.42
C PRO F 29 -15.22 -50.96 -21.20
N ALA F 30 -15.60 -52.15 -20.81
CA ALA F 30 -15.12 -53.35 -21.47
C ALA F 30 -15.58 -53.43 -22.96
N ASN F 31 -16.73 -52.90 -23.30
CA ASN F 31 -17.14 -53.01 -24.65
C ASN F 31 -16.45 -52.09 -25.62
N THR F 32 -15.51 -51.31 -25.15
CA THR F 32 -14.76 -50.39 -25.98
C THR F 32 -14.10 -50.96 -27.26
N LEU F 33 -14.34 -50.34 -28.42
CA LEU F 33 -13.63 -50.73 -29.65
C LEU F 33 -12.29 -49.95 -29.81
N HIS F 34 -11.37 -50.52 -30.60
CA HIS F 34 -10.04 -50.00 -30.92
C HIS F 34 -9.84 -49.86 -32.46
N LEU F 35 -9.39 -48.68 -32.94
CA LEU F 35 -9.40 -48.47 -34.42
C LEU F 35 -8.07 -48.47 -35.12
N ALA F 36 -8.08 -48.64 -36.42
CA ALA F 36 -6.83 -48.41 -37.10
C ALA F 36 -7.20 -47.99 -38.51
N PHE F 37 -6.25 -47.37 -39.21
CA PHE F 37 -6.51 -46.91 -40.53
C PHE F 37 -5.80 -47.81 -41.45
N GLY F 38 -6.35 -48.02 -42.67
CA GLY F 38 -5.65 -48.74 -43.70
C GLY F 38 -5.05 -47.64 -44.50
N LEU F 39 -3.83 -47.79 -44.99
CA LEU F 39 -3.16 -46.73 -45.69
C LEU F 39 -2.77 -46.92 -47.15
N SER F 40 -2.64 -45.82 -47.90
CA SER F 40 -2.38 -45.86 -49.31
C SER F 40 -1.02 -46.34 -49.40
N THR F 41 -0.68 -47.12 -50.39
CA THR F 41 0.69 -47.45 -50.61
C THR F 41 1.12 -46.69 -51.80
N GLU F 42 0.40 -45.72 -52.29
CA GLU F 42 0.80 -45.04 -53.53
C GLU F 42 1.01 -43.57 -53.28
N ALA F 43 1.99 -42.95 -53.91
CA ALA F 43 2.16 -41.54 -53.65
C ALA F 43 1.07 -40.73 -54.34
N SER F 44 0.41 -41.28 -55.36
CA SER F 44 -0.50 -40.48 -56.13
C SER F 44 -1.21 -41.30 -57.15
N ALA F 45 -2.48 -41.56 -56.93
CA ALA F 45 -3.20 -42.52 -57.74
C ALA F 45 -4.71 -42.37 -57.52
N ALA F 46 -5.54 -42.75 -58.50
CA ALA F 46 -6.95 -42.78 -58.25
C ALA F 46 -7.18 -44.18 -57.70
N ILE F 47 -8.12 -44.33 -56.78
CA ILE F 47 -8.45 -45.65 -56.29
C ILE F 47 -9.50 -46.28 -57.20
N THR F 48 -9.28 -47.51 -57.56
CA THR F 48 -10.09 -48.01 -58.64
C THR F 48 -10.97 -49.06 -58.19
N GLY F 49 -10.47 -49.84 -57.26
CA GLY F 49 -11.29 -50.82 -56.59
C GLY F 49 -10.86 -50.91 -55.13
N LEU F 50 -11.80 -51.35 -54.30
CA LEU F 50 -11.56 -51.40 -52.89
C LEU F 50 -12.26 -52.58 -52.24
N ASP F 51 -11.66 -53.78 -52.24
CA ASP F 51 -12.28 -54.95 -51.63
C ASP F 51 -11.97 -55.02 -50.14
N LEU F 52 -12.99 -54.85 -49.31
CA LEU F 52 -12.82 -54.85 -47.88
C LEU F 52 -13.30 -56.11 -47.22
N GLU F 53 -13.71 -57.07 -48.03
CA GLU F 53 -14.23 -58.32 -47.51
C GLU F 53 -13.23 -59.02 -46.59
N PRO F 54 -12.01 -59.19 -47.01
CA PRO F 54 -11.05 -59.85 -46.12
C PRO F 54 -10.94 -59.08 -44.77
N VAL F 55 -11.18 -57.78 -44.81
CA VAL F 55 -11.08 -57.00 -43.60
C VAL F 55 -12.21 -57.39 -42.70
N ARG F 56 -13.44 -57.22 -43.18
CA ARG F 56 -14.58 -57.60 -42.37
C ARG F 56 -14.42 -59.03 -41.83
N GLU F 57 -13.81 -59.90 -42.60
CA GLU F 57 -13.74 -61.29 -42.15
C GLU F 57 -12.66 -61.48 -41.10
N SER F 58 -11.75 -60.53 -40.96
CA SER F 58 -10.70 -60.66 -39.94
C SER F 58 -11.21 -60.78 -38.49
N PRO F 59 -10.50 -61.55 -37.67
CA PRO F 59 -10.95 -61.81 -36.31
C PRO F 59 -11.15 -60.56 -35.47
N GLY F 60 -12.18 -60.58 -34.65
CA GLY F 60 -12.43 -59.44 -33.80
C GLY F 60 -12.90 -58.16 -34.45
N VAL F 61 -13.04 -58.07 -35.79
CA VAL F 61 -13.46 -56.80 -36.40
C VAL F 61 -14.93 -56.54 -36.29
N ILE F 62 -15.36 -55.32 -36.01
CA ILE F 62 -16.80 -55.04 -35.79
C ILE F 62 -17.49 -54.13 -36.82
N ALA F 63 -16.73 -53.22 -37.39
CA ALA F 63 -17.21 -52.27 -38.43
C ALA F 63 -16.01 -51.81 -39.17
N VAL F 64 -16.20 -51.38 -40.40
CA VAL F 64 -15.11 -50.95 -41.25
C VAL F 64 -15.70 -49.80 -42.00
N PHE F 65 -15.01 -48.65 -42.11
CA PHE F 65 -15.60 -47.49 -42.77
C PHE F 65 -14.80 -46.96 -43.88
N THR F 66 -15.50 -46.26 -44.74
CA THR F 66 -14.94 -45.75 -45.94
C THR F 66 -15.40 -44.30 -46.07
N ALA F 67 -14.88 -43.53 -47.01
CA ALA F 67 -15.32 -42.17 -47.09
C ALA F 67 -16.83 -42.12 -47.25
N ALA F 68 -17.40 -43.13 -47.90
CA ALA F 68 -18.84 -43.10 -48.18
C ALA F 68 -19.61 -43.21 -46.90
N ASP F 69 -19.00 -43.81 -45.88
CA ASP F 69 -19.77 -44.05 -44.67
C ASP F 69 -19.76 -42.85 -43.79
N LEU F 70 -18.87 -41.91 -44.06
CA LEU F 70 -18.91 -40.76 -43.22
C LEU F 70 -20.29 -40.10 -43.34
N PRO F 71 -20.96 -39.92 -42.23
CA PRO F 71 -22.31 -39.35 -42.29
C PRO F 71 -22.33 -37.89 -42.71
N HIS F 72 -21.25 -37.11 -42.52
CA HIS F 72 -21.29 -35.66 -42.79
C HIS F 72 -19.97 -35.03 -43.33
N ASP F 73 -19.28 -34.19 -42.60
CA ASP F 73 -18.00 -33.73 -43.13
C ASP F 73 -16.92 -34.76 -43.07
N ASN F 74 -16.06 -34.78 -44.07
CA ASN F 74 -14.89 -35.63 -44.14
C ASN F 74 -13.81 -34.59 -44.35
N ASP F 75 -13.31 -34.02 -43.24
CA ASP F 75 -12.35 -32.88 -43.31
C ASP F 75 -11.57 -32.57 -42.03
N ALA F 76 -10.29 -32.94 -41.96
CA ALA F 76 -9.53 -32.68 -40.75
C ALA F 76 -8.66 -31.42 -40.74
N SER F 77 -8.61 -30.73 -41.88
CA SER F 77 -7.80 -29.52 -42.04
C SER F 77 -8.04 -28.39 -41.02
N PRO F 78 -6.94 -27.82 -40.56
CA PRO F 78 -6.96 -26.61 -39.74
C PRO F 78 -7.08 -25.36 -40.60
N ALA F 79 -7.30 -25.57 -41.89
CA ALA F 79 -7.27 -24.48 -42.84
C ALA F 79 -8.49 -24.50 -43.72
N PRO F 80 -8.72 -23.43 -44.45
CA PRO F 80 -9.93 -23.34 -45.29
C PRO F 80 -9.98 -24.46 -46.30
N SER F 81 -8.87 -24.90 -46.87
CA SER F 81 -9.00 -25.98 -47.86
C SER F 81 -9.05 -27.34 -47.18
N PRO F 82 -9.91 -28.21 -47.67
CA PRO F 82 -10.22 -29.49 -47.00
C PRO F 82 -9.14 -30.52 -47.14
N GLU F 83 -9.07 -31.38 -46.15
CA GLU F 83 -8.10 -32.46 -46.11
C GLU F 83 -8.93 -33.66 -45.64
N PRO F 84 -9.28 -34.56 -46.53
CA PRO F 84 -10.17 -35.65 -46.13
C PRO F 84 -9.65 -36.43 -44.93
N VAL F 85 -10.53 -36.94 -44.12
CA VAL F 85 -10.07 -37.90 -43.12
C VAL F 85 -9.89 -39.27 -43.81
N LEU F 86 -10.92 -39.82 -44.46
CA LEU F 86 -10.72 -41.00 -45.35
C LEU F 86 -10.64 -40.59 -46.80
N ALA F 87 -9.64 -41.10 -47.53
CA ALA F 87 -9.45 -40.78 -48.97
C ALA F 87 -10.70 -40.89 -49.78
N THR F 88 -11.02 -39.82 -50.49
CA THR F 88 -12.17 -39.77 -51.40
C THR F 88 -11.75 -40.05 -52.86
N GLY F 89 -11.60 -41.29 -53.26
CA GLY F 89 -11.41 -41.55 -54.68
C GLY F 89 -9.98 -41.58 -55.14
N GLU F 90 -9.09 -40.87 -54.45
CA GLU F 90 -7.71 -40.80 -54.93
C GLU F 90 -6.80 -40.72 -53.73
N VAL F 91 -5.50 -40.89 -53.89
CA VAL F 91 -4.65 -40.80 -52.71
C VAL F 91 -3.58 -39.82 -53.02
N HIS F 92 -3.00 -39.18 -52.03
CA HIS F 92 -1.99 -38.19 -52.38
C HIS F 92 -0.69 -38.34 -51.67
N PHE F 93 -0.46 -39.43 -50.94
CA PHE F 93 0.88 -39.70 -50.37
C PHE F 93 0.95 -41.06 -49.78
N VAL F 94 2.13 -41.67 -49.72
CA VAL F 94 2.18 -43.04 -49.18
C VAL F 94 1.98 -42.95 -47.73
N GLY F 95 0.87 -43.46 -47.24
CA GLY F 95 0.46 -43.22 -45.85
C GLY F 95 -0.94 -42.59 -45.69
N GLN F 96 -1.49 -41.96 -46.72
CA GLN F 96 -2.82 -41.43 -46.57
C GLN F 96 -3.79 -42.48 -46.19
N PRO F 97 -4.59 -42.21 -45.16
CA PRO F 97 -5.55 -43.20 -44.67
C PRO F 97 -6.64 -43.40 -45.65
N ILE F 98 -7.13 -44.61 -45.86
CA ILE F 98 -8.21 -44.87 -46.83
C ILE F 98 -9.42 -45.48 -46.19
N PHE F 99 -9.22 -46.36 -45.24
CA PHE F 99 -10.40 -46.89 -44.58
C PHE F 99 -10.12 -46.96 -43.10
N LEU F 100 -11.11 -47.33 -42.32
CA LEU F 100 -11.02 -47.25 -40.88
C LEU F 100 -11.62 -48.50 -40.28
N VAL F 101 -10.80 -49.30 -39.59
CA VAL F 101 -11.29 -50.50 -38.95
C VAL F 101 -11.53 -50.30 -37.49
N ALA F 102 -12.65 -50.81 -36.97
CA ALA F 102 -12.95 -50.80 -35.53
C ALA F 102 -13.08 -52.26 -35.11
N ALA F 103 -12.22 -52.71 -34.18
CA ALA F 103 -12.14 -54.11 -33.77
C ALA F 103 -12.02 -54.20 -32.26
N THR F 104 -12.13 -55.38 -31.63
CA THR F 104 -12.22 -55.46 -30.16
C THR F 104 -10.84 -55.36 -29.52
N SER F 105 -9.82 -55.16 -30.34
CA SER F 105 -8.53 -54.98 -29.79
C SER F 105 -7.60 -54.20 -30.80
N HIS F 106 -6.69 -53.42 -30.24
CA HIS F 106 -5.73 -52.66 -30.98
C HIS F 106 -5.02 -53.58 -31.89
N ARG F 107 -4.65 -54.78 -31.45
CA ARG F 107 -3.93 -55.71 -32.36
C ARG F 107 -4.86 -56.22 -33.50
N ALA F 108 -6.09 -56.54 -33.13
CA ALA F 108 -6.96 -57.05 -34.15
C ALA F 108 -7.15 -55.92 -35.15
N ALA F 109 -7.18 -54.68 -34.65
CA ALA F 109 -7.39 -53.62 -35.63
C ALA F 109 -6.21 -53.49 -36.60
N ARG F 110 -5.01 -53.39 -36.11
CA ARG F 110 -3.93 -53.30 -37.04
C ARG F 110 -3.92 -54.50 -37.99
N ILE F 111 -4.17 -55.70 -37.48
CA ILE F 111 -4.06 -56.84 -38.36
C ILE F 111 -5.10 -56.70 -39.45
N ALA F 112 -6.33 -56.45 -39.09
CA ALA F 112 -7.32 -56.33 -40.15
C ALA F 112 -6.87 -55.29 -41.11
N ALA F 113 -6.24 -54.25 -40.57
CA ALA F 113 -6.03 -53.13 -41.42
C ALA F 113 -5.19 -53.47 -42.62
N ARG F 114 -4.44 -54.55 -42.53
CA ARG F 114 -3.50 -54.89 -43.55
C ARG F 114 -4.01 -55.85 -44.67
N LYS F 115 -5.26 -56.26 -44.56
CA LYS F 115 -5.80 -57.28 -45.45
C LYS F 115 -6.61 -56.77 -46.63
N ALA F 116 -6.79 -55.48 -46.76
CA ALA F 116 -7.56 -55.03 -47.90
C ALA F 116 -6.86 -55.25 -49.24
N ARG F 117 -7.66 -55.31 -50.30
CA ARG F 117 -7.17 -55.44 -51.64
C ARG F 117 -7.60 -54.19 -52.34
N ILE F 118 -6.66 -53.38 -52.76
CA ILE F 118 -6.99 -52.14 -53.34
C ILE F 118 -6.37 -52.16 -54.71
N THR F 119 -7.07 -51.64 -55.72
CA THR F 119 -6.37 -51.52 -56.95
C THR F 119 -6.25 -50.05 -57.19
N TYR F 120 -5.15 -49.64 -57.82
CA TYR F 120 -4.96 -48.23 -58.10
C TYR F 120 -4.65 -47.97 -59.55
N ALA F 121 -4.69 -46.69 -59.93
CA ALA F 121 -4.37 -46.20 -61.25
C ALA F 121 -3.36 -45.09 -60.97
N PRO F 122 -2.11 -45.48 -60.89
CA PRO F 122 -1.04 -44.54 -60.55
C PRO F 122 -0.88 -43.36 -61.46
N ARG F 123 -0.39 -42.29 -60.85
CA ARG F 123 -0.19 -41.08 -61.59
C ARG F 123 1.18 -40.59 -61.25
N PRO F 124 1.73 -39.68 -62.06
CA PRO F 124 3.06 -39.13 -61.78
C PRO F 124 3.04 -38.37 -60.45
N ALA F 125 3.99 -38.62 -59.57
CA ALA F 125 4.02 -38.06 -58.25
C ALA F 125 5.03 -36.96 -58.19
N ILE F 126 4.69 -35.83 -57.55
CA ILE F 126 5.70 -34.77 -57.32
C ILE F 126 6.41 -34.88 -55.94
N LEU F 127 7.67 -35.27 -55.96
CA LEU F 127 8.37 -35.57 -54.69
C LEU F 127 9.57 -34.70 -54.29
N THR F 128 10.01 -33.79 -55.14
CA THR F 128 11.15 -33.01 -54.74
C THR F 128 10.79 -31.60 -55.01
N LEU F 129 11.37 -30.65 -54.28
CA LEU F 129 11.19 -29.27 -54.59
C LEU F 129 11.35 -29.00 -56.09
N ASP F 130 12.32 -29.63 -56.72
CA ASP F 130 12.56 -29.28 -58.10
C ASP F 130 11.36 -29.70 -58.90
N GLN F 131 10.89 -30.93 -58.72
CA GLN F 131 9.71 -31.32 -59.45
C GLN F 131 8.58 -30.30 -59.22
N ALA F 132 8.36 -29.96 -57.96
CA ALA F 132 7.27 -29.10 -57.66
C ALA F 132 7.40 -27.76 -58.34
N LEU F 133 8.61 -27.27 -58.43
CA LEU F 133 8.81 -26.00 -59.03
C LEU F 133 8.57 -26.10 -60.52
N ALA F 134 9.09 -27.16 -61.12
CA ALA F 134 8.90 -27.42 -62.54
C ALA F 134 7.41 -27.48 -62.92
N ALA F 135 6.60 -28.11 -62.08
CA ALA F 135 5.21 -28.33 -62.41
C ALA F 135 4.30 -27.22 -61.91
N ASP F 136 4.90 -26.25 -61.24
CA ASP F 136 4.06 -25.23 -60.57
C ASP F 136 3.11 -25.82 -59.50
N SER F 137 3.56 -26.83 -58.78
CA SER F 137 2.75 -27.40 -57.73
C SER F 137 2.87 -26.57 -56.47
N ARG F 138 1.83 -25.85 -56.11
CA ARG F 138 1.99 -24.96 -54.95
C ARG F 138 0.75 -24.55 -54.24
N PHE F 139 0.94 -23.86 -53.13
CA PHE F 139 -0.19 -23.33 -52.36
C PHE F 139 -0.16 -21.81 -52.47
N GLU F 140 -1.33 -21.16 -52.40
CA GLU F 140 -1.44 -19.69 -52.49
C GLU F 140 -1.17 -19.15 -53.90
N GLY F 141 -1.58 -19.93 -54.88
CA GLY F 141 -1.45 -19.51 -56.26
C GLY F 141 -0.27 -18.63 -56.59
N GLY F 142 0.94 -18.92 -56.09
CA GLY F 142 2.10 -18.08 -56.37
C GLY F 142 2.97 -17.74 -55.19
N PRO F 143 4.22 -17.41 -55.44
CA PRO F 143 5.11 -17.14 -54.30
C PRO F 143 4.71 -15.87 -53.59
N VAL F 144 5.11 -15.74 -52.32
CA VAL F 144 4.86 -14.56 -51.52
C VAL F 144 6.12 -13.71 -51.46
N ILE F 145 6.06 -12.40 -51.79
CA ILE F 145 7.26 -11.58 -51.81
C ILE F 145 7.18 -10.35 -50.90
N TRP F 146 8.18 -10.14 -50.04
CA TRP F 146 8.22 -8.93 -49.22
C TRP F 146 9.51 -8.24 -49.48
N ALA F 147 9.45 -6.91 -49.50
CA ALA F 147 10.60 -6.12 -49.91
C ALA F 147 10.63 -4.79 -49.20
N ARG F 148 11.71 -4.60 -48.46
CA ARG F 148 11.99 -3.36 -47.84
C ARG F 148 13.14 -2.71 -48.61
N GLY F 149 12.96 -1.51 -49.15
CA GLY F 149 14.08 -0.85 -49.82
C GLY F 149 14.40 -1.52 -51.14
N ASP F 150 15.61 -1.27 -51.66
CA ASP F 150 15.97 -1.85 -52.96
C ASP F 150 17.19 -2.69 -52.84
N VAL F 151 17.05 -4.02 -52.87
CA VAL F 151 18.21 -4.88 -52.69
C VAL F 151 19.21 -4.92 -53.82
N GLU F 152 18.73 -5.00 -55.05
CA GLU F 152 19.61 -5.13 -56.22
C GLU F 152 20.48 -3.92 -56.20
N THR F 153 19.85 -2.78 -55.99
CA THR F 153 20.66 -1.59 -55.96
C THR F 153 21.68 -1.74 -54.87
N ALA F 154 21.28 -2.17 -53.70
CA ALA F 154 22.28 -2.21 -52.63
C ALA F 154 23.34 -3.31 -52.78
N LEU F 155 23.01 -4.43 -53.41
CA LEU F 155 24.04 -5.45 -53.64
C LEU F 155 25.00 -5.10 -54.78
N ALA F 156 24.53 -4.34 -55.77
CA ALA F 156 25.38 -3.98 -56.90
C ALA F 156 26.53 -3.12 -56.43
N GLY F 157 26.26 -2.22 -55.50
CA GLY F 157 27.31 -1.33 -55.03
C GLY F 157 28.05 -1.75 -53.77
N ALA F 158 28.03 -3.05 -53.48
CA ALA F 158 28.58 -3.58 -52.24
C ALA F 158 30.06 -4.02 -52.21
N ALA F 159 30.78 -3.50 -51.23
CA ALA F 159 32.18 -3.83 -51.09
C ALA F 159 32.40 -5.35 -50.90
N HIS F 160 31.48 -6.02 -50.27
CA HIS F 160 31.65 -7.46 -50.08
C HIS F 160 30.36 -8.14 -50.27
N LEU F 161 30.43 -9.38 -50.76
CA LEU F 161 29.25 -10.06 -51.16
C LEU F 161 29.40 -11.56 -51.05
N ALA F 162 28.33 -12.23 -50.66
CA ALA F 162 28.37 -13.70 -50.66
C ALA F 162 27.07 -14.25 -51.25
N GLU F 163 27.19 -15.29 -52.08
CA GLU F 163 26.03 -15.95 -52.66
C GLU F 163 26.14 -17.38 -52.21
N GLY F 164 25.02 -17.99 -51.94
CA GLY F 164 25.09 -19.31 -51.42
C GLY F 164 23.74 -19.90 -51.44
N CYS F 165 23.72 -21.23 -51.35
CA CYS F 165 22.50 -21.94 -51.43
C CYS F 165 22.63 -23.11 -50.48
N PHE F 166 21.62 -23.41 -49.68
CA PHE F 166 21.75 -24.59 -48.84
C PHE F 166 20.47 -25.26 -48.38
N GLU F 167 20.50 -26.55 -48.13
CA GLU F 167 19.31 -27.29 -47.76
C GLU F 167 19.20 -27.40 -46.27
N ILE F 168 17.99 -27.52 -45.77
CA ILE F 168 17.74 -27.70 -44.34
C ILE F 168 16.66 -28.75 -44.26
N GLY F 169 16.96 -29.94 -43.79
CA GLY F 169 15.95 -30.93 -43.67
C GLY F 169 14.93 -30.76 -42.53
N GLY F 170 13.78 -31.37 -42.68
CA GLY F 170 12.79 -31.24 -41.67
C GLY F 170 13.18 -31.96 -40.43
N GLN F 171 12.16 -32.39 -39.70
CA GLN F 171 12.38 -32.94 -38.37
C GLN F 171 11.11 -33.63 -37.89
N GLU F 172 11.25 -34.77 -37.24
CA GLU F 172 10.06 -35.45 -36.76
C GLU F 172 9.82 -35.19 -35.21
N HIS F 173 8.64 -34.78 -34.83
CA HIS F 173 8.40 -34.43 -33.47
C HIS F 173 8.94 -35.42 -32.43
N PHE F 174 8.77 -36.71 -32.72
CA PHE F 174 9.05 -37.71 -31.71
C PHE F 174 8.55 -37.42 -30.32
N TYR F 175 7.27 -37.14 -30.15
CA TYR F 175 6.77 -36.99 -28.82
C TYR F 175 6.79 -38.44 -28.27
N LEU F 176 7.18 -38.65 -27.03
CA LEU F 176 7.20 -40.00 -26.47
C LEU F 176 5.80 -40.66 -26.40
N GLU F 177 4.74 -39.90 -26.13
CA GLU F 177 3.41 -40.46 -26.12
C GLU F 177 2.83 -40.15 -27.57
N GLY F 178 2.29 -41.15 -28.28
CA GLY F 178 1.76 -40.89 -29.62
C GLY F 178 0.34 -40.30 -29.73
N GLN F 179 -0.11 -40.02 -30.95
CA GLN F 179 -1.43 -39.45 -31.11
C GLN F 179 -2.42 -40.43 -30.54
N ALA F 180 -3.51 -39.99 -29.94
CA ALA F 180 -4.49 -40.90 -29.40
C ALA F 180 -5.70 -40.14 -28.96
N ALA F 181 -6.84 -40.82 -28.96
CA ALA F 181 -8.08 -40.18 -28.62
C ALA F 181 -9.03 -41.33 -28.28
N LEU F 182 -10.17 -40.97 -27.72
CA LEU F 182 -11.14 -41.91 -27.25
C LEU F 182 -12.40 -41.09 -27.27
N ALA F 183 -13.51 -41.69 -27.74
CA ALA F 183 -14.81 -41.04 -27.75
C ALA F 183 -15.86 -41.88 -27.04
N LEU F 184 -16.70 -41.22 -26.27
CA LEU F 184 -17.79 -41.85 -25.58
C LEU F 184 -19.13 -41.24 -25.97
N PRO F 185 -20.01 -42.05 -26.50
CA PRO F 185 -21.36 -41.59 -26.79
C PRO F 185 -21.95 -41.11 -25.49
N ALA F 186 -22.65 -39.98 -25.50
CA ALA F 186 -23.26 -39.45 -24.30
C ALA F 186 -24.61 -38.81 -24.62
N GLU F 187 -25.61 -39.66 -24.74
CA GLU F 187 -26.97 -39.31 -25.10
C GLU F 187 -27.07 -38.11 -26.04
N GLY F 188 -26.94 -38.38 -27.34
CA GLY F 188 -27.13 -37.32 -28.29
C GLY F 188 -25.84 -36.59 -28.65
N GLY F 189 -24.88 -36.46 -27.71
CA GLY F 189 -23.62 -35.85 -28.04
C GLY F 189 -22.47 -36.83 -27.87
N VAL F 190 -21.25 -36.30 -27.82
CA VAL F 190 -20.17 -37.16 -27.45
C VAL F 190 -19.24 -36.51 -26.46
N VAL F 191 -18.32 -37.30 -25.93
CA VAL F 191 -17.35 -36.74 -25.12
C VAL F 191 -16.05 -37.15 -25.67
N ILE F 192 -15.13 -36.22 -25.88
CA ILE F 192 -13.86 -36.70 -26.41
C ILE F 192 -12.73 -36.44 -25.43
N HIS F 193 -11.87 -37.42 -25.21
CA HIS F 193 -10.64 -37.27 -24.48
C HIS F 193 -9.55 -37.45 -25.58
N CYS F 194 -8.50 -36.66 -25.60
CA CYS F 194 -7.48 -36.89 -26.64
C CYS F 194 -6.18 -36.31 -26.15
N SER F 195 -5.12 -36.57 -26.88
CA SER F 195 -3.86 -36.01 -26.55
C SER F 195 -3.60 -34.88 -27.55
N SER F 196 -4.16 -33.70 -27.33
CA SER F 196 -4.03 -32.67 -28.34
C SER F 196 -3.71 -31.27 -27.75
N GLN F 197 -2.99 -30.44 -28.51
CA GLN F 197 -2.73 -29.08 -28.08
C GLN F 197 -3.86 -28.17 -28.44
N HIS F 198 -4.95 -28.65 -29.02
CA HIS F 198 -6.00 -27.71 -29.45
C HIS F 198 -7.43 -28.19 -29.32
N PRO F 199 -7.84 -28.58 -28.11
CA PRO F 199 -9.17 -29.10 -27.90
C PRO F 199 -10.26 -28.31 -28.51
N SER F 200 -10.26 -27.00 -28.62
CA SER F 200 -11.41 -26.39 -29.29
C SER F 200 -11.45 -26.76 -30.80
N GLU F 201 -10.30 -27.04 -31.42
CA GLU F 201 -10.41 -27.46 -32.77
C GLU F 201 -11.03 -28.86 -32.81
N ILE F 202 -10.51 -29.77 -31.99
CA ILE F 202 -11.10 -31.08 -32.01
C ILE F 202 -12.63 -30.85 -31.85
N GLN F 203 -13.02 -30.00 -30.89
CA GLN F 203 -14.45 -29.85 -30.70
C GLN F 203 -15.14 -29.51 -32.04
N HIS F 204 -14.68 -28.45 -32.68
CA HIS F 204 -15.11 -28.04 -33.99
C HIS F 204 -15.13 -29.17 -35.03
N LYS F 205 -14.04 -29.90 -35.15
CA LYS F 205 -14.03 -30.83 -36.23
C LYS F 205 -14.98 -31.98 -36.02
N VAL F 206 -15.03 -32.49 -34.76
CA VAL F 206 -15.88 -33.61 -34.44
C VAL F 206 -17.29 -33.17 -34.61
N ALA F 207 -17.54 -31.92 -34.29
CA ALA F 207 -18.93 -31.48 -34.47
C ALA F 207 -19.38 -31.50 -35.93
N HIS F 208 -18.51 -31.07 -36.83
CA HIS F 208 -18.92 -31.09 -38.23
C HIS F 208 -18.96 -32.51 -38.80
N ALA F 209 -18.10 -33.40 -38.27
CA ALA F 209 -18.10 -34.73 -38.80
C ALA F 209 -19.34 -35.40 -38.32
N LEU F 210 -19.93 -34.98 -37.20
CA LEU F 210 -21.10 -35.68 -36.74
C LEU F 210 -22.37 -34.96 -37.05
N GLY F 211 -22.37 -33.72 -37.54
CA GLY F 211 -23.67 -33.10 -37.78
C GLY F 211 -24.24 -32.44 -36.52
N LEU F 212 -23.35 -32.23 -35.55
CA LEU F 212 -23.81 -31.66 -34.30
C LEU F 212 -23.51 -30.18 -34.08
N ALA F 213 -24.33 -29.47 -33.30
CA ALA F 213 -23.96 -28.10 -32.89
C ALA F 213 -22.77 -28.23 -31.91
N PHE F 214 -21.96 -27.18 -31.74
CA PHE F 214 -20.77 -27.37 -30.92
C PHE F 214 -21.08 -27.73 -29.46
N HIS F 215 -22.21 -27.22 -28.96
CA HIS F 215 -22.62 -27.54 -27.62
C HIS F 215 -22.86 -29.04 -27.35
N ASP F 216 -22.91 -29.92 -28.35
CA ASP F 216 -23.16 -31.35 -28.04
C ASP F 216 -21.89 -32.15 -28.12
N VAL F 217 -20.76 -31.48 -28.26
CA VAL F 217 -19.45 -32.14 -28.23
C VAL F 217 -18.53 -31.48 -27.17
N ARG F 218 -18.03 -32.24 -26.20
CA ARG F 218 -17.21 -31.75 -25.10
C ARG F 218 -15.87 -32.45 -25.19
N VAL F 219 -14.77 -31.71 -25.01
CA VAL F 219 -13.44 -32.27 -25.16
C VAL F 219 -12.62 -31.95 -23.92
N GLU F 220 -11.92 -32.97 -23.41
CA GLU F 220 -11.21 -32.81 -22.19
C GLU F 220 -9.91 -33.38 -22.45
N MET F 221 -8.88 -32.72 -21.95
CA MET F 221 -7.58 -33.14 -22.25
C MET F 221 -6.83 -32.82 -20.95
N ARG F 222 -6.16 -33.78 -20.33
CA ARG F 222 -5.63 -33.40 -19.07
C ARG F 222 -4.18 -33.14 -19.18
N ARG F 223 -3.44 -33.90 -20.01
CA ARG F 223 -2.03 -33.65 -20.14
C ARG F 223 -1.54 -34.45 -21.36
N MET F 224 -0.45 -34.05 -22.06
CA MET F 224 0.09 -34.85 -23.14
C MET F 224 1.49 -35.28 -22.82
N GLY F 225 1.89 -36.44 -23.29
CA GLY F 225 3.28 -36.81 -23.25
C GLY F 225 4.13 -36.12 -24.30
N GLY F 226 3.94 -34.82 -24.49
CA GLY F 226 4.81 -34.13 -25.42
C GLY F 226 4.01 -33.72 -26.61
N GLY F 227 4.25 -32.50 -27.10
CA GLY F 227 3.54 -31.96 -28.25
C GLY F 227 4.49 -31.34 -29.28
N PHE F 228 5.18 -30.27 -28.88
CA PHE F 228 6.14 -29.60 -29.73
C PHE F 228 5.50 -29.19 -31.00
N GLY F 229 4.20 -28.92 -30.98
CA GLY F 229 3.57 -28.49 -32.21
C GLY F 229 2.96 -29.64 -33.03
N GLY F 230 3.49 -30.85 -32.89
CA GLY F 230 2.91 -32.01 -33.53
C GLY F 230 1.45 -32.34 -33.17
N LYS F 231 0.83 -31.57 -32.30
CA LYS F 231 -0.50 -31.95 -31.85
C LYS F 231 -1.39 -30.76 -31.93
N GLU F 232 -0.92 -29.72 -32.60
CA GLU F 232 -1.77 -28.57 -32.81
C GLU F 232 -2.90 -28.98 -33.74
N SER F 233 -2.66 -29.85 -34.69
CA SER F 233 -3.78 -30.17 -35.60
C SER F 233 -3.93 -31.65 -35.95
N GLN F 234 -2.80 -32.38 -35.97
CA GLN F 234 -2.80 -33.75 -36.34
C GLN F 234 -3.68 -34.56 -35.42
N GLY F 235 -4.31 -33.95 -34.44
CA GLY F 235 -5.13 -34.74 -33.55
C GLY F 235 -6.49 -34.89 -34.20
N ASN F 236 -6.84 -33.99 -35.12
CA ASN F 236 -8.15 -34.05 -35.75
C ASN F 236 -8.51 -35.43 -36.33
N HIS F 237 -7.59 -36.12 -36.99
CA HIS F 237 -7.95 -37.40 -37.55
C HIS F 237 -8.42 -38.48 -36.57
N LEU F 238 -7.73 -38.65 -35.46
CA LEU F 238 -8.05 -39.68 -34.51
C LEU F 238 -9.39 -39.36 -33.89
N ALA F 239 -9.50 -38.13 -33.46
CA ALA F 239 -10.75 -37.73 -32.84
C ALA F 239 -11.90 -37.93 -33.77
N ILE F 240 -11.77 -37.60 -35.06
CA ILE F 240 -12.91 -37.65 -35.95
C ILE F 240 -13.29 -39.11 -36.11
N ALA F 241 -12.28 -39.96 -36.21
CA ALA F 241 -12.54 -41.33 -36.52
C ALA F 241 -13.24 -41.93 -35.32
N CYS F 242 -12.62 -41.89 -34.15
CA CYS F 242 -13.33 -42.27 -32.91
C CYS F 242 -14.81 -41.74 -32.83
N ALA F 243 -15.06 -40.49 -33.07
CA ALA F 243 -16.43 -40.09 -32.93
C ALA F 243 -17.31 -40.78 -33.96
N VAL F 244 -16.86 -40.84 -35.21
CA VAL F 244 -17.69 -41.45 -36.23
C VAL F 244 -17.96 -42.91 -35.81
N ALA F 245 -16.89 -43.67 -35.48
CA ALA F 245 -17.06 -45.08 -35.09
C ALA F 245 -18.05 -45.25 -33.99
N ALA F 246 -17.97 -44.36 -33.03
CA ALA F 246 -18.86 -44.46 -31.87
C ALA F 246 -20.29 -44.14 -32.21
N ARG F 247 -20.56 -43.17 -33.03
CA ARG F 247 -21.92 -42.91 -33.42
C ARG F 247 -22.39 -44.18 -34.16
N ALA F 248 -21.54 -44.83 -34.94
CA ALA F 248 -22.02 -45.93 -35.77
C ALA F 248 -22.22 -47.19 -34.99
N THR F 249 -21.23 -47.62 -34.21
CA THR F 249 -21.44 -48.83 -33.43
C THR F 249 -22.11 -48.61 -32.06
N GLY F 250 -22.47 -47.39 -31.70
CA GLY F 250 -23.07 -47.24 -30.39
C GLY F 250 -22.11 -47.54 -29.21
N ARG F 251 -20.82 -47.61 -29.47
CA ARG F 251 -19.96 -47.86 -28.38
C ARG F 251 -18.71 -47.01 -28.33
N PRO F 252 -18.13 -46.95 -27.15
CA PRO F 252 -16.92 -46.16 -26.95
C PRO F 252 -15.91 -46.60 -27.93
N CYS F 253 -15.11 -45.70 -28.52
CA CYS F 253 -14.03 -46.12 -29.43
C CYS F 253 -12.80 -45.34 -29.17
N LYS F 254 -11.69 -46.02 -29.10
CA LYS F 254 -10.42 -45.46 -28.83
C LYS F 254 -9.55 -45.75 -30.00
N MET F 255 -8.59 -44.84 -30.26
CA MET F 255 -7.61 -45.02 -31.31
C MET F 255 -6.25 -44.46 -30.96
N ARG F 256 -5.24 -45.24 -31.19
CA ARG F 256 -3.93 -44.74 -30.94
C ARG F 256 -2.96 -45.28 -32.01
N TYR F 257 -2.08 -44.42 -32.51
CA TYR F 257 -1.16 -44.86 -33.49
C TYR F 257 0.06 -45.53 -32.94
N ASP F 258 0.32 -46.68 -33.48
CA ASP F 258 1.52 -47.38 -33.28
C ASP F 258 2.63 -46.49 -33.86
N ARG F 259 3.78 -46.49 -33.25
CA ARG F 259 4.77 -45.58 -33.70
C ARG F 259 5.05 -45.54 -35.21
N ASP F 260 5.25 -46.69 -35.85
CA ASP F 260 5.41 -46.72 -37.31
C ASP F 260 4.29 -45.95 -38.03
N ASP F 261 3.05 -46.17 -37.62
CA ASP F 261 2.02 -45.47 -38.32
C ASP F 261 2.19 -44.01 -38.04
N ASP F 262 2.47 -43.70 -36.78
CA ASP F 262 2.49 -42.29 -36.41
C ASP F 262 3.42 -41.59 -37.37
N MET F 263 4.58 -42.15 -37.57
CA MET F 263 5.51 -41.46 -38.41
C MET F 263 5.18 -41.43 -39.86
N VAL F 264 4.33 -42.34 -40.28
CA VAL F 264 4.04 -42.42 -41.67
C VAL F 264 2.92 -41.53 -42.00
N ILE F 265 1.91 -41.42 -41.13
CA ILE F 265 0.74 -40.57 -41.39
C ILE F 265 0.86 -39.07 -41.08
N THR F 266 1.71 -38.63 -40.16
CA THR F 266 1.59 -37.25 -39.68
C THR F 266 2.67 -36.36 -40.17
N GLY F 267 2.44 -35.06 -39.97
CA GLY F 267 3.37 -34.05 -40.41
C GLY F 267 4.72 -33.95 -39.70
N LYS F 268 5.62 -33.16 -40.25
CA LYS F 268 6.91 -32.95 -39.79
C LYS F 268 7.27 -31.50 -40.01
N ARG F 269 8.43 -31.08 -39.49
CA ARG F 269 8.84 -29.69 -39.72
C ARG F 269 9.07 -29.53 -41.20
N HIS F 270 8.63 -28.44 -41.81
CA HIS F 270 8.90 -28.21 -43.20
C HIS F 270 10.37 -28.27 -43.53
N ASP F 271 10.84 -29.09 -44.47
CA ASP F 271 12.21 -28.90 -44.93
C ASP F 271 12.31 -27.73 -45.95
N PHE F 272 13.38 -26.93 -45.88
CA PHE F 272 13.54 -25.74 -46.73
C PHE F 272 14.81 -25.77 -47.58
N ARG F 273 14.83 -25.00 -48.65
CA ARG F 273 16.03 -24.81 -49.45
C ARG F 273 16.09 -23.32 -49.42
N ILE F 274 17.27 -22.79 -49.13
CA ILE F 274 17.41 -21.37 -48.95
C ILE F 274 18.50 -20.85 -49.82
N ARG F 275 18.20 -19.87 -50.64
CA ARG F 275 19.14 -19.30 -51.60
C ARG F 275 19.37 -17.88 -51.09
N TYR F 276 20.62 -17.44 -51.01
CA TYR F 276 20.82 -16.08 -50.55
C TYR F 276 21.86 -15.25 -51.27
N ARG F 277 21.73 -13.94 -51.15
CA ARG F 277 22.80 -13.06 -51.57
C ARG F 277 22.90 -12.05 -50.49
N ILE F 278 24.07 -11.87 -49.93
CA ILE F 278 24.13 -10.86 -48.93
C ILE F 278 25.37 -9.97 -49.11
N GLY F 279 25.25 -8.72 -48.71
CA GLY F 279 26.39 -7.84 -48.88
C GLY F 279 26.60 -6.77 -47.83
N ALA F 280 27.86 -6.41 -47.65
CA ALA F 280 28.20 -5.41 -46.67
C ALA F 280 29.16 -4.33 -47.13
N ASP F 281 29.16 -3.29 -46.31
CA ASP F 281 29.97 -2.08 -46.30
C ASP F 281 31.44 -2.48 -46.21
N ALA F 282 32.32 -1.49 -46.16
CA ALA F 282 33.74 -1.78 -46.04
C ALA F 282 34.04 -2.06 -44.61
N SER F 283 33.24 -1.45 -43.76
CA SER F 283 33.46 -1.55 -42.33
C SER F 283 32.79 -2.78 -41.76
N GLY F 284 31.88 -3.38 -42.52
CA GLY F 284 31.16 -4.52 -42.00
C GLY F 284 29.64 -4.33 -41.84
N LYS F 285 29.10 -3.13 -41.95
CA LYS F 285 27.67 -2.97 -41.77
C LYS F 285 26.92 -3.56 -42.93
N LEU F 286 25.86 -4.31 -42.65
CA LEU F 286 25.12 -4.93 -43.74
C LEU F 286 24.55 -3.83 -44.57
N LEU F 287 24.41 -4.09 -45.87
CA LEU F 287 23.79 -3.20 -46.80
C LEU F 287 22.56 -3.90 -47.31
N GLY F 288 22.58 -5.23 -47.34
CA GLY F 288 21.39 -5.84 -47.92
C GLY F 288 21.36 -7.34 -47.91
N ALA F 289 20.16 -7.90 -48.01
CA ALA F 289 20.11 -9.35 -48.14
C ALA F 289 18.91 -9.76 -48.97
N ASP F 290 19.12 -10.63 -49.93
CA ASP F 290 18.02 -11.12 -50.77
C ASP F 290 17.90 -12.62 -50.50
N PHE F 291 16.74 -13.07 -50.07
CA PHE F 291 16.59 -14.47 -49.80
C PHE F 291 15.49 -15.07 -50.65
N VAL F 292 15.65 -16.35 -50.92
CA VAL F 292 14.54 -17.05 -51.59
C VAL F 292 14.41 -18.32 -50.79
N HIS F 293 13.19 -18.58 -50.29
CA HIS F 293 12.89 -19.77 -49.50
C HIS F 293 12.06 -20.75 -50.33
N LEU F 294 12.45 -22.00 -50.40
CA LEU F 294 11.56 -23.04 -50.99
C LEU F 294 11.15 -23.98 -49.84
N ALA F 295 9.86 -24.17 -49.63
CA ALA F 295 9.52 -25.03 -48.53
C ALA F 295 8.63 -26.10 -49.02
N ARG F 296 8.94 -27.31 -48.57
CA ARG F 296 8.23 -28.51 -48.91
C ARG F 296 7.05 -28.61 -47.98
N CYS F 297 5.83 -28.51 -48.48
CA CYS F 297 4.68 -28.47 -47.59
C CYS F 297 3.90 -29.72 -47.49
N GLY F 298 3.99 -30.62 -48.45
CA GLY F 298 3.10 -31.77 -48.35
C GLY F 298 1.83 -31.61 -49.16
N TRP F 299 0.97 -32.61 -49.05
CA TRP F 299 -0.10 -32.71 -49.99
C TRP F 299 -1.21 -31.76 -49.62
N SER F 300 -1.23 -31.28 -48.41
CA SER F 300 -2.29 -30.35 -48.11
C SER F 300 -1.76 -29.16 -47.36
N ALA F 301 -2.48 -28.08 -47.36
CA ALA F 301 -1.94 -26.86 -46.76
C ALA F 301 -1.63 -26.94 -45.24
N ASP F 302 -2.58 -27.49 -44.49
CA ASP F 302 -2.36 -27.65 -43.08
C ASP F 302 -1.93 -26.30 -42.44
N LEU F 303 -0.74 -26.21 -41.84
CA LEU F 303 -0.35 -24.92 -41.24
C LEU F 303 0.79 -24.20 -41.98
N SER F 304 1.06 -24.66 -43.20
CA SER F 304 2.12 -24.13 -44.02
C SER F 304 2.09 -22.59 -44.14
N LEU F 305 0.92 -21.98 -44.20
CA LEU F 305 0.83 -20.55 -44.41
C LEU F 305 1.44 -19.72 -43.28
N PRO F 306 0.94 -19.86 -42.08
CA PRO F 306 1.59 -19.18 -40.96
C PRO F 306 2.99 -19.76 -40.78
N VAL F 307 3.25 -21.05 -40.98
CA VAL F 307 4.65 -21.43 -40.80
C VAL F 307 5.56 -20.65 -41.76
N CYS F 308 5.21 -20.56 -43.03
CA CYS F 308 6.09 -19.85 -43.93
C CYS F 308 6.16 -18.31 -43.67
N ASP F 309 5.03 -17.76 -43.26
CA ASP F 309 5.02 -16.36 -42.85
C ASP F 309 5.99 -16.14 -41.69
N ARG F 310 5.98 -17.06 -40.75
CA ARG F 310 6.89 -16.86 -39.65
C ARG F 310 8.35 -16.95 -40.12
N ALA F 311 8.67 -17.85 -41.03
CA ALA F 311 10.06 -17.85 -41.60
C ALA F 311 10.38 -16.50 -42.25
N MET F 312 9.47 -15.94 -43.03
CA MET F 312 9.80 -14.68 -43.65
C MET F 312 10.00 -13.64 -42.55
N LEU F 313 9.16 -13.70 -41.54
CA LEU F 313 9.29 -12.75 -40.46
C LEU F 313 10.62 -12.82 -39.75
N HIS F 314 11.38 -13.92 -39.85
CA HIS F 314 12.63 -13.94 -39.13
C HIS F 314 13.83 -13.99 -40.05
N ALA F 315 13.58 -13.76 -41.34
CA ALA F 315 14.69 -13.71 -42.26
C ALA F 315 15.74 -12.68 -41.88
N ASP F 316 15.42 -11.79 -40.96
CA ASP F 316 16.41 -10.84 -40.53
C ASP F 316 17.32 -11.38 -39.43
N GLY F 317 17.00 -12.54 -38.90
CA GLY F 317 17.74 -13.02 -37.72
C GLY F 317 17.75 -11.97 -36.59
N SER F 318 18.90 -11.81 -35.96
CA SER F 318 19.11 -10.76 -35.06
C SER F 318 19.65 -9.44 -35.69
N TYR F 319 19.64 -9.23 -36.99
CA TYR F 319 20.33 -8.05 -37.49
C TYR F 319 19.51 -6.97 -38.21
N PHE F 320 19.92 -5.72 -38.04
CA PHE F 320 19.29 -4.62 -38.75
C PHE F 320 19.81 -4.65 -40.20
N VAL F 321 18.91 -4.62 -41.17
CA VAL F 321 19.29 -4.73 -42.59
C VAL F 321 18.55 -3.71 -43.40
N PRO F 322 19.24 -2.72 -43.92
CA PRO F 322 18.57 -1.60 -44.56
C PRO F 322 17.77 -2.05 -45.69
N ALA F 323 18.23 -3.02 -46.48
CA ALA F 323 17.45 -3.50 -47.60
C ALA F 323 17.41 -4.99 -47.51
N LEU F 324 16.21 -5.56 -47.67
CA LEU F 324 16.05 -7.02 -47.56
C LEU F 324 14.90 -7.46 -48.35
N ARG F 325 15.01 -8.52 -49.15
CA ARG F 325 13.85 -9.03 -49.92
C ARG F 325 13.63 -10.49 -49.56
N ILE F 326 12.39 -10.97 -49.49
CA ILE F 326 12.17 -12.40 -49.34
C ILE F 326 11.15 -12.85 -50.30
N GLU F 327 11.46 -13.93 -51.00
CA GLU F 327 10.50 -14.60 -51.91
C GLU F 327 10.23 -15.97 -51.36
N SER F 328 8.99 -16.25 -51.03
CA SER F 328 8.72 -17.51 -50.33
C SER F 328 7.88 -18.48 -51.13
N HIS F 329 8.37 -19.68 -51.46
CA HIS F 329 7.55 -20.60 -52.26
C HIS F 329 6.95 -21.69 -51.44
N ARG F 330 5.63 -21.83 -51.42
CA ARG F 330 5.17 -22.96 -50.63
C ARG F 330 4.80 -24.05 -51.57
N LEU F 331 5.65 -25.07 -51.63
CA LEU F 331 5.45 -26.13 -52.62
C LEU F 331 4.69 -27.34 -52.18
N ARG F 332 3.64 -27.67 -52.93
CA ARG F 332 2.85 -28.88 -52.69
C ARG F 332 3.50 -30.10 -53.31
N THR F 333 3.72 -31.17 -52.53
CA THR F 333 4.29 -32.39 -53.05
C THR F 333 3.50 -33.59 -52.52
N ASN F 334 3.77 -34.78 -53.02
CA ASN F 334 2.97 -35.91 -52.56
C ASN F 334 3.59 -36.59 -51.35
N THR F 335 3.79 -35.83 -50.29
CA THR F 335 4.29 -36.42 -49.09
C THR F 335 3.48 -35.89 -47.92
N GLN F 336 3.80 -36.41 -46.75
CA GLN F 336 3.20 -36.04 -45.51
C GLN F 336 3.02 -34.56 -45.45
N SER F 337 1.86 -34.21 -44.94
CA SER F 337 1.47 -32.84 -44.88
C SER F 337 2.12 -32.14 -43.73
N ASN F 338 3.12 -31.32 -44.03
CA ASN F 338 3.90 -30.69 -43.00
C ASN F 338 3.15 -29.70 -42.04
N THR F 339 3.76 -29.37 -40.93
CA THR F 339 2.94 -28.73 -39.93
C THR F 339 3.72 -28.06 -38.86
N ALA F 340 3.10 -27.72 -37.75
CA ALA F 340 3.90 -27.04 -36.70
C ALA F 340 5.04 -27.84 -36.10
N PHE F 341 6.06 -27.13 -35.71
CA PHE F 341 7.10 -27.73 -34.90
C PHE F 341 7.79 -26.56 -34.19
N ARG F 342 7.93 -26.69 -32.88
CA ARG F 342 8.67 -25.71 -32.05
C ARG F 342 9.47 -24.70 -32.80
N GLY F 343 8.99 -23.48 -32.88
CA GLY F 343 9.73 -22.50 -33.62
C GLY F 343 8.87 -22.07 -34.78
N PHE F 344 8.03 -22.97 -35.27
CA PHE F 344 7.03 -22.58 -36.21
C PHE F 344 7.62 -21.72 -37.30
N GLY F 345 8.61 -22.21 -38.02
CA GLY F 345 9.18 -21.47 -39.15
C GLY F 345 10.31 -20.52 -38.83
N GLY F 346 10.37 -20.07 -37.59
CA GLY F 346 11.40 -19.13 -37.23
C GLY F 346 12.77 -19.69 -37.47
N PRO F 347 13.00 -20.92 -37.02
CA PRO F 347 14.35 -21.42 -37.10
C PRO F 347 14.75 -21.41 -38.56
N GLN F 348 13.88 -21.84 -39.47
CA GLN F 348 14.32 -21.88 -40.85
C GLN F 348 14.76 -20.49 -41.25
N GLY F 349 13.86 -19.54 -41.18
CA GLY F 349 14.21 -18.19 -41.57
C GLY F 349 15.44 -17.75 -40.81
N ALA F 350 15.53 -18.12 -39.56
CA ALA F 350 16.68 -17.55 -38.89
C ALA F 350 17.92 -18.19 -39.38
N LEU F 351 17.93 -19.52 -39.53
CA LEU F 351 19.13 -20.23 -40.00
C LEU F 351 19.54 -19.68 -41.35
N GLY F 352 18.55 -19.33 -42.14
CA GLY F 352 18.82 -18.71 -43.40
C GLY F 352 19.79 -17.58 -43.23
N MET F 353 19.54 -16.65 -42.33
CA MET F 353 20.45 -15.51 -42.20
C MET F 353 21.74 -15.82 -41.46
N GLU F 354 21.71 -16.61 -40.40
CA GLU F 354 23.00 -16.95 -39.84
C GLU F 354 23.94 -17.61 -40.86
N ARG F 355 23.45 -18.53 -41.72
CA ARG F 355 24.34 -19.16 -42.69
C ARG F 355 24.94 -18.06 -43.53
N ALA F 356 24.09 -17.26 -44.18
CA ALA F 356 24.57 -16.15 -45.01
C ALA F 356 25.66 -15.29 -44.37
N ILE F 357 25.40 -14.87 -43.13
CA ILE F 357 26.35 -14.00 -42.48
C ILE F 357 27.60 -14.74 -42.18
N GLU F 358 27.52 -16.02 -41.98
CA GLU F 358 28.75 -16.71 -41.75
C GLU F 358 29.58 -16.70 -43.02
N HIS F 359 28.88 -16.92 -44.14
CA HIS F 359 29.51 -17.05 -45.42
C HIS F 359 30.21 -15.73 -45.61
N LEU F 360 29.44 -14.64 -45.54
CA LEU F 360 29.95 -13.31 -45.73
C LEU F 360 31.20 -13.03 -44.90
N ALA F 361 31.21 -13.50 -43.67
CA ALA F 361 32.37 -13.24 -42.84
C ALA F 361 33.58 -14.02 -43.30
N ARG F 362 33.39 -15.26 -43.75
CA ARG F 362 34.54 -16.05 -44.17
C ARG F 362 35.06 -15.38 -45.37
N GLY F 363 34.16 -14.78 -46.12
CA GLY F 363 34.48 -14.05 -47.33
C GLY F 363 35.39 -12.87 -47.13
N MET F 364 35.27 -12.18 -46.01
CA MET F 364 36.13 -10.99 -45.82
C MET F 364 37.20 -11.25 -44.78
N GLY F 365 37.38 -12.51 -44.45
CA GLY F 365 38.42 -12.87 -43.52
C GLY F 365 38.15 -12.27 -42.17
N ARG F 366 36.91 -11.89 -41.90
CA ARG F 366 36.61 -11.34 -40.60
C ARG F 366 36.04 -12.38 -39.68
N ASP F 367 36.21 -12.19 -38.37
CA ASP F 367 35.67 -13.10 -37.38
C ASP F 367 34.16 -12.90 -37.31
N PRO F 368 33.46 -14.00 -37.49
CA PRO F 368 32.01 -13.98 -37.57
C PRO F 368 31.44 -13.21 -36.39
N ALA F 369 32.01 -13.45 -35.23
CA ALA F 369 31.49 -12.89 -34.01
C ALA F 369 31.35 -11.39 -33.99
N GLU F 370 32.41 -10.70 -34.40
CA GLU F 370 32.42 -9.26 -34.52
C GLU F 370 31.54 -8.80 -35.63
N LEU F 371 31.44 -9.59 -36.70
CA LEU F 371 30.58 -9.14 -37.79
C LEU F 371 29.17 -9.13 -37.24
N ARG F 372 28.83 -10.22 -36.57
CA ARG F 372 27.53 -10.27 -35.91
C ARG F 372 27.30 -9.09 -34.94
N ALA F 373 28.20 -8.98 -33.98
CA ALA F 373 28.10 -7.99 -32.95
C ALA F 373 27.86 -6.61 -33.51
N LEU F 374 28.52 -6.31 -34.63
CA LEU F 374 28.39 -5.07 -35.29
C LEU F 374 27.04 -4.85 -35.89
N ASN F 375 26.21 -5.87 -36.06
CA ASN F 375 25.00 -5.68 -36.86
C ASN F 375 23.69 -5.89 -36.10
N PHE F 376 23.83 -6.31 -34.86
CA PHE F 376 22.67 -6.48 -34.00
C PHE F 376 21.87 -5.22 -34.00
N TYR F 377 20.57 -5.34 -33.72
CA TYR F 377 19.82 -4.08 -33.65
C TYR F 377 20.39 -3.19 -32.54
N ASP F 378 20.05 -1.91 -32.61
CA ASP F 378 20.61 -0.96 -31.63
C ASP F 378 19.92 -1.15 -30.30
N PRO F 379 20.63 -0.96 -29.19
CA PRO F 379 20.02 -1.07 -27.86
C PRO F 379 18.89 -0.06 -27.74
N PRO F 380 18.07 -0.21 -26.73
CA PRO F 380 16.91 0.68 -26.54
C PRO F 380 17.38 1.98 -25.88
N GLU F 381 16.61 3.07 -26.02
CA GLU F 381 17.01 4.38 -25.45
C GLU F 381 18.28 4.91 -26.14
N LYS F 398 15.58 9.62 -31.08
CA LYS F 398 14.99 9.91 -32.39
C LYS F 398 15.08 8.64 -33.29
N LYS F 399 13.98 8.32 -33.97
CA LYS F 399 13.88 7.17 -34.90
C LYS F 399 14.56 5.84 -34.45
N THR F 400 13.71 4.91 -34.06
CA THR F 400 14.19 3.61 -33.62
C THR F 400 14.21 2.73 -34.88
N GLN F 401 15.15 1.80 -34.97
CA GLN F 401 15.24 0.97 -36.14
C GLN F 401 14.02 0.09 -36.26
N THR F 402 13.71 -0.38 -37.46
CA THR F 402 12.56 -1.25 -37.62
C THR F 402 13.06 -2.52 -38.23
N THR F 403 12.20 -3.54 -38.30
CA THR F 403 12.51 -4.78 -38.97
C THR F 403 12.06 -4.59 -40.39
N HIS F 404 12.33 -5.56 -41.23
CA HIS F 404 11.81 -5.42 -42.57
C HIS F 404 10.30 -5.40 -42.71
N TYR F 405 9.55 -5.67 -41.65
CA TYR F 405 8.09 -5.62 -41.78
C TYR F 405 7.57 -4.36 -41.09
N GLY F 406 8.53 -3.58 -40.62
CA GLY F 406 8.18 -2.27 -40.15
C GLY F 406 7.73 -2.21 -38.72
N GLN F 407 8.34 -2.96 -37.84
CA GLN F 407 7.93 -2.90 -36.47
C GLN F 407 9.15 -2.41 -35.70
N GLU F 408 8.93 -1.55 -34.74
CA GLU F 408 10.07 -1.00 -34.07
C GLU F 408 10.71 -2.01 -33.14
N VAL F 409 12.03 -2.09 -33.11
CA VAL F 409 12.69 -3.01 -32.18
C VAL F 409 13.18 -2.21 -30.99
N ALA F 410 12.40 -2.21 -29.92
CA ALA F 410 12.69 -1.29 -28.85
C ALA F 410 13.19 -2.03 -27.64
N ASP F 411 13.42 -3.32 -27.79
CA ASP F 411 13.90 -4.06 -26.64
C ASP F 411 15.14 -4.91 -26.87
N CYS F 412 15.98 -4.63 -27.85
CA CYS F 412 17.12 -5.50 -28.13
C CYS F 412 18.40 -5.43 -27.20
N VAL F 413 18.62 -6.43 -26.38
CA VAL F 413 19.72 -6.41 -25.44
C VAL F 413 20.89 -7.32 -25.85
N LEU F 414 20.83 -7.76 -27.11
CA LEU F 414 21.81 -8.67 -27.66
C LEU F 414 23.23 -8.22 -27.44
N GLY F 415 23.49 -6.94 -27.79
CA GLY F 415 24.80 -6.33 -27.60
C GLY F 415 25.37 -6.63 -26.23
N GLU F 416 24.65 -6.20 -25.19
CA GLU F 416 25.10 -6.38 -23.82
C GLU F 416 25.11 -7.88 -23.44
N LEU F 417 24.09 -8.60 -23.84
CA LEU F 417 24.00 -10.03 -23.51
C LEU F 417 25.16 -10.84 -24.12
N VAL F 418 25.40 -10.57 -25.39
CA VAL F 418 26.37 -11.40 -26.04
C VAL F 418 27.67 -11.19 -25.32
N THR F 419 28.03 -9.91 -25.17
CA THR F 419 29.26 -9.52 -24.47
C THR F 419 29.36 -10.25 -23.14
N ARG F 420 28.29 -10.20 -22.37
CA ARG F 420 28.35 -10.89 -21.12
C ARG F 420 28.60 -12.35 -21.36
N LEU F 421 27.90 -12.97 -22.32
CA LEU F 421 28.11 -14.40 -22.53
C LEU F 421 29.52 -14.79 -22.96
N GLN F 422 30.07 -14.07 -23.94
CA GLN F 422 31.46 -14.28 -24.34
C GLN F 422 32.43 -14.24 -23.15
N LYS F 423 32.25 -13.28 -22.28
CA LYS F 423 33.20 -13.24 -21.19
C LYS F 423 32.93 -14.32 -20.19
N SER F 424 31.68 -14.57 -19.82
CA SER F 424 31.48 -15.65 -18.87
C SER F 424 31.94 -16.96 -19.48
N ALA F 425 31.85 -17.07 -20.81
CA ALA F 425 32.16 -18.33 -21.50
C ALA F 425 33.62 -18.54 -21.72
N ASN F 426 34.36 -17.43 -21.81
CA ASN F 426 35.80 -17.48 -21.91
C ASN F 426 36.15 -17.51 -23.35
N PHE F 427 35.20 -17.08 -24.15
CA PHE F 427 35.26 -17.19 -25.60
C PHE F 427 36.62 -16.98 -26.24
N THR F 428 37.23 -15.84 -25.95
CA THR F 428 38.43 -15.41 -26.68
C THR F 428 39.59 -16.35 -26.45
N THR F 429 39.91 -16.58 -25.20
CA THR F 429 40.95 -17.51 -24.86
C THR F 429 40.64 -18.90 -25.41
N ARG F 430 39.38 -19.28 -25.38
CA ARG F 430 39.03 -20.61 -25.84
C ARG F 430 39.22 -20.70 -27.34
N ARG F 431 38.90 -19.64 -28.04
CA ARG F 431 39.10 -19.66 -29.47
C ARG F 431 40.58 -19.91 -29.86
N ALA F 432 41.52 -19.39 -29.08
CA ALA F 432 42.92 -19.53 -29.38
C ALA F 432 43.37 -20.92 -29.02
N GLU F 433 42.96 -21.39 -27.85
CA GLU F 433 43.35 -22.72 -27.44
C GLU F 433 43.02 -23.70 -28.57
N ILE F 434 41.87 -23.53 -29.18
CA ILE F 434 41.39 -24.40 -30.24
C ILE F 434 42.26 -24.27 -31.48
N ALA F 435 42.48 -23.05 -31.96
CA ALA F 435 43.38 -22.92 -33.11
C ALA F 435 44.69 -23.66 -32.87
N ALA F 436 45.38 -23.31 -31.80
CA ALA F 436 46.58 -24.05 -31.45
C ALA F 436 46.42 -25.57 -31.46
N TRP F 437 45.41 -26.08 -30.76
CA TRP F 437 45.15 -27.51 -30.73
C TRP F 437 44.95 -28.06 -32.15
N ASN F 438 44.27 -27.32 -33.03
CA ASN F 438 43.94 -27.87 -34.33
C ASN F 438 45.22 -28.08 -35.09
N SER F 439 46.10 -27.09 -35.00
CA SER F 439 47.37 -27.15 -35.75
C SER F 439 48.30 -28.30 -35.35
N THR F 440 48.01 -28.97 -34.25
CA THR F 440 48.83 -30.07 -33.77
C THR F 440 48.15 -31.42 -34.06
N ASN F 441 46.96 -31.35 -34.61
CA ASN F 441 46.23 -32.55 -34.94
C ASN F 441 45.99 -32.68 -36.42
N ARG F 442 46.05 -33.92 -36.87
CA ARG F 442 45.77 -34.19 -38.27
C ARG F 442 44.55 -35.08 -38.49
N THR F 443 43.95 -35.60 -37.43
CA THR F 443 42.76 -36.41 -37.58
C THR F 443 41.47 -35.76 -36.98
N LEU F 444 41.61 -35.08 -35.86
CA LEU F 444 40.52 -34.40 -35.26
C LEU F 444 40.58 -32.91 -35.47
N ALA F 445 39.47 -32.23 -35.29
CA ALA F 445 39.53 -30.79 -35.31
C ALA F 445 38.40 -30.22 -34.47
N ARG F 446 38.74 -29.22 -33.67
CA ARG F 446 37.71 -28.68 -32.78
C ARG F 446 37.15 -27.47 -33.44
N GLY F 447 35.97 -27.03 -33.04
CA GLY F 447 35.33 -25.86 -33.63
C GLY F 447 34.48 -25.14 -32.62
N ILE F 448 34.26 -23.83 -32.81
CA ILE F 448 33.48 -23.14 -31.83
C ILE F 448 32.74 -21.99 -32.38
N ALA F 449 31.49 -21.79 -31.98
CA ALA F 449 30.76 -20.69 -32.58
C ALA F 449 29.73 -20.03 -31.63
N LEU F 450 29.42 -18.76 -31.90
CA LEU F 450 28.41 -18.04 -31.16
C LEU F 450 27.20 -17.79 -32.02
N SER F 451 26.02 -18.06 -31.52
CA SER F 451 24.86 -17.77 -32.28
C SER F 451 23.74 -17.06 -31.43
N PRO F 452 23.16 -16.02 -31.97
CA PRO F 452 22.16 -15.24 -31.25
C PRO F 452 20.77 -15.53 -31.68
N VAL F 453 19.82 -15.21 -30.83
CA VAL F 453 18.44 -15.39 -31.15
C VAL F 453 17.60 -14.19 -30.90
N LYS F 454 16.62 -13.99 -31.75
CA LYS F 454 15.69 -12.93 -31.59
C LYS F 454 14.40 -13.42 -32.17
N PHE F 455 13.42 -13.80 -31.33
CA PHE F 455 12.18 -14.39 -31.71
C PHE F 455 10.98 -13.57 -31.30
N GLY F 456 10.03 -13.40 -32.21
CA GLY F 456 8.82 -12.62 -31.91
C GLY F 456 7.71 -13.43 -31.24
N ILE F 457 6.88 -12.84 -30.39
CA ILE F 457 5.95 -13.62 -29.65
C ILE F 457 4.50 -13.15 -29.89
N SER F 458 3.64 -14.07 -30.33
CA SER F 458 2.23 -13.83 -30.57
C SER F 458 1.80 -14.51 -31.82
N PHE F 459 0.60 -15.06 -31.92
CA PHE F 459 0.23 -15.73 -33.17
C PHE F 459 0.15 -14.67 -34.21
N THR F 460 0.62 -14.92 -35.43
CA THR F 460 0.57 -13.92 -36.53
C THR F 460 -0.79 -13.82 -37.13
N LEU F 461 -1.67 -14.70 -36.74
CA LEU F 461 -3.08 -14.63 -37.12
C LEU F 461 -3.69 -13.91 -35.89
N THR F 462 -3.78 -12.62 -35.97
CA THR F 462 -4.11 -11.85 -34.78
C THR F 462 -5.16 -12.27 -33.77
N HIS F 463 -6.37 -12.55 -34.24
CA HIS F 463 -7.46 -12.88 -33.35
C HIS F 463 -7.22 -14.14 -32.51
N LEU F 464 -6.10 -14.83 -32.68
CA LEU F 464 -5.95 -16.01 -31.91
C LEU F 464 -5.35 -15.64 -30.61
N ASN F 465 -5.09 -14.37 -30.46
CA ASN F 465 -4.37 -13.95 -29.26
C ASN F 465 -5.39 -13.59 -28.21
N GLN F 466 -6.01 -14.62 -27.66
CA GLN F 466 -7.06 -14.50 -26.65
C GLN F 466 -7.01 -15.71 -25.74
N ALA F 467 -7.51 -15.58 -24.53
CA ALA F 467 -7.46 -16.70 -23.62
C ALA F 467 -8.48 -16.46 -22.50
N GLY F 468 -8.95 -17.55 -21.88
CA GLY F 468 -9.93 -17.40 -20.83
C GLY F 468 -9.52 -18.30 -19.68
N ALA F 469 -10.13 -18.03 -18.52
CA ALA F 469 -10.02 -18.89 -17.36
C ALA F 469 -11.24 -18.86 -16.52
N LEU F 470 -11.32 -19.82 -15.61
CA LEU F 470 -12.48 -19.92 -14.72
C LEU F 470 -11.86 -20.31 -13.41
N VAL F 471 -12.22 -19.62 -12.35
CA VAL F 471 -11.72 -19.97 -11.01
C VAL F 471 -12.85 -20.14 -9.96
N GLN F 472 -12.65 -21.05 -9.04
CA GLN F 472 -13.71 -21.26 -8.03
C GLN F 472 -13.05 -21.38 -6.71
N ILE F 473 -13.61 -20.68 -5.72
CA ILE F 473 -13.15 -20.97 -4.32
C ILE F 473 -14.21 -21.75 -3.59
N TYR F 474 -13.84 -22.83 -2.98
CA TYR F 474 -14.85 -23.58 -2.19
C TYR F 474 -14.93 -23.05 -0.73
N THR F 475 -15.97 -23.35 0.02
CA THR F 475 -16.07 -22.80 1.35
C THR F 475 -15.00 -23.24 2.32
N ASP F 476 -14.18 -24.28 2.05
CA ASP F 476 -13.08 -24.56 2.98
C ASP F 476 -11.86 -23.75 2.57
N GLY F 477 -11.98 -22.87 1.54
CA GLY F 477 -10.84 -22.07 1.11
C GLY F 477 -9.93 -22.74 0.08
N SER F 478 -10.13 -24.02 -0.20
CA SER F 478 -9.34 -24.55 -1.31
C SER F 478 -9.81 -23.92 -2.68
N VAL F 479 -8.94 -24.02 -3.65
CA VAL F 479 -9.19 -23.32 -4.92
C VAL F 479 -8.89 -24.30 -6.05
N ALA F 480 -9.77 -24.19 -7.05
CA ALA F 480 -9.72 -25.00 -8.30
C ALA F 480 -9.57 -23.99 -9.39
N LEU F 481 -8.54 -24.23 -10.18
CA LEU F 481 -8.15 -23.36 -11.26
C LEU F 481 -8.33 -24.01 -12.62
N ASN F 482 -8.90 -23.31 -13.57
CA ASN F 482 -9.03 -23.88 -14.91
C ASN F 482 -8.75 -22.84 -16.00
N HIS F 483 -8.00 -23.22 -17.03
CA HIS F 483 -7.78 -22.25 -18.11
C HIS F 483 -7.69 -22.96 -19.45
N GLY F 484 -7.61 -22.21 -20.55
CA GLY F 484 -7.54 -22.82 -21.86
C GLY F 484 -6.21 -23.51 -22.29
N GLY F 485 -5.09 -23.29 -21.64
CA GLY F 485 -3.90 -23.90 -22.18
C GLY F 485 -3.84 -25.33 -21.83
N THR F 486 -2.87 -26.05 -22.35
CA THR F 486 -2.85 -27.52 -22.20
C THR F 486 -1.44 -27.88 -21.89
N GLU F 487 -1.27 -28.90 -21.09
CA GLU F 487 0.02 -29.18 -20.56
C GLU F 487 0.68 -30.24 -21.43
N MET F 488 1.89 -30.01 -21.86
CA MET F 488 2.53 -30.97 -22.64
C MET F 488 3.88 -31.14 -22.09
N GLY F 489 4.08 -30.66 -20.86
CA GLY F 489 5.37 -30.86 -20.21
C GLY F 489 6.12 -29.53 -19.94
N GLN F 490 5.53 -28.43 -20.36
CA GLN F 490 6.28 -27.20 -20.27
C GLN F 490 5.96 -26.45 -19.03
N GLY F 491 5.21 -27.04 -18.09
CA GLY F 491 4.97 -26.40 -16.81
C GLY F 491 3.86 -25.40 -16.85
N LEU F 492 3.16 -25.33 -17.96
CA LEU F 492 2.12 -24.37 -17.99
C LEU F 492 1.26 -24.43 -16.69
N HIS F 493 0.93 -25.63 -16.24
CA HIS F 493 -0.03 -25.58 -15.10
C HIS F 493 0.65 -25.06 -13.78
N ALA F 494 1.92 -25.43 -13.51
CA ALA F 494 2.55 -24.85 -12.31
C ALA F 494 2.49 -23.34 -12.38
N LYS F 495 2.89 -22.78 -13.51
CA LYS F 495 2.99 -21.37 -13.57
C LYS F 495 1.65 -20.84 -13.33
N MET F 496 0.60 -21.44 -13.83
CA MET F 496 -0.71 -20.80 -13.57
C MET F 496 -1.06 -20.95 -12.07
N VAL F 497 -0.55 -22.00 -11.45
CA VAL F 497 -0.87 -22.22 -10.09
C VAL F 497 -0.23 -21.03 -9.33
N GLN F 498 1.02 -20.77 -9.64
CA GLN F 498 1.66 -19.62 -9.00
C GLN F 498 0.93 -18.33 -9.31
N VAL F 499 0.63 -18.05 -10.56
CA VAL F 499 0.05 -16.74 -10.74
C VAL F 499 -1.09 -16.68 -9.80
N ALA F 500 -1.89 -17.73 -9.79
CA ALA F 500 -3.06 -17.70 -8.93
C ALA F 500 -2.74 -17.52 -7.43
N ALA F 501 -1.86 -18.32 -6.90
CA ALA F 501 -1.50 -18.18 -5.52
C ALA F 501 -1.01 -16.75 -5.23
N ALA F 502 -0.34 -16.13 -6.18
CA ALA F 502 0.22 -14.85 -5.88
C ALA F 502 -0.86 -13.79 -5.92
N VAL F 503 -1.76 -13.83 -6.88
CA VAL F 503 -2.77 -12.80 -6.87
C VAL F 503 -3.80 -12.99 -5.75
N LEU F 504 -4.06 -14.22 -5.34
CA LEU F 504 -5.08 -14.40 -4.27
C LEU F 504 -4.48 -14.22 -2.86
N GLY F 505 -3.19 -14.39 -2.71
CA GLY F 505 -2.54 -14.14 -1.44
C GLY F 505 -2.42 -15.34 -0.57
N ILE F 506 -2.40 -16.54 -1.18
CA ILE F 506 -2.38 -17.79 -0.44
C ILE F 506 -1.33 -18.72 -0.96
N ASP F 507 -1.13 -19.79 -0.23
CA ASP F 507 -0.14 -20.77 -0.60
C ASP F 507 -0.58 -21.67 -1.80
N PRO F 508 0.30 -21.86 -2.76
CA PRO F 508 0.00 -22.64 -3.97
C PRO F 508 -0.59 -24.02 -3.67
N VAL F 509 -0.20 -24.64 -2.59
CA VAL F 509 -0.81 -25.90 -2.20
C VAL F 509 -2.33 -25.89 -2.09
N GLN F 510 -2.93 -24.71 -1.96
CA GLN F 510 -4.33 -24.52 -1.86
C GLN F 510 -4.95 -24.43 -3.24
N VAL F 511 -4.15 -24.48 -4.29
CA VAL F 511 -4.77 -24.27 -5.59
C VAL F 511 -4.64 -25.52 -6.45
N ARG F 512 -5.71 -26.14 -6.93
CA ARG F 512 -5.56 -27.40 -7.72
C ARG F 512 -5.93 -27.15 -9.16
N ILE F 513 -5.11 -27.67 -10.07
CA ILE F 513 -5.43 -27.55 -11.49
C ILE F 513 -6.41 -28.61 -11.95
N THR F 514 -7.44 -28.18 -12.68
CA THR F 514 -8.39 -29.11 -13.37
C THR F 514 -8.06 -29.31 -14.83
N ALA F 515 -8.43 -30.43 -15.41
CA ALA F 515 -8.12 -30.70 -16.86
C ALA F 515 -8.60 -29.63 -17.81
N THR F 516 -7.92 -29.47 -18.93
CA THR F 516 -8.47 -28.53 -19.90
C THR F 516 -9.83 -29.08 -20.42
N ASP F 517 -10.83 -28.22 -20.58
CA ASP F 517 -12.13 -28.71 -20.92
C ASP F 517 -12.98 -27.66 -21.62
N THR F 518 -13.29 -27.91 -22.88
CA THR F 518 -14.01 -26.92 -23.68
C THR F 518 -15.36 -26.52 -23.10
N SER F 519 -15.84 -27.20 -22.06
CA SER F 519 -17.13 -26.83 -21.51
C SER F 519 -16.99 -25.95 -20.29
N LYS F 520 -15.74 -25.61 -19.99
CA LYS F 520 -15.43 -24.77 -18.86
C LYS F 520 -14.91 -23.43 -19.41
N VAL F 521 -13.92 -23.47 -20.30
CA VAL F 521 -13.48 -22.28 -21.01
C VAL F 521 -13.64 -22.55 -22.51
N PRO F 522 -14.48 -21.79 -23.15
CA PRO F 522 -14.80 -22.00 -24.57
C PRO F 522 -13.98 -21.19 -25.56
N ASN F 523 -13.91 -21.64 -26.83
CA ASN F 523 -13.33 -20.89 -27.93
C ASN F 523 -11.89 -20.52 -27.74
N THR F 524 -11.08 -21.49 -27.33
CA THR F 524 -9.67 -21.25 -27.07
C THR F 524 -8.89 -21.44 -28.33
N SER F 525 -7.61 -21.07 -28.24
CA SER F 525 -6.72 -21.12 -29.36
C SER F 525 -5.86 -22.24 -29.05
N ALA F 526 -5.05 -22.69 -29.97
CA ALA F 526 -4.16 -23.79 -29.64
C ALA F 526 -3.26 -23.28 -28.58
N THR F 527 -2.68 -24.15 -27.81
CA THR F 527 -1.63 -23.69 -26.99
C THR F 527 -0.46 -23.77 -27.93
N ALA F 528 -0.01 -22.61 -28.35
CA ALA F 528 1.10 -22.56 -29.30
C ALA F 528 1.80 -21.19 -29.39
N ALA F 529 2.81 -21.13 -30.27
CA ALA F 529 3.42 -19.85 -30.53
C ALA F 529 3.95 -19.25 -29.23
N SER F 530 4.26 -20.16 -28.32
CA SER F 530 4.81 -19.80 -27.01
C SER F 530 3.93 -18.84 -26.37
N SER F 531 2.65 -18.84 -26.70
CA SER F 531 1.83 -17.87 -25.97
C SER F 531 0.96 -18.43 -24.83
N GLY F 532 1.19 -19.70 -24.46
CA GLY F 532 0.48 -20.35 -23.34
C GLY F 532 0.42 -19.62 -22.00
N ALA F 533 1.57 -19.42 -21.40
CA ALA F 533 1.66 -18.63 -20.17
C ALA F 533 1.33 -17.15 -20.36
N ASP F 534 1.86 -16.52 -21.38
CA ASP F 534 1.60 -15.11 -21.55
C ASP F 534 0.15 -14.89 -21.42
N MET F 535 -0.66 -15.62 -22.13
CA MET F 535 -2.04 -15.19 -22.18
C MET F 535 -2.93 -15.79 -21.09
N ASN F 536 -2.63 -17.02 -20.67
CA ASN F 536 -3.53 -17.67 -19.77
C ASN F 536 -3.21 -17.06 -18.39
N GLY F 537 -1.92 -16.75 -18.21
CA GLY F 537 -1.49 -16.03 -17.03
C GLY F 537 -2.38 -14.81 -16.91
N MET F 538 -2.50 -14.02 -17.98
CA MET F 538 -3.33 -12.84 -17.74
C MET F 538 -4.76 -13.27 -17.45
N ALA F 539 -5.29 -14.27 -18.12
CA ALA F 539 -6.68 -14.57 -17.84
C ALA F 539 -6.83 -15.02 -16.37
N VAL F 540 -5.91 -15.85 -15.94
CA VAL F 540 -6.07 -16.31 -14.62
C VAL F 540 -6.12 -15.12 -13.68
N LYS F 541 -5.20 -14.19 -13.85
CA LYS F 541 -5.14 -13.08 -12.94
C LYS F 541 -6.40 -12.24 -13.03
N ASP F 542 -6.93 -12.09 -14.23
CA ASP F 542 -8.17 -11.30 -14.40
C ASP F 542 -9.25 -11.96 -13.52
N ALA F 543 -9.24 -13.28 -13.44
CA ALA F 543 -10.29 -13.91 -12.69
C ALA F 543 -9.93 -13.83 -11.18
N CYS F 544 -8.69 -14.04 -10.84
CA CYS F 544 -8.41 -13.98 -9.45
C CYS F 544 -8.59 -12.59 -8.89
N GLU F 545 -8.41 -11.54 -9.70
CA GLU F 545 -8.54 -10.21 -9.17
C GLU F 545 -10.00 -9.92 -8.96
N THR F 546 -10.84 -10.52 -9.77
CA THR F 546 -12.25 -10.28 -9.60
C THR F 546 -12.65 -10.80 -8.26
N LEU F 547 -12.23 -12.03 -7.98
CA LEU F 547 -12.57 -12.67 -6.78
C LEU F 547 -12.03 -11.85 -5.63
N ARG F 548 -10.74 -11.66 -5.59
CA ARG F 548 -10.19 -10.90 -4.51
C ARG F 548 -10.94 -9.59 -4.36
N GLY F 549 -11.45 -9.05 -5.42
CA GLY F 549 -12.05 -7.76 -5.27
C GLY F 549 -13.30 -8.01 -4.49
N ARG F 550 -13.93 -9.15 -4.76
CA ARG F 550 -15.21 -9.38 -4.15
C ARG F 550 -14.93 -9.58 -2.67
N LEU F 551 -13.90 -10.36 -2.35
CA LEU F 551 -13.70 -10.56 -0.94
C LEU F 551 -13.41 -9.18 -0.28
N ALA F 552 -12.61 -8.33 -0.91
CA ALA F 552 -12.15 -7.13 -0.21
C ALA F 552 -13.34 -6.37 0.22
N GLY F 553 -14.27 -6.25 -0.74
CA GLY F 553 -15.44 -5.39 -0.64
C GLY F 553 -16.17 -5.94 0.53
N PHE F 554 -16.16 -7.26 0.66
CA PHE F 554 -16.92 -7.82 1.74
C PHE F 554 -16.17 -7.58 3.08
N VAL F 555 -14.88 -7.73 3.11
CA VAL F 555 -14.29 -7.50 4.34
C VAL F 555 -14.39 -6.04 4.72
N ALA F 556 -14.42 -5.14 3.76
CA ALA F 556 -14.36 -3.73 4.12
C ALA F 556 -15.73 -3.21 4.59
N ALA F 557 -16.80 -3.79 4.07
CA ALA F 557 -18.13 -3.35 4.45
C ALA F 557 -18.32 -3.82 5.90
N ARG F 558 -17.79 -4.98 6.18
CA ARG F 558 -18.00 -5.58 7.44
C ARG F 558 -17.20 -4.76 8.43
N GLU F 559 -15.92 -4.58 8.19
CA GLU F 559 -15.13 -3.86 9.17
C GLU F 559 -15.13 -2.35 8.97
N GLY F 560 -16.13 -1.82 8.26
CA GLY F 560 -16.17 -0.41 7.92
C GLY F 560 -14.80 0.19 7.62
N CYS F 561 -14.25 -0.03 6.44
CA CYS F 561 -13.04 0.63 6.08
C CYS F 561 -12.94 0.54 4.58
N ALA F 562 -11.79 0.77 3.97
CA ALA F 562 -11.83 0.79 2.51
C ALA F 562 -11.25 -0.48 1.98
N ALA F 563 -11.69 -0.87 0.80
CA ALA F 563 -11.26 -2.13 0.20
C ALA F 563 -9.77 -2.22 -0.13
N ARG F 564 -9.20 -1.13 -0.65
CA ARG F 564 -7.79 -1.11 -0.96
C ARG F 564 -6.95 -1.31 0.27
N ASP F 565 -7.57 -1.27 1.45
CA ASP F 565 -6.82 -1.55 2.67
C ASP F 565 -6.98 -2.94 3.16
N VAL F 566 -7.65 -3.80 2.41
CA VAL F 566 -7.69 -5.19 2.87
C VAL F 566 -6.49 -5.91 2.28
N ILE F 567 -5.76 -6.63 3.10
CA ILE F 567 -4.53 -7.15 2.59
C ILE F 567 -4.54 -8.66 2.63
N PHE F 568 -4.27 -9.28 1.46
CA PHE F 568 -4.19 -10.73 1.37
C PHE F 568 -2.79 -11.10 1.21
N ASP F 569 -2.26 -11.80 2.18
CA ASP F 569 -0.90 -12.24 2.06
C ASP F 569 -0.65 -13.48 2.85
N ALA F 570 0.12 -14.36 2.26
CA ALA F 570 0.51 -15.54 2.99
C ALA F 570 -0.64 -16.27 3.61
N GLY F 571 -1.78 -16.38 2.96
CA GLY F 571 -2.82 -17.14 3.59
C GLY F 571 -3.52 -16.40 4.71
N GLN F 572 -3.24 -15.11 4.93
CA GLN F 572 -4.00 -14.37 5.90
C GLN F 572 -4.67 -13.16 5.27
N VAL F 573 -5.73 -12.66 5.87
CA VAL F 573 -6.42 -11.46 5.38
C VAL F 573 -6.34 -10.40 6.51
N GLN F 574 -6.08 -9.13 6.23
CA GLN F 574 -5.83 -8.17 7.30
C GLN F 574 -6.51 -6.90 6.95
N ALA F 575 -7.14 -6.28 7.93
CA ALA F 575 -7.81 -4.99 7.76
C ALA F 575 -8.09 -4.37 9.13
N SER F 576 -8.14 -3.03 9.21
CA SER F 576 -8.40 -2.33 10.47
C SER F 576 -7.70 -2.97 11.68
N GLY F 577 -6.46 -3.37 11.55
CA GLY F 577 -5.84 -3.96 12.71
C GLY F 577 -6.21 -5.39 13.07
N LYS F 578 -7.28 -5.94 12.51
CA LYS F 578 -7.52 -7.37 12.78
C LYS F 578 -7.11 -8.25 11.59
N SER F 579 -6.84 -9.50 11.91
CA SER F 579 -6.43 -10.44 10.93
C SER F 579 -7.16 -11.81 11.01
N TRP F 580 -7.30 -12.46 9.86
CA TRP F 580 -7.94 -13.74 9.84
C TRP F 580 -7.27 -14.62 8.79
N ARG F 581 -7.53 -15.89 8.91
CA ARG F 581 -7.10 -16.87 7.94
C ARG F 581 -7.98 -16.76 6.69
N PHE F 582 -7.40 -17.01 5.49
CA PHE F 582 -8.17 -16.93 4.20
C PHE F 582 -9.46 -17.73 4.29
N ALA F 583 -9.39 -18.97 4.79
CA ALA F 583 -10.63 -19.74 4.93
C ALA F 583 -11.75 -19.04 5.69
N GLU F 584 -11.45 -18.39 6.81
CA GLU F 584 -12.54 -17.72 7.51
C GLU F 584 -13.14 -16.61 6.71
N ILE F 585 -12.34 -15.96 5.88
CA ILE F 585 -13.00 -14.93 5.17
C ILE F 585 -13.88 -15.62 4.19
N VAL F 586 -13.37 -16.71 3.65
CA VAL F 586 -14.11 -17.28 2.54
C VAL F 586 -15.49 -17.77 3.04
N ALA F 587 -15.49 -18.38 4.24
CA ALA F 587 -16.71 -18.88 4.88
C ALA F 587 -17.61 -17.74 5.13
N ALA F 588 -17.09 -16.69 5.70
CA ALA F 588 -18.00 -15.62 6.00
C ALA F 588 -18.57 -15.04 4.70
N ALA F 589 -17.79 -15.04 3.60
CA ALA F 589 -18.36 -14.51 2.33
C ALA F 589 -19.47 -15.47 1.85
N TYR F 590 -19.19 -16.75 1.97
CA TYR F 590 -20.22 -17.66 1.67
C TYR F 590 -21.45 -17.38 2.44
N MET F 591 -21.35 -17.32 3.77
CA MET F 591 -22.54 -16.97 4.58
C MET F 591 -23.15 -15.69 4.16
N ALA F 592 -22.36 -14.68 3.77
CA ALA F 592 -23.02 -13.42 3.34
C ALA F 592 -23.55 -13.48 1.90
N ARG F 593 -23.48 -14.65 1.23
CA ARG F 593 -24.01 -14.73 -0.14
C ARG F 593 -23.17 -13.88 -1.14
N ILE F 594 -21.90 -14.25 -1.24
CA ILE F 594 -21.08 -13.52 -2.19
C ILE F 594 -20.54 -14.53 -3.11
N SER F 595 -20.68 -14.30 -4.39
CA SER F 595 -20.29 -15.33 -5.36
C SER F 595 -18.82 -15.58 -5.33
N LEU F 596 -18.44 -16.86 -5.27
CA LEU F 596 -17.06 -17.19 -5.22
C LEU F 596 -16.59 -17.98 -6.47
N SER F 597 -17.08 -17.53 -7.60
CA SER F 597 -16.81 -18.19 -8.87
C SER F 597 -16.61 -17.08 -9.85
N ALA F 598 -15.54 -17.15 -10.64
CA ALA F 598 -15.31 -16.08 -11.64
C ALA F 598 -14.61 -16.57 -12.89
N THR F 599 -15.00 -16.02 -14.05
CA THR F 599 -14.21 -16.30 -15.27
C THR F 599 -13.28 -15.09 -15.49
N GLY F 600 -12.21 -15.30 -16.25
CA GLY F 600 -11.33 -14.24 -16.72
C GLY F 600 -11.04 -14.31 -18.23
N PHE F 601 -10.60 -13.20 -18.79
CA PHE F 601 -10.33 -13.17 -20.17
C PHE F 601 -9.21 -12.20 -20.49
N TYR F 602 -8.43 -12.48 -21.54
CA TYR F 602 -7.39 -11.57 -21.96
C TYR F 602 -7.09 -11.63 -23.45
N ALA F 603 -6.93 -10.44 -24.02
CA ALA F 603 -6.72 -10.27 -25.45
C ALA F 603 -5.43 -9.51 -25.63
N THR F 604 -4.35 -10.12 -26.11
CA THR F 604 -3.12 -9.31 -26.30
C THR F 604 -3.43 -8.06 -27.11
N PRO F 605 -2.97 -6.92 -26.60
CA PRO F 605 -3.10 -5.60 -27.27
C PRO F 605 -1.97 -5.24 -28.28
N LYS F 606 -2.15 -4.07 -28.92
CA LYS F 606 -1.21 -3.47 -29.87
C LYS F 606 -0.88 -4.27 -31.12
N LEU F 607 -1.55 -5.37 -31.39
CA LEU F 607 -1.19 -6.12 -32.54
C LEU F 607 -1.99 -5.69 -33.75
N SER F 608 -1.28 -5.50 -34.87
CA SER F 608 -1.94 -5.24 -36.14
C SER F 608 -0.94 -5.38 -37.28
N TRP F 609 -1.28 -6.15 -38.32
CA TRP F 609 -0.40 -6.24 -39.46
C TRP F 609 -1.04 -6.79 -40.69
N ASP F 610 -0.38 -6.61 -41.82
CA ASP F 610 -0.96 -7.04 -43.06
C ASP F 610 -0.04 -8.01 -43.74
N ARG F 611 -0.43 -9.25 -43.66
CA ARG F 611 0.17 -10.40 -44.30
C ARG F 611 0.60 -10.15 -45.73
N LEU F 612 -0.34 -9.77 -46.58
CA LEU F 612 0.02 -9.53 -47.98
C LEU F 612 1.09 -8.44 -48.15
N ARG F 613 0.92 -7.34 -47.45
CA ARG F 613 1.88 -6.29 -47.68
C ARG F 613 3.14 -6.60 -46.93
N GLY F 614 3.04 -7.38 -45.86
CA GLY F 614 4.21 -7.68 -45.08
C GLY F 614 4.53 -6.44 -44.31
N GLN F 615 3.50 -5.81 -43.78
CA GLN F 615 3.71 -4.59 -42.94
C GLN F 615 2.87 -4.59 -41.65
N GLY F 616 3.49 -4.16 -40.52
CA GLY F 616 2.71 -3.92 -39.32
C GLY F 616 3.38 -4.28 -38.00
N ARG F 617 2.60 -4.62 -36.96
CA ARG F 617 3.16 -5.10 -35.67
C ARG F 617 2.53 -6.45 -35.39
N PRO F 618 3.08 -7.52 -35.89
CA PRO F 618 2.47 -8.79 -35.58
C PRO F 618 2.92 -9.24 -34.19
N PHE F 619 3.93 -8.64 -33.57
CA PHE F 619 4.43 -9.13 -32.30
C PHE F 619 4.38 -8.15 -31.08
N LEU F 620 4.01 -8.66 -29.91
CA LEU F 620 3.99 -7.79 -28.76
C LEU F 620 5.43 -7.39 -28.42
N TYR F 621 6.33 -8.36 -28.36
CA TYR F 621 7.71 -8.17 -27.96
C TYR F 621 8.65 -9.31 -28.50
N PHE F 622 9.94 -9.26 -28.18
CA PHE F 622 10.86 -10.21 -28.74
C PHE F 622 11.62 -10.90 -27.65
N ALA F 623 11.88 -12.20 -27.74
CA ALA F 623 12.68 -12.86 -26.71
C ALA F 623 14.01 -12.91 -27.30
N TYR F 624 15.07 -13.00 -26.49
CA TYR F 624 16.47 -13.00 -26.96
C TYR F 624 17.31 -13.95 -26.19
N GLY F 625 18.48 -14.26 -26.73
CA GLY F 625 19.42 -15.16 -26.05
C GLY F 625 20.64 -15.42 -26.95
N ALA F 626 21.54 -16.24 -26.46
CA ALA F 626 22.65 -16.50 -27.30
C ALA F 626 23.30 -17.73 -26.77
N ALA F 627 24.00 -18.46 -27.65
CA ALA F 627 24.73 -19.66 -27.25
C ALA F 627 26.15 -19.80 -27.82
N ILE F 628 27.06 -20.38 -27.10
CA ILE F 628 28.34 -20.57 -27.67
C ILE F 628 28.56 -22.03 -27.51
N THR F 629 28.88 -22.71 -28.60
CA THR F 629 29.00 -24.15 -28.55
C THR F 629 30.36 -24.54 -29.04
N GLU F 630 30.93 -25.56 -28.40
CA GLU F 630 32.20 -26.15 -28.85
C GLU F 630 32.01 -27.66 -29.25
N VAL F 631 32.47 -28.03 -30.44
CA VAL F 631 32.39 -29.44 -30.87
C VAL F 631 33.71 -29.95 -31.37
N VAL F 632 33.79 -31.27 -31.61
CA VAL F 632 34.96 -31.89 -32.24
C VAL F 632 34.49 -32.80 -33.36
N ILE F 633 35.20 -32.83 -34.49
CA ILE F 633 34.88 -33.73 -35.58
C ILE F 633 36.06 -34.60 -35.95
N ASP F 634 35.72 -35.69 -36.61
CA ASP F 634 36.69 -36.69 -37.02
C ASP F 634 36.89 -36.50 -38.49
N ARG F 635 38.07 -36.08 -38.90
CA ARG F 635 38.30 -35.85 -40.32
C ARG F 635 38.29 -37.09 -41.16
N LEU F 636 38.27 -38.28 -40.59
CA LEU F 636 38.19 -39.42 -41.49
C LEU F 636 36.75 -39.84 -41.74
N THR F 637 35.90 -39.87 -40.72
CA THR F 637 34.57 -40.32 -40.97
C THR F 637 33.51 -39.27 -40.85
N GLY F 638 33.80 -38.15 -40.18
CA GLY F 638 32.79 -37.13 -39.93
C GLY F 638 32.06 -37.28 -38.60
N GLU F 639 32.25 -38.41 -37.91
CA GLU F 639 31.71 -38.59 -36.56
C GLU F 639 32.04 -37.35 -35.75
N ASN F 640 31.27 -37.09 -34.71
CA ASN F 640 31.46 -35.85 -34.02
C ASN F 640 30.63 -35.66 -32.79
N ARG F 641 30.97 -34.67 -31.97
CA ARG F 641 30.14 -34.39 -30.80
C ARG F 641 30.34 -33.07 -30.12
N ILE F 642 29.36 -32.70 -29.32
CA ILE F 642 29.36 -31.38 -28.70
C ILE F 642 30.05 -31.46 -27.36
N LEU F 643 31.19 -30.81 -27.23
CA LEU F 643 31.98 -30.86 -26.01
C LEU F 643 31.41 -29.94 -24.96
N ARG F 644 31.04 -28.74 -25.34
CA ARG F 644 30.51 -27.87 -24.36
C ARG F 644 29.62 -26.75 -24.95
N THR F 645 28.70 -26.23 -24.15
CA THR F 645 27.74 -25.22 -24.57
C THR F 645 27.58 -24.28 -23.39
N ASP F 646 27.47 -22.99 -23.69
CA ASP F 646 27.24 -21.99 -22.65
C ASP F 646 26.12 -21.12 -23.18
N ILE F 647 25.08 -20.92 -22.38
CA ILE F 647 23.93 -20.16 -22.83
C ILE F 647 23.48 -19.05 -21.86
N LEU F 648 22.93 -17.98 -22.37
CA LEU F 648 22.45 -16.96 -21.56
C LEU F 648 21.22 -16.58 -22.30
N HIS F 649 20.05 -16.68 -21.66
CA HIS F 649 18.80 -16.45 -22.39
C HIS F 649 17.89 -15.51 -21.65
N ASP F 650 17.13 -14.71 -22.38
CA ASP F 650 16.23 -13.74 -21.80
C ASP F 650 14.76 -14.19 -21.52
N ALA F 651 14.45 -14.59 -20.27
CA ALA F 651 13.09 -15.01 -19.95
C ALA F 651 12.31 -13.96 -19.25
N GLY F 652 12.59 -12.67 -19.55
CA GLY F 652 12.00 -11.58 -18.76
C GLY F 652 12.16 -11.83 -17.28
N ALA F 653 11.27 -11.29 -16.47
CA ALA F 653 11.34 -11.74 -15.07
C ALA F 653 10.62 -13.11 -14.97
N SER F 654 11.39 -14.18 -15.00
CA SER F 654 10.81 -15.52 -15.10
C SER F 654 9.71 -15.79 -14.07
N LEU F 655 8.55 -16.33 -14.50
CA LEU F 655 7.55 -16.83 -13.57
C LEU F 655 8.10 -18.01 -12.75
N ASN F 656 9.08 -18.77 -13.26
CA ASN F 656 9.60 -19.93 -12.54
C ASN F 656 10.93 -20.35 -13.22
N PRO F 657 12.03 -19.84 -12.68
CA PRO F 657 13.34 -20.00 -13.28
C PRO F 657 13.66 -21.44 -13.39
N ALA F 658 13.06 -22.29 -12.59
CA ALA F 658 13.52 -23.68 -12.72
C ALA F 658 12.89 -24.25 -13.99
N LEU F 659 11.62 -23.94 -14.21
CA LEU F 659 10.96 -24.50 -15.35
C LEU F 659 11.55 -23.82 -16.61
N ASP F 660 11.97 -22.56 -16.49
CA ASP F 660 12.48 -21.87 -17.67
C ASP F 660 13.86 -22.35 -18.05
N ILE F 661 14.73 -22.55 -17.08
CA ILE F 661 16.01 -23.16 -17.39
C ILE F 661 15.65 -24.44 -18.07
N GLY F 662 14.66 -25.14 -17.53
CA GLY F 662 14.43 -26.46 -18.04
C GLY F 662 13.92 -26.51 -19.48
N GLN F 663 13.15 -25.48 -19.83
CA GLN F 663 12.73 -25.36 -21.17
C GLN F 663 13.96 -25.08 -22.09
N ILE F 664 14.91 -24.27 -21.63
CA ILE F 664 16.06 -23.90 -22.42
C ILE F 664 16.97 -25.12 -22.77
N GLU F 665 17.33 -25.91 -21.77
CA GLU F 665 18.20 -27.03 -22.01
C GLU F 665 17.49 -27.93 -22.96
N GLY F 666 16.21 -28.14 -22.71
CA GLY F 666 15.48 -29.08 -23.54
C GLY F 666 15.41 -28.52 -24.96
N ALA F 667 15.29 -27.23 -25.08
CA ALA F 667 15.08 -26.83 -26.42
C ALA F 667 16.43 -26.88 -27.11
N TYR F 668 17.46 -26.54 -26.37
CA TYR F 668 18.74 -26.50 -27.02
C TYR F 668 19.01 -27.89 -27.56
N VAL F 669 18.74 -28.92 -26.75
CA VAL F 669 19.01 -30.24 -27.24
C VAL F 669 18.19 -30.57 -28.48
N GLN F 670 16.98 -30.08 -28.50
CA GLN F 670 16.17 -30.43 -29.60
C GLN F 670 16.72 -29.73 -30.85
N GLY F 671 17.17 -28.49 -30.73
CA GLY F 671 17.61 -27.76 -31.91
C GLY F 671 18.85 -28.35 -32.51
N ALA F 672 19.81 -28.69 -31.68
CA ALA F 672 20.98 -29.30 -32.20
C ALA F 672 20.64 -30.64 -32.84
N GLY F 673 19.62 -31.31 -32.34
CA GLY F 673 19.32 -32.63 -32.83
C GLY F 673 18.81 -32.40 -34.21
N TRP F 674 18.05 -31.34 -34.33
CA TRP F 674 17.55 -31.00 -35.63
C TRP F 674 18.66 -30.92 -36.71
N LEU F 675 19.80 -30.31 -36.38
CA LEU F 675 20.78 -30.09 -37.40
C LEU F 675 21.95 -30.99 -37.35
N THR F 676 21.84 -32.09 -36.60
CA THR F 676 22.91 -33.06 -36.65
C THR F 676 22.41 -34.46 -36.93
N THR F 677 21.71 -35.12 -36.00
CA THR F 677 21.53 -36.56 -36.30
C THR F 677 20.21 -36.85 -36.90
N GLU F 678 19.31 -35.89 -36.80
CA GLU F 678 17.98 -36.11 -37.24
C GLU F 678 17.85 -35.95 -38.76
N GLU F 679 17.59 -37.06 -39.46
CA GLU F 679 17.49 -37.03 -40.94
C GLU F 679 16.30 -37.78 -41.54
N LEU F 680 15.48 -37.09 -42.33
CA LEU F 680 14.29 -37.78 -42.88
C LEU F 680 14.64 -38.29 -44.29
N VAL F 681 14.28 -39.52 -44.61
CA VAL F 681 14.59 -40.03 -45.94
C VAL F 681 13.40 -40.72 -46.59
N TRP F 682 13.14 -40.37 -47.85
CA TRP F 682 12.12 -40.96 -48.67
C TRP F 682 12.75 -41.68 -49.85
N ASP F 683 12.21 -42.83 -50.23
CA ASP F 683 12.67 -43.57 -51.42
C ASP F 683 12.06 -42.99 -52.69
N HIS F 684 12.38 -43.63 -53.82
CA HIS F 684 12.06 -43.17 -55.15
C HIS F 684 10.57 -43.13 -55.33
N CYS F 685 9.88 -43.97 -54.59
CA CYS F 685 8.44 -44.04 -54.61
C CYS F 685 7.74 -43.15 -53.68
N GLY F 686 8.45 -42.33 -52.94
CA GLY F 686 7.76 -41.53 -51.96
C GLY F 686 7.44 -42.19 -50.65
N ARG F 687 7.91 -43.41 -50.40
CA ARG F 687 7.80 -44.05 -49.07
C ARG F 687 8.77 -43.44 -48.05
N LEU F 688 8.33 -43.24 -46.83
CA LEU F 688 9.24 -42.68 -45.88
C LEU F 688 10.13 -43.81 -45.36
N MET F 689 11.43 -43.69 -45.60
CA MET F 689 12.30 -44.81 -45.24
C MET F 689 12.67 -44.77 -43.76
N THR F 690 12.66 -43.60 -43.18
CA THR F 690 12.93 -43.47 -41.77
C THR F 690 11.65 -43.28 -41.03
N HIS F 691 11.06 -44.37 -40.55
CA HIS F 691 9.82 -44.25 -39.86
C HIS F 691 9.80 -44.94 -38.50
N ALA F 692 10.84 -44.79 -37.70
CA ALA F 692 10.93 -45.53 -36.44
C ALA F 692 12.22 -45.12 -35.79
N PRO F 693 12.28 -45.23 -34.49
CA PRO F 693 13.40 -44.69 -33.75
C PRO F 693 14.64 -45.47 -34.06
N SER F 694 14.49 -46.71 -34.53
CA SER F 694 15.67 -47.38 -35.06
C SER F 694 16.25 -46.71 -36.30
N THR F 695 15.56 -45.85 -36.99
CA THR F 695 16.24 -45.31 -38.19
C THR F 695 16.30 -43.78 -38.20
N TYR F 696 15.46 -43.20 -37.36
CA TYR F 696 15.39 -41.79 -37.21
C TYR F 696 15.97 -41.51 -35.81
N LYS F 697 17.13 -40.88 -35.73
CA LYS F 697 17.86 -40.75 -34.44
C LYS F 697 17.79 -39.43 -33.68
N ILE F 698 16.87 -39.28 -32.72
CA ILE F 698 16.96 -38.09 -31.84
C ILE F 698 18.17 -38.19 -30.93
N PRO F 699 18.48 -37.10 -30.28
CA PRO F 699 19.69 -37.04 -29.46
C PRO F 699 19.53 -38.00 -28.31
N ALA F 700 20.52 -38.85 -28.04
CA ALA F 700 20.45 -39.76 -26.88
C ALA F 700 21.21 -39.20 -25.67
N PHE F 701 20.93 -39.76 -24.51
CA PHE F 701 21.59 -39.32 -23.31
C PHE F 701 23.04 -38.85 -23.49
N SER F 702 23.88 -39.65 -24.11
CA SER F 702 25.26 -39.28 -24.27
C SER F 702 25.48 -38.07 -25.21
N ASP F 703 24.52 -37.72 -26.02
CA ASP F 703 24.77 -36.60 -26.94
C ASP F 703 24.65 -35.29 -26.21
N ARG F 704 24.29 -35.30 -24.92
CA ARG F 704 24.21 -34.00 -24.15
C ARG F 704 25.57 -33.39 -24.03
N PRO F 705 25.71 -32.09 -24.17
CA PRO F 705 27.03 -31.44 -24.09
C PRO F 705 27.73 -31.80 -22.78
N ARG F 706 29.01 -32.03 -22.79
CA ARG F 706 29.57 -32.47 -21.54
C ARG F 706 29.54 -31.34 -20.51
N ILE F 707 29.88 -30.15 -20.94
CA ILE F 707 29.69 -29.05 -20.05
C ILE F 707 28.56 -28.24 -20.60
N PHE F 708 27.55 -28.13 -19.75
CA PHE F 708 26.32 -27.51 -20.09
C PHE F 708 25.95 -26.34 -19.18
N ASN F 709 26.40 -25.13 -19.49
CA ASN F 709 26.04 -24.00 -18.64
C ASN F 709 24.97 -23.18 -19.19
N VAL F 710 23.84 -23.06 -18.50
CA VAL F 710 22.75 -22.24 -18.97
C VAL F 710 22.50 -21.26 -17.90
N ALA F 711 22.18 -20.03 -18.29
CA ALA F 711 22.00 -18.97 -17.35
C ALA F 711 21.00 -17.99 -17.92
N LEU F 712 20.17 -17.39 -17.05
CA LEU F 712 19.11 -16.49 -17.48
C LEU F 712 19.49 -15.02 -17.34
N TRP F 713 19.01 -14.22 -18.27
CA TRP F 713 19.25 -12.81 -18.25
C TRP F 713 18.05 -12.29 -17.55
N ASP F 714 18.20 -11.68 -16.39
CA ASP F 714 17.03 -11.32 -15.56
C ASP F 714 16.71 -9.83 -15.67
N GLN F 715 15.79 -9.50 -16.57
CA GLN F 715 15.37 -8.12 -16.81
C GLN F 715 13.90 -8.11 -17.23
N PRO F 716 13.09 -7.42 -16.47
CA PRO F 716 11.65 -7.41 -16.75
C PRO F 716 11.36 -7.04 -18.19
N ASN F 717 10.27 -7.53 -18.72
CA ASN F 717 9.82 -7.17 -20.04
C ASN F 717 9.34 -5.74 -20.00
N ARG F 718 9.56 -4.98 -21.09
CA ARG F 718 9.10 -3.62 -21.21
C ARG F 718 7.63 -3.60 -21.48
N GLU F 719 7.12 -4.70 -22.03
CA GLU F 719 5.67 -4.75 -22.25
C GLU F 719 5.00 -5.32 -21.03
N GLU F 720 3.71 -5.05 -20.90
CA GLU F 720 2.95 -5.45 -19.71
C GLU F 720 2.51 -6.90 -19.87
N THR F 721 3.41 -7.81 -19.56
CA THR F 721 3.11 -9.19 -19.57
C THR F 721 3.01 -9.69 -18.12
N ILE F 722 2.31 -10.81 -17.99
CA ILE F 722 2.04 -11.36 -16.73
C ILE F 722 3.35 -11.32 -16.04
N PHE F 723 3.33 -10.58 -14.93
CA PHE F 723 4.46 -10.24 -14.07
C PHE F 723 5.72 -9.89 -14.79
N ARG F 724 5.55 -9.24 -15.93
CA ARG F 724 6.72 -8.88 -16.72
C ARG F 724 7.63 -10.07 -17.16
N SER F 725 7.03 -11.27 -17.31
CA SER F 725 7.82 -12.39 -17.81
C SER F 725 7.84 -12.37 -19.33
N LYS F 726 8.59 -13.32 -19.90
CA LYS F 726 8.61 -13.54 -21.36
C LYS F 726 8.46 -14.99 -21.66
N ALA F 727 7.76 -15.26 -22.75
CA ALA F 727 7.64 -16.64 -23.21
C ALA F 727 9.03 -17.21 -23.41
N VAL F 728 9.22 -18.47 -23.04
CA VAL F 728 10.52 -19.10 -23.18
C VAL F 728 10.35 -20.43 -23.82
N GLY F 729 9.17 -20.72 -24.35
CA GLY F 729 8.98 -22.05 -24.99
C GLY F 729 9.71 -22.34 -26.29
N GLU F 730 9.43 -21.53 -27.28
CA GLU F 730 10.05 -21.71 -28.58
C GLU F 730 11.44 -21.04 -28.78
N PRO F 731 11.59 -19.80 -28.30
CA PRO F 731 12.80 -19.02 -28.61
C PRO F 731 14.08 -19.77 -28.42
N PRO F 732 14.27 -20.43 -27.32
CA PRO F 732 15.55 -21.15 -27.14
C PRO F 732 15.79 -22.37 -28.08
N PHE F 733 14.78 -22.80 -28.81
CA PHE F 733 15.11 -23.84 -29.76
C PHE F 733 16.17 -23.26 -30.76
N LEU F 734 16.05 -21.96 -31.07
CA LEU F 734 17.01 -21.42 -32.01
C LEU F 734 18.42 -21.44 -31.50
N LEU F 735 18.64 -21.75 -30.23
CA LEU F 735 20.05 -21.70 -29.79
C LEU F 735 20.80 -22.85 -30.37
N GLY F 736 20.09 -23.81 -30.93
CA GLY F 736 20.75 -24.98 -31.49
C GLY F 736 21.53 -24.58 -32.73
N ILE F 737 21.13 -23.45 -33.32
CA ILE F 737 21.83 -23.05 -34.49
C ILE F 737 23.29 -23.05 -34.25
N SER F 738 23.73 -22.79 -33.04
CA SER F 738 25.14 -22.62 -32.81
C SER F 738 25.88 -23.93 -32.81
N ALA F 739 25.23 -25.05 -32.65
CA ALA F 739 26.07 -26.25 -32.75
C ALA F 739 26.36 -26.50 -34.21
N PHE F 740 25.44 -26.10 -35.08
CA PHE F 740 25.63 -26.29 -36.47
C PHE F 740 26.77 -25.40 -36.85
N LEU F 741 26.65 -24.11 -36.50
CA LEU F 741 27.65 -23.16 -36.91
C LEU F 741 28.99 -23.63 -36.38
N ALA F 742 29.00 -24.42 -35.31
CA ALA F 742 30.29 -24.83 -34.78
C ALA F 742 30.81 -25.98 -35.56
N LEU F 743 29.94 -26.92 -35.94
CA LEU F 743 30.40 -27.97 -36.79
C LEU F 743 30.99 -27.28 -38.05
N HIS F 744 30.39 -26.17 -38.43
CA HIS F 744 30.94 -25.61 -39.65
C HIS F 744 32.30 -25.03 -39.38
N ASP F 745 32.48 -24.45 -38.20
CA ASP F 745 33.78 -23.84 -37.84
C ASP F 745 34.88 -24.88 -37.88
N ALA F 746 34.55 -26.08 -37.45
CA ALA F 746 35.53 -27.14 -37.49
C ALA F 746 35.81 -27.61 -38.90
N CYS F 747 34.81 -27.59 -39.78
CA CYS F 747 35.08 -28.03 -41.15
C CYS F 747 35.93 -26.97 -41.74
N ALA F 748 35.63 -25.70 -41.48
CA ALA F 748 36.47 -24.67 -42.12
C ALA F 748 37.88 -24.68 -41.66
N ALA F 749 38.20 -25.51 -40.67
CA ALA F 749 39.55 -25.46 -40.17
C ALA F 749 40.41 -26.47 -40.90
N CYS F 750 39.80 -27.28 -41.74
CA CYS F 750 40.60 -28.29 -42.39
C CYS F 750 41.15 -27.90 -43.72
N GLY F 751 40.82 -26.71 -44.20
CA GLY F 751 41.35 -26.22 -45.44
C GLY F 751 40.77 -24.85 -45.74
N PRO F 752 41.18 -24.28 -46.87
CA PRO F 752 40.85 -22.91 -47.21
C PRO F 752 39.59 -22.74 -47.97
N HIS F 753 38.88 -23.82 -48.30
CA HIS F 753 37.68 -23.68 -49.13
C HIS F 753 36.35 -23.65 -48.33
N TRP F 754 35.38 -22.91 -48.84
CA TRP F 754 34.06 -22.91 -48.27
C TRP F 754 33.66 -24.37 -48.20
N PRO F 755 33.42 -24.86 -47.01
CA PRO F 755 33.01 -26.25 -46.80
C PRO F 755 31.59 -26.53 -47.27
N ASP F 756 30.75 -25.51 -47.44
CA ASP F 756 29.34 -25.67 -47.84
C ASP F 756 28.58 -26.76 -47.04
N LEU F 757 28.73 -26.72 -45.72
CA LEU F 757 28.07 -27.69 -44.87
C LEU F 757 26.55 -27.61 -44.96
N GLN F 758 25.87 -28.72 -45.23
CA GLN F 758 24.41 -28.75 -45.36
C GLN F 758 23.75 -29.23 -44.07
N ALA F 759 22.46 -29.01 -43.92
CA ALA F 759 21.83 -29.44 -42.68
C ALA F 759 20.85 -30.46 -43.10
N PRO F 760 20.69 -31.56 -42.42
CA PRO F 760 21.36 -31.90 -41.17
C PRO F 760 22.73 -32.32 -41.41
N ALA F 761 23.58 -31.85 -40.53
CA ALA F 761 24.99 -32.15 -40.53
C ALA F 761 25.29 -33.52 -39.91
N THR F 762 24.81 -34.59 -40.50
CA THR F 762 25.19 -35.95 -40.01
C THR F 762 26.65 -36.21 -40.31
N PRO F 763 27.24 -37.26 -39.74
CA PRO F 763 28.61 -37.64 -40.05
C PRO F 763 28.88 -37.68 -41.53
N GLU F 764 27.99 -38.27 -42.36
CA GLU F 764 28.22 -38.24 -43.81
C GLU F 764 28.29 -36.82 -44.19
N ALA F 765 27.34 -36.03 -43.75
CA ALA F 765 27.36 -34.65 -44.26
C ALA F 765 28.56 -33.83 -43.79
N VAL F 766 29.04 -34.09 -42.58
CA VAL F 766 30.21 -33.37 -42.07
C VAL F 766 31.42 -33.76 -42.91
N LEU F 767 31.46 -35.06 -43.28
CA LEU F 767 32.63 -35.54 -44.03
C LEU F 767 32.65 -34.88 -45.33
N ALA F 768 31.51 -34.70 -45.94
CA ALA F 768 31.54 -34.09 -47.24
C ALA F 768 32.10 -32.71 -47.09
N ALA F 769 31.69 -31.95 -46.07
CA ALA F 769 32.15 -30.55 -45.99
C ALA F 769 33.62 -30.47 -45.72
N VAL F 770 34.11 -31.46 -44.99
CA VAL F 770 35.56 -31.49 -44.72
C VAL F 770 36.30 -31.63 -46.04
N ARG F 771 35.82 -32.55 -46.88
CA ARG F 771 36.51 -32.81 -48.15
C ARG F 771 36.42 -31.66 -49.10
N ARG F 772 35.34 -30.89 -49.07
CA ARG F 772 35.29 -29.69 -49.91
C ARG F 772 36.32 -28.71 -49.36
N ALA F 773 36.44 -28.63 -48.05
CA ALA F 773 37.35 -27.62 -47.49
C ALA F 773 38.77 -28.02 -47.77
N GLU F 774 39.00 -29.33 -47.74
CA GLU F 774 40.31 -29.86 -48.00
C GLU F 774 40.60 -29.72 -49.47
N GLY F 775 39.58 -29.43 -50.27
CA GLY F 775 39.81 -29.33 -51.69
C GLY F 775 39.91 -30.67 -52.38
N ARG F 776 39.65 -31.76 -51.66
CA ARG F 776 39.66 -33.10 -52.23
C ARG F 776 38.36 -33.38 -52.94
N ALA F 777 37.71 -32.34 -53.46
CA ALA F 777 36.43 -32.47 -54.19
C ALA F 777 35.21 -32.34 -53.27
N MET G 1 -26.72 -76.28 -21.31
CA MET G 1 -28.14 -76.16 -21.75
C MET G 1 -28.35 -74.87 -22.52
N GLU G 2 -28.60 -74.99 -23.82
CA GLU G 2 -28.77 -73.83 -24.68
C GLU G 2 -30.25 -73.52 -24.99
N ILE G 3 -30.63 -72.26 -24.92
CA ILE G 3 -31.96 -71.88 -25.34
C ILE G 3 -31.85 -70.84 -26.43
N ALA G 4 -32.97 -70.58 -27.09
CA ALA G 4 -32.99 -69.62 -28.17
C ALA G 4 -34.21 -68.80 -28.03
N PHE G 5 -34.12 -67.56 -28.50
CA PHE G 5 -35.28 -66.71 -28.50
C PHE G 5 -34.96 -65.55 -29.34
N LEU G 6 -35.98 -64.79 -29.68
CA LEU G 6 -35.86 -63.61 -30.52
C LEU G 6 -35.71 -62.39 -29.59
N LEU G 7 -34.64 -61.62 -29.71
CA LEU G 7 -34.54 -60.43 -28.89
C LEU G 7 -34.65 -59.16 -29.69
N ASN G 8 -35.70 -58.39 -29.47
CA ASN G 8 -35.86 -57.20 -30.27
C ASN G 8 -35.60 -57.50 -31.74
N GLY G 9 -36.22 -58.55 -32.28
CA GLY G 9 -36.10 -58.85 -33.69
C GLY G 9 -34.87 -59.64 -34.06
N GLU G 10 -33.98 -59.86 -33.13
CA GLU G 10 -32.72 -60.49 -33.46
C GLU G 10 -32.65 -61.90 -32.82
N THR G 11 -32.09 -62.90 -33.51
CA THR G 11 -32.05 -64.27 -32.96
C THR G 11 -30.92 -64.42 -31.98
N ARG G 12 -31.22 -65.00 -30.83
CA ARG G 12 -30.22 -65.13 -29.78
C ARG G 12 -30.11 -66.53 -29.21
N ARG G 13 -28.89 -67.00 -29.02
CA ARG G 13 -28.70 -68.34 -28.50
C ARG G 13 -27.89 -68.18 -27.25
N VAL G 14 -28.39 -68.70 -26.12
CA VAL G 14 -27.69 -68.49 -24.86
C VAL G 14 -27.33 -69.75 -24.08
N ARG G 15 -26.15 -69.77 -23.49
CA ARG G 15 -25.76 -70.90 -22.70
C ARG G 15 -26.24 -70.73 -21.28
N ILE G 16 -27.31 -71.40 -20.88
CA ILE G 16 -27.75 -71.23 -19.48
C ILE G 16 -26.87 -72.00 -18.51
N GLU G 17 -26.23 -71.30 -17.58
CA GLU G 17 -25.47 -72.00 -16.55
C GLU G 17 -26.14 -71.88 -15.21
N ASP G 18 -26.80 -70.76 -14.95
CA ASP G 18 -27.65 -70.62 -13.76
C ASP G 18 -29.07 -70.33 -14.21
N PRO G 19 -29.94 -71.31 -14.03
CA PRO G 19 -31.29 -71.24 -14.57
C PRO G 19 -32.13 -70.37 -13.69
N THR G 20 -31.56 -69.90 -12.61
CA THR G 20 -32.36 -69.12 -11.71
C THR G 20 -32.19 -67.58 -11.92
N GLN G 21 -31.22 -67.21 -12.74
CA GLN G 21 -30.95 -65.82 -13.06
C GLN G 21 -32.17 -65.24 -13.69
N SER G 22 -32.57 -64.05 -13.26
CA SER G 22 -33.76 -63.44 -13.81
C SER G 22 -33.43 -62.72 -15.12
N LEU G 23 -34.50 -62.48 -15.91
CA LEU G 23 -34.43 -61.87 -17.22
C LEU G 23 -33.84 -60.51 -17.00
N LEU G 24 -34.46 -59.82 -16.07
CA LEU G 24 -33.95 -58.52 -15.72
C LEU G 24 -32.40 -58.51 -15.56
N GLU G 25 -31.82 -59.43 -14.80
CA GLU G 25 -30.35 -59.34 -14.73
C GLU G 25 -29.70 -59.59 -16.05
N LEU G 26 -29.98 -60.72 -16.75
CA LEU G 26 -29.26 -61.04 -18.03
C LEU G 26 -29.22 -59.79 -18.88
N LEU G 27 -30.33 -59.04 -18.91
CA LEU G 27 -30.50 -57.95 -19.85
C LEU G 27 -29.53 -56.81 -19.58
N ARG G 28 -29.58 -56.36 -18.32
CA ARG G 28 -28.79 -55.24 -17.85
C ARG G 28 -27.39 -55.73 -17.95
N ALA G 29 -27.15 -57.02 -17.86
CA ALA G 29 -25.72 -57.33 -17.95
C ALA G 29 -25.32 -57.35 -19.38
N GLU G 30 -26.29 -57.33 -20.29
CA GLU G 30 -25.98 -57.43 -21.70
C GLU G 30 -25.81 -56.01 -22.21
N GLY G 31 -26.09 -55.03 -21.37
CA GLY G 31 -26.05 -53.65 -21.81
C GLY G 31 -27.43 -53.04 -22.07
N LEU G 32 -28.46 -53.86 -22.14
CA LEU G 32 -29.79 -53.35 -22.41
C LEU G 32 -30.30 -52.64 -21.21
N THR G 33 -29.59 -51.61 -20.93
CA THR G 33 -29.80 -50.75 -19.81
C THR G 33 -31.14 -50.08 -19.65
N GLY G 34 -32.00 -50.15 -20.66
CA GLY G 34 -33.27 -49.45 -20.54
C GLY G 34 -34.31 -50.11 -19.61
N THR G 35 -34.17 -51.41 -19.42
CA THR G 35 -35.09 -52.08 -18.50
C THR G 35 -34.57 -51.77 -17.13
N LYS G 36 -35.36 -51.02 -16.35
CA LYS G 36 -34.94 -50.61 -15.05
C LYS G 36 -35.36 -51.54 -13.88
N GLU G 37 -34.60 -51.49 -12.78
CA GLU G 37 -34.97 -52.19 -11.54
C GLU G 37 -35.50 -51.22 -10.47
N GLY G 38 -36.82 -51.18 -10.22
CA GLY G 38 -37.42 -50.34 -9.18
C GLY G 38 -37.82 -51.08 -7.86
N CYS G 39 -37.86 -52.42 -7.81
CA CYS G 39 -38.22 -53.08 -6.51
C CYS G 39 -37.74 -54.44 -6.52
N ASN G 40 -37.80 -55.07 -7.67
CA ASN G 40 -37.21 -56.39 -7.81
C ASN G 40 -38.06 -57.42 -7.07
N GLU G 41 -39.33 -57.08 -6.88
CA GLU G 41 -40.26 -57.86 -6.11
C GLU G 41 -41.64 -58.01 -6.80
N GLY G 42 -41.72 -57.57 -8.05
CA GLY G 42 -42.96 -57.64 -8.79
C GLY G 42 -43.97 -56.50 -8.64
N ASP G 43 -43.86 -55.66 -7.62
CA ASP G 43 -44.82 -54.56 -7.54
C ASP G 43 -44.61 -53.30 -8.38
N CYS G 44 -43.53 -53.05 -9.13
CA CYS G 44 -43.56 -51.69 -9.73
C CYS G 44 -43.79 -51.53 -11.28
N GLY G 45 -43.33 -52.52 -12.01
CA GLY G 45 -43.66 -52.49 -13.38
C GLY G 45 -42.50 -51.89 -14.05
N ALA G 46 -41.55 -51.41 -13.27
CA ALA G 46 -40.53 -50.67 -13.97
C ALA G 46 -39.67 -51.57 -14.81
N CYS G 47 -39.61 -52.86 -14.49
CA CYS G 47 -38.88 -53.76 -15.37
C CYS G 47 -39.79 -54.43 -16.41
N THR G 48 -40.96 -53.86 -16.67
CA THR G 48 -41.85 -54.48 -17.59
C THR G 48 -41.26 -54.81 -18.98
N VAL G 49 -41.43 -56.04 -19.44
CA VAL G 49 -41.04 -56.34 -20.81
C VAL G 49 -42.14 -57.12 -21.56
N MET G 50 -42.10 -57.13 -22.91
CA MET G 50 -43.14 -57.80 -23.72
C MET G 50 -42.68 -59.13 -24.27
N ILE G 51 -43.45 -60.20 -24.01
CA ILE G 51 -43.12 -61.52 -24.59
C ILE G 51 -44.19 -61.86 -25.61
N ARG G 52 -43.81 -62.71 -26.57
CA ARG G 52 -44.74 -63.16 -27.61
C ARG G 52 -44.51 -64.58 -27.98
N ASP G 53 -45.61 -65.29 -28.19
CA ASP G 53 -45.57 -66.69 -28.63
C ASP G 53 -46.93 -66.99 -29.25
N ALA G 54 -47.20 -68.28 -29.52
CA ALA G 54 -48.46 -68.67 -30.17
C ALA G 54 -49.71 -68.08 -29.49
N ALA G 55 -49.79 -68.14 -28.16
CA ALA G 55 -50.95 -67.53 -27.48
C ALA G 55 -51.02 -66.01 -27.77
N GLY G 56 -49.91 -65.46 -28.23
CA GLY G 56 -49.88 -64.03 -28.52
C GLY G 56 -48.85 -63.24 -27.71
N SER G 57 -49.18 -61.99 -27.47
CA SER G 57 -48.20 -61.20 -26.80
C SER G 57 -48.74 -60.56 -25.53
N ARG G 58 -47.87 -60.45 -24.54
CA ARG G 58 -48.28 -59.77 -23.32
C ARG G 58 -47.12 -59.03 -22.66
N ALA G 59 -47.48 -58.23 -21.68
CA ALA G 59 -46.50 -57.53 -20.92
C ALA G 59 -46.22 -58.24 -19.59
N VAL G 60 -44.97 -58.59 -19.30
CA VAL G 60 -44.66 -59.12 -17.97
C VAL G 60 -43.34 -58.66 -17.32
N ASN G 61 -43.29 -58.73 -15.98
CA ASN G 61 -42.18 -58.25 -15.18
C ASN G 61 -40.94 -59.05 -15.39
N ALA G 62 -39.92 -58.46 -15.95
CA ALA G 62 -38.71 -59.18 -16.16
C ALA G 62 -38.01 -59.62 -14.85
N CYS G 63 -38.30 -58.95 -13.74
CA CYS G 63 -37.62 -59.39 -12.51
C CYS G 63 -38.17 -60.72 -11.90
N LEU G 64 -39.41 -61.07 -12.23
CA LEU G 64 -40.03 -62.30 -11.78
C LEU G 64 -39.76 -63.46 -12.72
N MET G 65 -39.07 -63.22 -13.83
CA MET G 65 -39.01 -64.20 -14.89
C MET G 65 -37.65 -64.70 -15.14
N MET G 66 -37.40 -66.00 -15.06
CA MET G 66 -36.04 -66.49 -15.29
C MET G 66 -35.86 -66.90 -16.72
N LEU G 67 -34.62 -67.13 -17.11
CA LEU G 67 -34.37 -67.29 -18.52
C LEU G 67 -35.11 -68.43 -19.15
N PRO G 68 -34.86 -69.64 -18.66
CA PRO G 68 -35.51 -70.82 -19.22
C PRO G 68 -36.93 -70.51 -19.69
N GLN G 69 -37.64 -69.69 -18.92
CA GLN G 69 -38.97 -69.37 -19.33
C GLN G 69 -39.15 -68.73 -20.72
N ILE G 70 -38.13 -68.20 -21.36
CA ILE G 70 -38.47 -67.53 -22.61
C ILE G 70 -38.02 -68.29 -23.78
N ALA G 71 -37.57 -69.52 -23.57
CA ALA G 71 -37.12 -70.32 -24.70
C ALA G 71 -38.21 -70.38 -25.76
N GLY G 72 -37.81 -70.14 -27.00
CA GLY G 72 -38.75 -70.18 -28.09
C GLY G 72 -39.75 -69.04 -28.15
N LYS G 73 -39.50 -67.99 -27.38
CA LYS G 73 -40.40 -66.85 -27.38
C LYS G 73 -39.74 -65.62 -28.03
N ALA G 74 -40.52 -64.63 -28.39
CA ALA G 74 -39.88 -63.43 -28.94
C ALA G 74 -39.97 -62.40 -27.87
N LEU G 75 -38.88 -61.66 -27.67
CA LEU G 75 -38.82 -60.72 -26.57
C LEU G 75 -38.60 -59.25 -26.96
N ARG G 76 -39.48 -58.38 -26.57
CA ARG G 76 -39.26 -57.00 -26.91
C ARG G 76 -39.02 -56.15 -25.65
N THR G 77 -37.92 -55.41 -25.54
CA THR G 77 -37.79 -54.52 -24.38
C THR G 77 -37.91 -53.16 -24.90
N ILE G 78 -37.80 -52.18 -24.02
CA ILE G 78 -38.03 -50.77 -24.39
C ILE G 78 -37.10 -50.32 -25.47
N GLU G 79 -35.89 -50.85 -25.54
CA GLU G 79 -35.05 -50.37 -26.64
C GLU G 79 -35.53 -50.86 -27.99
N GLY G 80 -36.45 -51.83 -27.99
CA GLY G 80 -36.90 -52.41 -29.24
C GLY G 80 -38.30 -52.03 -29.57
N ILE G 81 -38.85 -51.07 -28.83
CA ILE G 81 -40.24 -50.67 -29.09
C ILE G 81 -40.40 -49.69 -30.22
N ALA G 82 -39.29 -49.13 -30.69
CA ALA G 82 -39.32 -48.14 -31.75
C ALA G 82 -39.06 -48.92 -33.00
N ALA G 83 -39.32 -48.33 -34.17
CA ALA G 83 -38.97 -49.11 -35.37
C ALA G 83 -37.51 -49.03 -35.71
N PRO G 84 -37.03 -50.04 -36.39
CA PRO G 84 -35.62 -50.11 -36.80
C PRO G 84 -35.17 -48.84 -37.55
N ASP G 85 -36.08 -48.15 -38.26
CA ASP G 85 -35.69 -46.92 -38.93
C ASP G 85 -35.51 -45.76 -37.94
N GLY G 86 -36.02 -45.93 -36.70
CA GLY G 86 -36.02 -44.89 -35.68
C GLY G 86 -37.38 -44.20 -35.44
N ARG G 87 -38.34 -44.41 -36.33
CA ARG G 87 -39.68 -43.90 -36.11
C ARG G 87 -40.15 -44.25 -34.68
N LEU G 88 -40.83 -43.37 -33.97
CA LEU G 88 -41.34 -43.71 -32.61
C LEU G 88 -42.73 -44.33 -32.66
N HIS G 89 -42.94 -45.36 -31.85
CA HIS G 89 -44.25 -45.98 -31.73
C HIS G 89 -45.29 -44.98 -31.24
N PRO G 90 -46.47 -45.06 -31.78
CA PRO G 90 -47.50 -44.12 -31.41
C PRO G 90 -47.52 -43.99 -29.92
N VAL G 91 -47.11 -45.03 -29.21
CA VAL G 91 -47.16 -44.94 -27.75
C VAL G 91 -46.16 -43.91 -27.16
N GLN G 92 -44.95 -44.04 -27.64
CA GLN G 92 -43.90 -43.10 -27.40
C GLN G 92 -44.30 -41.64 -27.75
N GLN G 93 -44.61 -41.35 -29.02
CA GLN G 93 -44.96 -39.95 -29.33
C GLN G 93 -46.03 -39.42 -28.41
N ALA G 94 -47.03 -40.24 -28.12
CA ALA G 94 -48.14 -39.65 -27.40
C ALA G 94 -47.63 -39.31 -25.99
N MET G 95 -46.67 -40.13 -25.52
CA MET G 95 -46.13 -39.93 -24.20
C MET G 95 -45.35 -38.60 -24.20
N ILE G 96 -44.58 -38.35 -25.24
CA ILE G 96 -43.97 -37.04 -25.26
C ILE G 96 -45.03 -35.94 -25.37
N ASP G 97 -45.97 -35.97 -26.33
CA ASP G 97 -46.88 -34.81 -26.49
C ASP G 97 -47.76 -34.61 -25.24
N HIS G 98 -47.94 -35.69 -24.48
CA HIS G 98 -48.85 -35.61 -23.39
C HIS G 98 -48.19 -35.43 -22.02
N HIS G 99 -46.86 -35.37 -22.02
CA HIS G 99 -46.16 -35.10 -20.77
C HIS G 99 -46.29 -36.29 -19.84
N GLY G 100 -46.50 -37.47 -20.41
CA GLY G 100 -46.57 -38.64 -19.55
C GLY G 100 -45.33 -38.98 -18.73
N SER G 101 -44.36 -38.07 -18.74
CA SER G 101 -43.21 -38.34 -17.90
C SER G 101 -42.59 -37.10 -17.29
N GLN G 102 -41.94 -37.32 -16.16
CA GLN G 102 -41.18 -36.27 -15.44
C GLN G 102 -39.78 -36.92 -15.12
N CYS G 103 -39.65 -37.68 -14.07
CA CYS G 103 -38.36 -38.13 -13.79
C CYS G 103 -37.91 -39.15 -14.88
N GLY G 104 -38.85 -39.84 -15.49
CA GLY G 104 -38.42 -40.80 -16.54
C GLY G 104 -38.22 -42.25 -16.15
N PHE G 105 -37.95 -42.49 -14.87
CA PHE G 105 -37.67 -43.83 -14.42
C PHE G 105 -38.74 -44.92 -14.63
N CYS G 106 -39.99 -44.65 -14.41
CA CYS G 106 -41.00 -45.63 -14.68
C CYS G 106 -41.40 -45.56 -16.15
N THR G 107 -40.69 -44.76 -16.93
CA THR G 107 -41.22 -44.56 -18.23
C THR G 107 -41.07 -45.70 -19.23
N PRO G 108 -39.95 -46.39 -19.28
CA PRO G 108 -39.89 -47.59 -20.11
C PRO G 108 -40.96 -48.60 -19.80
N GLY G 109 -41.17 -48.93 -18.54
CA GLY G 109 -42.19 -49.89 -18.17
C GLY G 109 -43.59 -49.49 -18.62
N PHE G 110 -43.94 -48.23 -18.47
CA PHE G 110 -45.25 -47.84 -18.95
C PHE G 110 -45.19 -48.07 -20.51
N ILE G 111 -44.18 -47.50 -21.15
CA ILE G 111 -44.12 -47.69 -22.55
C ILE G 111 -44.34 -49.15 -22.97
N VAL G 112 -43.61 -50.09 -22.39
CA VAL G 112 -43.78 -51.47 -22.82
C VAL G 112 -45.22 -51.98 -22.57
N SER G 113 -45.75 -51.76 -21.36
CA SER G 113 -47.11 -52.09 -21.06
C SER G 113 -48.08 -51.46 -22.01
N MET G 114 -47.86 -50.23 -22.41
CA MET G 114 -48.81 -49.59 -23.28
C MET G 114 -48.61 -50.18 -24.69
N ALA G 115 -47.39 -50.48 -25.06
CA ALA G 115 -47.22 -50.99 -26.40
C ALA G 115 -47.96 -52.34 -26.50
N ALA G 116 -47.65 -53.27 -25.61
CA ALA G 116 -48.39 -54.50 -25.64
C ALA G 116 -49.88 -54.19 -25.67
N ALA G 117 -50.39 -53.34 -24.80
CA ALA G 117 -51.82 -53.20 -24.88
C ALA G 117 -52.21 -52.85 -26.35
N HIS G 118 -51.48 -51.90 -26.93
CA HIS G 118 -51.80 -51.45 -28.24
C HIS G 118 -51.89 -52.65 -29.19
N ASP G 119 -50.87 -53.51 -29.16
CA ASP G 119 -50.78 -54.67 -30.06
C ASP G 119 -52.02 -55.54 -30.13
N ARG G 120 -52.78 -55.61 -29.05
CA ARG G 120 -53.94 -56.46 -28.94
C ARG G 120 -55.11 -55.53 -28.77
N ASP G 121 -54.90 -54.26 -29.03
CA ASP G 121 -56.01 -53.33 -28.94
C ASP G 121 -56.78 -53.48 -27.63
N ARG G 122 -56.11 -53.66 -26.52
CA ARG G 122 -56.84 -53.68 -25.24
C ARG G 122 -56.94 -52.23 -24.76
N LYS G 123 -58.06 -51.87 -24.13
CA LYS G 123 -58.33 -50.49 -23.70
C LYS G 123 -58.79 -50.37 -22.23
N ASP G 124 -58.74 -51.49 -21.48
CA ASP G 124 -59.02 -51.39 -20.06
C ASP G 124 -57.69 -50.92 -19.33
N TYR G 125 -57.43 -49.61 -19.41
CA TYR G 125 -56.22 -48.96 -18.87
C TYR G 125 -56.03 -49.16 -17.36
N ASP G 126 -56.98 -48.67 -16.57
CA ASP G 126 -56.90 -48.89 -15.13
C ASP G 126 -56.44 -50.34 -14.84
N ASP G 127 -56.99 -51.33 -15.50
CA ASP G 127 -56.50 -52.64 -15.11
C ASP G 127 -55.16 -52.94 -15.82
N LEU G 128 -54.95 -52.47 -17.04
CA LEU G 128 -53.68 -52.77 -17.73
C LEU G 128 -52.40 -52.14 -17.10
N LEU G 129 -52.56 -51.03 -16.40
CA LEU G 129 -51.39 -50.37 -15.93
C LEU G 129 -51.34 -50.38 -14.40
N ALA G 130 -52.23 -51.13 -13.74
CA ALA G 130 -52.23 -51.11 -12.27
C ALA G 130 -50.80 -51.33 -11.80
N GLY G 131 -50.21 -52.30 -12.45
CA GLY G 131 -48.88 -52.72 -12.10
C GLY G 131 -47.76 -51.88 -12.61
N ASN G 132 -48.00 -50.59 -12.81
CA ASN G 132 -46.93 -49.70 -13.22
C ASN G 132 -47.06 -48.55 -12.29
N LEU G 133 -46.09 -48.37 -11.38
CA LEU G 133 -46.30 -47.26 -10.45
C LEU G 133 -45.53 -46.06 -11.02
N CYS G 134 -46.09 -44.87 -10.82
CA CYS G 134 -45.29 -43.71 -11.07
C CYS G 134 -45.51 -42.81 -9.85
N ARG G 135 -44.42 -42.38 -9.23
CA ARG G 135 -44.55 -41.47 -8.13
C ARG G 135 -44.62 -40.00 -8.57
N CYS G 136 -44.20 -39.69 -9.81
CA CYS G 136 -44.20 -38.26 -10.21
C CYS G 136 -45.45 -37.60 -10.82
N THR G 137 -46.14 -38.22 -11.79
CA THR G 137 -47.13 -37.53 -12.68
C THR G 137 -48.56 -37.54 -12.27
N GLY G 138 -49.01 -38.46 -11.41
CA GLY G 138 -50.40 -38.38 -11.00
C GLY G 138 -51.24 -39.15 -11.99
N TYR G 139 -50.56 -39.80 -12.92
CA TYR G 139 -51.31 -40.76 -13.75
C TYR G 139 -52.16 -40.11 -14.90
N ALA G 140 -52.86 -39.04 -14.63
CA ALA G 140 -53.69 -38.38 -15.64
C ALA G 140 -53.04 -38.31 -17.04
N PRO G 141 -51.88 -37.71 -17.11
CA PRO G 141 -51.32 -37.45 -18.42
C PRO G 141 -51.07 -38.79 -18.96
N ILE G 142 -50.86 -39.82 -18.13
CA ILE G 142 -50.55 -41.10 -18.77
C ILE G 142 -51.83 -41.63 -19.40
N LEU G 143 -52.98 -41.29 -18.83
CA LEU G 143 -54.20 -41.73 -19.44
C LEU G 143 -54.26 -41.05 -20.82
N ARG G 144 -54.26 -39.73 -20.82
CA ARG G 144 -54.39 -39.06 -22.10
C ARG G 144 -53.48 -39.73 -23.17
N ALA G 145 -52.25 -39.97 -22.81
CA ALA G 145 -51.41 -40.57 -23.81
C ALA G 145 -51.90 -41.91 -24.33
N ALA G 146 -52.46 -42.72 -23.45
CA ALA G 146 -52.89 -44.06 -23.87
C ALA G 146 -54.05 -43.86 -24.82
N GLU G 147 -54.89 -42.88 -24.51
CA GLU G 147 -56.05 -42.65 -25.28
C GLU G 147 -55.71 -42.14 -26.68
N ALA G 148 -54.83 -41.16 -26.76
CA ALA G 148 -54.57 -40.60 -28.06
C ALA G 148 -53.83 -41.57 -28.90
N ALA G 149 -53.26 -42.60 -28.31
CA ALA G 149 -52.51 -43.46 -29.21
C ALA G 149 -53.40 -44.58 -29.69
N ALA G 150 -54.53 -44.71 -29.01
CA ALA G 150 -55.46 -45.80 -29.30
C ALA G 150 -55.81 -45.70 -30.80
N GLY G 151 -56.09 -44.46 -31.23
CA GLY G 151 -56.45 -44.20 -32.61
C GLY G 151 -55.23 -44.23 -33.50
N GLU G 152 -54.50 -45.32 -33.51
CA GLU G 152 -53.39 -45.41 -34.44
C GLU G 152 -53.10 -46.82 -34.80
N PRO G 153 -52.85 -47.00 -36.07
CA PRO G 153 -52.49 -48.31 -36.61
C PRO G 153 -51.38 -48.91 -35.78
N PRO G 154 -51.61 -50.12 -35.34
CA PRO G 154 -50.58 -50.95 -34.72
C PRO G 154 -49.24 -50.91 -35.45
N ALA G 155 -48.18 -51.06 -34.67
CA ALA G 155 -46.85 -51.06 -35.20
C ALA G 155 -46.67 -52.31 -36.03
N ASP G 156 -46.39 -52.17 -37.31
CA ASP G 156 -46.15 -53.34 -38.14
C ASP G 156 -44.93 -54.12 -37.65
N TRP G 157 -43.88 -53.41 -37.27
CA TRP G 157 -42.63 -54.11 -36.94
C TRP G 157 -42.68 -54.99 -35.70
N LEU G 158 -43.62 -54.70 -34.79
CA LEU G 158 -43.83 -55.50 -33.59
C LEU G 158 -44.54 -56.82 -33.91
N GLN G 159 -45.49 -56.81 -34.86
CA GLN G 159 -46.22 -58.03 -35.20
C GLN G 159 -45.40 -59.02 -36.02
N ALA G 160 -44.41 -58.52 -36.75
CA ALA G 160 -43.52 -59.39 -37.54
C ALA G 160 -42.81 -60.45 -36.69
N ASP G 161 -42.76 -60.22 -35.38
CA ASP G 161 -42.17 -61.22 -34.49
C ASP G 161 -43.01 -62.51 -34.45
N ALA G 162 -44.30 -62.41 -34.78
CA ALA G 162 -45.20 -63.56 -34.80
C ALA G 162 -44.57 -64.77 -35.49
N ALA G 163 -43.93 -64.55 -36.63
CA ALA G 163 -43.34 -65.64 -37.39
C ALA G 163 -42.11 -66.28 -36.76
N PHE G 164 -41.99 -66.32 -35.43
CA PHE G 164 -40.75 -66.87 -34.89
C PHE G 164 -40.79 -68.33 -34.37
N THR G 165 -39.65 -69.03 -34.55
CA THR G 165 -39.43 -70.47 -34.29
C THR G 165 -40.38 -71.37 -35.10
N LEU G 166 -40.77 -70.84 -36.26
CA LEU G 166 -41.73 -71.50 -37.12
C LEU G 166 -41.25 -71.44 -38.58
N PRO G 179 -29.30 -79.08 -17.60
CA PRO G 179 -29.41 -78.78 -16.16
C PRO G 179 -30.40 -77.70 -15.82
N ALA G 180 -31.40 -78.16 -15.09
CA ALA G 180 -32.70 -77.52 -14.85
C ALA G 180 -33.61 -78.18 -15.90
N PHE G 181 -34.65 -78.85 -15.38
CA PHE G 181 -35.52 -79.71 -16.18
C PHE G 181 -36.72 -78.98 -16.81
N LEU G 182 -36.96 -79.27 -18.08
CA LEU G 182 -38.05 -78.66 -18.83
C LEU G 182 -39.03 -79.66 -19.48
N PRO G 183 -39.95 -80.20 -18.70
CA PRO G 183 -40.90 -81.21 -19.19
C PRO G 183 -41.80 -80.68 -20.29
N GLU G 184 -42.17 -81.55 -21.23
CA GLU G 184 -43.07 -81.16 -22.30
C GLU G 184 -44.47 -81.68 -22.02
N THR G 185 -44.56 -82.80 -21.31
CA THR G 185 -45.84 -83.44 -20.99
C THR G 185 -46.02 -83.71 -19.48
N SER G 186 -47.27 -83.77 -19.05
CA SER G 186 -47.52 -84.08 -17.66
C SER G 186 -46.88 -85.42 -17.32
N ASP G 187 -46.78 -86.34 -18.29
CA ASP G 187 -46.21 -87.67 -17.99
C ASP G 187 -44.73 -87.56 -17.64
N ALA G 188 -43.98 -86.95 -18.56
CA ALA G 188 -42.56 -86.75 -18.31
C ALA G 188 -42.38 -86.08 -16.95
N LEU G 189 -43.26 -85.13 -16.63
CA LEU G 189 -43.12 -84.42 -15.38
C LEU G 189 -43.29 -85.36 -14.21
N ALA G 190 -44.46 -86.00 -14.17
CA ALA G 190 -44.79 -86.96 -13.13
C ALA G 190 -43.66 -87.94 -12.93
N ASP G 191 -43.17 -88.53 -14.02
CA ASP G 191 -42.08 -89.47 -13.92
C ASP G 191 -40.94 -88.85 -13.08
N TRP G 192 -40.33 -87.83 -13.67
CA TRP G 192 -39.16 -87.17 -13.09
C TRP G 192 -39.34 -86.66 -11.65
N TYR G 193 -40.49 -86.06 -11.36
CA TYR G 193 -40.68 -85.54 -10.02
C TYR G 193 -40.60 -86.72 -9.07
N LEU G 194 -41.31 -87.80 -9.44
CA LEU G 194 -41.31 -89.01 -8.65
C LEU G 194 -39.90 -89.44 -8.26
N ALA G 195 -38.93 -89.19 -9.13
CA ALA G 195 -37.55 -89.54 -8.85
C ALA G 195 -36.83 -88.41 -8.11
N HIS G 196 -37.35 -87.19 -8.20
CA HIS G 196 -36.74 -86.08 -7.47
C HIS G 196 -37.82 -85.39 -6.61
N PRO G 197 -38.19 -86.10 -5.56
CA PRO G 197 -39.22 -85.58 -4.67
C PRO G 197 -38.78 -84.23 -4.15
N GLU G 198 -37.47 -84.04 -4.00
CA GLU G 198 -37.01 -82.83 -3.34
C GLU G 198 -36.87 -81.60 -4.23
N ALA G 199 -36.96 -81.80 -5.54
CA ALA G 199 -36.87 -80.74 -6.53
C ALA G 199 -37.67 -79.50 -6.21
N THR G 200 -37.33 -78.40 -6.86
CA THR G 200 -38.11 -77.16 -6.71
C THR G 200 -38.83 -76.90 -8.00
N LEU G 201 -40.16 -76.86 -7.92
CA LEU G 201 -41.01 -76.84 -9.10
C LEU G 201 -41.37 -75.42 -9.32
N ILE G 202 -41.07 -74.92 -10.50
CA ILE G 202 -41.35 -73.52 -10.85
C ILE G 202 -42.34 -73.34 -11.99
N ALA G 203 -43.43 -72.63 -11.72
CA ALA G 203 -44.42 -72.45 -12.72
C ALA G 203 -44.30 -71.04 -13.19
N GLY G 204 -45.10 -70.18 -12.59
CA GLY G 204 -45.02 -68.79 -12.95
C GLY G 204 -43.70 -68.27 -12.40
N GLY G 205 -43.41 -68.62 -11.16
CA GLY G 205 -42.18 -68.14 -10.59
C GLY G 205 -42.45 -66.90 -9.78
N THR G 206 -43.72 -66.51 -9.70
CA THR G 206 -43.99 -65.28 -9.04
C THR G 206 -43.86 -65.36 -7.57
N ASP G 207 -44.01 -66.53 -6.92
CA ASP G 207 -43.71 -66.58 -5.47
C ASP G 207 -42.21 -67.01 -5.35
N VAL G 208 -41.73 -67.89 -6.21
CA VAL G 208 -40.39 -68.41 -6.01
C VAL G 208 -39.26 -67.43 -6.26
N SER G 209 -39.40 -66.59 -7.26
CA SER G 209 -38.31 -65.65 -7.51
C SER G 209 -37.99 -64.80 -6.28
N LEU G 210 -39.01 -64.39 -5.51
CA LEU G 210 -38.71 -63.69 -4.26
C LEU G 210 -37.81 -64.52 -3.28
N TRP G 211 -37.72 -65.82 -3.45
CA TRP G 211 -36.90 -66.54 -2.50
C TRP G 211 -35.48 -66.27 -2.92
N VAL G 212 -35.28 -66.03 -4.20
CA VAL G 212 -33.92 -65.79 -4.65
C VAL G 212 -33.54 -64.33 -4.66
N THR G 213 -34.46 -63.43 -4.98
CA THR G 213 -34.06 -62.03 -5.04
C THR G 213 -34.05 -61.40 -3.69
N LYS G 214 -34.97 -61.78 -2.82
CA LYS G 214 -35.00 -61.13 -1.51
C LYS G 214 -34.41 -61.94 -0.39
N ALA G 215 -34.84 -63.18 -0.20
CA ALA G 215 -34.30 -64.00 0.88
C ALA G 215 -32.94 -64.54 0.45
N LEU G 216 -32.56 -64.21 -0.79
CA LEU G 216 -31.22 -64.51 -1.27
C LEU G 216 -30.90 -65.97 -1.20
N ARG G 217 -31.91 -66.77 -1.49
CA ARG G 217 -31.72 -68.20 -1.40
C ARG G 217 -31.13 -68.72 -2.70
N ASP G 218 -30.83 -70.00 -2.73
CA ASP G 218 -30.26 -70.62 -3.90
C ASP G 218 -30.94 -71.98 -4.06
N LEU G 219 -31.55 -72.22 -5.22
CA LEU G 219 -32.32 -73.44 -5.39
C LEU G 219 -31.71 -74.39 -6.37
N PRO G 220 -31.22 -75.52 -5.92
CA PRO G 220 -30.70 -76.51 -6.85
C PRO G 220 -31.85 -77.46 -7.17
N GLU G 221 -31.71 -78.31 -8.18
CA GLU G 221 -32.79 -79.24 -8.52
C GLU G 221 -34.04 -78.39 -8.79
N VAL G 222 -34.15 -77.96 -10.05
CA VAL G 222 -35.26 -77.10 -10.49
C VAL G 222 -35.96 -77.57 -11.74
N ALA G 223 -37.27 -77.39 -11.78
CA ALA G 223 -38.03 -77.77 -12.97
C ALA G 223 -39.05 -76.70 -13.38
N PHE G 224 -39.15 -76.42 -14.67
CA PHE G 224 -40.09 -75.40 -15.09
C PHE G 224 -41.31 -75.97 -15.73
N LEU G 225 -42.45 -75.75 -15.11
CA LEU G 225 -43.65 -76.32 -15.65
C LEU G 225 -44.23 -75.59 -16.85
N SER G 226 -43.82 -74.35 -17.10
CA SER G 226 -44.51 -73.54 -18.12
C SER G 226 -44.49 -74.09 -19.55
N HIS G 227 -43.70 -75.10 -19.82
CA HIS G 227 -43.75 -75.70 -21.16
C HIS G 227 -44.55 -77.01 -21.31
N CYS G 228 -45.47 -77.30 -20.39
CA CYS G 228 -46.33 -78.47 -20.55
C CYS G 228 -47.70 -78.03 -21.00
N LYS G 229 -47.85 -77.92 -22.31
CA LYS G 229 -49.14 -77.49 -22.83
C LYS G 229 -50.25 -78.24 -22.11
N ASP G 230 -50.08 -79.56 -21.95
CA ASP G 230 -51.14 -80.40 -21.36
C ASP G 230 -51.46 -80.16 -19.90
N LEU G 231 -50.67 -79.34 -19.24
CA LEU G 231 -50.96 -78.99 -17.86
C LEU G 231 -51.72 -77.67 -17.78
N ALA G 232 -51.88 -77.03 -18.93
CA ALA G 232 -52.49 -75.71 -18.92
C ALA G 232 -53.72 -75.63 -19.79
N GLN G 233 -54.60 -76.62 -19.64
CA GLN G 233 -55.80 -76.70 -20.46
C GLN G 233 -57.03 -76.46 -19.66
N ILE G 234 -58.03 -75.90 -20.31
CA ILE G 234 -59.34 -75.77 -19.74
C ILE G 234 -60.24 -76.75 -20.54
N ARG G 235 -60.70 -77.81 -19.88
CA ARG G 235 -61.57 -78.80 -20.50
C ARG G 235 -63.00 -78.77 -19.97
N GLU G 236 -63.99 -78.72 -20.86
CA GLU G 236 -65.38 -78.85 -20.45
C GLU G 236 -65.62 -80.32 -20.09
N THR G 237 -66.20 -80.56 -18.92
CA THR G 237 -66.47 -81.92 -18.47
C THR G 237 -67.98 -82.11 -18.31
N PRO G 238 -68.41 -83.35 -18.14
CA PRO G 238 -69.84 -83.67 -18.00
C PRO G 238 -70.42 -82.96 -16.75
N ASP G 239 -69.60 -82.89 -15.71
CA ASP G 239 -70.01 -82.31 -14.43
C ASP G 239 -69.03 -81.22 -13.98
N GLY G 240 -68.96 -80.15 -14.77
CA GLY G 240 -68.07 -79.04 -14.47
C GLY G 240 -66.93 -78.79 -15.43
N TYR G 241 -65.99 -77.95 -15.01
CA TYR G 241 -64.85 -77.63 -15.86
C TYR G 241 -63.58 -77.99 -15.14
N GLY G 242 -62.65 -78.53 -15.91
CA GLY G 242 -61.40 -79.01 -15.41
C GLY G 242 -60.35 -78.00 -15.83
N ILE G 243 -59.65 -77.55 -14.80
CA ILE G 243 -58.69 -76.48 -14.95
C ILE G 243 -57.31 -76.94 -14.57
N GLY G 244 -56.46 -77.03 -15.59
CA GLY G 244 -55.07 -77.42 -15.42
C GLY G 244 -54.28 -76.53 -14.45
N ALA G 245 -53.31 -77.14 -13.79
CA ALA G 245 -52.57 -76.41 -12.77
C ALA G 245 -51.72 -75.25 -13.36
N GLY G 246 -51.27 -75.39 -14.60
CA GLY G 246 -50.42 -74.39 -15.19
C GLY G 246 -51.27 -73.41 -15.98
N VAL G 247 -52.54 -73.21 -15.59
CA VAL G 247 -53.37 -72.26 -16.29
C VAL G 247 -53.11 -70.97 -15.59
N THR G 248 -52.80 -69.92 -16.34
CA THR G 248 -52.52 -68.62 -15.71
C THR G 248 -53.73 -68.00 -15.12
N ILE G 249 -53.54 -67.15 -14.11
CA ILE G 249 -54.67 -66.49 -13.51
C ILE G 249 -55.31 -65.72 -14.59
N ALA G 250 -54.52 -65.22 -15.52
CA ALA G 250 -55.07 -64.32 -16.50
C ALA G 250 -56.11 -65.08 -17.30
N ALA G 251 -55.65 -66.25 -17.77
CA ALA G 251 -56.45 -67.08 -18.62
C ALA G 251 -57.71 -67.55 -17.89
N LEU G 252 -57.53 -67.92 -16.61
CA LEU G 252 -58.64 -68.34 -15.79
C LEU G 252 -59.61 -67.20 -15.71
N ARG G 253 -59.10 -65.99 -15.56
CA ARG G 253 -60.04 -64.86 -15.47
C ARG G 253 -60.89 -64.74 -16.72
N ALA G 254 -60.28 -64.93 -17.88
CA ALA G 254 -61.03 -64.76 -19.13
C ALA G 254 -62.21 -65.76 -19.12
N PHE G 255 -61.83 -67.04 -19.02
CA PHE G 255 -62.80 -68.11 -18.97
C PHE G 255 -63.89 -67.72 -18.06
N ALA G 256 -63.54 -67.37 -16.84
CA ALA G 256 -64.55 -67.10 -15.85
C ALA G 256 -65.52 -66.00 -16.13
N GLU G 257 -65.29 -65.21 -17.16
CA GLU G 257 -66.14 -64.02 -17.34
C GLU G 257 -67.58 -64.42 -17.59
N GLY G 258 -67.74 -65.54 -18.30
CA GLY G 258 -69.06 -66.09 -18.62
C GLY G 258 -69.75 -66.76 -17.45
N PRO G 259 -69.37 -68.01 -17.21
CA PRO G 259 -69.98 -68.86 -16.18
C PRO G 259 -69.78 -68.39 -14.73
N HIS G 260 -68.70 -67.68 -14.47
CA HIS G 260 -68.39 -67.38 -13.07
C HIS G 260 -67.89 -65.97 -12.88
N PRO G 261 -68.73 -65.04 -13.27
CA PRO G 261 -68.37 -63.64 -13.20
C PRO G 261 -67.85 -63.32 -11.77
N ALA G 262 -68.42 -63.92 -10.75
CA ALA G 262 -67.97 -63.48 -9.43
C ALA G 262 -66.48 -63.77 -9.32
N LEU G 263 -66.09 -64.99 -9.64
CA LEU G 263 -64.67 -65.28 -9.60
C LEU G 263 -63.96 -64.35 -10.61
N ALA G 264 -64.65 -63.90 -11.65
CA ALA G 264 -63.93 -63.07 -12.61
C ALA G 264 -63.59 -61.72 -11.98
N GLY G 265 -64.59 -61.15 -11.35
CA GLY G 265 -64.40 -59.86 -10.72
C GLY G 265 -63.28 -59.97 -9.69
N LEU G 266 -63.21 -61.12 -9.03
CA LEU G 266 -62.25 -61.28 -7.96
C LEU G 266 -60.86 -61.31 -8.60
N LEU G 267 -60.67 -62.13 -9.62
CA LEU G 267 -59.33 -62.17 -10.16
C LEU G 267 -58.96 -60.80 -10.72
N ARG G 268 -59.94 -59.92 -10.84
CA ARG G 268 -59.58 -58.64 -11.43
C ARG G 268 -58.48 -58.03 -10.59
N ARG G 269 -58.70 -58.04 -9.27
CA ARG G 269 -57.80 -57.48 -8.26
C ARG G 269 -56.82 -58.48 -7.70
N PHE G 270 -56.40 -59.40 -8.52
CA PHE G 270 -55.41 -60.38 -8.05
C PHE G 270 -54.12 -59.94 -8.66
N ALA G 271 -53.27 -59.30 -7.83
CA ALA G 271 -51.97 -58.79 -8.25
C ALA G 271 -52.22 -57.77 -9.33
N SER G 272 -51.47 -57.95 -10.42
CA SER G 272 -51.55 -57.07 -11.58
C SER G 272 -51.46 -57.86 -12.86
N GLU G 273 -51.91 -57.22 -13.96
CA GLU G 273 -51.98 -57.89 -15.24
C GLU G 273 -50.63 -58.45 -15.45
N GLN G 274 -49.63 -57.71 -15.12
CA GLN G 274 -48.34 -58.31 -15.36
C GLN G 274 -48.06 -59.58 -14.62
N VAL G 275 -48.59 -59.77 -13.43
CA VAL G 275 -48.34 -61.05 -12.76
C VAL G 275 -49.36 -62.08 -13.22
N ARG G 276 -50.56 -61.59 -13.48
CA ARG G 276 -51.64 -62.46 -13.92
C ARG G 276 -51.13 -63.19 -15.12
N GLN G 277 -50.52 -62.48 -16.03
CA GLN G 277 -50.15 -63.11 -17.24
C GLN G 277 -49.25 -64.28 -17.07
N VAL G 278 -48.66 -64.47 -15.90
CA VAL G 278 -47.80 -65.66 -15.82
C VAL G 278 -47.97 -66.49 -14.58
N ALA G 279 -48.71 -65.99 -13.61
CA ALA G 279 -48.97 -66.75 -12.36
C ALA G 279 -49.92 -67.91 -12.63
N THR G 280 -49.77 -69.04 -11.93
CA THR G 280 -50.72 -70.13 -12.20
C THR G 280 -51.56 -70.46 -11.00
N ILE G 281 -52.75 -70.96 -11.30
CA ILE G 281 -53.71 -71.35 -10.25
C ILE G 281 -53.11 -72.52 -9.51
N GLY G 282 -52.51 -73.42 -10.25
CA GLY G 282 -51.83 -74.50 -9.55
C GLY G 282 -50.95 -73.89 -8.46
N GLY G 283 -50.16 -72.88 -8.88
CA GLY G 283 -49.17 -72.23 -8.04
C GLY G 283 -49.87 -71.46 -6.94
N ASN G 284 -50.95 -70.83 -7.28
CA ASN G 284 -51.55 -70.15 -6.18
C ASN G 284 -51.94 -71.15 -5.09
N ILE G 285 -52.42 -72.35 -5.50
CA ILE G 285 -52.82 -73.37 -4.52
C ILE G 285 -51.60 -73.99 -3.87
N ALA G 286 -50.62 -74.41 -4.68
CA ALA G 286 -49.46 -75.07 -4.06
C ALA G 286 -48.64 -74.20 -3.08
N ASN G 287 -48.82 -72.90 -3.16
CA ASN G 287 -47.97 -72.08 -2.31
C ASN G 287 -48.58 -72.16 -0.94
N GLY G 288 -49.86 -72.42 -0.94
CA GLY G 288 -50.56 -72.67 0.31
C GLY G 288 -50.62 -71.55 1.31
N SER G 289 -50.49 -70.33 0.82
CA SER G 289 -50.59 -69.18 1.71
C SER G 289 -52.02 -69.00 2.12
N PRO G 290 -52.21 -68.68 3.37
CA PRO G 290 -53.55 -68.40 3.94
C PRO G 290 -54.11 -67.12 3.39
N ILE G 291 -53.35 -66.42 2.57
CA ILE G 291 -53.93 -65.16 2.07
C ILE G 291 -54.17 -65.22 0.59
N GLY G 292 -53.80 -66.35 -0.02
CA GLY G 292 -54.09 -66.55 -1.42
C GLY G 292 -55.52 -66.09 -1.66
N ASP G 293 -55.83 -65.73 -2.89
CA ASP G 293 -57.19 -65.32 -3.21
C ASP G 293 -57.91 -66.42 -3.96
N GLY G 294 -57.19 -67.23 -4.70
CA GLY G 294 -57.83 -68.38 -5.30
C GLY G 294 -58.66 -69.25 -4.33
N PRO G 295 -57.97 -69.90 -3.40
CA PRO G 295 -58.59 -70.90 -2.50
C PRO G 295 -59.93 -70.54 -1.96
N PRO G 296 -60.04 -69.43 -1.27
CA PRO G 296 -61.31 -69.09 -0.64
C PRO G 296 -62.39 -69.12 -1.68
N ALA G 297 -62.15 -68.46 -2.80
CA ALA G 297 -63.15 -68.45 -3.87
C ALA G 297 -63.54 -69.85 -4.30
N LEU G 298 -62.56 -70.62 -4.72
CA LEU G 298 -62.85 -71.94 -5.19
C LEU G 298 -63.60 -72.76 -4.12
N ILE G 299 -63.16 -72.66 -2.88
CA ILE G 299 -63.87 -73.37 -1.83
C ILE G 299 -65.31 -72.90 -1.80
N ALA G 300 -65.54 -71.62 -1.61
CA ALA G 300 -66.94 -71.21 -1.57
C ALA G 300 -67.72 -71.83 -2.71
N MET G 301 -67.11 -71.97 -3.88
CA MET G 301 -67.92 -72.49 -4.94
C MET G 301 -67.83 -74.00 -5.00
N GLY G 302 -67.21 -74.57 -3.97
CA GLY G 302 -67.09 -76.01 -3.86
C GLY G 302 -66.39 -76.68 -5.02
N ALA G 303 -65.17 -76.29 -5.30
CA ALA G 303 -64.47 -76.95 -6.40
C ALA G 303 -63.74 -78.11 -5.81
N SER G 304 -63.00 -78.82 -6.65
CA SER G 304 -62.24 -79.96 -6.16
C SER G 304 -60.87 -79.92 -6.78
N LEU G 305 -59.93 -80.47 -6.05
CA LEU G 305 -58.56 -80.43 -6.44
C LEU G 305 -58.12 -81.82 -6.85
N THR G 306 -57.14 -81.92 -7.75
CA THR G 306 -56.64 -83.24 -8.21
C THR G 306 -55.12 -83.36 -8.10
N LEU G 307 -54.60 -84.13 -7.15
CA LEU G 307 -53.14 -84.27 -7.03
C LEU G 307 -52.70 -85.33 -7.98
N ARG G 308 -51.42 -85.67 -8.00
CA ARG G 308 -50.91 -86.72 -8.90
C ARG G 308 -49.47 -87.14 -8.58
N ARG G 309 -49.19 -88.44 -8.64
CA ARG G 309 -47.87 -88.94 -8.29
C ARG G 309 -47.58 -90.10 -9.18
N GLY G 310 -46.78 -89.89 -10.22
CA GLY G 310 -46.47 -90.96 -11.17
C GLY G 310 -47.66 -91.23 -12.07
N GLN G 311 -48.46 -92.26 -11.76
CA GLN G 311 -49.68 -92.54 -12.49
C GLN G 311 -50.88 -92.50 -11.57
N GLU G 312 -50.60 -92.52 -10.25
CA GLU G 312 -51.63 -92.43 -9.21
C GLU G 312 -52.35 -91.08 -9.27
N ARG G 313 -53.49 -90.94 -8.59
CA ARG G 313 -54.23 -89.71 -8.70
C ARG G 313 -55.31 -89.58 -7.62
N ARG G 314 -55.06 -88.77 -6.61
CA ARG G 314 -56.05 -88.58 -5.54
C ARG G 314 -57.05 -87.56 -6.00
N ARG G 315 -57.94 -87.13 -5.11
CA ARG G 315 -58.93 -86.14 -5.52
C ARG G 315 -59.84 -85.64 -4.41
N MET G 316 -59.35 -84.76 -3.53
CA MET G 316 -60.23 -84.27 -2.48
C MET G 316 -60.88 -82.93 -2.82
N PRO G 317 -61.83 -82.52 -1.98
CA PRO G 317 -62.43 -81.18 -2.05
C PRO G 317 -61.38 -80.17 -1.58
N LEU G 318 -61.26 -79.05 -2.30
CA LEU G 318 -60.17 -78.11 -2.09
C LEU G 318 -59.83 -77.82 -0.63
N GLU G 319 -60.79 -77.28 0.10
CA GLU G 319 -60.54 -76.90 1.48
C GLU G 319 -59.78 -77.96 2.29
N ASP G 320 -59.93 -79.23 1.91
CA ASP G 320 -59.31 -80.33 2.66
C ASP G 320 -57.82 -80.39 2.40
N PHE G 321 -57.34 -79.69 1.37
CA PHE G 321 -55.91 -79.75 0.99
C PHE G 321 -54.99 -79.00 1.94
N PHE G 322 -55.59 -78.11 2.71
CA PHE G 322 -54.82 -77.30 3.60
C PHE G 322 -54.98 -77.74 5.07
N LEU G 323 -53.91 -78.23 5.68
CA LEU G 323 -54.02 -78.72 7.05
C LEU G 323 -53.73 -77.65 8.07
N GLU G 324 -52.50 -77.14 8.01
CA GLU G 324 -52.12 -76.08 8.94
C GLU G 324 -51.33 -75.03 8.22
N TYR G 325 -51.29 -73.88 8.87
CA TYR G 325 -50.67 -72.77 8.27
C TYR G 325 -49.26 -73.24 7.94
N ARG G 326 -48.94 -73.31 6.65
CA ARG G 326 -47.65 -73.81 6.28
C ARG G 326 -47.65 -75.30 6.30
N LYS G 327 -48.58 -75.97 5.66
CA LYS G 327 -48.57 -77.43 5.65
C LYS G 327 -49.70 -77.92 4.79
N GLN G 328 -49.41 -78.77 3.81
CA GLN G 328 -50.48 -79.27 2.96
C GLN G 328 -50.51 -80.79 2.81
N ASP G 329 -51.67 -81.29 2.35
CA ASP G 329 -51.86 -82.72 2.16
C ASP G 329 -51.15 -83.13 0.90
N ARG G 330 -49.82 -83.01 0.91
CA ARG G 330 -49.02 -83.32 -0.27
C ARG G 330 -47.94 -84.35 -0.03
N ARG G 331 -47.90 -85.37 -0.87
CA ARG G 331 -46.94 -86.43 -0.63
C ARG G 331 -45.68 -86.23 -1.44
N PRO G 332 -44.58 -86.69 -0.84
CA PRO G 332 -43.30 -86.77 -1.55
C PRO G 332 -43.53 -87.27 -2.96
N GLY G 333 -43.13 -86.49 -3.95
CA GLY G 333 -43.25 -86.90 -5.35
C GLY G 333 -44.59 -86.54 -5.93
N GLU G 334 -45.46 -85.99 -5.07
CA GLU G 334 -46.80 -85.65 -5.48
C GLU G 334 -46.87 -84.19 -5.98
N PHE G 335 -47.62 -83.94 -7.04
CA PHE G 335 -47.86 -82.57 -7.46
C PHE G 335 -49.32 -82.25 -7.83
N VAL G 336 -49.68 -80.96 -7.82
CA VAL G 336 -51.03 -80.57 -8.19
C VAL G 336 -51.17 -80.70 -9.72
N GLU G 337 -52.32 -81.22 -10.23
CA GLU G 337 -52.52 -81.38 -11.69
C GLU G 337 -53.68 -80.61 -12.21
N SER G 338 -54.67 -80.36 -11.37
CA SER G 338 -55.75 -79.51 -11.84
C SER G 338 -56.74 -79.36 -10.74
N VAL G 339 -57.76 -78.56 -11.01
CA VAL G 339 -58.86 -78.40 -10.08
C VAL G 339 -60.09 -78.40 -10.94
N THR G 340 -61.24 -78.73 -10.35
CA THR G 340 -62.48 -78.81 -11.12
C THR G 340 -63.60 -77.91 -10.57
N LEU G 341 -64.27 -77.20 -11.46
CA LEU G 341 -65.31 -76.28 -11.03
C LEU G 341 -66.67 -76.72 -11.55
N PRO G 342 -67.72 -76.47 -10.79
CA PRO G 342 -69.04 -76.86 -11.23
C PRO G 342 -69.34 -76.01 -12.43
N LYS G 343 -70.31 -76.39 -13.24
CA LYS G 343 -70.67 -75.60 -14.41
C LYS G 343 -71.33 -74.30 -13.95
N SER G 344 -71.91 -74.27 -12.75
CA SER G 344 -72.57 -73.01 -12.28
C SER G 344 -72.66 -72.79 -10.76
N ALA G 345 -72.87 -71.52 -10.36
CA ALA G 345 -72.97 -71.15 -8.93
C ALA G 345 -73.39 -69.70 -8.77
N PRO G 346 -74.60 -69.41 -9.20
CA PRO G 346 -75.08 -68.03 -9.21
C PRO G 346 -74.96 -67.40 -7.86
N GLY G 347 -74.71 -68.19 -6.84
CA GLY G 347 -74.77 -67.63 -5.50
C GLY G 347 -73.42 -67.18 -5.01
N LEU G 348 -72.40 -67.51 -5.77
CA LEU G 348 -71.06 -67.12 -5.41
C LEU G 348 -71.01 -65.66 -5.45
N ARG G 349 -70.26 -65.11 -4.50
CA ARG G 349 -70.01 -63.67 -4.45
C ARG G 349 -68.65 -63.50 -3.74
N CYS G 350 -67.66 -62.89 -4.39
CA CYS G 350 -66.35 -62.74 -3.75
C CYS G 350 -65.99 -61.28 -3.25
N TYR G 351 -65.38 -61.16 -2.08
CA TYR G 351 -65.03 -59.87 -1.55
C TYR G 351 -63.58 -59.83 -1.10
N LYS G 352 -62.89 -58.79 -1.56
CA LYS G 352 -61.49 -58.57 -1.23
C LYS G 352 -61.40 -57.27 -0.49
N LEU G 353 -60.60 -57.25 0.58
CA LEU G 353 -60.39 -56.04 1.38
C LEU G 353 -58.91 -55.83 1.68
N SER G 354 -58.39 -54.67 1.29
CA SER G 354 -56.98 -54.37 1.41
C SER G 354 -56.85 -52.88 1.63
N LYS G 355 -55.62 -52.34 1.62
CA LYS G 355 -55.48 -50.92 1.93
C LYS G 355 -55.73 -50.08 0.70
N ARG G 356 -55.26 -50.63 -0.39
CA ARG G 356 -55.47 -50.02 -1.68
C ARG G 356 -56.20 -51.09 -2.53
N PHE G 357 -57.01 -50.65 -3.49
CA PHE G 357 -57.81 -51.56 -4.32
C PHE G 357 -57.04 -52.41 -5.22
N ASP G 358 -56.17 -51.81 -5.99
CA ASP G 358 -55.43 -52.59 -6.97
C ASP G 358 -54.04 -53.04 -6.50
N GLN G 359 -53.64 -54.19 -7.02
CA GLN G 359 -52.35 -54.79 -6.66
C GLN G 359 -52.01 -54.65 -5.16
N ASP G 360 -52.80 -55.29 -4.30
CA ASP G 360 -52.62 -55.22 -2.86
C ASP G 360 -52.91 -56.63 -2.35
N ILE G 361 -52.47 -56.90 -1.14
CA ILE G 361 -52.69 -58.18 -0.55
C ILE G 361 -53.84 -57.98 0.38
N SER G 362 -54.75 -58.95 0.46
CA SER G 362 -56.02 -58.77 1.16
C SER G 362 -55.74 -58.89 2.63
N ALA G 363 -56.41 -58.09 3.44
CA ALA G 363 -56.31 -58.27 4.87
C ALA G 363 -57.31 -59.34 5.18
N VAL G 364 -58.35 -59.38 4.36
CA VAL G 364 -59.43 -60.33 4.53
C VAL G 364 -60.06 -60.59 3.19
N CYS G 365 -60.20 -61.86 2.88
CA CYS G 365 -60.93 -62.20 1.69
C CYS G 365 -62.17 -63.06 2.01
N GLY G 366 -63.35 -62.55 1.66
CA GLY G 366 -64.59 -63.26 1.88
C GLY G 366 -65.32 -63.79 0.66
N CYS G 367 -65.44 -65.11 0.57
CA CYS G 367 -66.20 -65.76 -0.47
C CYS G 367 -67.49 -66.40 0.12
N LEU G 368 -68.67 -65.98 -0.38
CA LEU G 368 -69.98 -66.47 0.10
C LEU G 368 -70.90 -67.04 -1.00
N ASN G 369 -71.46 -68.20 -0.67
CA ASN G 369 -72.28 -68.97 -1.57
C ASN G 369 -73.46 -69.58 -0.82
N LEU G 370 -74.64 -68.99 -1.00
CA LEU G 370 -75.85 -69.45 -0.33
C LEU G 370 -76.90 -69.94 -1.32
N THR G 371 -77.38 -71.17 -1.12
CA THR G 371 -78.41 -71.74 -1.96
C THR G 371 -79.76 -71.54 -1.29
N LEU G 372 -80.80 -71.21 -2.08
CA LEU G 372 -82.14 -70.97 -1.51
C LEU G 372 -83.27 -71.91 -1.94
N LYS G 373 -84.17 -72.11 -0.98
CA LYS G 373 -85.41 -72.84 -1.18
C LYS G 373 -86.45 -71.74 -0.89
N GLY G 374 -86.66 -70.85 -1.85
CA GLY G 374 -87.55 -69.72 -1.66
C GLY G 374 -87.57 -69.19 -0.22
N SER G 375 -86.95 -68.04 0.03
CA SER G 375 -86.95 -67.44 1.38
C SER G 375 -86.23 -68.27 2.47
N LYS G 376 -86.00 -69.56 2.21
CA LYS G 376 -85.35 -70.42 3.20
C LYS G 376 -83.94 -70.82 2.75
N ILE G 377 -83.03 -70.93 3.71
CA ILE G 377 -81.63 -71.18 3.39
C ILE G 377 -81.26 -72.64 3.32
N GLU G 378 -81.17 -73.19 2.10
CA GLU G 378 -80.84 -74.61 1.91
C GLU G 378 -79.42 -74.94 2.29
N THR G 379 -78.48 -74.50 1.45
CA THR G 379 -77.08 -74.82 1.65
C THR G 379 -76.34 -73.55 1.93
N ALA G 380 -75.18 -73.66 2.61
CA ALA G 380 -74.33 -72.49 2.91
C ALA G 380 -72.85 -72.82 2.81
N ARG G 381 -72.20 -72.19 1.85
CA ARG G 381 -70.76 -72.35 1.68
C ARG G 381 -70.09 -71.01 1.99
N ILE G 382 -69.37 -70.95 3.09
CA ILE G 382 -68.71 -69.71 3.42
C ILE G 382 -67.23 -69.86 3.77
N ALA G 383 -66.36 -69.31 2.90
CA ALA G 383 -64.90 -69.33 3.09
C ALA G 383 -64.18 -67.96 3.29
N PHE G 384 -63.01 -68.01 3.92
CA PHE G 384 -62.25 -66.81 4.16
C PHE G 384 -60.77 -67.08 4.03
N GLY G 385 -60.09 -66.04 3.53
CA GLY G 385 -58.65 -65.97 3.45
C GLY G 385 -58.19 -64.96 4.50
N GLY G 386 -56.96 -65.19 4.98
CA GLY G 386 -56.34 -64.36 6.00
C GLY G 386 -57.01 -64.25 7.35
N MET G 387 -57.97 -65.13 7.66
CA MET G 387 -58.66 -65.06 8.96
C MET G 387 -58.00 -66.05 9.86
N ALA G 388 -57.06 -66.82 9.34
CA ALA G 388 -56.41 -67.82 10.15
C ALA G 388 -55.20 -68.33 9.38
N GLY G 389 -54.50 -69.29 9.95
CA GLY G 389 -53.34 -69.82 9.26
C GLY G 389 -53.73 -70.63 8.04
N VAL G 390 -55.03 -70.67 7.71
CA VAL G 390 -55.40 -71.57 6.63
C VAL G 390 -56.71 -71.12 6.01
N PRO G 391 -56.89 -71.21 4.69
CA PRO G 391 -58.20 -70.86 4.10
C PRO G 391 -59.22 -71.82 4.65
N LYS G 392 -60.35 -71.38 5.21
CA LYS G 392 -61.30 -72.37 5.72
C LYS G 392 -62.73 -71.90 5.80
N ARG G 393 -63.66 -72.87 5.84
CA ARG G 393 -65.10 -72.59 5.92
C ARG G 393 -65.42 -72.17 7.33
N ALA G 394 -66.45 -71.35 7.51
CA ALA G 394 -66.76 -70.87 8.85
C ALA G 394 -67.92 -71.65 9.45
N ALA G 395 -67.62 -72.93 9.79
CA ALA G 395 -68.58 -73.99 10.20
C ALA G 395 -69.70 -73.53 11.08
N ALA G 396 -69.33 -73.12 12.27
CA ALA G 396 -70.31 -72.68 13.23
C ALA G 396 -71.18 -71.60 12.64
N PHE G 397 -70.64 -70.77 11.76
CA PHE G 397 -71.49 -69.78 11.11
C PHE G 397 -72.38 -70.46 10.06
N GLU G 398 -71.78 -71.28 9.19
CA GLU G 398 -72.53 -71.98 8.14
C GLU G 398 -73.70 -72.71 8.79
N ALA G 399 -73.38 -73.53 9.80
CA ALA G 399 -74.39 -74.34 10.49
C ALA G 399 -75.60 -73.54 10.91
N ALA G 400 -75.36 -72.57 11.79
CA ALA G 400 -76.42 -71.76 12.38
C ALA G 400 -77.25 -71.04 11.36
N LEU G 401 -76.95 -71.24 10.09
CA LEU G 401 -77.65 -70.50 9.08
C LEU G 401 -78.69 -71.36 8.37
N ILE G 402 -78.38 -72.64 8.23
CA ILE G 402 -79.29 -73.57 7.56
C ILE G 402 -80.71 -73.50 8.11
N GLY G 403 -81.71 -73.55 7.22
CA GLY G 403 -83.10 -73.60 7.65
C GLY G 403 -83.64 -72.26 8.04
N GLN G 404 -82.78 -71.37 8.50
CA GLN G 404 -83.24 -70.04 8.85
C GLN G 404 -83.66 -69.23 7.62
N ASP G 405 -84.41 -68.16 7.87
CA ASP G 405 -84.90 -67.27 6.80
C ASP G 405 -83.82 -66.32 6.29
N PHE G 406 -83.79 -66.07 4.99
CA PHE G 406 -82.76 -65.20 4.39
C PHE G 406 -83.10 -63.69 4.42
N ARG G 407 -83.06 -63.11 5.61
CA ARG G 407 -83.34 -61.71 5.83
C ARG G 407 -82.12 -61.20 6.57
N GLU G 408 -81.93 -59.89 6.58
CA GLU G 408 -80.76 -59.31 7.23
C GLU G 408 -80.67 -59.66 8.71
N ASP G 409 -81.76 -59.44 9.44
CA ASP G 409 -81.78 -59.70 10.90
C ASP G 409 -81.35 -61.13 11.29
N THR G 410 -81.74 -62.14 10.52
CA THR G 410 -81.28 -63.47 10.93
C THR G 410 -79.76 -63.45 10.92
N ILE G 411 -79.17 -62.99 9.81
CA ILE G 411 -77.70 -62.95 9.72
C ILE G 411 -77.12 -62.08 10.81
N ALA G 412 -77.71 -60.93 11.02
CA ALA G 412 -77.24 -60.08 12.11
C ALA G 412 -77.05 -60.87 13.41
N ALA G 413 -77.98 -61.77 13.74
CA ALA G 413 -77.89 -62.48 15.02
C ALA G 413 -76.89 -63.61 15.01
N ALA G 414 -76.44 -64.03 13.82
CA ALA G 414 -75.51 -65.14 13.75
C ALA G 414 -74.02 -64.72 13.76
N LEU G 415 -73.79 -63.44 13.45
CA LEU G 415 -72.41 -62.93 13.35
C LEU G 415 -71.40 -63.39 14.41
N PRO G 416 -71.75 -63.32 15.70
CA PRO G 416 -70.82 -63.71 16.78
C PRO G 416 -70.23 -65.11 16.58
N LEU G 417 -70.96 -66.00 15.91
CA LEU G 417 -70.39 -67.31 15.66
C LEU G 417 -69.07 -67.20 14.91
N LEU G 418 -68.90 -66.11 14.17
CA LEU G 418 -67.66 -65.95 13.41
C LEU G 418 -66.48 -65.88 14.37
N ALA G 419 -66.72 -65.19 15.48
CA ALA G 419 -65.71 -65.01 16.51
C ALA G 419 -65.33 -66.37 17.09
N GLN G 420 -66.15 -67.39 16.80
CA GLN G 420 -65.84 -68.74 17.27
C GLN G 420 -65.13 -69.47 16.16
N ASP G 421 -65.53 -69.19 14.92
CA ASP G 421 -64.93 -69.88 13.79
C ASP G 421 -63.50 -69.42 13.65
N PHE G 422 -63.29 -68.12 13.86
CA PHE G 422 -61.96 -67.58 13.67
C PHE G 422 -61.39 -66.69 14.77
N THR G 423 -60.06 -66.66 14.88
CA THR G 423 -59.40 -65.76 15.83
C THR G 423 -58.22 -65.04 15.15
N PRO G 424 -58.50 -63.97 14.46
CA PRO G 424 -57.53 -63.43 13.52
C PRO G 424 -56.32 -62.75 14.18
N LEU G 425 -55.36 -62.45 13.34
CA LEU G 425 -54.10 -61.87 13.70
C LEU G 425 -54.07 -60.33 13.69
N SER G 426 -52.98 -59.75 14.17
CA SER G 426 -52.80 -58.33 14.00
C SER G 426 -51.48 -58.17 13.27
N ASP G 427 -51.47 -57.40 12.19
CA ASP G 427 -50.18 -57.14 11.56
C ASP G 427 -50.25 -55.79 10.92
N MET G 428 -49.36 -55.55 9.97
CA MET G 428 -49.30 -54.22 9.39
C MET G 428 -50.45 -53.95 8.45
N ARG G 429 -51.02 -54.97 7.84
CA ARG G 429 -52.17 -54.71 6.94
C ARG G 429 -53.39 -54.30 7.73
N ALA G 430 -53.55 -54.83 8.96
CA ALA G 430 -54.69 -54.49 9.83
C ALA G 430 -54.74 -55.20 11.17
N SER G 431 -55.57 -54.67 12.04
CA SER G 431 -55.65 -55.16 13.38
C SER G 431 -56.72 -56.19 13.47
N ALA G 432 -56.46 -57.16 14.34
CA ALA G 432 -57.39 -58.28 14.60
C ALA G 432 -58.79 -57.71 14.80
N ALA G 433 -58.95 -56.64 15.56
CA ALA G 433 -60.34 -56.23 15.70
C ALA G 433 -60.92 -56.06 14.31
N TYR G 434 -60.21 -55.26 13.49
CA TYR G 434 -60.67 -54.84 12.19
C TYR G 434 -60.91 -56.06 11.33
N ARG G 435 -60.00 -57.01 11.40
CA ARG G 435 -60.18 -58.15 10.54
C ARG G 435 -61.43 -58.95 10.89
N MET G 436 -61.71 -59.03 12.21
CA MET G 436 -62.89 -59.74 12.70
C MET G 436 -64.05 -58.96 12.15
N ASN G 437 -64.15 -57.71 12.61
CA ASN G 437 -65.26 -56.87 12.23
C ASN G 437 -65.49 -56.86 10.72
N ALA G 438 -64.49 -57.29 9.98
CA ALA G 438 -64.61 -57.19 8.55
C ALA G 438 -65.35 -58.39 8.11
N ALA G 439 -64.90 -59.51 8.65
CA ALA G 439 -65.47 -60.81 8.33
C ALA G 439 -66.95 -60.68 8.53
N GLN G 440 -67.33 -60.03 9.62
CA GLN G 440 -68.73 -59.97 9.90
C GLN G 440 -69.33 -59.15 8.84
N ALA G 441 -68.69 -58.03 8.54
CA ALA G 441 -69.21 -57.07 7.58
C ALA G 441 -69.50 -57.69 6.26
N MET G 442 -68.64 -58.60 5.82
CA MET G 442 -68.86 -59.23 4.54
C MET G 442 -70.20 -59.96 4.50
N ALA G 443 -70.55 -60.58 5.64
CA ALA G 443 -71.85 -61.27 5.73
C ALA G 443 -73.02 -60.27 5.55
N LEU G 444 -72.99 -59.12 6.21
CA LEU G 444 -74.11 -58.20 5.97
C LEU G 444 -74.06 -57.73 4.53
N ARG G 445 -72.87 -57.72 3.96
CA ARG G 445 -72.81 -57.22 2.60
C ARG G 445 -73.65 -58.12 1.72
N TYR G 446 -73.28 -59.42 1.72
CA TYR G 446 -73.94 -60.47 0.95
C TYR G 446 -75.44 -60.38 0.92
N VAL G 447 -76.05 -60.26 2.09
CA VAL G 447 -77.48 -60.13 2.11
C VAL G 447 -77.79 -58.94 1.28
N ARG G 448 -77.34 -57.79 1.77
CA ARG G 448 -77.70 -56.53 1.11
C ARG G 448 -77.49 -56.57 -0.40
N GLU G 449 -76.42 -57.19 -0.85
CA GLU G 449 -76.20 -57.18 -2.28
C GLU G 449 -77.31 -58.00 -2.94
N LEU G 450 -77.47 -59.26 -2.50
CA LEU G 450 -78.50 -60.15 -3.03
C LEU G 450 -79.89 -59.56 -2.97
N SER G 451 -80.11 -58.70 -1.97
CA SER G 451 -81.38 -57.97 -1.81
C SER G 451 -81.52 -56.80 -2.75
N GLY G 452 -80.65 -56.74 -3.75
CA GLY G 452 -80.67 -55.65 -4.71
C GLY G 452 -80.33 -54.27 -4.16
N GLU G 453 -79.37 -54.19 -3.25
CA GLU G 453 -79.11 -52.88 -2.65
C GLU G 453 -77.79 -52.30 -3.19
N ALA G 454 -77.55 -51.00 -3.02
CA ALA G 454 -76.27 -50.42 -3.52
C ALA G 454 -75.18 -50.61 -2.46
N VAL G 455 -74.10 -51.26 -2.86
CA VAL G 455 -73.15 -51.68 -1.86
C VAL G 455 -71.66 -51.60 -2.26
N ALA G 456 -71.37 -51.66 -3.54
CA ALA G 456 -69.97 -51.52 -3.92
C ALA G 456 -69.58 -50.07 -4.20
N VAL G 457 -68.45 -49.67 -3.62
CA VAL G 457 -67.93 -48.31 -3.80
C VAL G 457 -67.31 -48.22 -5.21
N LEU G 458 -66.84 -49.35 -5.74
CA LEU G 458 -66.26 -49.35 -7.07
C LEU G 458 -67.29 -49.29 -8.19
N GLU G 459 -68.57 -49.17 -7.88
CA GLU G 459 -69.54 -49.12 -8.95
C GLU G 459 -70.23 -47.77 -8.96
N VAL G 460 -69.84 -46.90 -8.02
CA VAL G 460 -70.35 -45.56 -7.99
C VAL G 460 -69.70 -44.73 -9.10
N MET G 461 -70.50 -44.13 -9.97
CA MET G 461 -69.94 -43.23 -10.99
C MET G 461 -70.05 -41.81 -10.49
N PRO G 462 -69.10 -40.98 -10.90
CA PRO G 462 -69.13 -39.55 -10.55
C PRO G 462 -70.36 -38.82 -11.16
N SER H 2 -39.27 -17.39 -24.55
CA SER H 2 -39.60 -18.84 -24.56
C SER H 2 -40.30 -19.25 -23.27
N VAL H 3 -40.14 -18.38 -22.30
CA VAL H 3 -40.79 -18.45 -21.06
C VAL H 3 -42.22 -18.35 -21.40
N GLY H 4 -43.06 -19.16 -20.75
CA GLY H 4 -44.51 -19.03 -20.88
C GLY H 4 -45.13 -20.07 -21.80
N LYS H 5 -44.28 -20.79 -22.53
CA LYS H 5 -44.76 -21.75 -23.53
C LYS H 5 -44.79 -23.14 -22.92
N PRO H 6 -45.76 -23.96 -23.27
CA PRO H 6 -45.88 -25.30 -22.70
C PRO H 6 -44.96 -26.29 -23.31
N LEU H 7 -43.67 -26.14 -23.13
CA LEU H 7 -42.77 -27.04 -23.81
C LEU H 7 -42.43 -28.27 -23.02
N PRO H 8 -42.08 -29.32 -23.73
CA PRO H 8 -41.84 -30.63 -23.12
C PRO H 8 -40.55 -30.64 -22.31
N HIS H 9 -40.42 -31.61 -21.43
CA HIS H 9 -39.28 -31.70 -20.53
C HIS H 9 -38.02 -31.94 -21.36
N ASP H 10 -36.87 -31.40 -20.95
CA ASP H 10 -35.65 -31.55 -21.75
C ASP H 10 -35.33 -32.92 -22.11
N SER H 11 -35.86 -33.86 -21.36
CA SER H 11 -35.46 -35.24 -21.67
C SER H 11 -36.59 -36.21 -22.06
N ALA H 12 -37.76 -35.67 -22.41
CA ALA H 12 -38.85 -36.50 -22.89
C ALA H 12 -38.37 -37.63 -23.92
N ARG H 13 -37.83 -37.24 -25.04
CA ARG H 13 -37.59 -38.30 -25.95
C ARG H 13 -36.79 -39.41 -25.30
N ALA H 14 -35.75 -39.02 -24.62
CA ALA H 14 -34.87 -40.03 -24.04
C ALA H 14 -35.55 -40.90 -22.94
N HIS H 15 -36.54 -40.32 -22.24
CA HIS H 15 -37.18 -41.08 -21.24
C HIS H 15 -37.90 -42.18 -22.03
N VAL H 16 -38.72 -41.70 -22.91
CA VAL H 16 -39.64 -42.51 -23.61
C VAL H 16 -38.99 -43.58 -24.48
N THR H 17 -37.68 -43.57 -24.74
CA THR H 17 -37.08 -44.63 -25.54
C THR H 17 -36.08 -45.36 -24.74
N GLY H 18 -35.99 -45.00 -23.43
CA GLY H 18 -35.11 -45.77 -22.57
C GLY H 18 -33.67 -45.45 -22.86
N GLN H 19 -33.48 -44.27 -23.41
CA GLN H 19 -32.11 -43.86 -23.67
C GLN H 19 -31.54 -43.05 -22.49
N ALA H 20 -32.40 -42.36 -21.74
CA ALA H 20 -31.90 -41.56 -20.63
C ALA H 20 -31.19 -42.46 -19.60
N ARG H 21 -29.97 -42.11 -19.24
CA ARG H 21 -29.27 -42.87 -18.20
C ARG H 21 -29.38 -42.32 -16.78
N TYR H 22 -29.49 -43.23 -15.81
CA TYR H 22 -29.55 -42.87 -14.40
C TYR H 22 -28.39 -43.57 -13.84
N LEU H 23 -27.98 -43.20 -12.63
CA LEU H 23 -26.73 -43.72 -12.06
C LEU H 23 -26.31 -45.16 -12.32
N ASP H 24 -27.20 -46.09 -11.99
CA ASP H 24 -26.85 -47.50 -12.24
C ASP H 24 -26.73 -47.87 -13.74
N ASP H 25 -27.22 -47.01 -14.64
CA ASP H 25 -26.97 -47.28 -16.08
C ASP H 25 -25.54 -46.88 -16.57
N LEU H 26 -24.80 -46.05 -15.85
CA LEU H 26 -23.53 -45.60 -16.40
C LEU H 26 -22.55 -46.73 -16.68
N PRO H 27 -21.82 -46.61 -17.75
CA PRO H 27 -20.85 -47.64 -18.13
C PRO H 27 -19.74 -47.54 -17.09
N CYS H 28 -19.11 -48.63 -16.63
CA CYS H 28 -17.97 -48.44 -15.82
C CYS H 28 -16.98 -49.53 -16.05
N PRO H 29 -15.75 -49.27 -15.68
CA PRO H 29 -14.70 -50.23 -15.88
C PRO H 29 -15.14 -51.64 -15.44
N ALA H 30 -14.47 -52.61 -16.04
CA ALA H 30 -14.71 -54.02 -15.73
C ALA H 30 -14.31 -54.29 -14.29
N ASN H 31 -13.34 -53.54 -13.77
CA ASN H 31 -12.92 -53.86 -12.42
C ASN H 31 -13.65 -53.18 -11.27
N THR H 32 -14.87 -52.70 -11.54
CA THR H 32 -15.64 -52.01 -10.56
C THR H 32 -16.08 -52.92 -9.43
N LEU H 33 -16.13 -52.42 -8.21
CA LEU H 33 -16.60 -53.23 -7.09
C LEU H 33 -17.97 -52.71 -6.78
N HIS H 34 -18.74 -53.59 -6.10
CA HIS H 34 -20.08 -53.26 -5.62
C HIS H 34 -20.12 -53.40 -4.08
N LEU H 35 -20.98 -52.62 -3.43
CA LEU H 35 -20.94 -52.54 -1.99
C LEU H 35 -22.25 -52.63 -1.31
N ALA H 36 -22.27 -53.14 -0.07
CA ALA H 36 -23.52 -53.21 0.68
C ALA H 36 -23.26 -53.11 2.15
N PHE H 37 -24.16 -52.45 2.85
CA PHE H 37 -24.01 -52.36 4.30
C PHE H 37 -24.46 -53.64 5.07
N GLY H 38 -23.94 -53.85 6.30
CA GLY H 38 -24.37 -54.94 7.19
C GLY H 38 -25.23 -54.16 8.16
N LEU H 39 -26.44 -54.57 8.46
CA LEU H 39 -27.20 -53.70 9.34
C LEU H 39 -27.50 -54.26 10.71
N SER H 40 -27.82 -53.33 11.63
CA SER H 40 -28.05 -53.70 12.99
C SER H 40 -29.37 -54.44 13.01
N THR H 41 -29.50 -55.47 13.83
CA THR H 41 -30.83 -56.04 14.04
C THR H 41 -31.47 -55.59 15.35
N GLU H 42 -30.96 -54.55 16.04
CA GLU H 42 -31.47 -54.07 17.30
C GLU H 42 -31.73 -52.58 17.34
N ALA H 43 -32.78 -52.18 18.02
CA ALA H 43 -33.16 -50.80 18.08
C ALA H 43 -32.29 -49.94 18.94
N SER H 44 -31.56 -50.60 19.86
CA SER H 44 -30.74 -49.81 20.80
C SER H 44 -29.92 -50.66 21.63
N ALA H 45 -28.67 -50.87 21.24
CA ALA H 45 -27.82 -51.79 21.95
C ALA H 45 -26.41 -51.38 21.79
N ALA H 46 -25.50 -51.95 22.57
CA ALA H 46 -24.09 -51.68 22.49
C ALA H 46 -23.65 -52.89 21.74
N ILE H 47 -22.64 -52.79 20.89
CA ILE H 47 -22.21 -53.96 20.13
C ILE H 47 -21.13 -54.53 20.95
N THR H 48 -21.07 -55.85 21.02
CA THR H 48 -20.16 -56.44 21.97
C THR H 48 -19.16 -57.36 21.37
N GLY H 49 -19.56 -57.97 20.27
CA GLY H 49 -18.67 -58.75 19.47
C GLY H 49 -19.13 -58.58 18.05
N LEU H 50 -18.19 -58.71 17.12
CA LEU H 50 -18.46 -58.47 15.72
C LEU H 50 -17.52 -59.31 14.90
N ASP H 51 -17.89 -60.56 14.65
CA ASP H 51 -17.07 -61.47 13.87
C ASP H 51 -17.43 -61.31 12.40
N LEU H 52 -16.46 -60.90 11.59
CA LEU H 52 -16.67 -60.71 10.16
C LEU H 52 -15.98 -61.80 9.37
N GLU H 53 -15.46 -62.79 10.01
CA GLU H 53 -14.73 -63.75 9.24
C GLU H 53 -15.58 -64.40 8.12
N PRO H 54 -16.81 -64.81 8.42
CA PRO H 54 -17.64 -65.48 7.42
C PRO H 54 -17.93 -64.49 6.31
N VAL H 55 -17.78 -63.20 6.56
CA VAL H 55 -18.05 -62.24 5.52
C VAL H 55 -16.86 -62.17 4.59
N ARG H 56 -15.66 -61.98 5.12
CA ARG H 56 -14.52 -62.03 4.21
C ARG H 56 -14.52 -63.32 3.41
N GLU H 57 -14.98 -64.43 4.00
CA GLU H 57 -14.84 -65.70 3.30
C GLU H 57 -15.88 -65.93 2.22
N SER H 58 -16.93 -65.10 2.23
CA SER H 58 -18.01 -65.17 1.27
C SER H 58 -17.54 -64.88 -0.18
N PRO H 59 -18.08 -65.61 -1.12
CA PRO H 59 -17.49 -65.59 -2.47
C PRO H 59 -17.51 -64.20 -3.12
N GLY H 60 -16.46 -63.87 -3.86
CA GLY H 60 -16.41 -62.59 -4.56
C GLY H 60 -16.22 -61.36 -3.66
N VAL H 61 -16.03 -61.60 -2.37
CA VAL H 61 -15.81 -60.47 -1.51
C VAL H 61 -14.38 -60.01 -1.59
N ILE H 62 -14.17 -58.70 -1.69
CA ILE H 62 -12.80 -58.19 -1.82
C ILE H 62 -12.29 -57.47 -0.56
N ALA H 63 -13.13 -56.71 0.11
CA ALA H 63 -12.69 -56.03 1.32
C ALA H 63 -13.92 -55.82 2.12
N VAL H 64 -13.76 -55.65 3.45
CA VAL H 64 -14.89 -55.43 4.39
C VAL H 64 -14.51 -54.29 5.32
N PHE H 65 -15.41 -53.40 5.72
CA PHE H 65 -14.94 -52.24 6.50
C PHE H 65 -15.79 -51.94 7.71
N THR H 66 -15.17 -51.34 8.69
CA THR H 66 -15.79 -51.05 9.96
C THR H 66 -15.45 -49.61 10.36
N ALA H 67 -16.15 -49.06 11.33
CA ALA H 67 -15.81 -47.73 11.77
C ALA H 67 -14.31 -47.57 12.01
N ALA H 68 -13.62 -48.63 12.42
CA ALA H 68 -12.21 -48.42 12.74
C ALA H 68 -11.40 -48.30 11.48
N ASP H 69 -11.99 -48.62 10.35
CA ASP H 69 -11.20 -48.63 9.14
C ASP H 69 -11.36 -47.32 8.47
N LEU H 70 -12.34 -46.54 8.92
CA LEU H 70 -12.53 -45.24 8.33
C LEU H 70 -11.30 -44.36 8.57
N PRO H 71 -10.61 -43.99 7.51
CA PRO H 71 -9.39 -43.19 7.63
C PRO H 71 -9.56 -41.80 8.24
N HIS H 72 -10.75 -41.21 8.20
CA HIS H 72 -10.90 -39.84 8.72
C HIS H 72 -12.29 -39.62 9.39
N ASP H 73 -13.01 -38.57 9.04
CA ASP H 73 -14.35 -38.39 9.54
C ASP H 73 -15.24 -39.62 9.34
N ASN H 74 -16.21 -39.81 10.26
CA ASN H 74 -17.21 -40.88 10.17
C ASN H 74 -18.46 -40.13 10.48
N ASP H 75 -18.90 -39.29 9.53
CA ASP H 75 -20.07 -38.45 9.77
C ASP H 75 -20.88 -38.11 8.50
N ALA H 76 -22.18 -38.47 8.42
CA ALA H 76 -22.95 -38.17 7.24
C ALA H 76 -23.98 -37.12 7.45
N SER H 77 -24.05 -36.58 8.66
CA SER H 77 -25.10 -35.61 8.95
C SER H 77 -25.01 -34.27 8.23
N PRO H 78 -26.16 -33.79 7.81
CA PRO H 78 -26.32 -32.44 7.29
C PRO H 78 -26.42 -31.41 8.44
N ALA H 79 -26.18 -31.81 9.67
CA ALA H 79 -26.32 -30.87 10.79
C ALA H 79 -25.07 -30.93 11.66
N PRO H 80 -24.93 -29.98 12.58
CA PRO H 80 -23.74 -29.91 13.42
C PRO H 80 -23.56 -31.22 14.19
N SER H 81 -24.60 -31.81 14.77
CA SER H 81 -24.36 -33.05 15.49
C SER H 81 -24.14 -34.19 14.51
N PRO H 82 -23.14 -35.01 14.78
CA PRO H 82 -22.74 -36.05 13.83
C PRO H 82 -23.70 -37.23 13.81
N GLU H 83 -23.57 -38.01 12.72
CA GLU H 83 -24.34 -39.20 12.46
C GLU H 83 -23.33 -40.11 11.78
N PRO H 84 -22.78 -41.08 12.50
CA PRO H 84 -21.73 -41.91 11.91
C PRO H 84 -22.28 -42.63 10.67
N VAL H 85 -21.40 -42.98 9.74
CA VAL H 85 -21.77 -43.76 8.61
C VAL H 85 -21.73 -45.19 9.10
N LEU H 86 -20.63 -45.65 9.66
CA LEU H 86 -20.63 -46.99 10.26
C LEU H 86 -20.83 -46.88 11.76
N ALA H 87 -21.47 -47.87 12.37
CA ALA H 87 -21.70 -47.87 13.80
C ALA H 87 -20.43 -47.84 14.60
N THR H 88 -20.40 -46.92 15.57
CA THR H 88 -19.25 -46.80 16.43
C THR H 88 -19.52 -47.42 17.79
N GLY H 89 -19.38 -48.74 17.91
CA GLY H 89 -19.64 -49.46 19.16
C GLY H 89 -21.09 -49.55 19.69
N GLU H 90 -22.06 -48.89 19.07
CA GLU H 90 -23.45 -49.00 19.53
C GLU H 90 -24.42 -48.70 18.36
N VAL H 91 -25.65 -49.22 18.43
CA VAL H 91 -26.53 -49.02 17.33
C VAL H 91 -27.72 -48.23 17.85
N HIS H 92 -28.47 -47.53 16.98
CA HIS H 92 -29.62 -46.77 17.49
C HIS H 92 -30.91 -47.00 16.77
N PHE H 93 -30.95 -47.96 15.85
CA PHE H 93 -32.23 -48.31 15.35
C PHE H 93 -32.01 -49.51 14.51
N VAL H 94 -33.05 -50.33 14.30
CA VAL H 94 -32.93 -51.51 13.47
C VAL H 94 -32.77 -50.95 12.08
N GLY H 95 -31.69 -51.33 11.42
CA GLY H 95 -31.33 -50.74 10.14
C GLY H 95 -29.97 -49.98 10.13
N GLN H 96 -29.50 -49.48 11.26
CA GLN H 96 -28.28 -48.71 11.19
C GLN H 96 -27.17 -49.52 10.63
N PRO H 97 -26.45 -49.00 9.67
CA PRO H 97 -25.37 -49.76 9.04
C PRO H 97 -24.21 -49.92 10.02
N ILE H 98 -23.49 -51.02 9.94
CA ILE H 98 -22.46 -51.25 10.89
C ILE H 98 -21.23 -51.61 10.16
N PHE H 99 -21.30 -52.48 9.15
CA PHE H 99 -20.09 -52.70 8.40
C PHE H 99 -20.37 -52.56 6.91
N LEU H 100 -19.32 -52.52 6.10
CA LEU H 100 -19.47 -52.21 4.70
C LEU H 100 -18.77 -53.28 3.93
N VAL H 101 -19.45 -53.90 2.96
CA VAL H 101 -18.83 -54.91 2.10
C VAL H 101 -18.64 -54.47 0.63
N ALA H 102 -17.48 -54.80 0.08
CA ALA H 102 -17.20 -54.52 -1.33
C ALA H 102 -16.89 -55.83 -1.98
N ALA H 103 -17.59 -56.14 -3.09
CA ALA H 103 -17.36 -57.43 -3.76
C ALA H 103 -17.47 -57.27 -5.23
N THR H 104 -17.23 -58.33 -6.00
CA THR H 104 -17.25 -58.17 -7.43
C THR H 104 -18.66 -58.20 -7.98
N SER H 105 -19.71 -58.17 -7.15
CA SER H 105 -21.04 -58.01 -7.70
C SER H 105 -22.10 -57.55 -6.68
N HIS H 106 -23.07 -56.78 -7.10
CA HIS H 106 -24.09 -56.38 -6.18
C HIS H 106 -24.53 -57.66 -5.36
N ARG H 107 -25.03 -58.71 -6.02
CA ARG H 107 -25.54 -59.89 -5.28
C ARG H 107 -24.49 -60.31 -4.26
N ALA H 108 -23.30 -60.64 -4.76
CA ALA H 108 -22.28 -61.10 -3.84
C ALA H 108 -22.18 -60.19 -2.63
N ALA H 109 -22.31 -58.89 -2.84
CA ALA H 109 -22.16 -58.04 -1.69
C ALA H 109 -23.33 -58.26 -0.75
N ARG H 110 -24.56 -58.18 -1.23
CA ARG H 110 -25.74 -58.40 -0.40
C ARG H 110 -25.67 -59.73 0.36
N ILE H 111 -25.27 -60.78 -0.31
CA ILE H 111 -25.24 -62.05 0.30
C ILE H 111 -24.31 -61.94 1.47
N ALA H 112 -23.07 -61.49 1.22
CA ALA H 112 -22.09 -61.46 2.29
C ALA H 112 -22.58 -60.62 3.40
N ALA H 113 -23.25 -59.57 3.05
CA ALA H 113 -23.57 -58.66 4.10
C ALA H 113 -24.42 -59.37 5.11
N ARG H 114 -24.96 -60.53 4.77
CA ARG H 114 -25.87 -61.18 5.72
C ARG H 114 -25.19 -62.23 6.64
N LYS H 115 -23.91 -62.44 6.46
CA LYS H 115 -23.25 -63.54 7.16
C LYS H 115 -22.47 -63.15 8.39
N ALA H 116 -22.58 -61.93 8.86
CA ALA H 116 -21.72 -61.62 9.98
C ALA H 116 -22.37 -62.14 11.27
N ARG H 117 -21.56 -62.30 12.33
CA ARG H 117 -22.02 -62.76 13.64
C ARG H 117 -21.79 -61.63 14.57
N ILE H 118 -22.86 -61.02 15.01
CA ILE H 118 -22.73 -59.86 15.85
C ILE H 118 -23.35 -60.26 17.18
N THR H 119 -22.71 -59.80 18.28
CA THR H 119 -23.36 -59.95 19.55
C THR H 119 -23.68 -58.55 20.08
N TYR H 120 -24.85 -58.37 20.69
CA TYR H 120 -25.28 -57.09 21.24
C TYR H 120 -25.62 -57.19 22.76
N ALA H 121 -25.57 -56.04 23.45
CA ALA H 121 -25.97 -55.93 24.84
C ALA H 121 -27.12 -54.93 24.81
N PRO H 122 -28.33 -55.44 24.59
CA PRO H 122 -29.51 -54.57 24.42
C PRO H 122 -29.76 -53.60 25.56
N ARG H 123 -30.48 -52.51 25.26
CA ARG H 123 -30.85 -51.53 26.26
C ARG H 123 -32.26 -51.09 25.91
N PRO H 124 -32.95 -50.46 26.85
CA PRO H 124 -34.33 -50.03 26.62
C PRO H 124 -34.38 -49.07 25.40
N ALA H 125 -35.36 -49.25 24.51
CA ALA H 125 -35.43 -48.47 23.29
C ALA H 125 -36.51 -47.45 23.42
N ILE H 126 -36.34 -46.26 22.83
CA ILE H 126 -37.44 -45.33 22.86
C ILE H 126 -38.17 -45.33 21.53
N LEU H 127 -39.41 -45.83 21.48
CA LEU H 127 -40.07 -45.97 20.20
C LEU H 127 -41.33 -45.15 20.02
N THR H 128 -41.85 -44.55 21.06
CA THR H 128 -43.07 -43.79 20.82
C THR H 128 -42.93 -42.36 21.33
N LEU H 129 -43.71 -41.46 20.78
CA LEU H 129 -43.61 -40.12 21.29
C LEU H 129 -43.74 -40.19 22.81
N ASP H 130 -44.76 -40.91 23.29
CA ASP H 130 -45.04 -40.97 24.75
C ASP H 130 -43.76 -41.39 25.44
N GLN H 131 -43.15 -42.49 24.97
CA GLN H 131 -41.94 -42.90 25.67
C GLN H 131 -40.95 -41.74 25.67
N ALA H 132 -40.78 -41.10 24.50
CA ALA H 132 -39.74 -40.07 24.38
C ALA H 132 -39.98 -38.87 25.25
N LEU H 133 -41.22 -38.50 25.34
CA LEU H 133 -41.57 -37.44 26.26
C LEU H 133 -41.24 -37.94 27.69
N ALA H 134 -41.77 -39.11 28.07
CA ALA H 134 -41.51 -39.57 29.42
C ALA H 134 -39.98 -39.58 29.68
N ALA H 135 -39.17 -39.90 28.67
CA ALA H 135 -37.75 -40.03 28.94
C ALA H 135 -37.02 -38.75 28.70
N ASP H 136 -37.77 -37.70 28.38
CA ASP H 136 -37.11 -36.46 27.96
C ASP H 136 -36.01 -36.71 26.88
N SER H 137 -36.24 -37.66 25.98
CA SER H 137 -35.34 -37.86 24.84
C SER H 137 -35.69 -36.86 23.71
N ARG H 138 -34.85 -35.86 23.48
CA ARG H 138 -35.21 -34.88 22.47
C ARG H 138 -34.02 -34.17 21.85
N PHE H 139 -34.31 -33.33 20.86
CA PHE H 139 -33.25 -32.55 20.26
C PHE H 139 -33.45 -31.10 20.68
N GLU H 140 -32.37 -30.30 20.64
CA GLU H 140 -32.45 -28.88 21.01
C GLU H 140 -32.69 -28.63 22.52
N GLY H 141 -32.30 -29.57 23.37
CA GLY H 141 -32.50 -29.42 24.80
C GLY H 141 -33.75 -28.67 25.25
N GLY H 142 -34.96 -29.14 24.87
CA GLY H 142 -36.24 -28.56 25.30
C GLY H 142 -37.11 -28.08 24.15
N PRO H 143 -38.40 -27.92 24.34
CA PRO H 143 -39.28 -27.49 23.25
C PRO H 143 -38.98 -26.11 22.68
N VAL H 144 -39.54 -25.77 21.52
CA VAL H 144 -39.42 -24.42 20.94
C VAL H 144 -40.80 -23.81 21.02
N ILE H 145 -40.93 -22.56 21.49
CA ILE H 145 -42.21 -21.94 21.72
C ILE H 145 -42.29 -20.53 21.12
N TRP H 146 -43.31 -20.28 20.31
CA TRP H 146 -43.47 -18.97 19.76
C TRP H 146 -44.82 -18.60 20.14
N ALA H 147 -45.02 -17.30 20.30
CA ALA H 147 -46.27 -16.84 20.81
C ALA H 147 -46.57 -15.45 20.33
N ARG H 148 -47.80 -15.25 19.89
CA ARG H 148 -48.20 -13.93 19.49
C ARG H 148 -49.45 -13.60 20.30
N GLY H 149 -49.45 -12.49 21.01
CA GLY H 149 -50.62 -12.17 21.81
C GLY H 149 -50.77 -13.10 23.01
N ASP H 150 -52.00 -13.26 23.51
CA ASP H 150 -52.23 -14.05 24.70
C ASP H 150 -53.33 -15.05 24.51
N VAL H 151 -52.98 -16.22 24.05
CA VAL H 151 -53.98 -17.21 23.76
C VAL H 151 -54.91 -17.52 24.88
N GLU H 152 -54.38 -17.92 26.03
CA GLU H 152 -55.25 -18.36 27.10
C GLU H 152 -56.24 -17.28 27.39
N THR H 153 -55.79 -16.03 27.41
CA THR H 153 -56.74 -14.98 27.64
C THR H 153 -57.82 -14.99 26.58
N ALA H 154 -57.41 -15.12 25.32
CA ALA H 154 -58.38 -15.08 24.26
C ALA H 154 -59.31 -16.31 24.21
N LEU H 155 -58.84 -17.47 24.65
CA LEU H 155 -59.71 -18.65 24.60
C LEU H 155 -60.69 -18.70 25.76
N ALA H 156 -60.33 -18.08 26.87
CA ALA H 156 -61.18 -18.12 28.03
C ALA H 156 -62.46 -17.41 27.70
N GLY H 157 -62.34 -16.31 26.98
CA GLY H 157 -63.48 -15.46 26.67
C GLY H 157 -64.09 -15.70 25.31
N ALA H 158 -64.09 -16.94 24.86
CA ALA H 158 -64.55 -17.23 23.52
C ALA H 158 -65.97 -17.80 23.35
N ALA H 159 -66.74 -17.17 22.48
CA ALA H 159 -68.07 -17.69 22.23
C ALA H 159 -68.02 -19.17 21.87
N HIS H 160 -67.05 -19.58 21.07
CA HIS H 160 -67.01 -20.98 20.64
C HIS H 160 -65.62 -21.51 20.77
N LEU H 161 -65.48 -22.83 20.84
CA LEU H 161 -64.20 -23.39 21.15
C LEU H 161 -64.12 -24.85 20.78
N ALA H 162 -62.94 -25.30 20.38
CA ALA H 162 -62.76 -26.69 19.99
C ALA H 162 -61.40 -27.23 20.44
N GLU H 163 -61.39 -28.30 21.21
CA GLU H 163 -60.18 -28.89 21.69
C GLU H 163 -60.11 -30.23 20.98
N GLY H 164 -58.92 -30.68 20.65
CA GLY H 164 -58.80 -31.94 19.97
C GLY H 164 -57.35 -32.30 19.86
N CYS H 165 -57.08 -33.55 19.52
CA CYS H 165 -55.74 -34.02 19.37
C CYS H 165 -55.77 -35.11 18.32
N PHE H 166 -54.81 -35.18 17.41
CA PHE H 166 -54.86 -36.24 16.41
C PHE H 166 -53.48 -36.53 15.79
N GLU H 167 -53.30 -37.74 15.27
CA GLU H 167 -52.02 -38.21 14.76
C GLU H 167 -51.93 -38.05 13.25
N ILE H 168 -50.72 -37.80 12.75
CA ILE H 168 -50.48 -37.66 11.32
C ILE H 168 -49.28 -38.50 11.04
N GLY H 169 -49.42 -39.58 10.30
CA GLY H 169 -48.34 -40.51 10.07
C GLY H 169 -47.25 -40.10 9.08
N GLY H 170 -46.14 -40.81 9.11
CA GLY H 170 -45.07 -40.34 8.23
C GLY H 170 -45.39 -40.66 6.80
N GLN H 171 -44.37 -40.64 5.95
CA GLN H 171 -44.54 -40.97 4.54
C GLN H 171 -43.21 -41.41 3.99
N GLU H 172 -43.15 -42.47 3.22
CA GLU H 172 -41.87 -42.94 2.62
C GLU H 172 -41.76 -42.25 1.25
N HIS H 173 -40.56 -42.06 0.72
CA HIS H 173 -40.45 -41.25 -0.51
C HIS H 173 -40.92 -42.00 -1.73
N PHE H 174 -40.46 -43.22 -1.76
CA PHE H 174 -40.73 -44.07 -2.90
C PHE H 174 -40.35 -43.43 -4.20
N TYR H 175 -39.07 -43.06 -4.32
CA TYR H 175 -38.60 -42.50 -5.55
C TYR H 175 -38.44 -43.78 -6.39
N LEU H 176 -38.76 -43.78 -7.68
CA LEU H 176 -38.60 -45.03 -8.38
C LEU H 176 -37.14 -45.37 -8.45
N GLU H 177 -36.28 -44.39 -8.65
CA GLU H 177 -34.85 -44.80 -8.70
C GLU H 177 -34.20 -44.83 -7.27
N GLY H 178 -33.57 -45.93 -6.89
CA GLY H 178 -33.04 -46.00 -5.53
C GLY H 178 -31.91 -45.07 -5.17
N GLN H 179 -31.48 -45.01 -3.92
CA GLN H 179 -30.32 -44.22 -3.63
C GLN H 179 -29.14 -44.91 -4.32
N ALA H 180 -28.16 -44.16 -4.83
CA ALA H 180 -27.01 -44.81 -5.49
C ALA H 180 -25.86 -43.85 -5.72
N ALA H 181 -24.65 -44.38 -5.83
CA ALA H 181 -23.51 -43.56 -6.10
C ALA H 181 -22.39 -44.41 -6.65
N LEU H 182 -21.45 -43.73 -7.28
CA LEU H 182 -20.32 -44.35 -7.94
C LEU H 182 -19.15 -43.40 -7.69
N ALA H 183 -17.98 -43.94 -7.46
CA ALA H 183 -16.84 -43.17 -7.07
C ALA H 183 -15.67 -43.67 -7.88
N LEU H 184 -14.94 -42.76 -8.52
CA LEU H 184 -13.82 -43.20 -9.33
C LEU H 184 -12.58 -42.49 -8.85
N PRO H 185 -11.58 -43.27 -8.51
CA PRO H 185 -10.28 -42.74 -8.13
C PRO H 185 -9.78 -41.89 -9.27
N ALA H 186 -9.29 -40.69 -9.02
CA ALA H 186 -8.80 -39.75 -10.03
C ALA H 186 -7.52 -39.11 -9.54
N GLU H 187 -6.45 -39.86 -9.62
CA GLU H 187 -5.11 -39.41 -9.25
C GLU H 187 -5.11 -38.38 -8.15
N GLY H 188 -4.99 -38.87 -6.93
CA GLY H 188 -5.03 -37.95 -5.82
C GLY H 188 -6.39 -37.57 -5.31
N GLY H 189 -7.38 -37.35 -6.18
CA GLY H 189 -8.73 -36.91 -5.75
C GLY H 189 -9.71 -37.96 -6.17
N VAL H 190 -10.98 -37.61 -6.17
CA VAL H 190 -12.00 -38.53 -6.67
C VAL H 190 -13.00 -37.81 -7.47
N VAL H 191 -13.75 -38.58 -8.23
CA VAL H 191 -14.93 -38.06 -8.89
C VAL H 191 -16.07 -38.92 -8.42
N ILE H 192 -17.16 -38.28 -8.05
CA ILE H 192 -18.27 -39.06 -7.59
C ILE H 192 -19.39 -38.73 -8.53
N HIS H 193 -20.05 -39.72 -9.10
CA HIS H 193 -21.36 -39.55 -9.70
C HIS H 193 -22.37 -40.13 -8.65
N CYS H 194 -23.51 -39.46 -8.49
CA CYS H 194 -24.44 -39.95 -7.53
C CYS H 194 -25.79 -39.42 -7.87
N SER H 195 -26.80 -39.87 -7.15
CA SER H 195 -28.12 -39.53 -7.47
C SER H 195 -28.55 -38.71 -6.30
N SER H 196 -28.41 -37.41 -6.36
CA SER H 196 -28.61 -36.64 -5.13
C SER H 196 -29.11 -35.26 -5.40
N GLN H 197 -29.85 -34.66 -4.47
CA GLN H 197 -30.31 -33.33 -4.68
C GLN H 197 -29.30 -32.30 -4.18
N HIS H 198 -28.15 -32.74 -3.71
CA HIS H 198 -27.25 -31.78 -3.10
C HIS H 198 -25.79 -32.19 -3.27
N PRO H 199 -25.31 -32.13 -4.52
CA PRO H 199 -23.95 -32.51 -4.89
C PRO H 199 -22.89 -31.75 -4.09
N SER H 200 -23.10 -30.47 -3.71
CA SER H 200 -22.05 -29.78 -2.89
C SER H 200 -21.90 -30.47 -1.50
N GLU H 201 -23.00 -30.87 -0.89
CA GLU H 201 -22.82 -31.56 0.35
C GLU H 201 -22.05 -32.84 0.11
N ILE H 202 -22.40 -33.54 -0.96
CA ILE H 202 -21.77 -34.80 -1.15
C ILE H 202 -20.31 -34.43 -1.19
N GLN H 203 -20.04 -33.28 -1.80
CA GLN H 203 -18.63 -32.91 -2.02
C GLN H 203 -17.98 -32.76 -0.66
N HIS H 204 -18.62 -31.93 0.15
CA HIS H 204 -18.18 -31.65 1.47
C HIS H 204 -17.97 -32.96 2.23
N LYS H 205 -18.98 -33.80 2.35
CA LYS H 205 -18.77 -34.98 3.18
C LYS H 205 -17.73 -35.95 2.63
N VAL H 206 -17.70 -36.15 1.32
CA VAL H 206 -16.71 -37.09 0.83
C VAL H 206 -15.31 -36.55 1.18
N ALA H 207 -15.10 -35.27 0.90
CA ALA H 207 -13.85 -34.60 1.25
C ALA H 207 -13.42 -34.88 2.75
N HIS H 208 -14.31 -34.60 3.70
CA HIS H 208 -13.92 -34.86 5.08
C HIS H 208 -13.73 -36.33 5.28
N ALA H 209 -14.45 -37.20 4.57
CA ALA H 209 -14.29 -38.62 4.87
C ALA H 209 -12.94 -39.08 4.37
N LEU H 210 -12.37 -38.39 3.40
CA LEU H 210 -11.13 -38.84 2.78
C LEU H 210 -9.92 -38.04 3.27
N GLY H 211 -10.16 -36.88 3.87
CA GLY H 211 -9.03 -36.10 4.38
C GLY H 211 -8.41 -35.28 3.28
N LEU H 212 -9.25 -34.59 2.50
CA LEU H 212 -8.80 -33.91 1.31
C LEU H 212 -9.45 -32.60 1.30
N ALA H 213 -8.92 -31.68 0.55
CA ALA H 213 -9.54 -30.42 0.53
C ALA H 213 -10.65 -30.49 -0.55
N PHE H 214 -11.68 -29.67 -0.39
CA PHE H 214 -12.74 -29.73 -1.31
C PHE H 214 -12.27 -29.67 -2.76
N HIS H 215 -11.20 -29.00 -3.07
CA HIS H 215 -10.91 -28.93 -4.48
C HIS H 215 -10.43 -30.24 -5.08
N ASP H 216 -10.23 -31.28 -4.28
CA ASP H 216 -9.76 -32.52 -4.83
C ASP H 216 -10.91 -33.53 -4.96
N VAL H 217 -12.16 -33.05 -4.86
CA VAL H 217 -13.33 -33.91 -4.93
C VAL H 217 -14.35 -33.27 -5.84
N ARG H 218 -14.74 -33.93 -6.93
CA ARG H 218 -15.66 -33.36 -7.91
C ARG H 218 -16.99 -34.19 -7.94
N VAL H 219 -18.15 -33.56 -7.98
CA VAL H 219 -19.36 -34.37 -7.98
C VAL H 219 -20.24 -34.06 -9.15
N GLU H 220 -20.69 -35.06 -9.89
CA GLU H 220 -21.49 -34.74 -11.05
C GLU H 220 -22.71 -35.47 -10.90
N MET H 221 -23.77 -34.87 -11.34
CA MET H 221 -25.03 -35.52 -11.23
C MET H 221 -25.89 -35.07 -12.45
N ARG H 222 -26.25 -36.00 -13.31
CA ARG H 222 -26.97 -35.55 -14.53
C ARG H 222 -28.49 -35.49 -14.42
N ARG H 223 -29.09 -36.42 -13.65
CA ARG H 223 -30.56 -36.52 -13.40
C ARG H 223 -30.85 -37.53 -12.26
N MET H 224 -31.89 -37.28 -11.47
CA MET H 224 -32.33 -38.31 -10.52
C MET H 224 -33.71 -38.88 -10.94
N GLY H 225 -33.93 -40.16 -10.76
CA GLY H 225 -35.28 -40.71 -10.93
C GLY H 225 -36.17 -40.35 -9.77
N GLY H 226 -36.36 -39.09 -9.50
CA GLY H 226 -37.20 -38.68 -8.40
C GLY H 226 -36.37 -38.49 -7.14
N GLY H 227 -36.87 -37.61 -6.26
CA GLY H 227 -36.24 -37.31 -5.00
C GLY H 227 -37.20 -36.82 -3.89
N PHE H 228 -38.05 -35.86 -4.17
CA PHE H 228 -39.10 -35.50 -3.20
C PHE H 228 -38.57 -35.16 -1.81
N GLY H 229 -37.24 -35.01 -1.73
CA GLY H 229 -36.68 -34.48 -0.53
C GLY H 229 -35.82 -35.55 -0.02
N GLY H 230 -36.20 -36.78 -0.31
CA GLY H 230 -35.43 -37.89 0.21
C GLY H 230 -34.03 -37.87 -0.31
N LYS H 231 -33.71 -36.96 -1.20
CA LYS H 231 -32.28 -37.02 -1.60
C LYS H 231 -31.44 -35.82 -1.24
N GLU H 232 -32.02 -34.94 -0.44
CA GLU H 232 -31.31 -33.78 0.06
C GLU H 232 -30.13 -34.21 0.93
N SER H 233 -30.25 -35.31 1.66
CA SER H 233 -29.11 -35.64 2.53
C SER H 233 -28.72 -37.10 2.57
N GLN H 234 -29.74 -37.96 2.47
CA GLN H 234 -29.48 -39.42 2.55
C GLN H 234 -28.54 -39.90 1.48
N GLY H 235 -28.12 -39.10 0.54
CA GLY H 235 -27.13 -39.62 -0.39
C GLY H 235 -25.74 -39.68 0.27
N ASN H 236 -25.48 -38.80 1.23
CA ASN H 236 -24.23 -38.80 1.92
C ASN H 236 -23.67 -40.19 2.24
N HIS H 237 -24.43 -41.10 2.88
CA HIS H 237 -23.84 -42.42 3.20
C HIS H 237 -23.30 -43.19 2.05
N LEU H 238 -24.03 -43.27 0.94
CA LEU H 238 -23.52 -44.12 -0.13
C LEU H 238 -22.23 -43.57 -0.71
N ALA H 239 -22.21 -42.25 -0.86
CA ALA H 239 -21.04 -41.59 -1.46
C ALA H 239 -19.89 -41.75 -0.50
N ILE H 240 -20.08 -41.41 0.78
CA ILE H 240 -18.92 -41.57 1.64
C ILE H 240 -18.42 -42.99 1.46
N ALA H 241 -19.34 -43.94 1.48
CA ALA H 241 -18.88 -45.32 1.41
C ALA H 241 -18.15 -45.61 0.13
N CYS H 242 -18.66 -45.14 -1.00
CA CYS H 242 -17.92 -45.45 -2.22
C CYS H 242 -16.56 -44.83 -2.19
N ALA H 243 -16.48 -43.58 -1.74
CA ALA H 243 -15.13 -42.95 -1.74
C ALA H 243 -14.20 -43.70 -0.84
N VAL H 244 -14.63 -43.95 0.38
CA VAL H 244 -13.73 -44.78 1.21
C VAL H 244 -13.38 -46.17 0.58
N ALA H 245 -14.32 -46.91 0.04
CA ALA H 245 -13.89 -48.18 -0.56
C ALA H 245 -12.90 -47.99 -1.69
N ALA H 246 -13.14 -46.95 -2.49
CA ALA H 246 -12.32 -46.77 -3.65
C ALA H 246 -10.94 -46.40 -3.23
N ARG H 247 -10.81 -45.40 -2.35
CA ARG H 247 -9.51 -45.14 -1.80
C ARG H 247 -8.86 -46.39 -1.25
N ALA H 248 -9.61 -47.31 -0.63
CA ALA H 248 -8.93 -48.46 -0.04
C ALA H 248 -8.48 -49.51 -1.03
N THR H 249 -9.36 -49.86 -1.96
CA THR H 249 -9.05 -50.95 -2.87
C THR H 249 -8.38 -50.47 -4.10
N GLY H 250 -8.38 -49.15 -4.32
CA GLY H 250 -7.73 -48.66 -5.51
C GLY H 250 -8.61 -48.95 -6.68
N ARG H 251 -9.90 -49.26 -6.44
CA ARG H 251 -10.78 -49.36 -7.57
C ARG H 251 -12.15 -48.69 -7.58
N PRO H 252 -12.71 -48.53 -8.76
CA PRO H 252 -13.95 -47.77 -8.83
C PRO H 252 -14.94 -48.56 -7.96
N CYS H 253 -15.89 -47.88 -7.28
CA CYS H 253 -16.81 -48.60 -6.45
C CYS H 253 -18.14 -48.02 -6.59
N LYS H 254 -19.15 -48.86 -6.89
CA LYS H 254 -20.58 -48.42 -6.99
C LYS H 254 -21.41 -48.92 -5.78
N MET H 255 -22.43 -48.24 -5.42
CA MET H 255 -23.28 -48.78 -4.40
C MET H 255 -24.73 -48.36 -4.65
N ARG H 256 -25.66 -49.31 -4.63
CA ARG H 256 -27.02 -48.89 -4.83
C ARG H 256 -27.81 -49.71 -3.81
N TYR H 257 -28.85 -49.13 -3.23
CA TYR H 257 -29.60 -49.86 -2.27
C TYR H 257 -30.70 -50.56 -2.96
N ASP H 258 -30.80 -51.86 -2.62
CA ASP H 258 -31.89 -52.70 -2.99
C ASP H 258 -33.08 -52.12 -2.28
N ARG H 259 -34.23 -52.14 -2.89
CA ARG H 259 -35.33 -51.43 -2.27
C ARG H 259 -35.59 -51.73 -0.83
N ASP H 260 -35.54 -52.98 -0.39
CA ASP H 260 -35.83 -53.26 1.02
C ASP H 260 -34.85 -52.47 1.86
N ASP H 261 -33.54 -52.71 1.69
CA ASP H 261 -32.54 -51.87 2.36
C ASP H 261 -32.88 -50.35 2.32
N ASP H 262 -33.13 -49.82 1.11
CA ASP H 262 -33.45 -48.42 1.06
C ASP H 262 -34.42 -48.04 2.15
N MET H 263 -35.47 -48.85 2.33
CA MET H 263 -36.60 -48.44 3.16
C MET H 263 -36.25 -48.64 4.63
N VAL H 264 -35.42 -49.62 4.87
CA VAL H 264 -35.01 -49.81 6.22
C VAL H 264 -33.97 -48.75 6.69
N ILE H 265 -33.09 -48.32 5.78
CA ILE H 265 -32.04 -47.40 6.18
C ILE H 265 -32.37 -45.92 6.14
N THR H 266 -33.14 -45.46 5.18
CA THR H 266 -33.25 -43.98 5.01
C THR H 266 -34.42 -43.45 5.72
N GLY H 267 -34.53 -42.13 5.81
CA GLY H 267 -35.54 -41.49 6.64
C GLY H 267 -36.86 -41.37 5.92
N LYS H 268 -37.79 -40.59 6.46
CA LYS H 268 -39.15 -40.51 5.96
C LYS H 268 -39.74 -39.22 6.46
N ARG H 269 -40.87 -38.81 5.93
CA ARG H 269 -41.49 -37.60 6.44
C ARG H 269 -41.65 -37.80 7.98
N HIS H 270 -41.65 -36.72 8.73
CA HIS H 270 -41.73 -36.84 10.15
C HIS H 270 -43.18 -37.11 10.46
N ASP H 271 -43.53 -38.17 11.20
CA ASP H 271 -44.92 -38.25 11.71
C ASP H 271 -45.10 -37.32 12.89
N PHE H 272 -46.23 -36.61 12.97
CA PHE H 272 -46.53 -35.70 14.07
C PHE H 272 -47.74 -36.15 14.94
N ARG H 273 -47.88 -35.52 16.12
CA ARG H 273 -49.10 -35.56 16.92
C ARG H 273 -49.40 -34.08 17.17
N ILE H 274 -50.63 -33.64 16.90
CA ILE H 274 -50.92 -32.24 17.09
C ILE H 274 -52.06 -32.10 18.06
N ARG H 275 -51.88 -31.26 19.07
CA ARG H 275 -52.92 -31.05 20.07
C ARG H 275 -53.34 -29.67 19.75
N TYR H 276 -54.66 -29.40 19.69
CA TYR H 276 -55.10 -28.02 19.45
C TYR H 276 -56.18 -27.50 20.42
N ARG H 277 -56.33 -26.18 20.47
CA ARG H 277 -57.45 -25.53 21.11
C ARG H 277 -57.68 -24.35 20.23
N ILE H 278 -58.88 -24.16 19.70
CA ILE H 278 -59.06 -22.99 18.87
C ILE H 278 -60.40 -22.39 19.17
N GLY H 279 -60.50 -21.07 19.12
CA GLY H 279 -61.73 -20.42 19.51
C GLY H 279 -62.14 -19.24 18.65
N ALA H 280 -63.46 -19.06 18.50
CA ALA H 280 -63.95 -17.93 17.74
C ALA H 280 -64.96 -17.08 18.47
N ASP H 281 -65.19 -15.96 17.82
CA ASP H 281 -66.16 -14.91 18.04
C ASP H 281 -67.56 -15.49 17.91
N ALA H 282 -68.58 -14.65 18.05
CA ALA H 282 -69.95 -15.07 17.80
C ALA H 282 -70.16 -15.06 16.29
N SER H 283 -69.69 -13.98 15.66
CA SER H 283 -69.75 -13.85 14.19
C SER H 283 -68.93 -14.88 13.41
N GLY H 284 -67.89 -15.45 14.01
CA GLY H 284 -67.08 -16.45 13.31
C GLY H 284 -65.58 -16.13 13.16
N LYS H 285 -65.18 -14.92 13.48
CA LYS H 285 -63.78 -14.54 13.43
C LYS H 285 -62.94 -15.28 14.47
N LEU H 286 -61.84 -15.88 14.03
CA LEU H 286 -60.97 -16.52 14.98
C LEU H 286 -60.54 -15.55 16.03
N LEU H 287 -60.27 -16.08 17.22
CA LEU H 287 -59.86 -15.28 18.35
C LEU H 287 -58.49 -15.79 18.76
N GLY H 288 -58.26 -17.08 18.57
CA GLY H 288 -56.99 -17.63 18.98
C GLY H 288 -56.84 -19.10 18.64
N ALA H 289 -55.64 -19.61 18.76
CA ALA H 289 -55.38 -21.01 18.50
C ALA H 289 -54.14 -21.32 19.26
N ASP H 290 -54.07 -22.47 19.91
CA ASP H 290 -52.92 -22.87 20.72
C ASP H 290 -52.68 -24.28 20.23
N PHE H 291 -51.49 -24.51 19.68
CA PHE H 291 -51.12 -25.82 19.19
C PHE H 291 -49.90 -26.27 19.90
N VAL H 292 -49.74 -27.56 20.00
CA VAL H 292 -48.57 -28.18 20.60
C VAL H 292 -48.28 -29.28 19.58
N HIS H 293 -47.01 -29.35 19.14
CA HIS H 293 -46.62 -30.29 18.11
C HIS H 293 -45.61 -31.26 18.71
N LEU H 294 -45.79 -32.55 18.52
CA LEU H 294 -44.78 -33.49 18.93
C LEU H 294 -44.39 -34.14 17.66
N ALA H 295 -43.09 -34.27 17.42
CA ALA H 295 -42.63 -34.74 16.14
C ALA H 295 -41.60 -35.80 16.36
N ARG H 296 -41.76 -36.88 15.63
CA ARG H 296 -40.94 -38.05 15.79
C ARG H 296 -39.74 -37.89 14.87
N CYS H 297 -38.60 -37.49 15.41
CA CYS H 297 -37.43 -37.29 14.52
C CYS H 297 -36.48 -38.41 14.24
N GLY H 298 -36.47 -39.50 14.97
CA GLY H 298 -35.45 -40.48 14.61
C GLY H 298 -34.20 -40.37 15.48
N TRP H 299 -33.25 -41.23 15.23
CA TRP H 299 -32.13 -41.31 16.13
C TRP H 299 -31.11 -40.19 15.95
N SER H 300 -31.22 -39.43 14.87
CA SER H 300 -30.31 -38.33 14.74
C SER H 300 -30.97 -37.06 14.22
N ALA H 301 -30.39 -35.90 14.46
CA ALA H 301 -31.16 -34.72 14.12
C ALA H 301 -31.40 -34.48 12.60
N ASP H 302 -30.46 -34.88 11.74
CA ASP H 302 -30.65 -34.75 10.29
C ASP H 302 -31.24 -33.39 9.95
N LEU H 303 -32.43 -33.34 9.35
CA LEU H 303 -33.01 -32.04 9.02
C LEU H 303 -34.19 -31.66 9.89
N SER H 304 -34.32 -32.34 11.00
CA SER H 304 -35.43 -32.08 11.90
C SER H 304 -35.60 -30.59 12.24
N LEU H 305 -34.51 -29.89 12.42
CA LEU H 305 -34.68 -28.51 12.85
C LEU H 305 -35.47 -27.63 11.91
N PRO H 306 -35.06 -27.58 10.66
CA PRO H 306 -35.77 -26.74 9.72
C PRO H 306 -37.15 -27.33 9.47
N VAL H 307 -37.27 -28.65 9.28
CA VAL H 307 -38.63 -29.23 9.16
C VAL H 307 -39.55 -28.75 10.28
N CYS H 308 -39.14 -28.89 11.54
CA CYS H 308 -40.07 -28.45 12.57
C CYS H 308 -40.30 -27.01 12.54
N ASP H 309 -39.24 -26.25 12.41
CA ASP H 309 -39.46 -24.83 12.25
C ASP H 309 -40.49 -24.54 11.17
N ARG H 310 -40.43 -25.32 10.08
CA ARG H 310 -41.32 -25.02 8.99
C ARG H 310 -42.73 -25.30 9.37
N ALA H 311 -42.95 -26.31 10.19
CA ALA H 311 -44.32 -26.61 10.65
C ALA H 311 -44.81 -25.48 11.53
N MET H 312 -43.96 -24.98 12.40
CA MET H 312 -44.46 -23.89 13.21
C MET H 312 -44.87 -22.76 12.31
N LEU H 313 -44.02 -22.49 11.33
CA LEU H 313 -44.26 -21.39 10.42
C LEU H 313 -45.60 -21.54 9.73
N HIS H 314 -46.04 -22.77 9.51
CA HIS H 314 -47.32 -22.86 8.85
C HIS H 314 -48.58 -23.11 9.74
N ALA H 315 -48.43 -23.09 11.06
CA ALA H 315 -49.57 -23.40 11.89
C ALA H 315 -50.71 -22.42 11.68
N ASP H 316 -50.51 -21.35 10.93
CA ASP H 316 -51.60 -20.40 10.79
C ASP H 316 -52.41 -20.83 9.61
N GLY H 317 -51.87 -21.78 8.88
CA GLY H 317 -52.57 -22.22 7.68
C GLY H 317 -52.82 -20.97 6.83
N SER H 318 -54.04 -20.83 6.34
CA SER H 318 -54.34 -19.68 5.52
C SER H 318 -55.04 -18.62 6.29
N TYR H 319 -54.96 -18.64 7.60
CA TYR H 319 -55.84 -17.70 8.29
C TYR H 319 -55.13 -16.65 9.14
N PHE H 320 -55.71 -15.46 9.24
CA PHE H 320 -55.17 -14.45 10.14
C PHE H 320 -55.70 -14.85 11.50
N VAL H 321 -54.83 -14.87 12.51
CA VAL H 321 -55.24 -15.26 13.86
C VAL H 321 -54.63 -14.34 14.88
N PRO H 322 -55.46 -13.61 15.61
CA PRO H 322 -54.95 -12.53 16.46
C PRO H 322 -54.09 -13.02 17.57
N ALA H 323 -54.35 -14.22 18.09
CA ALA H 323 -53.47 -14.78 19.14
C ALA H 323 -53.17 -16.20 18.84
N LEU H 324 -51.90 -16.55 18.91
CA LEU H 324 -51.53 -17.90 18.51
C LEU H 324 -50.29 -18.37 19.20
N ARG H 325 -50.25 -19.63 19.65
CA ARG H 325 -49.09 -20.18 20.37
C ARG H 325 -48.63 -21.54 19.84
N ILE H 326 -47.35 -21.78 19.68
CA ILE H 326 -46.97 -23.10 19.25
C ILE H 326 -45.90 -23.62 20.13
N GLU H 327 -45.97 -24.89 20.49
CA GLU H 327 -44.95 -25.46 21.33
C GLU H 327 -44.49 -26.70 20.65
N SER H 328 -43.25 -26.69 20.22
CA SER H 328 -42.80 -27.72 19.32
C SER H 328 -41.72 -28.65 19.88
N HIS H 329 -41.98 -29.96 19.86
CA HIS H 329 -41.07 -30.83 20.53
C HIS H 329 -40.42 -31.67 19.49
N ARG H 330 -39.11 -31.68 19.43
CA ARG H 330 -38.58 -32.53 18.40
C ARG H 330 -38.02 -33.65 19.13
N LEU H 331 -38.62 -34.82 19.00
CA LEU H 331 -38.34 -35.96 19.89
C LEU H 331 -37.42 -36.96 19.27
N ARG H 332 -36.38 -37.34 19.96
CA ARG H 332 -35.50 -38.38 19.47
C ARG H 332 -36.02 -39.72 19.92
N THR H 333 -36.02 -40.73 19.02
CA THR H 333 -36.48 -42.07 19.32
C THR H 333 -35.56 -42.90 18.52
N ASN H 334 -35.63 -44.22 18.69
CA ASN H 334 -34.72 -45.12 18.02
C ASN H 334 -35.26 -45.68 16.74
N THR H 335 -35.53 -44.80 15.80
CA THR H 335 -36.02 -45.22 14.52
C THR H 335 -35.33 -44.44 13.46
N GLN H 336 -35.75 -44.65 12.22
CA GLN H 336 -35.06 -44.04 11.07
C GLN H 336 -35.02 -42.59 11.30
N SER H 337 -33.91 -41.97 10.95
CA SER H 337 -33.76 -40.54 11.18
C SER H 337 -34.52 -39.73 10.22
N ASN H 338 -35.61 -39.17 10.64
CA ASN H 338 -36.45 -38.53 9.65
C ASN H 338 -35.82 -37.42 8.85
N THR H 339 -36.52 -36.93 7.82
CA THR H 339 -35.89 -35.97 6.96
C THR H 339 -36.83 -35.22 6.05
N ALA H 340 -36.29 -34.67 4.99
CA ALA H 340 -37.11 -33.84 4.12
C ALA H 340 -38.04 -34.62 3.20
N PHE H 341 -39.19 -34.04 2.96
CA PHE H 341 -40.19 -34.62 2.07
C PHE H 341 -41.08 -33.45 1.56
N ARG H 342 -41.13 -33.33 0.24
CA ARG H 342 -41.99 -32.32 -0.41
C ARG H 342 -42.93 -31.67 0.54
N GLY H 343 -42.63 -30.50 1.04
CA GLY H 343 -43.53 -29.87 2.00
C GLY H 343 -42.65 -29.38 3.12
N PHE H 344 -41.71 -30.23 3.47
CA PHE H 344 -40.77 -29.83 4.44
C PHE H 344 -41.47 -29.24 5.67
N GLY H 345 -42.39 -30.02 6.31
CA GLY H 345 -43.01 -29.58 7.53
C GLY H 345 -44.27 -28.80 7.32
N GLY H 346 -44.37 -28.18 6.15
CA GLY H 346 -45.51 -27.34 5.88
C GLY H 346 -46.78 -28.10 6.11
N PRO H 347 -46.92 -29.20 5.42
CA PRO H 347 -48.19 -29.91 5.44
C PRO H 347 -48.53 -30.26 6.88
N GLN H 348 -47.57 -30.76 7.66
CA GLN H 348 -47.93 -31.08 9.06
C GLN H 348 -48.55 -29.82 9.72
N GLY H 349 -47.73 -28.80 9.83
CA GLY H 349 -48.19 -27.59 10.45
C GLY H 349 -49.50 -27.21 9.86
N ALA H 350 -49.71 -27.39 8.54
CA ALA H 350 -50.94 -26.83 7.93
C ALA H 350 -52.13 -27.74 8.21
N LEU H 351 -51.89 -29.05 8.21
CA LEU H 351 -52.98 -30.00 8.46
C LEU H 351 -53.49 -29.74 9.84
N GLY H 352 -52.57 -29.56 10.79
CA GLY H 352 -52.93 -29.07 12.10
C GLY H 352 -54.04 -28.02 12.08
N MET H 353 -53.90 -26.94 11.32
CA MET H 353 -54.93 -25.88 11.47
C MET H 353 -56.17 -26.20 10.68
N GLU H 354 -56.02 -26.92 9.57
CA GLU H 354 -57.27 -27.27 8.88
C GLU H 354 -58.14 -28.16 9.76
N ARG H 355 -57.59 -29.20 10.41
CA ARG H 355 -58.40 -29.99 11.34
C ARG H 355 -59.04 -29.05 12.38
N ALA H 356 -58.24 -28.24 13.01
CA ALA H 356 -58.78 -27.48 14.11
C ALA H 356 -59.99 -26.81 13.62
N ILE H 357 -59.81 -26.01 12.60
CA ILE H 357 -60.87 -25.20 12.06
C ILE H 357 -62.03 -26.07 11.59
N GLU H 358 -61.78 -27.27 11.15
CA GLU H 358 -62.93 -28.10 10.80
C GLU H 358 -63.72 -28.39 12.09
N HIS H 359 -62.99 -28.82 13.12
CA HIS H 359 -63.59 -29.20 14.35
C HIS H 359 -64.42 -27.99 14.78
N LEU H 360 -63.77 -26.85 14.84
CA LEU H 360 -64.49 -25.66 15.26
C LEU H 360 -65.74 -25.45 14.47
N ALA H 361 -65.71 -25.74 13.19
CA ALA H 361 -66.90 -25.50 12.40
C ALA H 361 -68.03 -26.47 12.76
N ARG H 362 -67.75 -27.75 12.80
CA ARG H 362 -68.80 -28.70 13.15
C ARG H 362 -69.44 -28.31 14.49
N GLY H 363 -68.61 -27.93 15.45
CA GLY H 363 -69.09 -27.51 16.76
C GLY H 363 -70.06 -26.36 16.74
N MET H 364 -69.94 -25.43 15.80
CA MET H 364 -70.93 -24.35 15.84
C MET H 364 -71.96 -24.55 14.76
N GLY H 365 -71.99 -25.80 14.24
CA GLY H 365 -72.90 -26.18 13.17
C GLY H 365 -72.87 -25.18 12.03
N ARG H 366 -71.67 -24.69 11.71
CA ARG H 366 -71.52 -23.80 10.57
C ARG H 366 -70.84 -24.52 9.42
N ASP H 367 -71.08 -24.08 8.19
CA ASP H 367 -70.38 -24.68 7.04
C ASP H 367 -68.88 -24.30 7.05
N PRO H 368 -68.03 -25.33 7.08
CA PRO H 368 -66.60 -25.11 7.18
C PRO H 368 -66.17 -24.06 6.16
N ALA H 369 -66.58 -24.22 4.90
CA ALA H 369 -66.23 -23.25 3.85
C ALA H 369 -66.45 -21.79 4.20
N GLU H 370 -67.61 -21.41 4.70
CA GLU H 370 -67.81 -19.99 5.01
C GLU H 370 -66.90 -19.62 6.14
N LEU H 371 -66.85 -20.47 7.16
CA LEU H 371 -65.99 -20.14 8.31
C LEU H 371 -64.58 -19.84 7.83
N ARG H 372 -64.02 -20.72 7.01
CA ARG H 372 -62.73 -20.45 6.40
C ARG H 372 -62.74 -19.13 5.61
N ALA H 373 -63.53 -19.13 4.55
CA ALA H 373 -63.63 -17.92 3.76
C ALA H 373 -63.51 -16.71 4.71
N LEU H 374 -64.21 -16.75 5.83
CA LEU H 374 -64.30 -15.57 6.69
C LEU H 374 -62.98 -15.19 7.33
N ASN H 375 -62.09 -16.16 7.42
CA ASN H 375 -60.84 -15.92 8.13
C ASN H 375 -59.56 -15.96 7.30
N PHE H 376 -59.67 -15.89 5.96
CA PHE H 376 -58.45 -15.84 5.17
C PHE H 376 -57.85 -14.49 5.52
N TYR H 377 -56.54 -14.36 5.37
CA TYR H 377 -56.00 -13.01 5.43
C TYR H 377 -56.66 -12.12 4.39
N ASP H 378 -56.68 -10.83 4.68
CA ASP H 378 -57.28 -9.82 3.83
C ASP H 378 -56.57 -9.71 2.47
N PRO H 379 -57.31 -9.38 1.42
CA PRO H 379 -56.75 -9.14 0.08
C PRO H 379 -55.76 -7.96 0.12
N PRO H 380 -54.89 -7.82 -0.86
CA PRO H 380 -53.89 -6.74 -0.88
C PRO H 380 -54.54 -5.48 -1.37
N GLU H 381 -53.98 -4.31 -1.01
CA GLU H 381 -54.51 -2.99 -1.40
C GLU H 381 -55.84 -2.68 -0.70
N LYS H 398 -53.51 1.36 5.24
CA LYS H 398 -53.09 1.50 6.63
C LYS H 398 -53.03 0.10 7.28
N LYS H 399 -51.92 -0.18 7.94
CA LYS H 399 -51.68 -1.44 8.62
C LYS H 399 -52.16 -2.68 7.85
N THR H 400 -51.21 -3.54 7.49
CA THR H 400 -51.50 -4.77 6.79
C THR H 400 -51.43 -5.82 7.85
N GLN H 401 -52.15 -6.91 7.66
CA GLN H 401 -52.12 -7.97 8.64
C GLN H 401 -50.77 -8.68 8.68
N THR H 402 -50.44 -9.37 9.79
CA THR H 402 -49.20 -10.10 9.82
C THR H 402 -49.45 -11.54 10.11
N THR H 403 -48.42 -12.36 10.06
CA THR H 403 -48.56 -13.73 10.44
C THR H 403 -48.17 -13.74 11.88
N HIS H 404 -48.15 -14.93 12.46
CA HIS H 404 -47.81 -14.98 13.83
C HIS H 404 -46.36 -14.71 14.04
N TYR H 405 -45.56 -14.79 12.98
CA TYR H 405 -44.15 -14.55 13.14
C TYR H 405 -43.79 -13.16 12.70
N GLY H 406 -44.78 -12.36 12.37
CA GLY H 406 -44.46 -10.95 12.15
C GLY H 406 -44.29 -10.47 10.72
N GLN H 407 -44.56 -11.34 9.75
CA GLN H 407 -44.35 -10.98 8.35
C GLN H 407 -45.63 -10.50 7.75
N GLU H 408 -45.60 -9.32 7.15
CA GLU H 408 -46.78 -8.81 6.46
C GLU H 408 -47.17 -9.73 5.31
N VAL H 409 -48.47 -9.92 5.10
CA VAL H 409 -48.97 -10.84 4.07
C VAL H 409 -49.67 -9.94 3.12
N ALA H 410 -48.94 -9.50 2.12
CA ALA H 410 -49.45 -8.46 1.24
C ALA H 410 -49.86 -8.95 -0.14
N ASP H 411 -50.03 -10.25 -0.30
CA ASP H 411 -50.33 -10.82 -1.60
C ASP H 411 -51.34 -11.96 -1.57
N CYS H 412 -52.34 -11.90 -0.70
CA CYS H 412 -53.18 -13.04 -0.48
C CYS H 412 -54.36 -13.00 -1.36
N VAL H 413 -54.47 -13.89 -2.31
CA VAL H 413 -55.59 -13.81 -3.23
C VAL H 413 -56.69 -14.84 -2.97
N LEU H 414 -56.59 -15.52 -1.84
CA LEU H 414 -57.47 -16.63 -1.50
C LEU H 414 -58.92 -16.27 -1.63
N GLY H 415 -59.30 -15.08 -1.16
CA GLY H 415 -60.70 -14.74 -1.25
C GLY H 415 -61.16 -14.99 -2.67
N GLU H 416 -60.59 -14.21 -3.60
CA GLU H 416 -60.97 -14.23 -4.98
C GLU H 416 -60.82 -15.63 -5.56
N LEU H 417 -59.65 -16.18 -5.32
CA LEU H 417 -59.37 -17.49 -5.84
C LEU H 417 -60.37 -18.55 -5.40
N VAL H 418 -60.73 -18.58 -4.10
CA VAL H 418 -61.62 -19.66 -3.67
C VAL H 418 -62.95 -19.51 -4.37
N THR H 419 -63.63 -18.38 -4.12
CA THR H 419 -64.82 -18.02 -4.90
C THR H 419 -64.77 -18.53 -6.35
N ARG H 420 -63.72 -18.22 -7.08
CA ARG H 420 -63.71 -18.67 -8.46
C ARG H 420 -63.72 -20.18 -8.54
N LEU H 421 -63.07 -20.82 -7.59
CA LEU H 421 -62.98 -22.24 -7.76
C LEU H 421 -64.32 -22.84 -7.41
N GLN H 422 -64.95 -22.26 -6.40
CA GLN H 422 -66.24 -22.74 -5.96
C GLN H 422 -67.17 -22.74 -7.20
N LYS H 423 -67.20 -21.61 -7.92
CA LYS H 423 -68.12 -21.47 -9.05
C LYS H 423 -67.67 -22.36 -10.16
N SER H 424 -66.40 -22.35 -10.51
CA SER H 424 -66.05 -23.25 -11.59
C SER H 424 -66.42 -24.71 -11.26
N ALA H 425 -66.28 -25.08 -9.99
CA ALA H 425 -66.45 -26.49 -9.56
C ALA H 425 -67.88 -26.87 -9.25
N ASN H 426 -68.75 -25.87 -9.09
CA ASN H 426 -70.17 -26.14 -9.01
C ASN H 426 -70.40 -26.72 -7.64
N PHE H 427 -69.78 -26.04 -6.68
CA PHE H 427 -69.70 -26.49 -5.31
C PHE H 427 -71.04 -26.54 -4.63
N THR H 428 -71.67 -25.38 -4.46
CA THR H 428 -72.98 -25.29 -3.80
C THR H 428 -73.97 -26.35 -4.31
N THR H 429 -74.21 -26.34 -5.60
CA THR H 429 -75.15 -27.29 -6.12
C THR H 429 -74.69 -28.69 -5.73
N ARG H 430 -73.41 -28.98 -5.92
CA ARG H 430 -72.93 -30.33 -5.74
C ARG H 430 -73.12 -30.81 -4.32
N ARG H 431 -72.98 -29.86 -3.42
CA ARG H 431 -73.10 -30.15 -2.04
C ARG H 431 -74.49 -30.68 -1.79
N ALA H 432 -75.49 -30.04 -2.39
CA ALA H 432 -76.90 -30.43 -2.19
C ALA H 432 -77.11 -31.81 -2.74
N GLU H 433 -76.65 -32.01 -3.96
CA GLU H 433 -76.82 -33.31 -4.61
C GLU H 433 -76.27 -34.40 -3.71
N ILE H 434 -75.25 -34.05 -2.94
CA ILE H 434 -74.66 -35.10 -2.12
C ILE H 434 -75.47 -35.33 -0.86
N ALA H 435 -76.01 -34.28 -0.25
CA ALA H 435 -76.81 -34.54 0.95
C ALA H 435 -77.97 -35.51 0.59
N ALA H 436 -78.67 -35.19 -0.50
CA ALA H 436 -79.86 -35.93 -0.92
C ALA H 436 -79.47 -37.38 -1.10
N TRP H 437 -78.51 -37.59 -1.99
CA TRP H 437 -78.04 -38.94 -2.27
C TRP H 437 -77.66 -39.69 -0.96
N ASN H 438 -77.14 -38.98 0.03
CA ASN H 438 -76.72 -39.72 1.20
C ASN H 438 -77.95 -40.28 1.91
N SER H 439 -78.91 -39.39 2.11
CA SER H 439 -80.13 -39.69 2.85
C SER H 439 -80.91 -40.82 2.21
N THR H 440 -80.52 -41.25 1.01
CA THR H 440 -81.18 -42.36 0.33
C THR H 440 -80.29 -43.58 0.35
N ASN H 441 -79.11 -43.46 0.93
CA ASN H 441 -78.23 -44.64 0.99
C ASN H 441 -77.92 -44.97 2.39
N ARG H 442 -77.72 -46.26 2.64
CA ARG H 442 -77.42 -46.71 3.98
C ARG H 442 -76.06 -47.39 4.05
N THR H 443 -75.56 -47.90 2.92
CA THR H 443 -74.25 -48.54 2.92
C THR H 443 -73.07 -47.64 2.45
N LEU H 444 -73.32 -46.67 1.57
CA LEU H 444 -72.25 -45.76 1.11
C LEU H 444 -72.53 -44.37 1.58
N ALA H 445 -71.49 -43.54 1.61
CA ALA H 445 -71.71 -42.13 1.89
C ALA H 445 -70.73 -41.29 1.05
N ARG H 446 -71.23 -40.20 0.47
CA ARG H 446 -70.33 -39.40 -0.33
C ARG H 446 -70.00 -38.22 0.53
N GLY H 447 -68.82 -37.63 0.26
CA GLY H 447 -68.41 -36.42 0.98
C GLY H 447 -67.60 -35.44 0.12
N ILE H 448 -67.58 -34.19 0.57
CA ILE H 448 -66.90 -33.22 -0.27
C ILE H 448 -66.37 -32.05 0.51
N ALA H 449 -65.13 -31.67 0.23
CA ALA H 449 -64.57 -30.57 1.02
C ALA H 449 -63.73 -29.58 0.22
N LEU H 450 -63.61 -28.36 0.76
CA LEU H 450 -62.76 -27.35 0.13
C LEU H 450 -61.60 -27.08 1.03
N SER H 451 -60.40 -26.94 0.45
CA SER H 451 -59.26 -26.64 1.32
C SER H 451 -58.18 -25.81 0.66
N PRO H 452 -57.81 -24.73 1.33
CA PRO H 452 -56.92 -23.70 0.76
C PRO H 452 -55.47 -23.95 1.12
N VAL H 453 -54.57 -23.29 0.44
CA VAL H 453 -53.17 -23.44 0.73
C VAL H 453 -52.42 -22.11 0.69
N LYS H 454 -51.42 -21.98 1.56
CA LYS H 454 -50.62 -20.78 1.70
C LYS H 454 -49.24 -21.23 2.14
N PHE H 455 -48.27 -21.23 1.23
CA PHE H 455 -47.00 -21.84 1.52
C PHE H 455 -45.87 -20.85 1.27
N GLY H 456 -45.03 -20.59 2.30
CA GLY H 456 -43.91 -19.64 2.21
C GLY H 456 -42.76 -20.13 1.32
N ILE H 457 -42.19 -19.23 0.51
CA ILE H 457 -41.11 -19.65 -0.40
C ILE H 457 -39.72 -19.13 0.00
N SER H 458 -38.72 -20.02 0.06
CA SER H 458 -37.37 -19.70 0.45
C SER H 458 -36.91 -20.51 1.64
N PHE H 459 -35.65 -20.95 1.65
CA PHE H 459 -35.12 -21.67 2.79
C PHE H 459 -35.26 -20.84 4.11
N THR H 460 -35.58 -21.46 5.25
CA THR H 460 -35.65 -20.65 6.50
C THR H 460 -34.28 -20.43 7.10
N LEU H 461 -33.33 -21.26 6.71
CA LEU H 461 -31.92 -21.04 6.96
C LEU H 461 -31.40 -20.03 5.86
N THR H 462 -31.71 -18.75 6.02
CA THR H 462 -31.44 -17.71 5.06
C THR H 462 -30.23 -17.74 4.11
N HIS H 463 -29.03 -17.92 4.63
CA HIS H 463 -27.94 -17.96 3.71
C HIS H 463 -28.04 -19.03 2.65
N LEU H 464 -29.02 -19.90 2.65
CA LEU H 464 -29.00 -20.92 1.61
C LEU H 464 -29.63 -20.36 0.33
N ASN H 465 -30.18 -19.15 0.42
CA ASN H 465 -30.86 -18.61 -0.71
C ASN H 465 -29.96 -17.89 -1.68
N GLN H 466 -29.04 -18.65 -2.25
CA GLN H 466 -28.13 -18.18 -3.27
C GLN H 466 -27.98 -19.26 -4.32
N ALA H 467 -27.77 -18.86 -5.58
CA ALA H 467 -27.51 -19.82 -6.66
C ALA H 467 -26.56 -19.26 -7.70
N GLY H 468 -25.95 -20.14 -8.45
CA GLY H 468 -25.03 -19.70 -9.46
C GLY H 468 -25.30 -20.36 -10.80
N ALA H 469 -24.80 -19.74 -11.89
CA ALA H 469 -24.77 -20.38 -13.19
C ALA H 469 -23.51 -19.98 -14.00
N LEU H 470 -23.27 -20.76 -15.06
CA LEU H 470 -22.16 -20.56 -15.91
C LEU H 470 -22.66 -20.77 -17.33
N VAL H 471 -22.53 -19.78 -18.20
CA VAL H 471 -22.96 -19.94 -19.58
C VAL H 471 -21.86 -19.84 -20.64
N GLN H 472 -21.91 -20.61 -21.71
CA GLN H 472 -20.89 -20.41 -22.74
C GLN H 472 -21.51 -20.41 -24.13
N ILE H 473 -21.17 -19.40 -24.92
CA ILE H 473 -21.56 -19.38 -26.30
C ILE H 473 -20.44 -19.86 -27.16
N TYR H 474 -20.65 -20.87 -28.00
CA TYR H 474 -19.53 -21.30 -28.84
C TYR H 474 -19.53 -20.60 -30.23
N THR H 475 -18.48 -20.75 -31.03
CA THR H 475 -18.48 -19.96 -32.28
C THR H 475 -19.52 -20.25 -33.34
N ASP H 476 -20.26 -21.35 -33.26
CA ASP H 476 -21.33 -21.62 -34.25
C ASP H 476 -22.55 -21.06 -33.67
N GLY H 477 -22.44 -20.33 -32.56
CA GLY H 477 -23.62 -19.85 -31.91
C GLY H 477 -24.39 -20.81 -30.96
N SER H 478 -24.05 -22.12 -30.92
CA SER H 478 -24.85 -22.90 -29.97
C SER H 478 -24.45 -22.50 -28.55
N VAL H 479 -25.29 -22.90 -27.60
CA VAL H 479 -25.08 -22.44 -26.25
C VAL H 479 -25.20 -23.57 -25.26
N ALA H 480 -24.26 -23.61 -24.34
CA ALA H 480 -24.25 -24.62 -23.27
C ALA H 480 -24.61 -23.87 -21.96
N LEU H 481 -25.70 -24.25 -21.35
CA LEU H 481 -26.09 -23.64 -20.09
C LEU H 481 -25.74 -24.56 -18.91
N ASN H 482 -25.30 -23.95 -17.83
CA ASN H 482 -25.02 -24.77 -16.65
C ASN H 482 -25.35 -24.06 -15.36
N HIS H 483 -26.08 -24.77 -14.46
CA HIS H 483 -26.51 -24.15 -13.22
C HIS H 483 -26.40 -25.09 -12.01
N GLY H 484 -26.76 -24.58 -10.81
CA GLY H 484 -26.59 -25.39 -9.61
C GLY H 484 -27.69 -26.38 -9.29
N GLY H 485 -28.91 -26.14 -9.75
CA GLY H 485 -30.06 -26.97 -9.45
C GLY H 485 -29.84 -28.37 -9.98
N THR H 486 -30.59 -29.36 -9.47
CA THR H 486 -30.53 -30.76 -9.91
C THR H 486 -31.88 -31.13 -10.48
N GLU H 487 -31.87 -31.92 -11.57
CA GLU H 487 -33.15 -32.37 -12.16
C GLU H 487 -33.63 -33.67 -11.53
N MET H 488 -34.84 -33.57 -11.01
CA MET H 488 -35.41 -34.79 -10.46
C MET H 488 -36.77 -35.06 -11.13
N GLY H 489 -37.02 -34.45 -12.28
CA GLY H 489 -38.24 -34.60 -13.02
C GLY H 489 -39.16 -33.39 -12.95
N GLN H 490 -38.76 -32.35 -12.23
CA GLN H 490 -39.67 -31.27 -12.07
C GLN H 490 -39.45 -30.33 -13.22
N GLY H 491 -38.49 -30.66 -14.07
CA GLY H 491 -38.38 -29.84 -15.27
C GLY H 491 -37.60 -28.57 -15.09
N LEU H 492 -36.76 -28.62 -14.07
CA LEU H 492 -36.03 -27.45 -13.77
C LEU H 492 -35.25 -27.12 -15.06
N HIS H 493 -34.50 -28.08 -15.61
CA HIS H 493 -33.67 -27.85 -16.77
C HIS H 493 -34.44 -27.25 -17.97
N ALA H 494 -35.63 -27.69 -18.27
CA ALA H 494 -36.30 -27.10 -19.40
C ALA H 494 -36.57 -25.71 -18.97
N LYS H 495 -36.86 -25.47 -17.71
CA LYS H 495 -37.32 -24.08 -17.44
C LYS H 495 -36.09 -23.19 -17.57
N MET H 496 -34.95 -23.70 -17.15
CA MET H 496 -33.76 -22.90 -17.30
C MET H 496 -33.48 -22.71 -18.80
N VAL H 497 -33.71 -23.75 -19.61
CA VAL H 497 -33.41 -23.59 -20.99
C VAL H 497 -34.26 -22.46 -21.53
N GLN H 498 -35.46 -22.29 -21.02
CA GLN H 498 -36.34 -21.32 -21.63
C GLN H 498 -35.93 -19.96 -21.26
N VAL H 499 -35.48 -19.77 -20.04
CA VAL H 499 -35.10 -18.47 -19.52
C VAL H 499 -33.91 -17.95 -20.36
N ALA H 500 -32.91 -18.82 -20.54
CA ALA H 500 -31.79 -18.47 -21.36
C ALA H 500 -32.17 -18.14 -22.82
N ALA H 501 -33.04 -18.91 -23.43
CA ALA H 501 -33.42 -18.60 -24.78
C ALA H 501 -34.20 -17.31 -24.75
N ALA H 502 -34.89 -17.02 -23.67
CA ALA H 502 -35.62 -15.76 -23.65
C ALA H 502 -34.69 -14.55 -23.44
N VAL H 503 -33.62 -14.72 -22.68
CA VAL H 503 -32.82 -13.57 -22.41
C VAL H 503 -31.83 -13.29 -23.51
N LEU H 504 -31.43 -14.33 -24.24
CA LEU H 504 -30.44 -14.13 -25.28
C LEU H 504 -31.13 -13.85 -26.64
N GLY H 505 -32.43 -14.06 -26.72
CA GLY H 505 -33.12 -13.79 -27.97
C GLY H 505 -33.04 -14.91 -28.97
N ILE H 506 -32.82 -16.14 -28.56
CA ILE H 506 -32.70 -17.21 -29.55
C ILE H 506 -33.72 -18.30 -29.37
N ASP H 507 -33.72 -19.27 -30.27
CA ASP H 507 -34.64 -20.39 -30.09
C ASP H 507 -34.00 -21.42 -29.15
N PRO H 508 -34.81 -21.98 -28.25
CA PRO H 508 -34.36 -22.96 -27.25
C PRO H 508 -33.47 -24.05 -27.75
N VAL H 509 -33.80 -24.53 -28.92
CA VAL H 509 -33.06 -25.65 -29.51
C VAL H 509 -31.57 -25.38 -29.56
N GLN H 510 -31.21 -24.09 -29.61
CA GLN H 510 -29.84 -23.66 -29.61
C GLN H 510 -29.22 -23.70 -28.22
N VAL H 511 -30.00 -24.01 -27.17
CA VAL H 511 -29.43 -24.03 -25.83
C VAL H 511 -29.42 -25.45 -25.31
N ARG H 512 -28.29 -25.99 -24.88
CA ARG H 512 -28.18 -27.36 -24.33
C ARG H 512 -27.84 -27.38 -22.81
N ILE H 513 -28.53 -28.20 -22.00
CA ILE H 513 -28.24 -28.26 -20.58
C ILE H 513 -27.13 -29.24 -20.31
N THR H 514 -26.21 -28.95 -19.41
CA THR H 514 -25.12 -29.93 -19.09
C THR H 514 -25.34 -30.47 -17.69
N ALA H 515 -24.73 -31.59 -17.34
CA ALA H 515 -24.91 -32.20 -16.00
C ALA H 515 -24.47 -31.28 -14.90
N THR H 516 -25.24 -31.24 -13.81
CA THR H 516 -24.88 -30.44 -12.62
C THR H 516 -23.50 -30.87 -12.16
N ASP H 517 -22.62 -29.91 -11.86
CA ASP H 517 -21.21 -30.27 -11.61
C ASP H 517 -20.51 -29.26 -10.70
N THR H 518 -20.00 -29.72 -9.55
CA THR H 518 -19.55 -28.79 -8.53
C THR H 518 -18.25 -28.18 -8.96
N SER H 519 -17.71 -28.60 -10.09
CA SER H 519 -16.51 -27.95 -10.51
C SER H 519 -16.86 -26.87 -11.56
N LYS H 520 -18.14 -26.59 -11.78
CA LYS H 520 -18.48 -25.56 -12.70
C LYS H 520 -19.29 -24.45 -12.02
N VAL H 521 -20.17 -24.83 -11.11
CA VAL H 521 -20.82 -23.88 -10.20
C VAL H 521 -20.60 -24.32 -8.75
N PRO H 522 -19.83 -23.57 -7.99
CA PRO H 522 -19.40 -24.03 -6.63
C PRO H 522 -20.30 -23.58 -5.49
N ASN H 523 -20.22 -24.28 -4.35
CA ASN H 523 -21.02 -23.92 -3.17
C ASN H 523 -22.49 -23.80 -3.39
N THR H 524 -23.13 -24.80 -3.96
CA THR H 524 -24.60 -24.65 -4.18
C THR H 524 -25.36 -25.24 -3.00
N SER H 525 -26.60 -24.83 -2.88
CA SER H 525 -27.48 -25.29 -1.87
C SER H 525 -28.13 -26.55 -2.42
N ALA H 526 -28.74 -27.38 -1.56
CA ALA H 526 -29.58 -28.44 -2.10
C ALA H 526 -30.61 -27.81 -3.01
N THR H 527 -31.15 -28.58 -3.93
CA THR H 527 -32.25 -28.06 -4.69
C THR H 527 -33.45 -28.39 -3.85
N ALA H 528 -34.07 -27.38 -3.23
CA ALA H 528 -35.18 -27.69 -2.33
C ALA H 528 -35.99 -26.49 -1.98
N ALA H 529 -36.95 -26.69 -1.10
CA ALA H 529 -37.71 -25.53 -0.65
C ALA H 529 -38.39 -24.97 -1.88
N SER H 530 -38.63 -25.82 -2.87
CA SER H 530 -39.16 -25.30 -4.12
C SER H 530 -38.44 -23.97 -4.44
N SER H 531 -37.13 -23.92 -4.24
CA SER H 531 -36.43 -22.72 -4.67
C SER H 531 -35.55 -22.90 -5.94
N GLY H 532 -35.44 -24.14 -6.45
CA GLY H 532 -34.62 -24.50 -7.61
C GLY H 532 -34.81 -23.54 -8.77
N ALA H 533 -36.04 -23.29 -9.22
CA ALA H 533 -36.21 -22.39 -10.35
C ALA H 533 -36.21 -20.94 -9.97
N ASP H 534 -36.74 -20.58 -8.83
CA ASP H 534 -36.75 -19.18 -8.46
C ASP H 534 -35.28 -18.70 -8.55
N MET H 535 -34.35 -19.46 -8.03
CA MET H 535 -33.06 -18.89 -7.90
C MET H 535 -32.14 -19.16 -9.04
N ASN H 536 -32.14 -20.40 -9.53
CA ASN H 536 -31.26 -20.69 -10.63
C ASN H 536 -31.76 -19.89 -11.81
N GLY H 537 -33.04 -19.67 -11.89
CA GLY H 537 -33.45 -18.89 -12.99
C GLY H 537 -32.70 -17.58 -12.91
N MET H 538 -32.74 -16.90 -11.75
CA MET H 538 -32.16 -15.56 -11.72
C MET H 538 -30.70 -15.67 -12.07
N ALA H 539 -30.03 -16.66 -11.56
CA ALA H 539 -28.62 -16.72 -11.90
C ALA H 539 -28.39 -16.92 -13.40
N VAL H 540 -29.29 -17.64 -14.07
CA VAL H 540 -29.15 -17.89 -15.48
C VAL H 540 -29.32 -16.58 -16.20
N LYS H 541 -30.26 -15.82 -15.72
CA LYS H 541 -30.58 -14.58 -16.36
C LYS H 541 -29.43 -13.68 -16.15
N ASP H 542 -28.80 -13.78 -14.98
CA ASP H 542 -27.69 -12.84 -14.67
C ASP H 542 -26.54 -13.09 -15.65
N ALA H 543 -26.23 -14.35 -15.90
CA ALA H 543 -25.18 -14.68 -16.87
C ALA H 543 -25.58 -14.40 -18.34
N CYS H 544 -26.83 -14.53 -18.70
CA CYS H 544 -27.11 -14.30 -20.10
C CYS H 544 -27.06 -12.81 -20.29
N GLU H 545 -27.73 -12.07 -19.41
CA GLU H 545 -27.61 -10.60 -19.41
C GLU H 545 -26.12 -10.10 -19.48
N THR H 546 -25.17 -10.76 -18.86
CA THR H 546 -23.84 -10.24 -19.04
C THR H 546 -23.43 -10.47 -20.50
N LEU H 547 -23.61 -11.70 -20.99
CA LEU H 547 -23.27 -12.05 -22.37
C LEU H 547 -23.95 -11.09 -23.38
N ARG H 548 -25.25 -10.99 -23.33
CA ARG H 548 -25.94 -10.13 -24.23
C ARG H 548 -25.35 -8.71 -24.16
N GLY H 549 -24.95 -8.29 -22.95
CA GLY H 549 -24.40 -6.97 -22.78
C GLY H 549 -23.11 -6.89 -23.62
N ARG H 550 -22.28 -7.91 -23.56
CA ARG H 550 -21.11 -7.80 -24.35
C ARG H 550 -21.51 -7.77 -25.83
N LEU H 551 -22.44 -8.62 -26.23
CA LEU H 551 -22.67 -8.63 -27.64
C LEU H 551 -23.09 -7.25 -28.00
N ALA H 552 -23.93 -6.65 -27.19
CA ALA H 552 -24.57 -5.39 -27.62
C ALA H 552 -23.52 -4.34 -27.82
N GLY H 553 -22.63 -4.23 -26.84
CA GLY H 553 -21.56 -3.29 -26.87
C GLY H 553 -20.85 -3.47 -28.19
N PHE H 554 -20.68 -4.73 -28.59
CA PHE H 554 -19.94 -5.01 -29.79
C PHE H 554 -20.71 -4.50 -30.98
N VAL H 555 -21.97 -4.85 -31.09
CA VAL H 555 -22.64 -4.49 -32.31
C VAL H 555 -22.78 -3.00 -32.35
N ALA H 556 -22.71 -2.38 -31.19
CA ALA H 556 -23.00 -0.97 -31.19
C ALA H 556 -21.79 -0.17 -31.62
N ALA H 557 -20.60 -0.56 -31.19
CA ALA H 557 -19.44 0.16 -31.65
C ALA H 557 -19.33 -0.08 -33.17
N ARG H 558 -19.52 -1.33 -33.59
CA ARG H 558 -19.27 -1.69 -34.97
C ARG H 558 -20.16 -0.82 -35.81
N GLU H 559 -21.44 -0.84 -35.49
CA GLU H 559 -22.44 -0.17 -36.33
C GLU H 559 -22.71 1.23 -35.80
N GLY H 560 -21.75 1.75 -35.04
CA GLY H 560 -21.88 3.07 -34.44
C GLY H 560 -23.34 3.38 -34.09
N CYS H 561 -23.69 3.26 -32.82
CA CYS H 561 -25.01 3.68 -32.33
C CYS H 561 -25.05 3.21 -30.89
N ALA H 562 -26.21 3.18 -30.27
CA ALA H 562 -26.20 2.79 -28.87
C ALA H 562 -26.69 1.35 -28.52
N ALA H 563 -26.03 0.78 -27.52
CA ALA H 563 -26.26 -0.61 -27.08
C ALA H 563 -27.71 -0.97 -26.84
N ARG H 564 -28.37 -0.14 -26.05
CA ARG H 564 -29.73 -0.44 -25.73
C ARG H 564 -30.61 -0.41 -26.93
N ASP H 565 -30.06 -0.18 -28.11
CA ASP H 565 -30.91 -0.22 -29.32
C ASP H 565 -30.60 -1.45 -30.15
N VAL H 566 -29.69 -2.27 -29.64
CA VAL H 566 -29.43 -3.53 -30.32
C VAL H 566 -30.59 -4.43 -29.92
N ILE H 567 -31.17 -5.19 -30.84
CA ILE H 567 -32.31 -5.96 -30.42
C ILE H 567 -32.11 -7.38 -30.73
N PHE H 568 -32.20 -8.17 -29.66
CA PHE H 568 -32.03 -9.61 -29.78
C PHE H 568 -33.34 -10.27 -29.81
N ASP H 569 -33.67 -10.92 -30.92
CA ASP H 569 -34.95 -11.56 -30.95
C ASP H 569 -35.08 -12.56 -32.08
N ALA H 570 -35.69 -13.67 -31.71
CA ALA H 570 -35.99 -14.71 -32.65
C ALA H 570 -34.78 -15.09 -33.43
N GLY H 571 -33.65 -15.21 -32.79
CA GLY H 571 -32.48 -15.63 -33.51
C GLY H 571 -31.89 -14.55 -34.43
N GLN H 572 -32.39 -13.33 -34.27
CA GLN H 572 -31.92 -12.27 -35.11
C GLN H 572 -31.41 -11.16 -34.26
N VAL H 573 -30.40 -10.47 -34.73
CA VAL H 573 -29.90 -9.35 -34.01
C VAL H 573 -30.18 -8.11 -34.89
N GLN H 574 -30.53 -7.00 -34.27
CA GLN H 574 -31.08 -5.93 -35.07
C GLN H 574 -30.56 -4.58 -34.63
N ALA H 575 -30.01 -3.79 -35.58
CA ALA H 575 -29.47 -2.44 -35.20
C ALA H 575 -29.18 -1.52 -36.39
N SER H 576 -29.37 -0.22 -36.16
CA SER H 576 -29.23 0.79 -37.24
C SER H 576 -29.90 0.26 -38.52
N GLY H 577 -31.02 -0.44 -38.35
CA GLY H 577 -31.81 -0.95 -39.46
C GLY H 577 -31.26 -2.12 -40.22
N LYS H 578 -30.05 -2.59 -39.89
CA LYS H 578 -29.59 -3.81 -40.54
C LYS H 578 -29.99 -4.94 -39.59
N SER H 579 -29.75 -6.16 -40.01
CA SER H 579 -30.05 -7.29 -39.19
C SER H 579 -29.20 -8.47 -39.60
N TRP H 580 -28.85 -9.28 -38.61
CA TRP H 580 -28.02 -10.44 -38.83
C TRP H 580 -28.51 -11.59 -37.99
N ARG H 581 -28.08 -12.80 -38.34
CA ARG H 581 -28.38 -13.94 -37.53
C ARG H 581 -27.44 -13.90 -36.30
N PHE H 582 -27.97 -14.31 -35.13
CA PHE H 582 -27.17 -14.51 -33.91
C PHE H 582 -25.84 -15.16 -34.17
N ALA H 583 -25.79 -16.28 -34.87
CA ALA H 583 -24.46 -16.86 -35.08
C ALA H 583 -23.48 -15.85 -35.74
N GLU H 584 -23.94 -15.03 -36.68
CA GLU H 584 -22.99 -14.12 -37.30
C GLU H 584 -22.52 -13.13 -36.30
N ILE H 585 -23.38 -12.61 -35.44
CA ILE H 585 -22.81 -11.72 -34.42
C ILE H 585 -21.76 -12.47 -33.55
N VAL H 586 -22.08 -13.71 -33.15
CA VAL H 586 -21.15 -14.43 -32.30
C VAL H 586 -19.89 -14.62 -33.00
N ALA H 587 -19.92 -15.01 -34.29
CA ALA H 587 -18.62 -15.25 -34.98
C ALA H 587 -17.77 -13.94 -34.99
N ALA H 588 -18.42 -12.83 -35.30
CA ALA H 588 -17.69 -11.57 -35.28
C ALA H 588 -17.14 -11.25 -33.90
N ALA H 589 -17.97 -11.41 -32.87
CA ALA H 589 -17.45 -11.15 -31.52
C ALA H 589 -16.25 -11.99 -31.21
N TYR H 590 -16.26 -13.22 -31.66
CA TYR H 590 -15.07 -13.99 -31.43
C TYR H 590 -13.87 -13.41 -32.23
N MET H 591 -14.03 -13.13 -33.55
CA MET H 591 -12.92 -12.51 -34.28
C MET H 591 -12.50 -11.24 -33.54
N ALA H 592 -13.43 -10.54 -32.92
CA ALA H 592 -13.00 -9.32 -32.29
C ALA H 592 -12.39 -9.56 -30.91
N ARG H 593 -12.41 -10.82 -30.48
CA ARG H 593 -11.83 -11.11 -29.18
C ARG H 593 -12.70 -10.59 -28.04
N ILE H 594 -13.97 -10.89 -28.08
CA ILE H 594 -14.79 -10.60 -26.92
C ILE H 594 -15.16 -11.91 -26.29
N SER H 595 -14.86 -12.04 -25.03
CA SER H 595 -15.17 -13.24 -24.29
C SER H 595 -16.58 -13.71 -24.41
N LEU H 596 -16.75 -14.96 -24.77
CA LEU H 596 -18.14 -15.47 -24.79
C LEU H 596 -18.45 -16.43 -23.61
N SER H 597 -18.01 -16.12 -22.40
CA SER H 597 -18.28 -17.05 -21.29
C SER H 597 -18.65 -16.23 -20.12
N ALA H 598 -19.58 -16.67 -19.29
CA ALA H 598 -19.94 -15.85 -18.13
C ALA H 598 -20.57 -16.65 -16.98
N THR H 599 -20.42 -16.14 -15.75
CA THR H 599 -21.05 -16.78 -14.61
C THR H 599 -22.10 -15.82 -14.22
N GLY H 600 -23.04 -16.32 -13.41
CA GLY H 600 -24.17 -15.56 -12.92
C GLY H 600 -24.40 -16.03 -11.47
N PHE H 601 -25.09 -15.18 -10.73
CA PHE H 601 -25.30 -15.48 -9.37
C PHE H 601 -26.43 -14.65 -8.92
N TYR H 602 -27.22 -15.25 -8.00
CA TYR H 602 -28.34 -14.54 -7.36
C TYR H 602 -28.51 -14.90 -5.87
N ALA H 603 -28.94 -13.92 -5.09
CA ALA H 603 -29.09 -14.04 -3.62
C ALA H 603 -30.42 -13.45 -3.34
N THR H 604 -31.35 -14.22 -2.78
CA THR H 604 -32.71 -13.65 -2.63
C THR H 604 -32.58 -12.52 -1.66
N PRO H 605 -33.19 -11.39 -1.96
CA PRO H 605 -33.14 -10.19 -1.13
C PRO H 605 -34.30 -10.11 -0.13
N LYS H 606 -34.29 -9.13 0.78
CA LYS H 606 -35.38 -8.91 1.75
C LYS H 606 -35.58 -9.98 2.88
N LEU H 607 -34.69 -10.96 2.97
CA LEU H 607 -34.89 -12.00 3.95
C LEU H 607 -34.14 -11.77 5.26
N SER H 608 -34.83 -12.04 6.37
CA SER H 608 -34.26 -11.79 7.70
C SER H 608 -35.18 -12.25 8.78
N TRP H 609 -34.68 -13.10 9.65
CA TRP H 609 -35.58 -13.47 10.69
C TRP H 609 -34.85 -14.16 11.80
N ASP H 610 -35.46 -14.12 12.98
CA ASP H 610 -34.88 -14.81 14.12
C ASP H 610 -35.65 -16.03 14.58
N ARG H 611 -35.01 -17.16 14.38
CA ARG H 611 -35.50 -18.51 14.74
C ARG H 611 -36.06 -18.59 16.15
N LEU H 612 -35.15 -18.34 17.11
CA LEU H 612 -35.51 -18.44 18.49
C LEU H 612 -36.63 -17.52 18.91
N ARG H 613 -36.65 -16.31 18.38
CA ARG H 613 -37.70 -15.41 18.79
C ARG H 613 -38.94 -15.66 17.97
N GLY H 614 -38.75 -16.28 16.80
CA GLY H 614 -39.82 -16.51 15.85
C GLY H 614 -40.37 -15.19 15.33
N GLN H 615 -39.49 -14.27 15.03
CA GLN H 615 -39.94 -13.01 14.42
C GLN H 615 -39.10 -12.72 13.16
N GLY H 616 -39.74 -12.12 12.15
CA GLY H 616 -39.03 -11.67 10.97
C GLY H 616 -39.69 -11.91 9.61
N ARG H 617 -38.86 -11.87 8.55
CA ARG H 617 -39.30 -12.16 7.19
C ARG H 617 -38.50 -13.34 6.68
N PRO H 618 -38.91 -14.54 6.97
CA PRO H 618 -38.17 -15.66 6.42
C PRO H 618 -38.59 -15.93 4.98
N PHE H 619 -39.68 -15.35 4.48
CA PHE H 619 -40.06 -15.71 3.13
C PHE H 619 -40.14 -14.55 2.15
N LEU H 620 -39.91 -14.83 0.87
CA LEU H 620 -39.92 -13.73 -0.05
C LEU H 620 -41.32 -13.48 -0.40
N TYR H 621 -42.08 -14.54 -0.58
CA TYR H 621 -43.51 -14.42 -0.94
C TYR H 621 -44.30 -15.70 -0.64
N PHE H 622 -45.64 -15.72 -0.76
CA PHE H 622 -46.37 -16.98 -0.48
C PHE H 622 -47.00 -17.46 -1.75
N ALA H 623 -47.13 -18.77 -1.90
CA ALA H 623 -47.84 -19.39 -3.01
C ALA H 623 -49.24 -19.79 -2.49
N TYR H 624 -50.26 -19.76 -3.36
CA TYR H 624 -51.62 -20.03 -2.98
C TYR H 624 -52.24 -21.07 -3.85
N GLY H 625 -53.33 -21.66 -3.37
CA GLY H 625 -54.06 -22.66 -4.13
C GLY H 625 -55.30 -23.03 -3.34
N ALA H 626 -56.20 -23.76 -3.96
CA ALA H 626 -57.32 -24.33 -3.25
C ALA H 626 -57.68 -25.55 -4.07
N ALA H 627 -58.23 -26.57 -3.38
CA ALA H 627 -58.71 -27.78 -4.01
C ALA H 627 -60.08 -28.18 -3.44
N ILE H 628 -60.97 -28.70 -4.30
CA ILE H 628 -62.25 -29.20 -3.87
C ILE H 628 -62.28 -30.65 -4.28
N THR H 629 -62.34 -31.54 -3.28
CA THR H 629 -62.37 -32.96 -3.52
C THR H 629 -63.66 -33.62 -3.11
N GLU H 630 -64.10 -34.62 -3.90
CA GLU H 630 -65.29 -35.38 -3.59
C GLU H 630 -64.92 -36.85 -3.53
N VAL H 631 -65.39 -37.50 -2.46
CA VAL H 631 -65.10 -38.93 -2.33
C VAL H 631 -66.31 -39.78 -1.87
N VAL H 632 -66.16 -41.10 -1.96
CA VAL H 632 -67.14 -42.06 -1.41
C VAL H 632 -66.57 -43.10 -0.47
N ILE H 633 -67.26 -43.34 0.65
CA ILE H 633 -66.84 -44.42 1.56
C ILE H 633 -67.85 -45.54 1.74
N ASP H 634 -67.35 -46.70 2.09
CA ASP H 634 -68.18 -47.87 2.32
C ASP H 634 -68.33 -48.05 3.81
N ARG H 635 -69.46 -47.58 4.37
CA ARG H 635 -69.78 -47.73 5.81
C ARG H 635 -69.63 -49.13 6.43
N LEU H 636 -69.52 -50.17 5.62
CA LEU H 636 -69.28 -51.47 6.23
C LEU H 636 -67.76 -51.68 6.44
N THR H 637 -66.95 -51.46 5.41
CA THR H 637 -65.53 -51.76 5.61
C THR H 637 -64.62 -50.57 5.70
N GLY H 638 -65.12 -49.42 5.27
CA GLY H 638 -64.25 -48.27 5.23
C GLY H 638 -63.60 -48.11 3.87
N GLU H 639 -63.63 -49.13 3.02
CA GLU H 639 -63.16 -48.98 1.66
C GLU H 639 -63.58 -47.62 1.09
N ASN H 640 -62.89 -47.12 0.08
CA ASN H 640 -63.24 -45.78 -0.35
C ASN H 640 -62.39 -45.23 -1.51
N ARG H 641 -62.86 -44.15 -2.13
CA ARG H 641 -62.09 -43.59 -3.24
C ARG H 641 -62.44 -42.21 -3.62
N ILE H 642 -61.51 -41.61 -4.36
CA ILE H 642 -61.67 -40.23 -4.78
C ILE H 642 -62.48 -40.13 -6.10
N LEU H 643 -63.61 -39.45 -6.05
CA LEU H 643 -64.48 -39.43 -7.22
C LEU H 643 -64.03 -38.38 -8.23
N ARG H 644 -63.88 -37.17 -7.70
CA ARG H 644 -63.51 -36.06 -8.50
C ARG H 644 -62.77 -34.94 -7.68
N THR H 645 -61.84 -34.25 -8.35
CA THR H 645 -61.09 -33.14 -7.71
C THR H 645 -61.04 -31.97 -8.65
N ASP H 646 -61.10 -30.76 -8.14
CA ASP H 646 -61.03 -29.61 -9.01
C ASP H 646 -59.96 -28.75 -8.34
N ILE H 647 -58.98 -28.24 -9.06
CA ILE H 647 -57.98 -27.44 -8.36
C ILE H 647 -57.72 -26.13 -9.08
N LEU H 648 -57.48 -25.06 -8.36
CA LEU H 648 -57.10 -23.80 -8.98
C LEU H 648 -55.86 -23.36 -8.23
N HIS H 649 -54.69 -23.39 -8.85
CA HIS H 649 -53.43 -23.06 -8.19
C HIS H 649 -52.63 -21.93 -8.78
N ASP H 650 -51.85 -21.30 -7.90
CA ASP H 650 -51.22 -20.02 -8.24
C ASP H 650 -49.74 -20.17 -8.53
N ALA H 651 -49.40 -20.20 -9.79
CA ALA H 651 -48.04 -20.33 -10.14
C ALA H 651 -47.46 -19.01 -10.73
N GLY H 652 -48.00 -17.88 -10.30
CA GLY H 652 -47.54 -16.61 -10.85
C GLY H 652 -47.71 -16.60 -12.36
N ALA H 653 -46.88 -15.88 -13.07
CA ALA H 653 -46.92 -16.03 -14.50
C ALA H 653 -46.08 -17.30 -14.65
N SER H 654 -46.71 -18.43 -14.91
CA SER H 654 -45.90 -19.63 -15.03
C SER H 654 -44.76 -19.41 -16.00
N LEU H 655 -43.66 -20.14 -15.83
CA LEU H 655 -42.60 -20.17 -16.81
C LEU H 655 -42.93 -21.27 -17.79
N ASN H 656 -43.74 -22.24 -17.35
CA ASN H 656 -44.14 -23.30 -18.29
C ASN H 656 -45.36 -24.04 -17.74
N PRO H 657 -46.53 -23.62 -18.19
CA PRO H 657 -47.76 -24.07 -17.58
C PRO H 657 -47.86 -25.56 -17.78
N ALA H 658 -47.22 -26.08 -18.81
CA ALA H 658 -47.47 -27.47 -19.04
C ALA H 658 -46.78 -28.14 -17.89
N LEU H 659 -45.55 -27.77 -17.66
CA LEU H 659 -44.81 -28.44 -16.60
C LEU H 659 -45.48 -28.12 -15.26
N ASP H 660 -45.98 -26.90 -15.10
CA ASP H 660 -46.55 -26.56 -13.82
C ASP H 660 -47.80 -27.43 -13.61
N ILE H 661 -48.63 -27.61 -14.64
CA ILE H 661 -49.84 -28.37 -14.43
C ILE H 661 -49.37 -29.73 -13.92
N GLY H 662 -48.34 -30.22 -14.58
CA GLY H 662 -47.83 -31.54 -14.31
C GLY H 662 -47.32 -31.70 -12.89
N GLN H 663 -47.08 -30.57 -12.23
CA GLN H 663 -46.51 -30.66 -10.93
C GLN H 663 -47.66 -30.66 -9.98
N ILE H 664 -48.62 -29.79 -10.24
CA ILE H 664 -49.79 -29.74 -9.41
C ILE H 664 -50.50 -31.11 -9.43
N GLU H 665 -50.52 -31.79 -10.58
CA GLU H 665 -51.27 -33.02 -10.59
C GLU H 665 -50.49 -33.95 -9.69
N GLY H 666 -49.24 -34.14 -10.03
CA GLY H 666 -48.40 -35.15 -9.41
C GLY H 666 -48.33 -34.95 -7.90
N ALA H 667 -48.41 -33.71 -7.50
CA ALA H 667 -48.25 -33.45 -6.12
C ALA H 667 -49.54 -33.85 -5.42
N TYR H 668 -50.70 -33.51 -6.03
CA TYR H 668 -51.99 -33.74 -5.39
C TYR H 668 -52.01 -35.24 -5.13
N VAL H 669 -51.86 -36.01 -6.18
CA VAL H 669 -51.92 -37.41 -5.98
C VAL H 669 -51.03 -37.76 -4.80
N GLN H 670 -49.87 -37.11 -4.68
CA GLN H 670 -48.90 -37.51 -3.65
C GLN H 670 -49.35 -37.09 -2.23
N GLY H 671 -50.10 -36.02 -2.10
CA GLY H 671 -50.51 -35.62 -0.78
C GLY H 671 -51.54 -36.61 -0.31
N ALA H 672 -52.49 -36.87 -1.20
CA ALA H 672 -53.64 -37.65 -0.85
C ALA H 672 -53.10 -39.03 -0.54
N GLY H 673 -52.08 -39.44 -1.24
CA GLY H 673 -51.58 -40.76 -0.90
C GLY H 673 -51.04 -40.64 0.53
N TRP H 674 -50.74 -39.41 0.90
CA TRP H 674 -50.12 -39.28 2.15
C TRP H 674 -51.16 -39.53 3.21
N LEU H 675 -52.37 -39.13 2.90
CA LEU H 675 -53.33 -39.14 3.99
C LEU H 675 -54.37 -40.17 3.81
N THR H 676 -54.08 -41.20 3.02
CA THR H 676 -55.05 -42.23 2.75
C THR H 676 -54.39 -43.63 2.78
N THR H 677 -53.69 -44.06 1.75
CA THR H 677 -53.24 -45.45 1.87
C THR H 677 -51.83 -45.56 2.38
N GLU H 678 -51.15 -44.44 2.45
CA GLU H 678 -49.74 -44.55 2.84
C GLU H 678 -49.57 -44.73 4.35
N GLU H 679 -49.02 -45.86 4.77
CA GLU H 679 -48.92 -46.12 6.21
C GLU H 679 -47.63 -46.75 6.64
N LEU H 680 -46.92 -46.15 7.60
CA LEU H 680 -45.67 -46.84 8.04
C LEU H 680 -45.90 -47.60 9.33
N VAL H 681 -45.39 -48.82 9.42
CA VAL H 681 -45.57 -49.55 10.68
C VAL H 681 -44.31 -50.18 11.23
N TRP H 682 -44.14 -50.05 12.56
CA TRP H 682 -43.03 -50.70 13.29
C TRP H 682 -43.55 -51.63 14.36
N ASP H 683 -43.02 -52.85 14.45
CA ASP H 683 -43.45 -53.72 15.54
C ASP H 683 -42.79 -53.35 16.86
N HIS H 684 -43.15 -54.10 17.91
CA HIS H 684 -42.77 -53.82 19.30
C HIS H 684 -41.26 -53.67 19.46
N CYS H 685 -40.46 -54.38 18.69
CA CYS H 685 -39.01 -54.21 18.86
C CYS H 685 -38.35 -53.11 18.02
N GLY H 686 -39.13 -52.26 17.35
CA GLY H 686 -38.57 -51.24 16.48
C GLY H 686 -38.29 -51.64 15.03
N ARG H 687 -38.59 -52.85 14.59
CA ARG H 687 -38.31 -53.16 13.20
C ARG H 687 -39.38 -52.60 12.33
N LEU H 688 -39.01 -51.92 11.24
CA LEU H 688 -40.01 -51.46 10.27
C LEU H 688 -40.72 -52.67 9.65
N MET H 689 -42.04 -52.68 9.60
CA MET H 689 -42.77 -53.84 9.04
C MET H 689 -43.13 -53.52 7.57
N THR H 690 -43.40 -52.24 7.31
CA THR H 690 -43.72 -51.78 5.99
C THR H 690 -42.45 -51.31 5.30
N HIS H 691 -41.76 -52.23 4.61
CA HIS H 691 -40.49 -51.94 3.99
C HIS H 691 -40.39 -52.54 2.56
N ALA H 692 -41.47 -52.40 1.80
CA ALA H 692 -41.51 -52.89 0.43
C ALA H 692 -42.80 -52.44 -0.22
N PRO H 693 -42.82 -52.29 -1.54
CA PRO H 693 -44.03 -51.73 -2.17
C PRO H 693 -45.15 -52.73 -1.87
N SER H 694 -44.79 -54.00 -1.71
CA SER H 694 -45.87 -54.90 -1.41
C SER H 694 -46.43 -54.73 -0.01
N THR H 695 -45.89 -53.88 0.84
CA THR H 695 -46.59 -53.61 2.08
C THR H 695 -46.82 -52.14 2.37
N TYR H 696 -46.08 -51.28 1.70
CA TYR H 696 -46.30 -49.85 1.82
C TYR H 696 -46.87 -49.52 0.45
N LYS H 697 -48.00 -48.81 0.43
CA LYS H 697 -48.84 -48.65 -0.75
C LYS H 697 -48.99 -47.22 -1.27
N ILE H 698 -48.30 -46.85 -2.35
CA ILE H 698 -48.56 -45.51 -2.90
C ILE H 698 -49.71 -45.59 -3.93
N PRO H 699 -50.38 -44.45 -4.16
CA PRO H 699 -51.48 -44.34 -5.11
C PRO H 699 -51.14 -45.11 -6.35
N ALA H 700 -51.99 -46.07 -6.72
CA ALA H 700 -51.83 -46.83 -7.97
C ALA H 700 -52.71 -46.12 -9.01
N PHE H 701 -52.47 -46.46 -10.26
CA PHE H 701 -53.16 -45.88 -11.38
C PHE H 701 -54.62 -45.59 -11.11
N SER H 702 -55.38 -46.62 -10.74
CA SER H 702 -56.79 -46.36 -10.57
C SER H 702 -57.10 -45.49 -9.40
N ASP H 703 -56.13 -45.10 -8.61
CA ASP H 703 -56.53 -44.22 -7.52
C ASP H 703 -56.63 -42.78 -7.99
N ARG H 704 -56.26 -42.49 -9.24
CA ARG H 704 -56.38 -41.11 -9.66
C ARG H 704 -57.83 -40.70 -9.61
N PRO H 705 -58.13 -39.45 -9.28
CA PRO H 705 -59.52 -39.00 -9.27
C PRO H 705 -60.13 -39.32 -10.67
N ARG H 706 -61.44 -39.61 -10.78
CA ARG H 706 -62.05 -39.95 -12.06
C ARG H 706 -62.18 -38.68 -12.85
N ILE H 707 -62.60 -37.65 -12.16
CA ILE H 707 -62.60 -36.38 -12.82
C ILE H 707 -61.59 -35.53 -12.09
N PHE H 708 -60.64 -35.05 -12.87
CA PHE H 708 -59.48 -34.32 -12.37
C PHE H 708 -59.26 -32.99 -13.14
N ASN H 709 -59.88 -31.90 -12.68
CA ASN H 709 -59.77 -30.60 -13.32
C ASN H 709 -58.76 -29.70 -12.66
N VAL H 710 -57.66 -29.40 -13.36
CA VAL H 710 -56.65 -28.54 -12.78
C VAL H 710 -56.51 -27.26 -13.54
N ALA H 711 -56.56 -26.11 -12.88
CA ALA H 711 -56.36 -24.86 -13.58
C ALA H 711 -55.47 -23.87 -12.79
N LEU H 712 -54.79 -22.98 -13.52
CA LEU H 712 -53.87 -22.05 -12.90
C LEU H 712 -54.50 -20.74 -12.79
N TRP H 713 -54.16 -20.07 -11.72
CA TRP H 713 -54.52 -18.71 -11.48
C TRP H 713 -53.38 -17.99 -12.20
N ASP H 714 -53.70 -17.13 -13.17
CA ASP H 714 -52.59 -16.44 -13.89
C ASP H 714 -52.48 -14.96 -13.48
N GLN H 715 -51.67 -14.69 -12.43
CA GLN H 715 -51.37 -13.33 -11.95
C GLN H 715 -49.89 -13.30 -11.64
N PRO H 716 -49.23 -12.28 -12.14
CA PRO H 716 -47.78 -12.19 -11.96
C PRO H 716 -47.52 -12.05 -10.50
N ASN H 717 -46.32 -12.35 -10.06
CA ASN H 717 -45.96 -12.25 -8.66
C ASN H 717 -45.60 -10.80 -8.31
N ARG H 718 -45.95 -10.31 -7.14
CA ARG H 718 -45.69 -8.92 -6.79
C ARG H 718 -44.22 -8.69 -6.64
N GLU H 719 -43.52 -9.73 -6.20
CA GLU H 719 -42.13 -9.63 -5.91
C GLU H 719 -41.38 -9.88 -7.19
N GLU H 720 -40.12 -9.47 -7.19
CA GLU H 720 -39.28 -9.51 -8.37
C GLU H 720 -38.70 -10.88 -8.49
N THR H 721 -39.46 -11.83 -9.04
CA THR H 721 -38.93 -13.15 -9.30
C THR H 721 -38.73 -13.38 -10.78
N ILE H 722 -38.01 -14.42 -11.11
CA ILE H 722 -37.78 -14.67 -12.50
C ILE H 722 -39.06 -14.62 -13.29
N PHE H 723 -39.16 -13.58 -14.10
CA PHE H 723 -40.28 -13.35 -14.98
C PHE H 723 -41.58 -13.39 -14.23
N ARG H 724 -41.51 -12.98 -12.97
CA ARG H 724 -42.68 -12.90 -12.13
C ARG H 724 -43.34 -14.27 -11.92
N SER H 725 -42.52 -15.34 -11.91
CA SER H 725 -43.15 -16.65 -11.72
C SER H 725 -43.23 -16.93 -10.26
N LYS H 726 -43.78 -18.08 -9.88
CA LYS H 726 -43.89 -18.54 -8.47
C LYS H 726 -43.50 -19.98 -8.39
N ALA H 727 -42.96 -20.39 -7.28
CA ALA H 727 -42.50 -21.79 -7.21
C ALA H 727 -43.67 -22.67 -7.15
N VAL H 728 -43.54 -23.85 -7.70
CA VAL H 728 -44.78 -24.58 -7.75
C VAL H 728 -44.50 -26.01 -7.38
N GLY H 729 -43.34 -26.29 -6.88
CA GLY H 729 -43.05 -27.68 -6.62
C GLY H 729 -43.69 -28.28 -5.36
N GLU H 730 -43.70 -27.52 -4.27
CA GLU H 730 -44.15 -28.08 -3.05
C GLU H 730 -45.58 -27.60 -2.77
N PRO H 731 -45.80 -26.30 -2.85
CA PRO H 731 -47.08 -25.75 -2.39
C PRO H 731 -48.23 -26.69 -2.71
N PRO H 732 -48.33 -27.12 -3.93
CA PRO H 732 -49.52 -27.85 -4.36
C PRO H 732 -49.70 -29.16 -3.58
N PHE H 733 -48.64 -29.74 -3.06
CA PHE H 733 -48.80 -30.95 -2.28
C PHE H 733 -49.77 -30.68 -1.12
N LEU H 734 -49.82 -29.46 -0.62
CA LEU H 734 -50.80 -29.23 0.43
C LEU H 734 -52.23 -29.36 -0.09
N LEU H 735 -52.43 -29.65 -1.36
CA LEU H 735 -53.79 -29.59 -1.81
C LEU H 735 -54.46 -30.89 -1.46
N GLY H 736 -53.65 -31.85 -1.07
CA GLY H 736 -54.23 -33.15 -0.76
C GLY H 736 -55.03 -33.09 0.52
N ILE H 737 -54.75 -32.09 1.34
CA ILE H 737 -55.53 -31.99 2.53
C ILE H 737 -56.99 -32.19 2.15
N SER H 738 -57.36 -31.61 1.03
CA SER H 738 -58.75 -31.63 0.67
C SER H 738 -59.33 -33.05 0.68
N ALA H 739 -58.67 -34.03 0.14
CA ALA H 739 -59.26 -35.36 0.16
C ALA H 739 -59.41 -35.90 1.60
N PHE H 740 -58.47 -35.58 2.47
CA PHE H 740 -58.67 -35.99 3.83
C PHE H 740 -59.86 -35.23 4.38
N LEU H 741 -59.96 -33.93 4.20
CA LEU H 741 -61.15 -33.29 4.74
C LEU H 741 -62.40 -33.97 4.17
N ALA H 742 -62.31 -34.42 2.92
CA ALA H 742 -63.45 -35.01 2.25
C ALA H 742 -63.87 -36.28 2.95
N LEU H 743 -62.90 -37.18 3.12
CA LEU H 743 -63.09 -38.45 3.79
C LEU H 743 -63.76 -38.18 5.13
N HIS H 744 -63.36 -37.10 5.78
CA HIS H 744 -63.99 -36.80 7.06
C HIS H 744 -65.40 -36.29 6.83
N ASP H 745 -65.65 -35.63 5.70
CA ASP H 745 -67.01 -35.10 5.47
C ASP H 745 -68.00 -36.25 5.38
N ALA H 746 -67.53 -37.33 4.78
CA ALA H 746 -68.31 -38.52 4.58
C ALA H 746 -68.63 -39.16 5.96
N CYS H 747 -67.59 -39.52 6.68
CA CYS H 747 -67.77 -40.00 8.00
C CYS H 747 -68.80 -39.13 8.73
N ALA H 748 -68.63 -37.81 8.78
CA ALA H 748 -69.55 -37.03 9.63
C ALA H 748 -70.99 -37.03 9.15
N ALA H 749 -71.23 -37.63 8.00
CA ALA H 749 -72.57 -37.66 7.46
C ALA H 749 -73.31 -38.95 7.90
N CYS H 750 -72.59 -39.82 8.60
CA CYS H 750 -73.20 -41.06 9.05
C CYS H 750 -73.84 -40.97 10.39
N GLY H 751 -73.69 -39.87 11.12
CA GLY H 751 -74.20 -39.80 12.48
C GLY H 751 -73.88 -38.45 13.01
N PRO H 752 -74.24 -38.16 14.26
CA PRO H 752 -74.07 -36.82 14.85
C PRO H 752 -72.84 -36.65 15.74
N HIS H 753 -71.99 -37.66 15.86
CA HIS H 753 -70.76 -37.47 16.65
C HIS H 753 -69.49 -37.14 15.83
N TRP H 754 -68.57 -36.46 16.51
CA TRP H 754 -67.27 -36.07 16.00
C TRP H 754 -66.56 -37.34 15.61
N PRO H 755 -66.34 -37.56 14.33
CA PRO H 755 -65.78 -38.83 13.86
C PRO H 755 -64.36 -39.04 14.29
N ASP H 756 -63.70 -37.96 14.72
CA ASP H 756 -62.26 -37.93 15.10
C ASP H 756 -61.41 -38.70 14.06
N LEU H 757 -61.54 -38.38 12.79
CA LEU H 757 -60.79 -39.23 11.85
C LEU H 757 -59.29 -38.97 12.01
N GLN H 758 -58.49 -40.02 11.91
CA GLN H 758 -57.03 -39.93 12.06
C GLN H 758 -56.32 -40.04 10.73
N ALA H 759 -55.10 -39.53 10.66
CA ALA H 759 -54.35 -39.65 9.39
C ALA H 759 -53.25 -40.63 9.63
N PRO H 760 -52.96 -41.53 8.74
CA PRO H 760 -53.61 -41.75 7.46
C PRO H 760 -54.89 -42.55 7.49
N ALA H 761 -55.91 -41.88 6.95
CA ALA H 761 -57.25 -42.40 6.76
C ALA H 761 -57.23 -43.62 5.85
N THR H 762 -56.72 -44.74 6.32
CA THR H 762 -56.88 -45.96 5.55
C THR H 762 -58.34 -46.40 5.69
N PRO H 763 -58.72 -47.45 4.95
CA PRO H 763 -60.03 -48.06 5.16
C PRO H 763 -60.17 -48.45 6.65
N GLU H 764 -59.15 -49.09 7.27
CA GLU H 764 -59.31 -49.43 8.71
C GLU H 764 -59.62 -48.18 9.43
N ALA H 765 -58.89 -47.15 9.09
CA ALA H 765 -59.07 -45.90 9.84
C ALA H 765 -60.40 -45.18 9.62
N VAL H 766 -60.93 -45.27 8.38
CA VAL H 766 -62.18 -44.55 8.06
C VAL H 766 -63.32 -45.30 8.75
N LEU H 767 -63.19 -46.62 8.77
CA LEU H 767 -64.22 -47.40 9.41
C LEU H 767 -64.31 -46.96 10.84
N ALA H 768 -63.18 -46.76 11.49
CA ALA H 768 -63.29 -46.37 12.89
C ALA H 768 -64.02 -45.08 13.00
N ALA H 769 -63.71 -44.15 12.13
CA ALA H 769 -64.29 -42.84 12.39
C ALA H 769 -65.77 -42.83 12.06
N VAL H 770 -66.16 -43.71 11.12
CA VAL H 770 -67.56 -43.88 10.83
C VAL H 770 -68.26 -44.38 12.09
N ARG H 771 -67.62 -45.30 12.82
CA ARG H 771 -68.28 -45.89 14.01
C ARG H 771 -68.47 -44.87 15.13
N ARG H 772 -67.48 -44.02 15.34
CA ARG H 772 -67.65 -43.05 16.40
C ARG H 772 -68.73 -42.09 16.01
N ALA H 773 -68.96 -41.96 14.71
CA ALA H 773 -69.93 -40.97 14.29
C ALA H 773 -71.29 -41.53 14.55
N GLU H 774 -71.40 -42.80 14.21
CA GLU H 774 -72.62 -43.56 14.32
C GLU H 774 -72.91 -43.75 15.82
N GLY H 775 -71.89 -43.54 16.65
CA GLY H 775 -72.08 -43.77 18.06
C GLY H 775 -71.99 -45.24 18.49
N ARG H 776 -71.70 -46.15 17.55
CA ARG H 776 -71.49 -47.55 17.90
C ARG H 776 -70.13 -47.76 18.54
N ALA H 777 -69.67 -46.76 19.29
CA ALA H 777 -68.39 -46.86 19.98
C ALA H 777 -67.26 -46.21 19.15
FE1 FES I . 22.30 15.92 21.25
FE2 FES I . 22.03 14.38 23.61
S1 FES I . 23.51 15.81 23.06
S2 FES I . 20.75 14.56 21.92
FE1 FES J . 8.03 14.40 26.59
FE2 FES J . 9.67 13.38 24.47
S1 FES J . 9.09 12.45 26.43
S2 FES J . 8.69 15.34 24.71
PA FAD K . -4.40 6.23 31.80
O1A FAD K . -3.66 6.91 30.71
O2A FAD K . -4.65 7.14 33.02
O5B FAD K . -5.73 5.77 31.04
C5B FAD K . -6.31 4.56 31.34
C4B FAD K . -7.30 4.20 30.28
O4B FAD K . -8.22 3.48 31.04
C3B FAD K . -8.12 5.38 29.95
O3B FAD K . -9.16 4.88 29.13
C2B FAD K . -8.75 5.70 31.29
O2B FAD K . -9.91 6.49 31.18
C1B FAD K . -9.09 4.33 31.78
N9A FAD K . -8.93 4.14 33.24
C8A FAD K . -7.94 4.58 34.03
N7A FAD K . -8.16 4.16 35.28
C5A FAD K . -9.29 3.45 35.33
C6A FAD K . -9.98 2.80 36.37
N6A FAD K . -9.36 2.44 37.51
N1A FAD K . -11.12 2.15 36.05
C2A FAD K . -11.59 2.12 34.77
N3A FAD K . -10.92 2.75 33.76
C4A FAD K . -9.78 3.43 34.05
N1 FAD K . 2.04 -0.15 28.25
C2 FAD K . 2.52 -1.43 28.41
O2 FAD K . 1.74 -2.36 28.72
N3 FAD K . 3.83 -1.73 28.26
C4 FAD K . 4.76 -0.81 27.95
O4 FAD K . 5.92 -1.16 27.63
C4X FAD K . 4.32 0.50 27.77
N5 FAD K . 5.27 1.46 27.42
C5X FAD K . 4.86 2.74 27.24
C6 FAD K . 5.82 3.71 26.91
C7 FAD K . 5.46 5.04 26.72
C7M FAD K . 6.43 6.11 26.32
C8 FAD K . 4.14 5.38 26.87
C8M FAD K . 3.80 6.85 27.04
C9 FAD K . 3.21 4.39 27.18
C9A FAD K . 3.52 3.07 27.38
N10 FAD K . 2.52 2.11 27.72
C10 FAD K . 2.96 0.82 27.90
C1' FAD K . 1.05 2.40 27.95
C2' FAD K . 0.49 1.96 29.33
O2' FAD K . -0.85 1.44 29.45
C3' FAD K . 0.26 3.20 30.15
O3' FAD K . 1.55 3.79 30.21
C4' FAD K . -0.39 2.82 31.53
O4' FAD K . -0.22 1.47 31.98
C5' FAD K . -1.87 3.15 31.69
O5' FAD K . -1.78 3.63 33.00
P FAD K . -2.49 5.04 33.26
O1P FAD K . -3.02 5.25 34.62
O2P FAD K . -1.63 6.24 32.81
O3P FAD K . -3.63 4.88 32.14
CA CA L . 14.29 13.51 8.76
N1 MTE M . 27.54 15.64 15.93
C2 MTE M . 26.45 16.03 16.72
N2 MTE M . 26.68 16.01 18.04
N3 MTE M . 25.29 16.40 16.16
C4 MTE M . 25.14 16.39 14.77
O4 MTE M . 24.06 16.65 14.12
N5 MTE M . 26.20 15.97 12.37
C6 MTE M . 27.33 15.20 11.64
C7 MTE M . 28.77 15.27 12.45
N8 MTE M . 28.67 15.22 13.87
C9 MTE M . 26.24 15.98 13.87
C10 MTE M . 27.60 15.58 14.61
C1' MTE M . 27.46 15.41 10.26
S1' MTE M . 26.31 14.81 9.19
C2' MTE M . 28.64 16.10 9.84
S2' MTE M . 28.60 16.24 8.12
C3' MTE M . 29.73 16.66 10.80
O3' MTE M . 29.31 16.56 12.19
C4' MTE M . 29.94 18.00 10.43
O4' MTE M . 31.07 18.42 11.22
P MTE M . 31.95 19.31 10.78
O1P MTE M . 32.22 18.89 9.33
O2P MTE M . 33.14 19.30 11.65
O3P MTE M . 31.49 20.57 10.89
MO MOS N . 26.85 15.38 7.06
S MOS N . 25.44 16.88 6.91
O1 MOS N . 27.22 15.48 5.06
O2 MOS N . 25.76 14.21 6.48
FE1 FES O . 13.72 65.18 10.84
FE2 FES O . 11.58 66.79 10.09
S1 FES O . 12.74 65.34 8.95
S2 FES O . 12.23 66.29 12.05
FE1 FES P . 1.16 65.16 19.68
FE2 FES P . 3.73 66.31 19.75
S1 FES P . 1.82 67.21 19.03
S2 FES P . 3.14 64.27 20.11
PA FAD Q . -11.23 71.52 27.28
O1A FAD Q . -9.85 71.02 27.44
O2A FAD Q . -12.13 70.53 26.63
O5B FAD Q . -11.65 71.88 28.79
C5B FAD Q . -11.14 73.09 29.29
C4B FAD Q . -11.78 73.40 30.62
O4B FAD Q . -13.07 73.85 30.39
C3B FAD Q . -12.04 72.17 31.45
O3B FAD Q . -12.23 72.58 32.78
C2B FAD Q . -13.41 71.73 31.05
O2B FAD Q . -13.97 71.11 32.10
C1B FAD Q . -14.06 73.02 31.04
N9A FAD Q . -15.21 73.08 30.13
C8A FAD Q . -15.19 72.79 28.82
N7A FAD Q . -16.37 73.09 28.29
C5A FAD Q . -17.14 73.65 29.27
C6A FAD Q . -18.46 74.16 29.28
N6A FAD Q . -19.08 74.62 28.18
N1A FAD Q . -18.89 74.67 30.45
C2A FAD Q . -18.13 74.69 31.56
N3A FAD Q . -16.86 74.19 31.56
C4A FAD Q . -16.40 73.66 30.42
N1 FAD Q . -5.25 78.91 24.36
C2 FAD Q . -5.27 80.22 23.92
O2 FAD Q . -6.01 81.09 24.36
N3 FAD Q . -4.41 80.66 22.96
C4 FAD Q . -3.50 79.82 22.42
O4 FAD Q . -2.75 80.26 21.54
C4X FAD Q . -3.50 78.49 22.79
N5 FAD Q . -2.59 77.63 22.18
C5X FAD Q . -2.52 76.32 22.52
C6 FAD Q . -1.59 75.54 21.90
C7 FAD Q . -1.48 74.21 22.19
C7M FAD Q . -0.53 73.23 21.51
C8 FAD Q . -2.32 73.66 23.08
C8M FAD Q . -2.20 72.15 23.22
C9 FAD Q . -3.27 74.47 23.70
C9A FAD Q . -3.38 75.84 23.46
N10 FAD Q . -4.33 76.68 24.10
C10 FAD Q . -4.37 78.03 23.77
C1' FAD Q . -5.43 76.20 25.03
C2' FAD Q . -6.87 76.76 24.75
O2' FAD Q . -7.85 77.06 25.79
C3' FAD Q . -7.38 75.42 24.65
O3' FAD Q . -6.40 74.88 23.82
C4' FAD Q . -8.89 75.48 24.27
O4' FAD Q . -9.43 76.75 24.01
C5' FAD Q . -9.73 74.94 25.39
O5' FAD Q . -10.67 74.36 24.56
P FAD Q . -11.19 72.87 24.87
O1P FAD Q . -12.48 72.79 24.23
O2P FAD Q . -10.22 71.88 24.33
O3P FAD Q . -11.32 72.87 26.45
CA CA R . 19.33 67.45 24.62
N1 MTE S . 21.09 66.39 9.60
C2 MTE S . 19.89 65.75 9.96
N2 MTE S . 18.89 65.62 9.06
N3 MTE S . 19.79 65.28 11.16
C4 MTE S . 20.78 65.34 12.13
O4 MTE S . 20.62 64.89 13.35
N5 MTE S . 23.24 66.15 12.69
C6 MTE S . 24.32 67.20 12.34
C7 MTE S . 24.54 67.17 10.75
N8 MTE S . 23.36 67.15 9.95
C9 MTE S . 22.07 65.99 11.81
C10 MTE S . 22.21 66.54 10.33
C1' MTE S . 25.58 66.95 12.95
S1' MTE S . 25.79 67.39 14.52
C2' MTE S . 26.63 66.30 12.21
S2' MTE S . 27.97 66.22 13.29
C3' MTE S . 26.44 65.82 10.74
O3' MTE S . 24.99 65.81 10.68
C4' MTE S . 26.85 64.49 10.49
O4' MTE S . 27.27 64.43 9.09
P MTE S . 28.09 63.42 8.61
O1P MTE S . 29.50 63.69 9.14
O2P MTE S . 27.89 63.27 7.14
O3P MTE S . 27.79 62.16 8.98
MO MOS T . 27.96 66.96 15.37
S MOS T . 27.37 65.63 16.75
O1 MOS T . 29.77 67.18 16.24
O2 MOS T . 27.55 68.42 16.15
FE1 FES U . 9.00 -35.70 -21.92
FE2 FES U . 10.99 -37.01 -20.80
S1 FES U . 9.77 -35.39 -19.90
S2 FES U . 10.19 -37.31 -22.72
FE1 FES V . 9.89 -50.55 -25.38
FE2 FES V . 9.93 -48.13 -26.73
S1 FES V . 11.61 -49.39 -26.20
S2 FES V . 8.25 -49.11 -25.75
PA FAD W . 16.59 -63.79 -30.70
O1A FAD W . 15.49 -62.77 -30.64
O2A FAD W . 16.22 -64.61 -29.48
O5B FAD W . 16.66 -64.42 -32.17
C5B FAD W . 17.83 -64.95 -32.65
C4B FAD W . 17.50 -65.45 -34.06
O4B FAD W . 18.37 -66.53 -34.32
C3B FAD W . 16.15 -66.14 -34.09
O3B FAD W . 16.04 -66.87 -35.30
C2B FAD W . 16.46 -67.23 -33.14
O2B FAD W . 15.55 -68.27 -33.20
C1B FAD W . 17.74 -67.69 -33.78
N9A FAD W . 18.45 -68.31 -32.67
C8A FAD W . 18.34 -67.93 -31.35
N7A FAD W . 19.07 -68.73 -30.56
C5A FAD W . 19.64 -69.64 -31.39
C6A FAD W . 20.49 -70.68 -31.10
N6A FAD W . 20.68 -70.90 -29.79
N1A FAD W . 20.96 -71.49 -32.14
C2A FAD W . 20.54 -71.26 -33.45
N3A FAD W . 19.70 -70.20 -33.73
C4A FAD W . 19.26 -69.41 -32.71
N1 FAD W . 22.47 -56.07 -33.15
C2 FAD W . 23.77 -55.69 -33.44
O2 FAD W . 24.59 -56.45 -33.97
N3 FAD W . 24.23 -54.44 -33.15
C4 FAD W . 23.41 -53.49 -32.61
O4 FAD W . 23.94 -52.41 -32.28
C4X FAD W . 22.09 -53.86 -32.29
N5 FAD W . 21.23 -52.93 -31.73
C5X FAD W . 19.95 -53.29 -31.44
C6 FAD W . 19.12 -52.34 -30.87
C7 FAD W . 17.83 -52.61 -30.54
C7M FAD W . 16.99 -51.60 -29.77
C8 FAD W . 17.39 -53.90 -30.79
C8M FAD W . 16.01 -54.32 -30.40
C9 FAD W . 18.24 -54.85 -31.36
C9A FAD W . 19.54 -54.56 -31.70
N10 FAD W . 20.36 -55.49 -32.29
C10 FAD W . 21.64 -55.14 -32.57
C1' FAD W . 19.88 -56.80 -32.77
C2' FAD W . 20.75 -57.93 -32.16
O2' FAD W . 21.19 -59.02 -32.96
C3' FAD W . 19.78 -58.56 -31.25
O3' FAD W . 19.37 -57.44 -30.50
C4' FAD W . 20.48 -59.66 -30.49
O4' FAD W . 21.87 -59.71 -30.74
C5' FAD W . 19.76 -60.94 -30.88
O5' FAD W . 19.91 -61.79 -29.79
P FAD W . 18.67 -62.60 -29.24
O1P FAD W . 19.18 -63.59 -28.25
O2P FAD W . 17.57 -61.82 -28.50
O3P FAD W . 18.11 -63.22 -30.67
CA CA X . 4.74 -36.04 -36.30
N1 MTE Y . 8.01 -28.51 -23.63
C2 MTE Y . 7.63 -29.78 -23.30
N2 MTE Y . 8.24 -30.31 -22.21
N3 MTE Y . 6.71 -30.39 -24.07
C4 MTE Y . 6.11 -29.80 -25.19
O4 MTE Y . 5.21 -30.28 -26.04
N5 MTE Y . 5.92 -27.72 -26.70
C6 MTE Y . 6.68 -26.44 -27.16
C7 MTE Y . 7.28 -25.64 -25.85
N8 MTE Y . 7.98 -26.44 -24.90
C9 MTE Y . 6.51 -28.45 -25.57
C10 MTE Y . 7.58 -27.73 -24.63
C1' MTE Y . 5.97 -25.59 -28.00
S1' MTE Y . 5.88 -25.93 -29.60
C2' MTE Y . 5.42 -24.45 -27.38
S2' MTE Y . 4.64 -23.49 -28.60
C3' MTE Y . 5.57 -24.18 -25.83
O3' MTE Y . 6.06 -25.36 -25.19
C4' MTE Y . 4.37 -23.77 -25.24
O4' MTE Y . 4.61 -22.71 -24.31
P MTE Y . 3.51 -22.08 -23.70
O1P MTE Y . 2.99 -21.08 -24.76
O2P MTE Y . 3.94 -21.44 -22.45
O3P MTE Y . 2.53 -22.89 -23.25
MO MOS Z . 4.72 -24.55 -30.80
S MOS Z . 2.91 -25.39 -31.07
O1 MOS Z . 4.16 -22.82 -31.69
O2 MOS Z . 5.73 -24.98 -32.16
FE1 FES AA . -40.96 -40.31 -12.10
FE2 FES AA . -43.22 -42.03 -13.35
S1 FES AA . -42.30 -40.06 -13.86
S2 FES AA . -41.88 -42.25 -11.59
FE1 FES BA . -40.06 -55.53 -11.29
FE2 FES BA . -40.04 -53.44 -9.74
S1 FES BA . -41.84 -54.53 -10.53
S2 FES BA . -38.36 -54.42 -10.61
PA FAD CA . -44.66 -70.29 -8.47
O1A FAD CA . -43.77 -69.13 -8.12
O2A FAD CA . -44.18 -71.00 -9.77
O5B FAD CA . -44.46 -71.15 -7.16
C5B FAD CA . -45.20 -72.28 -6.93
C4B FAD CA . -45.23 -72.39 -5.44
O4B FAD CA . -45.88 -73.61 -5.30
C3B FAD CA . -43.86 -72.85 -5.14
O3B FAD CA . -43.99 -73.47 -3.90
C2B FAD CA . -43.74 -73.95 -6.15
O2B FAD CA . -42.67 -74.75 -5.80
C1B FAD CA . -45.08 -74.62 -5.95
N9A FAD CA . -45.71 -75.13 -7.19
C8A FAD CA . -45.86 -74.46 -8.38
N7A FAD CA . -46.46 -75.29 -9.26
C5A FAD CA . -46.73 -76.47 -8.64
C6A FAD CA . -47.36 -77.62 -9.08
N6A FAD CA . -48.43 -77.45 -9.88
N1A FAD CA . -47.44 -78.65 -8.18
C2A FAD CA . -46.97 -78.56 -6.89
N3A FAD CA . -46.38 -77.41 -6.48
C4A FAD CA . -46.26 -76.39 -7.34
N1 FAD CA . -51.46 -63.97 -4.69
C2 FAD CA . -52.79 -63.83 -4.32
O2 FAD CA . -53.42 -64.86 -4.01
N3 FAD CA . -53.42 -62.59 -4.32
C4 FAD CA . -52.72 -61.46 -4.72
O4 FAD CA . -53.22 -60.32 -4.85
C4X FAD CA . -51.40 -61.61 -5.09
N5 FAD CA . -50.72 -60.47 -5.47
C5X FAD CA . -49.38 -60.56 -5.83
C6 FAD CA . -48.67 -59.43 -6.23
C7 FAD CA . -47.33 -59.58 -6.61
C7M FAD CA . -46.44 -58.43 -6.93
C8 FAD CA . -46.75 -60.83 -6.58
C8M FAD CA . -45.30 -61.01 -6.97
C9 FAD CA . -47.49 -61.93 -6.20
C9A FAD CA . -48.80 -61.81 -5.82
N10 FAD CA . -49.49 -62.96 -5.47
C10 FAD CA . -50.79 -62.85 -5.07
C1' FAD CA . -48.74 -64.23 -5.17
C2' FAD CA . -49.33 -65.41 -5.95
O2' FAD CA . -49.46 -66.62 -5.19
C3' FAD CA . -48.35 -65.73 -7.09
O3' FAD CA . -48.00 -64.52 -7.81
C4' FAD CA . -48.86 -66.95 -7.95
O4' FAD CA . -50.13 -67.34 -7.59
C5' FAD CA . -48.14 -68.23 -7.81
O5' FAD CA . -48.20 -68.64 -9.15
P FAD CA . -46.76 -69.21 -9.67
O1P FAD CA . -46.77 -70.15 -10.82
O2P FAD CA . -45.92 -67.97 -10.06
O3P FAD CA . -46.21 -69.85 -8.34
CA CA DA . -36.35 -42.68 2.00
N1 MTE EA . -41.11 -33.48 -9.12
C2 MTE EA . -40.69 -34.63 -9.68
N2 MTE EA . -41.24 -34.90 -10.88
N3 MTE EA . -39.78 -35.35 -9.06
C4 MTE EA . -39.24 -35.04 -7.83
O4 MTE EA . -38.39 -35.81 -7.17
N5 MTE EA . -39.15 -33.29 -5.84
C6 MTE EA . -40.01 -32.13 -5.21
C7 MTE EA . -40.66 -31.15 -6.34
N8 MTE EA . -41.19 -31.75 -7.51
C9 MTE EA . -39.66 -33.81 -7.16
C10 MTE EA . -40.71 -32.94 -7.98
C1' MTE EA . -39.39 -31.37 -4.22
S1' MTE EA . -39.14 -32.14 -2.75
C2' MTE EA . -39.03 -30.01 -4.59
S2' MTE EA . -38.28 -29.19 -3.26
C3' MTE EA . -39.25 -29.42 -6.01
O3' MTE EA . -39.46 -30.57 -6.85
C4' MTE EA . -38.11 -28.76 -6.47
O4' MTE EA . -38.52 -27.75 -7.40
P MTE EA . -37.62 -26.79 -7.80
O1P MTE EA . -37.41 -25.83 -6.61
O2P MTE EA . -37.92 -26.02 -9.06
O3P MTE EA . -36.50 -27.46 -8.11
MO MOS FA . -38.22 -30.45 -1.19
S MOS FA . -36.57 -31.51 -1.81
O1 MOS FA . -37.37 -29.36 0.27
O2 MOS FA . -38.83 -31.59 -0.09
#